data_6POP
#
_entry.id   6POP
#
_cell.length_a   87.687
_cell.length_b   232.817
_cell.length_c   88.257
_cell.angle_alpha   90.000
_cell.angle_beta   119.180
_cell.angle_gamma   90.000
#
_symmetry.space_group_name_H-M   'P 1 21 1'
#
loop_
_entity.id
_entity.type
_entity.pdbx_description
1 polymer 'Aldehyde dehydrogenase'
2 non-polymer 'NADP NICOTINAMIDE-ADENINE-DINUCLEOTIDE PHOSPHATE'
3 non-polymer 1,2-ETHANEDIOL
4 non-polymer 'MAGNESIUM ION'
5 water water
#
_entity_poly.entity_id   1
_entity_poly.type   'polypeptide(L)'
_entity_poly.pdbx_seq_one_letter_code
;MGSSHHHHHHSSGLVPRGSHMASLSKQLYIGGKLITSDATTEIINPATLEIVGEISAAGINEANMALESAQEAFSSWSTT
PAIERAQWMLKLRDAVIANEQHLRECVHLEMAKPWQSTADDFQMLVDSLNFYADAIVNIADEEIKDNEGTHSHVLSREPV
GVAAAFLAWNFPLLNLAYKLGPAMAAGCPLVVKPSSKTPLSAYAVGELCEQIGLPAGVVNILSGMDSTVGDAISASTIPS
VLTLIGSTNVGKHVIATGATSIKRYSMELGGNAPAIVCSDANLDNAADVICGVKFANAGQICVTPNRVFVHESVADEFIE
KVLTRAKAVKVGFDKNEAIDMGPVMDANSWQRIDELVKDAQQNGAQLQLGGKKPTGVNGYFYEPTVLTNVDSSMKIYKDE
IFGPVISIIIFSDNEQVLSDANDTDAGLSSFIFSSNEDTISYFAKHLRFGEVQVNGIKYSINLPHFGIKQSGVGVDCSLL
ALDDYLAYKRVSRALKV
;
_entity_poly.pdbx_strand_id   A,B,C,D,E,F
#
# COMPACT_ATOMS: atom_id res chain seq x y z
N SER A 23 8.72 15.35 -46.99
CA SER A 23 8.92 14.84 -45.64
C SER A 23 7.93 13.72 -45.32
N LEU A 24 7.22 13.25 -46.34
CA LEU A 24 6.23 12.19 -46.18
C LEU A 24 6.71 10.86 -46.78
N SER A 25 8.01 10.74 -47.04
CA SER A 25 8.64 9.48 -47.41
C SER A 25 9.63 9.14 -46.29
N LYS A 26 9.28 8.15 -45.47
CA LYS A 26 10.04 7.85 -44.27
C LYS A 26 10.67 6.47 -44.37
N GLN A 27 11.74 6.27 -43.60
CA GLN A 27 12.53 5.06 -43.63
C GLN A 27 12.42 4.32 -42.30
N LEU A 28 12.90 3.08 -42.29
CA LEU A 28 12.88 2.27 -41.08
C LEU A 28 13.81 2.87 -40.02
N TYR A 29 13.40 2.77 -38.76
CA TYR A 29 14.20 3.20 -37.62
C TYR A 29 14.66 1.95 -36.88
N ILE A 30 15.82 1.43 -37.27
CA ILE A 30 16.36 0.19 -36.71
C ILE A 30 17.79 0.44 -36.27
N GLY A 31 18.11 0.05 -35.03
CA GLY A 31 19.46 0.18 -34.53
C GLY A 31 19.94 1.62 -34.41
N GLY A 32 19.04 2.55 -34.13
CA GLY A 32 19.40 3.94 -33.98
C GLY A 32 19.64 4.70 -35.28
N LYS A 33 19.45 4.06 -36.43
CA LYS A 33 19.70 4.69 -37.71
C LYS A 33 18.47 4.53 -38.60
N LEU A 34 18.27 5.52 -39.48
CA LEU A 34 17.21 5.48 -40.47
C LEU A 34 17.74 4.80 -41.73
N ILE A 35 17.27 3.59 -42.01
CA ILE A 35 17.77 2.80 -43.12
C ILE A 35 16.64 2.54 -44.11
N THR A 36 17.02 2.23 -45.34
CA THR A 36 16.08 1.94 -46.40
C THR A 36 15.95 0.44 -46.59
N SER A 37 15.03 0.05 -47.48
CA SER A 37 14.77 -1.35 -47.77
C SER A 37 14.72 -1.53 -49.28
N ASP A 38 14.50 -2.77 -49.72
CA ASP A 38 14.30 -3.04 -51.13
C ASP A 38 12.83 -2.99 -51.52
N ALA A 39 11.94 -2.69 -50.58
CA ALA A 39 10.51 -2.65 -50.82
C ALA A 39 9.92 -1.37 -50.25
N THR A 40 8.79 -0.95 -50.81
CA THR A 40 8.12 0.28 -50.41
C THR A 40 6.62 0.04 -50.39
N THR A 41 5.95 0.59 -49.38
CA THR A 41 4.50 0.48 -49.24
C THR A 41 3.90 1.88 -49.35
N GLU A 42 2.95 2.03 -50.28
CA GLU A 42 2.29 3.31 -50.49
C GLU A 42 1.10 3.45 -49.55
N ILE A 43 0.89 4.66 -49.05
CA ILE A 43 -0.17 4.96 -48.09
C ILE A 43 -1.26 5.74 -48.83
N ILE A 44 -2.48 5.20 -48.81
CA ILE A 44 -3.62 5.78 -49.52
C ILE A 44 -4.60 6.33 -48.50
N ASN A 45 -5.01 7.58 -48.70
CA ASN A 45 -6.01 8.18 -47.83
C ASN A 45 -7.37 7.55 -48.09
N PRO A 46 -8.06 7.05 -47.07
CA PRO A 46 -9.35 6.37 -47.31
C PRO A 46 -10.49 7.29 -47.70
N ALA A 47 -10.29 8.61 -47.68
CA ALA A 47 -11.31 9.56 -48.13
C ALA A 47 -11.08 10.00 -49.56
N THR A 48 -9.90 10.54 -49.86
CA THR A 48 -9.60 11.00 -51.21
C THR A 48 -9.10 9.88 -52.12
N LEU A 49 -8.61 8.78 -51.55
CA LEU A 49 -8.07 7.66 -52.30
C LEU A 49 -6.89 8.10 -53.19
N GLU A 50 -6.05 8.97 -52.64
CA GLU A 50 -4.83 9.42 -53.28
C GLU A 50 -3.63 9.01 -52.44
N ILE A 51 -2.50 8.77 -53.10
CA ILE A 51 -1.28 8.45 -52.39
C ILE A 51 -0.85 9.65 -51.57
N VAL A 52 -0.80 9.49 -50.25
CA VAL A 52 -0.38 10.58 -49.37
C VAL A 52 1.03 10.40 -48.85
N GLY A 53 1.63 9.23 -49.00
CA GLY A 53 2.98 9.02 -48.52
C GLY A 53 3.46 7.63 -48.85
N GLU A 54 4.70 7.37 -48.43
CA GLU A 54 5.32 6.06 -48.67
C GLU A 54 6.33 5.80 -47.57
N ILE A 55 6.44 4.53 -47.18
CA ILE A 55 7.39 4.09 -46.17
C ILE A 55 8.22 2.95 -46.73
N SER A 56 9.44 2.82 -46.21
CA SER A 56 10.28 1.67 -46.52
C SER A 56 9.73 0.46 -45.80
N ALA A 57 9.22 -0.52 -46.55
CA ALA A 57 8.63 -1.71 -45.96
C ALA A 57 9.73 -2.68 -45.54
N ALA A 58 9.60 -3.22 -44.33
CA ALA A 58 10.58 -4.12 -43.78
C ALA A 58 10.33 -5.56 -44.24
N GLY A 59 11.42 -6.33 -44.33
CA GLY A 59 11.35 -7.74 -44.57
C GLY A 59 11.81 -8.54 -43.36
N ILE A 60 11.94 -9.85 -43.57
CA ILE A 60 12.39 -10.72 -42.49
C ILE A 60 13.80 -10.36 -42.05
N ASN A 61 14.64 -9.95 -43.00
CA ASN A 61 16.00 -9.52 -42.66
C ASN A 61 15.98 -8.29 -41.77
N GLU A 62 15.15 -7.31 -42.10
CA GLU A 62 15.04 -6.11 -41.28
C GLU A 62 14.42 -6.41 -39.92
N ALA A 63 13.51 -7.38 -39.87
CA ALA A 63 12.90 -7.76 -38.59
C ALA A 63 13.94 -8.36 -37.65
N ASN A 64 14.87 -9.14 -38.20
CA ASN A 64 15.94 -9.69 -37.37
C ASN A 64 16.96 -8.63 -36.99
N MET A 65 17.14 -7.61 -37.84
CA MET A 65 18.01 -6.49 -37.48
C MET A 65 17.47 -5.74 -36.28
N ALA A 66 16.14 -5.56 -36.21
CA ALA A 66 15.56 -4.87 -35.07
C ALA A 66 15.64 -5.72 -33.81
N LEU A 67 15.34 -7.01 -33.91
CA LEU A 67 15.39 -7.88 -32.74
C LEU A 67 16.81 -7.99 -32.20
N GLU A 68 17.79 -8.11 -33.09
CA GLU A 68 19.18 -8.23 -32.64
C GLU A 68 19.66 -6.94 -31.99
N SER A 69 19.31 -5.78 -32.57
CA SER A 69 19.75 -4.51 -31.98
C SER A 69 19.05 -4.25 -30.65
N ALA A 70 17.77 -4.64 -30.55
CA ALA A 70 17.06 -4.49 -29.28
C ALA A 70 17.67 -5.39 -28.21
N GLN A 71 18.13 -6.59 -28.60
CA GLN A 71 18.74 -7.48 -27.63
C GLN A 71 20.08 -6.95 -27.16
N GLU A 72 20.90 -6.45 -28.08
CA GLU A 72 22.20 -5.90 -27.71
C GLU A 72 22.06 -4.66 -26.84
N ALA A 73 20.95 -3.94 -26.96
CA ALA A 73 20.71 -2.75 -26.17
C ALA A 73 20.23 -3.05 -24.76
N PHE A 74 19.80 -4.28 -24.48
CA PHE A 74 19.18 -4.58 -23.19
C PHE A 74 20.20 -4.47 -22.05
N SER A 75 21.43 -4.92 -22.27
CA SER A 75 22.43 -4.88 -21.20
C SER A 75 22.67 -3.46 -20.70
N SER A 76 22.71 -2.49 -21.61
CA SER A 76 23.01 -1.11 -21.23
C SER A 76 21.76 -0.31 -20.89
N TRP A 77 20.66 -0.53 -21.61
CA TRP A 77 19.44 0.23 -21.34
C TRP A 77 18.79 -0.20 -20.02
N SER A 78 18.83 -1.50 -19.71
CA SER A 78 18.23 -1.97 -18.46
C SER A 78 19.03 -1.49 -17.25
N THR A 79 20.34 -1.28 -17.41
CA THR A 79 21.19 -0.81 -16.34
C THR A 79 21.29 0.71 -16.28
N THR A 80 20.67 1.41 -17.22
CA THR A 80 20.58 2.86 -17.14
C THR A 80 19.62 3.23 -16.01
N PRO A 81 20.00 4.15 -15.11
CA PRO A 81 19.13 4.47 -13.97
C PRO A 81 17.77 4.96 -14.42
N ALA A 82 16.77 4.73 -13.55
CA ALA A 82 15.40 5.09 -13.86
C ALA A 82 15.27 6.58 -14.17
N ILE A 83 15.92 7.42 -13.37
CA ILE A 83 15.86 8.87 -13.61
C ILE A 83 16.45 9.21 -14.97
N GLU A 84 17.53 8.52 -15.35
CA GLU A 84 18.18 8.80 -16.63
C GLU A 84 17.31 8.34 -17.80
N ARG A 85 16.66 7.18 -17.66
CA ARG A 85 15.72 6.74 -18.69
C ARG A 85 14.53 7.69 -18.78
N ALA A 86 14.07 8.22 -17.65
CA ALA A 86 12.97 9.17 -17.67
C ALA A 86 13.36 10.49 -18.30
N GLN A 87 14.65 10.86 -18.22
CA GLN A 87 15.11 12.06 -18.91
C GLN A 87 15.06 11.88 -20.42
N TRP A 88 15.37 10.67 -20.90
CA TRP A 88 15.25 10.39 -22.33
C TRP A 88 13.79 10.46 -22.78
N MET A 89 12.86 10.01 -21.92
CA MET A 89 11.45 10.08 -22.27
C MET A 89 10.98 11.52 -22.36
N LEU A 90 11.36 12.36 -21.40
CA LEU A 90 10.95 13.75 -21.43
C LEU A 90 11.58 14.49 -22.61
N LYS A 91 12.79 14.10 -23.00
CA LYS A 91 13.41 14.71 -24.18
C LYS A 91 12.66 14.33 -25.45
N LEU A 92 12.21 13.09 -25.55
CA LEU A 92 11.36 12.70 -26.67
C LEU A 92 10.02 13.41 -26.59
N ARG A 93 9.49 13.62 -25.39
CA ARG A 93 8.25 14.36 -25.23
C ARG A 93 8.38 15.78 -25.77
N ASP A 94 9.53 16.42 -25.51
CA ASP A 94 9.73 17.78 -26.00
C ASP A 94 9.74 17.82 -27.52
N ALA A 95 10.41 16.86 -28.16
CA ALA A 95 10.39 16.80 -29.62
C ALA A 95 8.99 16.52 -30.15
N VAL A 96 8.22 15.70 -29.42
CA VAL A 96 6.85 15.42 -29.83
C VAL A 96 6.01 16.70 -29.80
N ILE A 97 6.13 17.47 -28.71
CA ILE A 97 5.39 18.72 -28.60
C ILE A 97 5.83 19.71 -29.66
N ALA A 98 7.11 19.69 -30.03
CA ALA A 98 7.61 20.62 -31.04
C ALA A 98 7.07 20.30 -32.42
N ASN A 99 6.83 19.02 -32.73
CA ASN A 99 6.35 18.59 -34.03
C ASN A 99 4.88 18.16 -33.98
N GLU A 100 4.08 18.87 -33.17
CA GLU A 100 2.68 18.52 -33.02
C GLU A 100 1.93 18.55 -34.35
N GLN A 101 2.21 19.56 -35.17
CA GLN A 101 1.47 19.70 -36.42
C GLN A 101 1.77 18.56 -37.38
N HIS A 102 3.04 18.17 -37.50
CA HIS A 102 3.41 17.11 -38.43
C HIS A 102 2.85 15.76 -37.97
N LEU A 103 2.90 15.49 -36.66
CA LEU A 103 2.40 14.23 -36.15
C LEU A 103 0.89 14.09 -36.39
N ARG A 104 0.13 15.13 -36.03
CA ARG A 104 -1.30 15.11 -36.29
C ARG A 104 -1.60 15.10 -37.78
N GLU A 105 -0.71 15.68 -38.59
CA GLU A 105 -0.91 15.67 -40.04
C GLU A 105 -0.80 14.27 -40.61
N CYS A 106 0.18 13.49 -40.13
CA CYS A 106 0.34 12.12 -40.61
C CYS A 106 -0.86 11.26 -40.26
N VAL A 107 -1.39 11.38 -39.04
CA VAL A 107 -2.62 10.69 -38.68
C VAL A 107 -3.76 11.16 -39.58
N HIS A 108 -3.83 12.46 -39.84
CA HIS A 108 -4.89 13.02 -40.65
C HIS A 108 -4.85 12.48 -42.08
N LEU A 109 -3.65 12.24 -42.61
CA LEU A 109 -3.52 11.82 -44.00
C LEU A 109 -3.61 10.31 -44.15
N GLU A 110 -3.09 9.53 -43.20
CA GLU A 110 -3.03 8.09 -43.38
C GLU A 110 -4.39 7.43 -43.25
N MET A 111 -5.29 8.00 -42.43
CA MET A 111 -6.61 7.39 -42.22
C MET A 111 -7.75 8.40 -42.31
N ALA A 112 -7.50 9.62 -42.76
CA ALA A 112 -8.52 10.66 -42.91
C ALA A 112 -9.23 10.96 -41.60
N LYS A 113 -8.50 10.90 -40.49
CA LYS A 113 -9.09 11.24 -39.20
C LYS A 113 -9.33 12.74 -39.12
N PRO A 114 -10.50 13.18 -38.67
CA PRO A 114 -10.76 14.62 -38.56
C PRO A 114 -9.69 15.32 -37.73
N TRP A 115 -9.41 16.57 -38.08
CA TRP A 115 -8.29 17.28 -37.46
C TRP A 115 -8.48 17.44 -35.95
N GLN A 116 -9.72 17.62 -35.51
CA GLN A 116 -9.97 17.75 -34.08
C GLN A 116 -9.68 16.44 -33.35
N SER A 117 -9.99 15.31 -33.98
CA SER A 117 -9.79 14.00 -33.36
C SER A 117 -8.35 13.55 -33.40
N THR A 118 -7.50 14.16 -34.22
CA THR A 118 -6.07 13.85 -34.19
C THR A 118 -5.43 14.31 -32.88
N ALA A 119 -6.07 15.21 -32.15
CA ALA A 119 -5.53 15.67 -30.88
C ALA A 119 -5.50 14.55 -29.84
N ASP A 120 -6.49 13.64 -29.88
CA ASP A 120 -6.50 12.53 -28.95
C ASP A 120 -5.27 11.64 -29.13
N ASP A 121 -4.94 11.33 -30.38
CA ASP A 121 -3.73 10.54 -30.66
C ASP A 121 -2.49 11.27 -30.16
N PHE A 122 -2.36 12.56 -30.51
CA PHE A 122 -1.15 13.30 -30.17
C PHE A 122 -1.01 13.48 -28.66
N GLN A 123 -2.06 13.96 -28.00
CA GLN A 123 -1.96 14.30 -26.59
C GLN A 123 -1.72 13.06 -25.73
N MET A 124 -2.26 11.91 -26.13
CA MET A 124 -2.02 10.69 -25.35
C MET A 124 -0.55 10.27 -25.39
N LEU A 125 0.15 10.60 -26.47
CA LEU A 125 1.58 10.31 -26.53
C LEU A 125 2.37 11.16 -25.55
N VAL A 126 1.97 12.43 -25.39
CA VAL A 126 2.62 13.30 -24.43
C VAL A 126 2.23 12.91 -23.01
N ASP A 127 0.95 12.58 -22.80
CA ASP A 127 0.48 12.16 -21.48
C ASP A 127 1.17 10.87 -21.05
N SER A 128 1.35 9.92 -21.97
CA SER A 128 1.95 8.65 -21.61
C SER A 128 3.42 8.80 -21.24
N LEU A 129 4.17 9.59 -22.01
CA LEU A 129 5.57 9.82 -21.67
C LEU A 129 5.70 10.54 -20.33
N ASN A 130 4.77 11.45 -20.04
CA ASN A 130 4.78 12.14 -18.75
C ASN A 130 4.45 11.19 -17.61
N PHE A 131 3.40 10.38 -17.79
CA PHE A 131 2.91 9.54 -16.70
C PHE A 131 3.95 8.52 -16.27
N TYR A 132 4.56 7.82 -17.23
CA TYR A 132 5.45 6.73 -16.89
C TYR A 132 6.86 7.17 -16.58
N ALA A 133 7.26 8.38 -17.02
CA ALA A 133 8.52 8.93 -16.54
C ALA A 133 8.45 9.26 -15.06
N ASP A 134 7.33 9.86 -14.61
CA ASP A 134 7.14 10.12 -13.20
C ASP A 134 6.87 8.84 -12.42
N ALA A 135 6.27 7.84 -13.07
CA ALA A 135 5.90 6.62 -12.35
C ALA A 135 7.13 5.76 -12.06
N ILE A 136 8.09 5.71 -12.99
CA ILE A 136 9.23 4.82 -12.82
C ILE A 136 10.17 5.32 -11.73
N VAL A 137 10.24 6.64 -11.52
CA VAL A 137 11.14 7.18 -10.49
C VAL A 137 10.57 7.03 -9.09
N ASN A 138 9.31 6.64 -8.95
CA ASN A 138 8.69 6.43 -7.65
C ASN A 138 8.52 4.96 -7.31
N ILE A 139 9.08 4.06 -8.13
CA ILE A 139 9.07 2.64 -7.80
C ILE A 139 10.05 2.40 -6.66
N ALA A 140 9.60 1.66 -5.64
CA ALA A 140 10.43 1.40 -4.48
C ALA A 140 10.42 -0.10 -4.16
N ASP A 141 11.53 -0.57 -3.61
CA ASP A 141 11.58 -1.94 -3.11
C ASP A 141 10.65 -2.10 -1.92
N GLU A 142 10.27 -3.35 -1.66
CA GLU A 142 9.42 -3.69 -0.54
C GLU A 142 10.01 -4.88 0.19
N GLU A 143 10.01 -4.81 1.52
CA GLU A 143 10.47 -5.92 2.34
C GLU A 143 9.30 -6.81 2.71
N ILE A 144 9.57 -8.10 2.87
CA ILE A 144 8.56 -9.08 3.24
C ILE A 144 8.94 -9.65 4.59
N LYS A 145 7.94 -9.80 5.46
CA LYS A 145 8.20 -10.28 6.81
C LYS A 145 8.50 -11.78 6.80
N ASP A 146 9.52 -12.17 7.55
CA ASP A 146 9.83 -13.57 7.77
C ASP A 146 9.15 -14.02 9.06
N ASN A 147 8.20 -14.94 8.94
CA ASN A 147 7.43 -15.41 10.10
C ASN A 147 8.27 -16.18 11.11
N GLU A 148 9.46 -16.62 10.72
CA GLU A 148 10.33 -17.38 11.61
C GLU A 148 11.47 -16.57 12.18
N GLY A 149 11.71 -15.36 11.66
CA GLY A 149 12.78 -14.52 12.19
C GLY A 149 14.17 -15.02 11.88
N THR A 150 14.35 -15.72 10.76
CA THR A 150 15.64 -16.28 10.40
C THR A 150 16.27 -15.63 9.19
N HIS A 151 15.50 -14.96 8.33
CA HIS A 151 16.01 -14.39 7.10
C HIS A 151 15.39 -13.02 6.88
N SER A 152 16.05 -12.21 6.07
CA SER A 152 15.52 -10.96 5.57
C SER A 152 15.14 -11.14 4.10
N HIS A 153 14.09 -10.45 3.68
CA HIS A 153 13.59 -10.57 2.31
C HIS A 153 13.28 -9.20 1.73
N VAL A 154 13.81 -8.94 0.54
CA VAL A 154 13.55 -7.69 -0.18
C VAL A 154 13.03 -8.05 -1.56
N LEU A 155 11.87 -7.50 -1.91
CA LEU A 155 11.25 -7.72 -3.20
C LEU A 155 11.47 -6.50 -4.08
N SER A 156 12.19 -6.67 -5.17
CA SER A 156 12.49 -5.59 -6.10
C SER A 156 11.93 -5.94 -7.48
N ARG A 157 11.99 -4.95 -8.38
CA ARG A 157 11.50 -5.11 -9.75
C ARG A 157 12.59 -4.68 -10.72
N GLU A 158 12.70 -5.40 -11.83
CA GLU A 158 13.75 -5.21 -12.82
C GLU A 158 13.16 -5.32 -14.21
N PRO A 159 13.85 -4.77 -15.21
CA PRO A 159 13.38 -4.95 -16.60
C PRO A 159 13.37 -6.42 -17.01
N VAL A 160 12.30 -6.83 -17.69
CA VAL A 160 12.19 -8.22 -18.11
C VAL A 160 13.11 -8.53 -19.28
N GLY A 161 12.95 -7.79 -20.37
CA GLY A 161 13.77 -8.05 -21.55
C GLY A 161 13.31 -7.20 -22.73
N VAL A 162 13.42 -7.80 -23.93
CA VAL A 162 12.97 -7.16 -25.14
C VAL A 162 11.45 -7.29 -25.25
N ALA A 163 10.79 -6.22 -25.69
CA ALA A 163 9.35 -6.21 -25.89
C ALA A 163 9.03 -5.92 -27.35
N ALA A 164 8.01 -6.60 -27.87
CA ALA A 164 7.52 -6.39 -29.22
C ALA A 164 6.03 -6.08 -29.18
N ALA A 165 5.61 -5.09 -29.97
CA ALA A 165 4.24 -4.59 -29.95
C ALA A 165 3.67 -4.57 -31.36
N PHE A 166 2.47 -5.14 -31.51
CA PHE A 166 1.69 -5.04 -32.75
C PHE A 166 0.49 -4.15 -32.47
N LEU A 167 0.32 -3.10 -33.27
CA LEU A 167 -0.64 -2.04 -32.99
C LEU A 167 -1.76 -2.02 -34.03
N ALA A 168 -2.99 -1.85 -33.55
CA ALA A 168 -4.12 -1.63 -34.43
C ALA A 168 -4.07 -0.22 -35.02
N TRP A 169 -4.82 -0.03 -36.11
CA TRP A 169 -4.79 1.21 -36.88
C TRP A 169 -5.76 2.28 -36.40
N ASN A 170 -6.69 1.93 -35.50
CA ASN A 170 -7.78 2.86 -35.19
C ASN A 170 -7.28 4.11 -34.46
N PHE A 171 -6.21 3.99 -33.67
CA PHE A 171 -5.59 5.14 -33.02
C PHE A 171 -4.07 4.97 -33.13
N PRO A 172 -3.48 5.43 -34.24
CA PRO A 172 -2.06 5.10 -34.48
C PRO A 172 -1.11 5.59 -33.39
N LEU A 173 -1.27 6.83 -32.94
CA LEU A 173 -0.37 7.38 -31.94
C LEU A 173 -0.80 7.04 -30.51
N LEU A 174 -2.11 6.92 -30.26
CA LEU A 174 -2.56 6.53 -28.94
C LEU A 174 -2.21 5.08 -28.64
N ASN A 175 -2.36 4.19 -29.63
CA ASN A 175 -1.97 2.79 -29.44
C ASN A 175 -0.46 2.66 -29.24
N LEU A 176 0.31 3.47 -29.98
CA LEU A 176 1.76 3.49 -29.76
C LEU A 176 2.10 4.03 -28.39
N ALA A 177 1.36 5.05 -27.93
CA ALA A 177 1.62 5.63 -26.62
C ALA A 177 1.50 4.61 -25.51
N TYR A 178 0.50 3.72 -25.59
CA TYR A 178 0.25 2.75 -24.52
C TYR A 178 1.44 1.81 -24.33
N LYS A 179 2.19 1.54 -25.39
CA LYS A 179 3.32 0.61 -25.30
C LYS A 179 4.66 1.32 -25.17
N LEU A 180 4.84 2.46 -25.84
CA LEU A 180 6.13 3.16 -25.81
C LEU A 180 6.44 3.69 -24.41
N GLY A 181 5.46 4.30 -23.75
CA GLY A 181 5.64 4.86 -22.43
C GLY A 181 6.17 3.86 -21.41
N PRO A 182 5.40 2.80 -21.16
CA PRO A 182 5.87 1.78 -20.21
C PRO A 182 7.18 1.13 -20.60
N ALA A 183 7.37 0.79 -21.88
CA ALA A 183 8.55 0.04 -22.28
C ALA A 183 9.84 0.83 -22.06
N MET A 184 9.84 2.12 -22.41
CA MET A 184 11.01 2.95 -22.17
C MET A 184 11.28 3.10 -20.67
N ALA A 185 10.24 3.43 -19.90
CA ALA A 185 10.41 3.64 -18.47
C ALA A 185 10.90 2.38 -17.78
N ALA A 186 10.36 1.23 -18.16
CA ALA A 186 10.75 -0.03 -17.54
C ALA A 186 12.06 -0.60 -18.07
N GLY A 187 12.75 0.11 -18.97
CA GLY A 187 14.06 -0.34 -19.43
C GLY A 187 14.01 -1.54 -20.36
N CYS A 188 13.01 -1.61 -21.23
CA CYS A 188 12.81 -2.75 -22.12
C CYS A 188 12.93 -2.28 -23.56
N PRO A 189 13.99 -2.65 -24.28
CA PRO A 189 14.07 -2.30 -25.71
C PRO A 189 12.82 -2.76 -26.45
N LEU A 190 12.25 -1.87 -27.26
CA LEU A 190 10.94 -2.07 -27.85
C LEU A 190 11.03 -2.17 -29.36
N VAL A 191 10.41 -3.21 -29.91
CA VAL A 191 10.26 -3.39 -31.35
C VAL A 191 8.79 -3.19 -31.67
N VAL A 192 8.47 -2.09 -32.34
CA VAL A 192 7.09 -1.73 -32.65
C VAL A 192 6.81 -2.04 -34.11
N LYS A 193 5.72 -2.77 -34.37
CA LYS A 193 5.23 -2.99 -35.72
C LYS A 193 3.89 -2.28 -35.88
N PRO A 194 3.85 -1.08 -36.46
CA PRO A 194 2.57 -0.40 -36.64
C PRO A 194 1.75 -1.08 -37.72
N SER A 195 0.47 -0.70 -37.79
CA SER A 195 -0.40 -1.19 -38.84
C SER A 195 0.15 -0.77 -40.21
N SER A 196 0.13 -1.72 -41.15
CA SER A 196 0.48 -1.38 -42.53
C SER A 196 -0.43 -0.31 -43.10
N LYS A 197 -1.64 -0.17 -42.55
CA LYS A 197 -2.59 0.82 -43.05
C LYS A 197 -2.30 2.22 -42.52
N THR A 198 -1.67 2.33 -41.34
CA THR A 198 -1.43 3.63 -40.70
C THR A 198 -0.03 3.66 -40.09
N PRO A 199 1.02 3.64 -40.93
CA PRO A 199 2.38 3.59 -40.38
C PRO A 199 3.10 4.93 -40.38
N LEU A 200 2.53 5.95 -41.03
CA LEU A 200 3.25 7.20 -41.23
C LEU A 200 3.53 7.91 -39.91
N SER A 201 2.52 7.97 -39.03
CA SER A 201 2.70 8.70 -37.77
C SER A 201 3.75 8.03 -36.88
N ALA A 202 3.75 6.69 -36.84
CA ALA A 202 4.75 6.00 -36.02
C ALA A 202 6.14 6.12 -36.62
N TYR A 203 6.25 6.09 -37.95
CA TYR A 203 7.55 6.31 -38.58
C TYR A 203 8.08 7.70 -38.27
N ALA A 204 7.20 8.68 -38.11
CA ALA A 204 7.65 10.03 -37.74
C ALA A 204 8.17 10.07 -36.30
N VAL A 205 7.63 9.22 -35.42
CA VAL A 205 8.16 9.16 -34.06
C VAL A 205 9.56 8.58 -34.06
N GLY A 206 9.82 7.60 -34.91
CA GLY A 206 11.18 7.08 -35.05
C GLY A 206 12.15 8.12 -35.58
N GLU A 207 11.67 9.03 -36.42
CA GLU A 207 12.51 10.14 -36.87
C GLU A 207 12.85 11.08 -35.73
N LEU A 208 11.87 11.36 -34.85
CA LEU A 208 12.16 12.16 -33.66
C LEU A 208 13.12 11.45 -32.73
N CYS A 209 13.07 10.11 -32.69
CA CYS A 209 14.00 9.34 -31.86
C CYS A 209 15.42 9.45 -32.40
N GLU A 210 15.59 9.31 -33.71
CA GLU A 210 16.90 9.49 -34.33
C GLU A 210 17.39 10.92 -34.19
N GLN A 211 16.47 11.88 -34.09
CA GLN A 211 16.85 13.29 -34.01
C GLN A 211 17.49 13.61 -32.67
N ILE A 212 16.88 13.14 -31.57
CA ILE A 212 17.41 13.42 -30.24
C ILE A 212 18.57 12.53 -29.84
N GLY A 213 18.94 11.57 -30.69
CA GLY A 213 20.06 10.69 -30.37
C GLY A 213 19.75 9.65 -29.34
N LEU A 214 18.57 9.05 -29.39
CA LEU A 214 18.22 7.98 -28.46
C LEU A 214 19.15 6.79 -28.67
N PRO A 215 19.64 6.17 -27.59
CA PRO A 215 20.57 5.05 -27.74
C PRO A 215 20.02 3.96 -28.66
N ALA A 216 20.91 3.35 -29.44
CA ALA A 216 20.50 2.44 -30.48
C ALA A 216 19.88 1.18 -29.89
N GLY A 217 18.80 0.71 -30.52
CA GLY A 217 18.10 -0.48 -30.10
C GLY A 217 17.03 -0.25 -29.05
N VAL A 218 16.98 0.94 -28.45
CA VAL A 218 15.97 1.21 -27.43
C VAL A 218 14.57 1.20 -28.03
N VAL A 219 14.41 1.82 -29.19
CA VAL A 219 13.13 1.83 -29.90
C VAL A 219 13.40 1.47 -31.35
N ASN A 220 12.58 0.59 -31.90
CA ASN A 220 12.68 0.17 -33.29
C ASN A 220 11.29 0.13 -33.90
N ILE A 221 11.12 0.79 -35.05
CA ILE A 221 9.82 0.95 -35.68
C ILE A 221 9.93 0.45 -37.12
N LEU A 222 9.26 -0.66 -37.42
CA LEU A 222 9.23 -1.22 -38.76
C LEU A 222 7.84 -1.75 -39.06
N SER A 223 7.43 -1.65 -40.33
CA SER A 223 6.15 -2.15 -40.80
C SER A 223 6.39 -3.11 -41.95
N GLY A 224 5.70 -4.25 -41.92
CA GLY A 224 5.86 -5.23 -42.97
C GLY A 224 4.68 -6.16 -43.05
N MET A 225 4.86 -7.25 -43.79
CA MET A 225 3.80 -8.23 -43.99
C MET A 225 3.60 -9.10 -42.76
N ASP A 226 2.36 -9.51 -42.54
CA ASP A 226 2.02 -10.28 -41.35
C ASP A 226 2.61 -11.69 -41.40
N SER A 227 2.50 -12.36 -42.55
CA SER A 227 2.95 -13.73 -42.66
C SER A 227 4.47 -13.84 -42.52
N THR A 228 5.21 -12.77 -42.81
CA THR A 228 6.67 -12.79 -42.76
C THR A 228 7.22 -11.96 -41.62
N VAL A 229 6.97 -10.65 -41.62
CA VAL A 229 7.55 -9.78 -40.60
C VAL A 229 6.90 -10.04 -39.24
N GLY A 230 5.57 -10.11 -39.20
CA GLY A 230 4.89 -10.30 -37.93
C GLY A 230 5.15 -11.66 -37.32
N ASP A 231 5.12 -12.72 -38.13
CA ASP A 231 5.34 -14.05 -37.60
C ASP A 231 6.79 -14.27 -37.19
N ALA A 232 7.73 -13.64 -37.89
CA ALA A 232 9.14 -13.76 -37.50
C ALA A 232 9.42 -13.06 -36.17
N ILE A 233 8.65 -12.03 -35.84
CA ILE A 233 8.85 -11.35 -34.57
C ILE A 233 8.30 -12.20 -33.42
N SER A 234 7.11 -12.78 -33.60
CA SER A 234 6.54 -13.64 -32.57
C SER A 234 7.37 -14.91 -32.39
N ALA A 235 7.72 -15.56 -33.50
CA ALA A 235 8.43 -16.83 -33.43
C ALA A 235 9.88 -16.67 -32.98
N SER A 236 10.40 -15.45 -32.99
CA SER A 236 11.75 -15.21 -32.48
C SER A 236 11.80 -15.51 -30.99
N THR A 237 12.93 -16.08 -30.55
CA THR A 237 13.13 -16.36 -29.13
C THR A 237 13.77 -15.18 -28.40
N ILE A 238 13.92 -14.04 -29.07
CA ILE A 238 14.49 -12.84 -28.47
C ILE A 238 13.47 -12.14 -27.58
N PRO A 239 12.25 -11.84 -28.04
CA PRO A 239 11.33 -11.05 -27.19
C PRO A 239 10.90 -11.81 -25.95
N SER A 240 10.89 -11.10 -24.82
CA SER A 240 10.35 -11.64 -23.58
C SER A 240 8.87 -11.30 -23.39
N VAL A 241 8.39 -10.24 -24.04
CA VAL A 241 7.00 -9.80 -23.91
C VAL A 241 6.46 -9.55 -25.31
N LEU A 242 5.32 -10.17 -25.62
CA LEU A 242 4.59 -9.94 -26.86
C LEU A 242 3.26 -9.28 -26.50
N THR A 243 3.04 -8.06 -26.99
CA THR A 243 1.81 -7.34 -26.71
C THR A 243 1.12 -6.98 -28.02
N LEU A 244 -0.21 -7.05 -28.01
CA LEU A 244 -1.00 -6.87 -29.23
C LEU A 244 -2.26 -6.07 -28.93
N ILE A 245 -2.48 -5.05 -29.74
CA ILE A 245 -3.73 -4.30 -29.77
C ILE A 245 -4.43 -4.69 -31.06
N GLY A 246 -5.44 -5.54 -30.97
CA GLY A 246 -6.08 -6.02 -32.19
C GLY A 246 -7.24 -6.94 -31.89
N SER A 247 -7.52 -7.81 -32.86
CA SER A 247 -8.67 -8.70 -32.78
C SER A 247 -8.33 -9.97 -32.01
N THR A 248 -9.37 -10.69 -31.60
CA THR A 248 -9.18 -11.91 -30.82
C THR A 248 -8.50 -13.00 -31.64
N ASN A 249 -8.92 -13.18 -32.90
CA ASN A 249 -8.36 -14.25 -33.71
C ASN A 249 -6.88 -14.04 -34.01
N VAL A 250 -6.45 -12.78 -34.15
CA VAL A 250 -5.02 -12.51 -34.29
C VAL A 250 -4.30 -12.75 -32.97
N GLY A 251 -4.96 -12.45 -31.84
CA GLY A 251 -4.37 -12.73 -30.55
C GLY A 251 -4.08 -14.21 -30.36
N LYS A 252 -5.04 -15.07 -30.72
CA LYS A 252 -4.82 -16.50 -30.63
C LYS A 252 -3.67 -16.95 -31.53
N HIS A 253 -3.51 -16.31 -32.68
CA HIS A 253 -2.43 -16.67 -33.60
C HIS A 253 -1.08 -16.26 -33.04
N VAL A 254 -0.99 -15.12 -32.38
CA VAL A 254 0.27 -14.66 -31.81
C VAL A 254 0.68 -15.53 -30.64
N ILE A 255 -0.28 -15.95 -29.82
CA ILE A 255 0.03 -16.80 -28.67
C ILE A 255 0.62 -18.13 -29.13
N ALA A 256 0.03 -18.74 -30.16
CA ALA A 256 0.53 -20.01 -30.66
C ALA A 256 1.87 -19.83 -31.37
N THR A 257 2.02 -18.75 -32.15
CA THR A 257 3.25 -18.52 -32.88
C THR A 257 4.41 -18.15 -31.95
N GLY A 258 4.11 -17.47 -30.85
CA GLY A 258 5.15 -17.11 -29.90
C GLY A 258 5.62 -18.25 -29.02
N ALA A 259 4.99 -19.41 -29.09
CA ALA A 259 5.34 -20.56 -28.25
C ALA A 259 6.70 -21.18 -28.60
N THR A 260 7.53 -20.56 -29.44
CA THR A 260 8.90 -21.04 -29.63
C THR A 260 9.74 -20.84 -28.38
N SER A 261 9.28 -20.04 -27.44
CA SER A 261 9.94 -19.85 -26.15
C SER A 261 8.88 -19.35 -25.18
N ILE A 262 9.24 -19.33 -23.89
CA ILE A 262 8.34 -18.84 -22.86
C ILE A 262 8.33 -17.32 -22.91
N LYS A 263 7.17 -16.73 -23.17
CA LYS A 263 7.02 -15.28 -23.27
C LYS A 263 5.84 -14.82 -22.42
N ARG A 264 5.83 -13.52 -22.15
CA ARG A 264 4.67 -12.86 -21.54
C ARG A 264 3.77 -12.32 -22.64
N TYR A 265 2.47 -12.49 -22.46
CA TYR A 265 1.47 -12.01 -23.41
C TYR A 265 0.62 -10.93 -22.76
N SER A 266 0.51 -9.78 -23.43
CA SER A 266 -0.31 -8.67 -22.99
C SER A 266 -1.18 -8.24 -24.16
N MET A 267 -2.43 -8.69 -24.19
CA MET A 267 -3.29 -8.48 -25.35
C MET A 267 -4.59 -7.79 -24.94
N GLU A 268 -4.90 -6.71 -25.64
CA GLU A 268 -6.16 -5.99 -25.50
C GLU A 268 -6.92 -6.22 -26.80
N LEU A 269 -7.94 -7.09 -26.74
CA LEU A 269 -8.54 -7.64 -27.94
C LEU A 269 -9.94 -7.09 -28.18
N GLY A 270 -10.75 -7.82 -28.94
CA GLY A 270 -12.03 -7.33 -29.39
C GLY A 270 -13.03 -7.19 -28.26
N GLY A 271 -14.10 -6.44 -28.55
CA GLY A 271 -15.15 -6.21 -27.59
C GLY A 271 -16.53 -6.31 -28.24
N ASN A 272 -17.54 -6.28 -27.39
CA ASN A 272 -18.93 -6.27 -27.81
C ASN A 272 -19.75 -5.61 -26.70
N ALA A 273 -19.62 -4.30 -26.58
CA ALA A 273 -20.08 -3.60 -25.38
C ALA A 273 -21.59 -3.47 -25.37
N PRO A 274 -22.26 -3.90 -24.30
CA PRO A 274 -23.69 -3.59 -24.15
C PRO A 274 -23.89 -2.24 -23.45
N ALA A 275 -24.94 -1.54 -23.87
CA ALA A 275 -25.34 -0.28 -23.27
C ALA A 275 -26.80 -0.38 -22.88
N ILE A 276 -27.08 -0.29 -21.58
CA ILE A 276 -28.41 -0.50 -21.04
C ILE A 276 -28.97 0.85 -20.63
N VAL A 277 -30.01 1.30 -21.31
CA VAL A 277 -30.74 2.52 -20.98
C VAL A 277 -32.03 2.08 -20.30
N CYS A 278 -32.08 2.19 -18.98
CA CYS A 278 -33.25 1.77 -18.23
C CYS A 278 -34.32 2.87 -18.24
N SER A 279 -35.51 2.48 -17.77
CA SER A 279 -36.68 3.36 -17.83
C SER A 279 -36.45 4.67 -17.07
N ASP A 280 -35.64 4.65 -16.01
CA ASP A 280 -35.44 5.82 -15.16
C ASP A 280 -34.19 6.61 -15.52
N ALA A 281 -33.62 6.38 -16.69
CA ALA A 281 -32.37 7.03 -17.06
C ALA A 281 -32.61 8.42 -17.62
N ASN A 282 -31.61 9.28 -17.46
CA ASN A 282 -31.59 10.58 -18.13
C ASN A 282 -31.36 10.33 -19.62
N LEU A 283 -32.42 10.46 -20.41
CA LEU A 283 -32.34 10.10 -21.83
C LEU A 283 -31.44 11.06 -22.60
N ASP A 284 -31.45 12.34 -22.24
CA ASP A 284 -30.60 13.31 -22.93
C ASP A 284 -29.12 13.00 -22.68
N ASN A 285 -28.79 12.56 -21.47
CA ASN A 285 -27.40 12.22 -21.17
C ASN A 285 -27.00 10.90 -21.83
N ALA A 286 -27.91 9.94 -21.88
CA ALA A 286 -27.60 8.66 -22.52
C ALA A 286 -27.39 8.84 -24.02
N ALA A 287 -28.21 9.68 -24.66
CA ALA A 287 -28.07 9.91 -26.09
C ALA A 287 -26.80 10.70 -26.39
N ASP A 288 -26.45 11.65 -25.53
CA ASP A 288 -25.21 12.40 -25.72
C ASP A 288 -23.99 11.49 -25.63
N VAL A 289 -23.97 10.60 -24.65
CA VAL A 289 -22.80 9.74 -24.45
C VAL A 289 -22.71 8.67 -25.54
N ILE A 290 -23.84 8.03 -25.86
CA ILE A 290 -23.81 6.93 -26.80
C ILE A 290 -23.48 7.43 -28.20
N CYS A 291 -24.15 8.50 -28.65
CA CYS A 291 -23.91 9.04 -29.98
C CYS A 291 -22.49 9.60 -30.10
N GLY A 292 -21.99 10.23 -29.04
CA GLY A 292 -20.66 10.81 -29.10
C GLY A 292 -19.59 9.78 -29.42
N VAL A 293 -19.60 8.65 -28.70
CA VAL A 293 -18.59 7.63 -28.91
C VAL A 293 -18.95 6.68 -30.06
N LYS A 294 -20.21 6.65 -30.50
CA LYS A 294 -20.57 5.80 -31.62
C LYS A 294 -20.17 6.40 -32.96
N PHE A 295 -20.06 7.73 -33.05
CA PHE A 295 -19.69 8.38 -34.29
C PHE A 295 -18.31 9.00 -34.27
N ALA A 296 -17.70 9.14 -33.09
CA ALA A 296 -16.29 9.51 -33.03
C ALA A 296 -15.44 8.39 -33.63
N ASN A 297 -14.44 8.78 -34.43
CA ASN A 297 -13.60 7.84 -35.15
C ASN A 297 -14.44 6.89 -36.02
N ALA A 298 -15.61 7.36 -36.44
CA ALA A 298 -16.55 6.56 -37.24
C ALA A 298 -16.90 5.25 -36.55
N GLY A 299 -17.01 5.29 -35.23
CA GLY A 299 -17.33 4.12 -34.45
C GLY A 299 -16.22 3.09 -34.34
N GLN A 300 -15.04 3.38 -34.88
CA GLN A 300 -13.91 2.45 -34.83
C GLN A 300 -13.18 2.59 -33.50
N ILE A 301 -13.91 2.29 -32.45
CA ILE A 301 -13.46 2.36 -31.06
C ILE A 301 -13.90 1.08 -30.35
N CYS A 302 -12.95 0.46 -29.64
CA CYS A 302 -13.17 -0.84 -29.02
C CYS A 302 -14.12 -0.78 -27.83
N VAL A 303 -14.15 0.35 -27.12
CA VAL A 303 -14.99 0.51 -25.94
C VAL A 303 -16.34 1.11 -26.29
N THR A 304 -16.64 1.27 -27.58
CA THR A 304 -17.91 1.89 -27.95
C THR A 304 -19.05 0.86 -27.81
N PRO A 305 -20.26 1.32 -27.54
CA PRO A 305 -21.40 0.39 -27.47
C PRO A 305 -21.60 -0.33 -28.79
N ASN A 306 -21.78 -1.65 -28.70
CA ASN A 306 -22.12 -2.46 -29.86
C ASN A 306 -23.57 -2.91 -29.87
N ARG A 307 -24.16 -3.10 -28.69
CA ARG A 307 -25.57 -3.44 -28.55
C ARG A 307 -26.20 -2.45 -27.58
N VAL A 308 -27.14 -1.66 -28.06
CA VAL A 308 -27.81 -0.64 -27.25
C VAL A 308 -29.16 -1.20 -26.81
N PHE A 309 -29.30 -1.47 -25.51
CA PHE A 309 -30.55 -1.97 -24.95
C PHE A 309 -31.33 -0.81 -24.35
N VAL A 310 -32.59 -0.67 -24.78
CA VAL A 310 -33.46 0.43 -24.35
C VAL A 310 -34.77 -0.15 -23.85
N HIS A 311 -35.24 0.35 -22.71
CA HIS A 311 -36.49 -0.12 -22.14
C HIS A 311 -37.68 0.33 -22.99
N GLU A 312 -38.77 -0.43 -22.89
CA GLU A 312 -39.97 -0.14 -23.68
C GLU A 312 -40.52 1.25 -23.39
N SER A 313 -40.60 1.62 -22.11
CA SER A 313 -41.25 2.86 -21.72
C SER A 313 -40.53 4.10 -22.23
N VAL A 314 -39.24 3.99 -22.57
CA VAL A 314 -38.47 5.12 -23.06
C VAL A 314 -37.98 4.87 -24.49
N ALA A 315 -38.50 3.84 -25.15
CA ALA A 315 -38.01 3.46 -26.47
C ALA A 315 -38.23 4.59 -27.49
N ASP A 316 -39.49 4.99 -27.66
CA ASP A 316 -39.80 6.00 -28.68
C ASP A 316 -39.10 7.32 -28.38
N GLU A 317 -38.97 7.68 -27.10
CA GLU A 317 -38.35 8.95 -26.76
C GLU A 317 -36.83 8.91 -26.94
N PHE A 318 -36.21 7.76 -26.68
CA PHE A 318 -34.76 7.67 -26.81
C PHE A 318 -34.33 7.65 -28.27
N ILE A 319 -35.09 6.98 -29.13
CA ILE A 319 -34.73 6.90 -30.54
C ILE A 319 -34.77 8.28 -31.17
N GLU A 320 -35.77 9.09 -30.83
CA GLU A 320 -35.86 10.44 -31.38
C GLU A 320 -34.66 11.28 -30.98
N LYS A 321 -34.22 11.17 -29.72
CA LYS A 321 -33.06 11.93 -29.28
C LYS A 321 -31.79 11.47 -30.00
N VAL A 322 -31.68 10.17 -30.26
CA VAL A 322 -30.49 9.65 -30.94
C VAL A 322 -30.48 10.10 -32.41
N LEU A 323 -31.66 10.15 -33.04
CA LEU A 323 -31.71 10.51 -34.45
C LEU A 323 -31.33 11.97 -34.69
N THR A 324 -31.79 12.87 -33.82
CA THR A 324 -31.44 14.28 -33.99
C THR A 324 -29.95 14.52 -33.78
N ARG A 325 -29.32 13.77 -32.88
CA ARG A 325 -27.88 13.91 -32.70
C ARG A 325 -27.11 13.27 -33.86
N ALA A 326 -27.60 12.13 -34.35
CA ALA A 326 -26.94 11.50 -35.50
C ALA A 326 -27.02 12.38 -36.74
N LYS A 327 -28.17 13.02 -36.95
CA LYS A 327 -28.35 13.88 -38.11
C LYS A 327 -27.48 15.14 -38.04
N ALA A 328 -26.96 15.48 -36.85
CA ALA A 328 -26.13 16.66 -36.68
C ALA A 328 -24.64 16.35 -36.78
N VAL A 329 -24.28 15.12 -37.15
CA VAL A 329 -22.87 14.75 -37.27
C VAL A 329 -22.34 15.25 -38.61
N LYS A 330 -21.28 16.05 -38.57
CA LYS A 330 -20.64 16.55 -39.77
C LYS A 330 -19.66 15.50 -40.29
N VAL A 331 -19.91 15.00 -41.49
CA VAL A 331 -19.14 13.90 -42.07
C VAL A 331 -18.39 14.43 -43.28
N GLY A 332 -17.08 14.17 -43.32
CA GLY A 332 -16.27 14.62 -44.43
C GLY A 332 -14.79 14.44 -44.15
N PHE A 333 -13.98 15.22 -44.87
CA PHE A 333 -12.53 15.17 -44.69
C PHE A 333 -11.97 16.52 -45.14
N ASP A 334 -11.69 17.39 -44.16
CA ASP A 334 -11.19 18.74 -44.45
C ASP A 334 -10.50 19.24 -43.19
N LYS A 335 -9.22 19.56 -43.29
CA LYS A 335 -8.47 20.04 -42.14
C LYS A 335 -9.00 21.38 -41.64
N ASN A 336 -9.51 22.22 -42.54
CA ASN A 336 -9.94 23.56 -42.19
C ASN A 336 -11.42 23.64 -41.83
N GLU A 337 -12.09 22.50 -41.65
CA GLU A 337 -13.49 22.46 -41.26
C GLU A 337 -13.65 21.63 -40.00
N ALA A 338 -14.68 21.95 -39.22
CA ALA A 338 -14.95 21.24 -37.96
C ALA A 338 -15.69 19.94 -38.26
N ILE A 339 -14.95 19.00 -38.85
CA ILE A 339 -15.50 17.71 -39.22
C ILE A 339 -15.57 16.82 -37.99
N ASP A 340 -16.74 16.22 -37.74
CA ASP A 340 -16.93 15.33 -36.60
C ASP A 340 -16.51 13.89 -36.92
N MET A 341 -16.79 13.42 -38.13
CA MET A 341 -16.61 12.02 -38.47
C MET A 341 -16.05 11.89 -39.89
N GLY A 342 -15.10 10.98 -40.05
CA GLY A 342 -14.55 10.69 -41.36
C GLY A 342 -15.02 9.34 -41.89
N PRO A 343 -14.28 8.78 -42.84
CA PRO A 343 -14.65 7.48 -43.40
C PRO A 343 -14.08 6.33 -42.57
N VAL A 344 -14.52 5.12 -42.90
CA VAL A 344 -13.96 3.92 -42.29
C VAL A 344 -12.62 3.63 -42.96
N MET A 345 -11.92 2.61 -42.46
CA MET A 345 -10.50 2.45 -42.80
C MET A 345 -10.29 2.10 -44.26
N ASP A 346 -11.05 1.15 -44.80
CA ASP A 346 -10.81 0.69 -46.16
C ASP A 346 -12.07 0.01 -46.68
N ALA A 347 -11.94 -0.60 -47.87
CA ALA A 347 -13.08 -1.24 -48.51
C ALA A 347 -13.53 -2.48 -47.76
N ASN A 348 -12.58 -3.24 -47.21
CA ASN A 348 -12.95 -4.43 -46.42
C ASN A 348 -13.77 -4.03 -45.19
N SER A 349 -13.37 -2.95 -44.52
CA SER A 349 -14.15 -2.47 -43.38
C SER A 349 -15.54 -2.03 -43.81
N TRP A 350 -15.61 -1.22 -44.89
CA TRP A 350 -16.90 -0.74 -45.39
C TRP A 350 -17.82 -1.90 -45.73
N GLN A 351 -17.30 -2.91 -46.43
CA GLN A 351 -18.12 -4.02 -46.86
C GLN A 351 -18.59 -4.86 -45.68
N ARG A 352 -17.69 -5.12 -44.73
CA ARG A 352 -18.07 -5.88 -43.54
C ARG A 352 -19.20 -5.20 -42.77
N ILE A 353 -19.10 -3.88 -42.60
CA ILE A 353 -20.15 -3.15 -41.89
C ILE A 353 -21.46 -3.17 -42.69
N ASP A 354 -21.37 -2.97 -44.00
CA ASP A 354 -22.58 -2.94 -44.82
C ASP A 354 -23.29 -4.29 -44.82
N GLU A 355 -22.52 -5.39 -44.82
CA GLU A 355 -23.13 -6.70 -44.81
C GLU A 355 -23.88 -6.98 -43.51
N LEU A 356 -23.36 -6.47 -42.39
CA LEU A 356 -24.07 -6.62 -41.11
C LEU A 356 -25.39 -5.86 -41.11
N VAL A 357 -25.40 -4.65 -41.67
CA VAL A 357 -26.62 -3.86 -41.72
C VAL A 357 -27.64 -4.51 -42.64
N LYS A 358 -27.21 -4.91 -43.84
CA LYS A 358 -28.14 -5.52 -44.80
C LYS A 358 -28.63 -6.87 -44.30
N ASP A 359 -27.77 -7.64 -43.65
CA ASP A 359 -28.23 -8.91 -43.07
C ASP A 359 -29.24 -8.67 -41.95
N ALA A 360 -29.08 -7.57 -41.20
CA ALA A 360 -30.02 -7.27 -40.13
C ALA A 360 -31.39 -6.91 -40.68
N GLN A 361 -31.42 -6.11 -41.76
CA GLN A 361 -32.70 -5.73 -42.35
C GLN A 361 -33.43 -6.94 -42.93
N GLN A 362 -32.69 -7.91 -43.47
CA GLN A 362 -33.30 -9.12 -44.00
C GLN A 362 -33.97 -9.95 -42.91
N ASN A 363 -33.60 -9.74 -41.64
CA ASN A 363 -34.15 -10.52 -40.54
C ASN A 363 -35.09 -9.70 -39.65
N GLY A 364 -35.51 -8.52 -40.09
CA GLY A 364 -36.51 -7.74 -39.37
C GLY A 364 -36.04 -6.43 -38.78
N ALA A 365 -34.76 -6.08 -38.89
CA ALA A 365 -34.32 -4.79 -38.34
C ALA A 365 -34.87 -3.65 -39.19
N GLN A 366 -35.17 -2.54 -38.52
CA GLN A 366 -35.72 -1.36 -39.17
C GLN A 366 -34.62 -0.31 -39.32
N LEU A 367 -34.35 0.10 -40.55
CA LEU A 367 -33.36 1.13 -40.83
C LEU A 367 -33.99 2.50 -40.62
N GLN A 368 -33.53 3.21 -39.60
CA GLN A 368 -34.05 4.54 -39.31
C GLN A 368 -33.23 5.66 -39.93
N LEU A 369 -31.93 5.46 -40.09
CA LEU A 369 -31.06 6.49 -40.63
C LEU A 369 -29.79 5.84 -41.19
N GLY A 370 -29.26 6.44 -42.26
CA GLY A 370 -27.98 5.98 -42.79
C GLY A 370 -28.13 4.68 -43.54
N GLY A 371 -27.30 3.69 -43.16
CA GLY A 371 -27.32 2.39 -43.81
C GLY A 371 -26.75 2.36 -45.20
N LYS A 372 -26.03 3.42 -45.61
CA LYS A 372 -25.49 3.49 -46.96
C LYS A 372 -24.42 4.55 -46.99
N LYS A 373 -23.69 4.59 -48.08
CA LYS A 373 -22.70 5.62 -48.33
C LYS A 373 -23.37 6.84 -48.97
N PRO A 374 -23.01 8.04 -48.56
CA PRO A 374 -23.62 9.23 -49.17
C PRO A 374 -23.39 9.26 -50.68
N THR A 375 -24.40 9.73 -51.40
CA THR A 375 -24.37 9.64 -52.86
C THR A 375 -23.29 10.53 -53.47
N GLY A 376 -22.66 10.03 -54.52
CA GLY A 376 -21.69 10.80 -55.28
C GLY A 376 -20.35 11.02 -54.62
N VAL A 377 -20.28 10.90 -53.29
CA VAL A 377 -19.06 11.26 -52.57
C VAL A 377 -17.98 10.22 -52.84
N ASN A 378 -16.74 10.70 -52.95
CA ASN A 378 -15.59 9.81 -53.03
C ASN A 378 -15.18 9.34 -51.63
N GLY A 379 -14.69 8.11 -51.55
CA GLY A 379 -14.15 7.62 -50.31
C GLY A 379 -15.06 6.61 -49.62
N TYR A 380 -14.47 5.88 -48.68
CA TYR A 380 -15.19 4.84 -47.96
C TYR A 380 -15.99 5.43 -46.79
N PHE A 381 -16.85 6.40 -47.09
CA PHE A 381 -17.69 7.00 -46.07
C PHE A 381 -18.92 6.15 -45.84
N TYR A 382 -19.25 5.93 -44.56
CA TYR A 382 -20.49 5.29 -44.16
C TYR A 382 -21.26 6.26 -43.28
N GLU A 383 -22.54 6.46 -43.60
CA GLU A 383 -23.32 7.48 -42.92
C GLU A 383 -23.65 7.05 -41.50
N PRO A 384 -23.83 8.01 -40.58
CA PRO A 384 -24.32 7.67 -39.23
C PRO A 384 -25.61 6.87 -39.31
N THR A 385 -25.59 5.65 -38.78
CA THR A 385 -26.64 4.67 -38.99
C THR A 385 -27.35 4.35 -37.69
N VAL A 386 -28.68 4.27 -37.74
CA VAL A 386 -29.51 3.91 -36.59
C VAL A 386 -30.41 2.75 -37.01
N LEU A 387 -30.30 1.63 -36.28
CA LEU A 387 -31.07 0.43 -36.56
C LEU A 387 -31.87 0.05 -35.32
N THR A 388 -33.14 -0.27 -35.51
CA THR A 388 -34.01 -0.74 -34.44
C THR A 388 -34.48 -2.16 -34.76
N ASN A 389 -35.22 -2.74 -33.81
CA ASN A 389 -35.77 -4.09 -33.95
C ASN A 389 -34.67 -5.13 -34.16
N VAL A 390 -33.56 -4.98 -33.45
CA VAL A 390 -32.48 -5.94 -33.46
C VAL A 390 -32.72 -6.96 -32.37
N ASP A 391 -32.39 -8.22 -32.65
CA ASP A 391 -32.57 -9.30 -31.68
C ASP A 391 -31.30 -10.15 -31.61
N SER A 392 -31.30 -11.09 -30.66
CA SER A 392 -30.11 -11.87 -30.35
C SER A 392 -29.69 -12.80 -31.47
N SER A 393 -30.58 -13.10 -32.42
CA SER A 393 -30.24 -14.01 -33.49
C SER A 393 -29.42 -13.36 -34.60
N MET A 394 -29.39 -12.03 -34.66
CA MET A 394 -28.81 -11.33 -35.79
C MET A 394 -27.29 -11.28 -35.69
N LYS A 395 -26.64 -11.31 -36.85
CA LYS A 395 -25.18 -11.29 -36.90
C LYS A 395 -24.60 -9.97 -36.40
N ILE A 396 -25.33 -8.87 -36.57
CA ILE A 396 -24.87 -7.59 -36.06
C ILE A 396 -24.91 -7.54 -34.54
N TYR A 397 -25.65 -8.46 -33.91
CA TYR A 397 -25.68 -8.56 -32.46
C TYR A 397 -24.51 -9.36 -31.92
N LYS A 398 -24.19 -10.49 -32.57
CA LYS A 398 -23.12 -11.38 -32.10
C LYS A 398 -21.73 -10.89 -32.46
N ASP A 399 -21.59 -10.06 -33.50
CA ASP A 399 -20.29 -9.65 -33.99
C ASP A 399 -20.03 -8.18 -33.68
N GLU A 400 -18.76 -7.83 -33.55
CA GLU A 400 -18.35 -6.45 -33.29
C GLU A 400 -18.54 -5.62 -34.56
N ILE A 401 -19.31 -4.53 -34.45
CA ILE A 401 -19.58 -3.69 -35.60
C ILE A 401 -18.33 -2.94 -36.03
N PHE A 402 -17.72 -2.21 -35.09
CA PHE A 402 -16.56 -1.36 -35.37
C PHE A 402 -16.86 -0.36 -36.48
N GLY A 403 -18.05 0.23 -36.43
CA GLY A 403 -18.47 1.22 -37.39
C GLY A 403 -19.49 2.17 -36.80
N PRO A 404 -19.95 3.15 -37.58
CA PRO A 404 -20.88 4.17 -37.09
C PRO A 404 -22.34 3.73 -37.10
N VAL A 405 -22.61 2.59 -36.47
CA VAL A 405 -23.93 1.95 -36.50
C VAL A 405 -24.43 1.80 -35.06
N ILE A 406 -25.55 2.46 -34.75
CA ILE A 406 -26.19 2.33 -33.45
C ILE A 406 -27.24 1.23 -33.56
N SER A 407 -26.97 0.10 -32.90
CA SER A 407 -27.84 -1.08 -32.95
C SER A 407 -28.68 -1.11 -31.69
N ILE A 408 -30.00 -0.98 -31.85
CA ILE A 408 -30.91 -0.80 -30.73
C ILE A 408 -31.75 -2.05 -30.55
N ILE A 409 -31.71 -2.60 -29.33
CA ILE A 409 -32.55 -3.71 -28.91
C ILE A 409 -33.43 -3.21 -27.76
N ILE A 410 -34.68 -3.67 -27.72
CA ILE A 410 -35.65 -3.24 -26.72
C ILE A 410 -35.86 -4.37 -25.72
N PHE A 411 -35.77 -4.03 -24.43
CA PHE A 411 -35.99 -4.96 -23.34
C PHE A 411 -37.08 -4.43 -22.41
N SER A 412 -37.50 -5.27 -21.48
CA SER A 412 -38.54 -4.91 -20.52
C SER A 412 -38.16 -5.27 -19.09
N ASP A 413 -37.47 -6.39 -18.88
CA ASP A 413 -37.08 -6.85 -17.56
C ASP A 413 -35.58 -6.65 -17.37
N ASN A 414 -35.21 -6.13 -16.19
CA ASN A 414 -33.80 -5.85 -15.92
C ASN A 414 -32.99 -7.13 -15.81
N GLU A 415 -33.54 -8.17 -15.19
CA GLU A 415 -32.81 -9.41 -15.04
C GLU A 415 -32.59 -10.09 -16.39
N GLN A 416 -33.52 -9.93 -17.33
CA GLN A 416 -33.35 -10.54 -18.65
C GLN A 416 -32.30 -9.81 -19.46
N VAL A 417 -32.32 -8.46 -19.43
CA VAL A 417 -31.35 -7.71 -20.21
C VAL A 417 -29.94 -7.92 -19.68
N LEU A 418 -29.81 -8.22 -18.37
CA LEU A 418 -28.49 -8.51 -17.82
C LEU A 418 -27.94 -9.82 -18.37
N SER A 419 -28.78 -10.85 -18.47
CA SER A 419 -28.35 -12.11 -19.07
C SER A 419 -28.02 -11.93 -20.55
N ASP A 420 -28.78 -11.09 -21.25
CA ASP A 420 -28.46 -10.80 -22.65
C ASP A 420 -27.17 -10.01 -22.78
N ALA A 421 -26.93 -9.08 -21.85
CA ALA A 421 -25.69 -8.30 -21.88
C ALA A 421 -24.48 -9.20 -21.71
N ASN A 422 -24.56 -10.18 -20.80
CA ASN A 422 -23.45 -11.09 -20.55
C ASN A 422 -23.37 -12.23 -21.55
N ASP A 423 -24.33 -12.32 -22.47
CA ASP A 423 -24.37 -13.42 -23.45
C ASP A 423 -23.42 -13.13 -24.62
N THR A 424 -22.13 -13.02 -24.29
CA THR A 424 -21.12 -12.74 -25.30
C THR A 424 -19.77 -13.25 -24.82
N ASP A 425 -18.88 -13.50 -25.77
CA ASP A 425 -17.52 -13.91 -25.46
C ASP A 425 -16.63 -12.74 -25.05
N ALA A 426 -17.02 -11.52 -25.38
CA ALA A 426 -16.21 -10.35 -25.08
C ALA A 426 -16.38 -9.92 -23.63
N GLY A 427 -15.41 -9.17 -23.13
CA GLY A 427 -15.44 -8.69 -21.76
C GLY A 427 -14.71 -7.38 -21.57
N LEU A 428 -14.89 -6.44 -22.51
CA LEU A 428 -14.20 -5.16 -22.46
C LEU A 428 -14.99 -4.13 -21.67
N SER A 429 -15.68 -3.25 -22.38
CA SER A 429 -16.45 -2.18 -21.76
C SER A 429 -17.94 -2.54 -21.72
N SER A 430 -18.67 -1.79 -20.91
CA SER A 430 -20.11 -1.94 -20.76
C SER A 430 -20.65 -0.65 -20.18
N PHE A 431 -21.94 -0.40 -20.42
CA PHE A 431 -22.56 0.87 -20.05
C PHE A 431 -23.90 0.62 -19.39
N ILE A 432 -24.16 1.38 -18.32
CA ILE A 432 -25.46 1.35 -17.63
C ILE A 432 -25.90 2.79 -17.41
N PHE A 433 -27.11 3.10 -17.88
CA PHE A 433 -27.70 4.42 -17.71
C PHE A 433 -28.94 4.26 -16.83
N SER A 434 -28.89 4.83 -15.63
CA SER A 434 -29.98 4.69 -14.67
C SER A 434 -29.85 5.77 -13.61
N SER A 435 -30.97 6.07 -12.96
CA SER A 435 -30.99 6.98 -11.81
C SER A 435 -31.34 6.25 -10.53
N ASN A 436 -31.42 4.92 -10.56
CA ASN A 436 -31.75 4.12 -9.40
C ASN A 436 -30.48 3.46 -8.87
N GLU A 437 -30.19 3.70 -7.59
CA GLU A 437 -28.96 3.16 -7.00
C GLU A 437 -28.97 1.64 -6.92
N ASP A 438 -30.15 1.04 -6.73
CA ASP A 438 -30.22 -0.42 -6.68
C ASP A 438 -29.99 -1.04 -8.05
N THR A 439 -30.47 -0.38 -9.10
CA THR A 439 -30.23 -0.87 -10.46
C THR A 439 -28.77 -0.70 -10.85
N ILE A 440 -28.17 0.45 -10.51
CA ILE A 440 -26.76 0.68 -10.82
C ILE A 440 -25.89 -0.36 -10.13
N SER A 441 -26.12 -0.59 -8.84
CA SER A 441 -25.32 -1.57 -8.11
C SER A 441 -25.57 -2.98 -8.63
N TYR A 442 -26.80 -3.27 -9.05
CA TYR A 442 -27.11 -4.59 -9.59
C TYR A 442 -26.31 -4.87 -10.86
N PHE A 443 -26.30 -3.92 -11.79
CA PHE A 443 -25.59 -4.13 -13.04
C PHE A 443 -24.08 -4.04 -12.85
N ALA A 444 -23.62 -3.09 -12.03
CA ALA A 444 -22.19 -2.94 -11.81
C ALA A 444 -21.56 -4.20 -11.24
N LYS A 445 -22.33 -4.98 -10.48
CA LYS A 445 -21.78 -6.20 -9.90
C LYS A 445 -21.86 -7.38 -10.87
N HIS A 446 -23.00 -7.56 -11.53
CA HIS A 446 -23.24 -8.75 -12.32
C HIS A 446 -22.78 -8.63 -13.77
N LEU A 447 -22.44 -7.43 -14.24
CA LEU A 447 -21.91 -7.29 -15.58
C LEU A 447 -20.51 -7.90 -15.65
N ARG A 448 -20.33 -8.92 -16.49
CA ARG A 448 -19.05 -9.60 -16.62
C ARG A 448 -18.24 -8.91 -17.72
N PHE A 449 -17.71 -7.75 -17.37
CA PHE A 449 -16.89 -6.95 -18.28
C PHE A 449 -15.79 -6.27 -17.45
N GLY A 450 -14.69 -5.95 -18.12
CA GLY A 450 -13.58 -5.31 -17.44
C GLY A 450 -13.92 -3.93 -16.92
N GLU A 451 -14.76 -3.19 -17.65
CA GLU A 451 -15.10 -1.82 -17.32
C GLU A 451 -16.62 -1.65 -17.35
N VAL A 452 -17.15 -0.99 -16.32
CA VAL A 452 -18.57 -0.68 -16.23
C VAL A 452 -18.69 0.83 -16.14
N GLN A 453 -19.18 1.46 -17.21
CA GLN A 453 -19.34 2.90 -17.25
C GLN A 453 -20.77 3.24 -16.85
N VAL A 454 -20.92 4.07 -15.81
CA VAL A 454 -22.22 4.42 -15.26
C VAL A 454 -22.54 5.86 -15.65
N ASN A 455 -23.60 6.03 -16.44
CA ASN A 455 -24.15 7.35 -16.78
C ASN A 455 -23.13 8.24 -17.48
N GLY A 456 -22.17 7.63 -18.17
CA GLY A 456 -21.18 8.40 -18.90
C GLY A 456 -20.10 7.49 -19.45
N ILE A 457 -18.95 8.10 -19.73
CA ILE A 457 -17.78 7.37 -20.23
C ILE A 457 -16.54 8.14 -19.82
N LYS A 458 -15.53 7.41 -19.35
CA LYS A 458 -14.30 8.06 -18.91
C LYS A 458 -13.11 7.14 -19.15
N TYR A 459 -12.10 7.68 -19.83
CA TYR A 459 -10.82 7.02 -20.02
C TYR A 459 -9.73 8.05 -19.90
N SER A 460 -8.56 7.61 -19.41
CA SER A 460 -7.45 8.54 -19.18
C SER A 460 -6.18 7.72 -18.98
N ILE A 461 -5.04 8.41 -19.04
CA ILE A 461 -3.75 7.76 -18.97
C ILE A 461 -3.53 7.07 -17.62
N ASN A 462 -4.16 7.58 -16.56
CA ASN A 462 -3.99 7.00 -15.23
C ASN A 462 -5.06 5.98 -14.88
N LEU A 463 -6.12 5.88 -15.68
CA LEU A 463 -7.20 4.93 -15.39
C LEU A 463 -6.96 3.63 -16.14
N PRO A 464 -7.01 2.48 -15.47
CA PRO A 464 -6.67 1.22 -16.14
C PRO A 464 -7.71 0.85 -17.19
N HIS A 465 -7.21 0.34 -18.31
CA HIS A 465 -8.04 -0.08 -19.44
C HIS A 465 -7.71 -1.54 -19.75
N PHE A 466 -8.71 -2.39 -19.74
CA PHE A 466 -8.49 -3.83 -19.81
C PHE A 466 -9.80 -4.53 -20.11
N GLY A 467 -9.69 -5.79 -20.53
CA GLY A 467 -10.84 -6.64 -20.71
C GLY A 467 -10.66 -7.97 -20.02
N ILE A 468 -11.76 -8.68 -19.87
CA ILE A 468 -11.74 -10.03 -19.33
C ILE A 468 -12.24 -10.99 -20.40
N LYS A 469 -12.25 -12.28 -20.08
CA LYS A 469 -12.76 -13.33 -20.98
C LYS A 469 -11.95 -13.26 -22.27
N GLN A 470 -12.58 -13.32 -23.44
CA GLN A 470 -11.84 -13.34 -24.70
C GLN A 470 -11.40 -11.97 -25.16
N SER A 471 -11.67 -10.91 -24.38
CA SER A 471 -11.19 -9.57 -24.72
C SER A 471 -9.73 -9.37 -24.39
N GLY A 472 -9.03 -10.39 -23.91
CA GLY A 472 -7.60 -10.36 -23.75
C GLY A 472 -7.17 -10.29 -22.29
N VAL A 473 -5.86 -10.38 -22.11
CA VAL A 473 -5.23 -10.35 -20.80
C VAL A 473 -4.15 -9.27 -20.79
N GLY A 474 -4.09 -8.51 -19.72
CA GLY A 474 -3.18 -7.39 -19.63
C GLY A 474 -3.92 -6.07 -19.59
N VAL A 475 -3.21 -5.05 -19.10
CA VAL A 475 -3.80 -3.74 -18.84
C VAL A 475 -3.00 -2.68 -19.56
N ASP A 476 -3.70 -1.74 -20.18
CA ASP A 476 -3.10 -0.53 -20.74
C ASP A 476 -3.50 0.66 -19.87
N CYS A 477 -2.61 1.65 -19.83
CA CYS A 477 -2.73 2.81 -18.94
C CYS A 477 -2.57 2.39 -17.48
N SER A 478 -2.63 3.38 -16.57
CA SER A 478 -2.45 3.19 -15.14
C SER A 478 -1.05 2.71 -14.78
N LEU A 479 -0.76 2.60 -13.48
CA LEU A 479 0.51 2.02 -13.05
C LEU A 479 0.58 0.53 -13.36
N LEU A 480 -0.58 -0.13 -13.47
CA LEU A 480 -0.60 -1.57 -13.72
C LEU A 480 0.00 -1.94 -15.08
N ALA A 481 0.05 -1.00 -16.02
CA ALA A 481 0.63 -1.29 -17.33
C ALA A 481 2.12 -1.61 -17.24
N LEU A 482 2.78 -1.19 -16.16
CA LEU A 482 4.20 -1.50 -15.98
C LEU A 482 4.44 -2.95 -15.56
N ASP A 483 3.39 -3.69 -15.18
CA ASP A 483 3.57 -5.03 -14.66
C ASP A 483 4.07 -6.00 -15.73
N ASP A 484 3.68 -5.79 -16.99
CA ASP A 484 4.12 -6.69 -18.05
C ASP A 484 5.59 -6.50 -18.40
N TYR A 485 6.16 -5.33 -18.09
CA TYR A 485 7.52 -5.00 -18.47
C TYR A 485 8.51 -5.07 -17.31
N LEU A 486 8.04 -5.39 -16.10
CA LEU A 486 8.88 -5.46 -14.91
C LEU A 486 8.78 -6.86 -14.31
N ALA A 487 9.93 -7.47 -14.05
CA ALA A 487 10.00 -8.77 -13.40
C ALA A 487 10.40 -8.60 -11.94
N TYR A 488 9.83 -9.43 -11.08
CA TYR A 488 10.17 -9.37 -9.67
C TYR A 488 11.51 -10.05 -9.40
N LYS A 489 12.06 -9.75 -8.22
CA LYS A 489 13.28 -10.41 -7.75
C LYS A 489 13.27 -10.39 -6.23
N ARG A 490 13.38 -11.56 -5.62
CA ARG A 490 13.48 -11.68 -4.18
C ARG A 490 14.93 -11.96 -3.79
N VAL A 491 15.45 -11.14 -2.88
CA VAL A 491 16.79 -11.34 -2.32
C VAL A 491 16.60 -11.72 -0.86
N SER A 492 16.90 -12.96 -0.53
CA SER A 492 16.76 -13.48 0.82
C SER A 492 18.14 -13.75 1.40
N ARG A 493 18.36 -13.31 2.64
CA ARG A 493 19.67 -13.40 3.27
C ARG A 493 19.52 -13.99 4.68
N ALA A 494 20.32 -15.01 4.97
CA ALA A 494 20.34 -15.56 6.32
C ALA A 494 20.87 -14.55 7.30
N LEU A 495 20.21 -14.41 8.45
CA LEU A 495 20.58 -13.40 9.42
C LEU A 495 21.66 -13.88 10.38
N LYS A 496 21.73 -15.18 10.66
CA LYS A 496 22.71 -15.68 11.63
C LYS A 496 24.12 -15.59 11.08
N VAL A 497 24.31 -15.91 9.81
CA VAL A 497 25.65 -15.91 9.20
C VAL A 497 26.19 -14.48 9.11
N SER B 23 8.22 2.31 28.31
CA SER B 23 8.98 1.11 28.65
C SER B 23 9.83 0.63 27.48
N LEU B 24 10.00 -0.68 27.38
CA LEU B 24 10.93 -1.29 26.42
C LEU B 24 10.30 -1.52 25.05
N SER B 25 9.11 -0.99 24.80
CA SER B 25 8.49 -1.01 23.48
C SER B 25 8.41 0.43 22.99
N LYS B 26 9.21 0.77 21.98
CA LYS B 26 9.37 2.14 21.54
C LYS B 26 8.99 2.27 20.07
N GLN B 27 8.41 3.42 19.72
CA GLN B 27 7.94 3.69 18.37
C GLN B 27 8.91 4.60 17.63
N LEU B 28 8.69 4.73 16.33
CA LEU B 28 9.50 5.62 15.51
C LEU B 28 9.19 7.07 15.85
N TYR B 29 10.23 7.89 15.87
CA TYR B 29 10.10 9.33 16.04
C TYR B 29 10.38 9.98 14.69
N ILE B 30 9.32 10.33 13.97
CA ILE B 30 9.42 10.88 12.63
C ILE B 30 8.44 12.05 12.51
N GLY B 31 8.94 13.19 12.06
CA GLY B 31 8.09 14.37 11.88
C GLY B 31 7.47 14.88 13.16
N GLY B 32 8.19 14.79 14.28
CA GLY B 32 7.67 15.27 15.54
C GLY B 32 6.59 14.40 16.15
N LYS B 33 6.37 13.20 15.64
CA LYS B 33 5.35 12.30 16.16
C LYS B 33 5.99 10.95 16.49
N LEU B 34 5.32 10.22 17.39
CA LEU B 34 5.68 8.84 17.71
C LEU B 34 4.70 7.93 16.98
N ILE B 35 5.18 7.27 15.91
CA ILE B 35 4.33 6.48 15.04
C ILE B 35 4.84 5.04 15.00
N THR B 36 3.94 4.13 14.66
CA THR B 36 4.27 2.73 14.45
C THR B 36 4.30 2.41 12.96
N SER B 37 4.70 1.18 12.64
CA SER B 37 4.87 0.77 11.26
C SER B 37 4.24 -0.61 11.06
N ASP B 38 4.64 -1.28 9.98
CA ASP B 38 4.11 -2.60 9.65
C ASP B 38 4.78 -3.72 10.42
N ALA B 39 5.98 -3.51 10.96
CA ALA B 39 6.75 -4.58 11.57
C ALA B 39 7.52 -4.05 12.76
N THR B 40 7.88 -4.97 13.66
CA THR B 40 8.68 -4.67 14.82
C THR B 40 9.94 -5.52 14.81
N THR B 41 10.99 -5.02 15.45
CA THR B 41 12.27 -5.70 15.54
C THR B 41 12.61 -5.93 17.01
N GLU B 42 12.81 -7.18 17.38
CA GLU B 42 13.17 -7.52 18.76
C GLU B 42 14.67 -7.34 18.98
N ILE B 43 15.02 -6.91 20.19
CA ILE B 43 16.41 -6.68 20.58
C ILE B 43 16.81 -7.77 21.57
N ILE B 44 17.93 -8.43 21.29
CA ILE B 44 18.41 -9.55 22.10
C ILE B 44 19.66 -9.10 22.84
N ASN B 45 19.70 -9.40 24.14
CA ASN B 45 20.87 -9.07 24.95
C ASN B 45 21.97 -10.07 24.67
N PRO B 46 23.18 -9.62 24.30
CA PRO B 46 24.24 -10.56 23.92
C PRO B 46 24.76 -11.41 25.07
N ALA B 47 24.38 -11.12 26.31
CA ALA B 47 24.84 -11.92 27.43
C ALA B 47 23.83 -13.00 27.83
N THR B 48 22.54 -12.66 27.86
CA THR B 48 21.50 -13.59 28.26
C THR B 48 20.77 -14.23 27.09
N LEU B 49 20.95 -13.70 25.88
CA LEU B 49 20.26 -14.17 24.67
C LEU B 49 18.74 -14.08 24.80
N GLU B 50 18.25 -13.26 25.71
CA GLU B 50 16.81 -13.09 25.94
C GLU B 50 16.33 -11.80 25.27
N ILE B 51 15.06 -11.80 24.90
CA ILE B 51 14.43 -10.61 24.34
C ILE B 51 14.32 -9.57 25.44
N VAL B 52 14.92 -8.40 25.23
CA VAL B 52 14.87 -7.32 26.21
C VAL B 52 14.02 -6.15 25.75
N GLY B 53 13.61 -6.11 24.48
CA GLY B 53 12.78 -5.01 24.02
C GLY B 53 12.46 -5.19 22.55
N GLU B 54 11.63 -4.27 22.05
CA GLU B 54 11.23 -4.25 20.66
C GLU B 54 11.02 -2.81 20.22
N ILE B 55 11.25 -2.56 18.93
CA ILE B 55 11.10 -1.23 18.36
C ILE B 55 10.30 -1.33 17.07
N SER B 56 9.59 -0.26 16.74
CA SER B 56 8.95 -0.16 15.44
C SER B 56 10.02 -0.05 14.36
N ALA B 57 9.94 -0.93 13.35
CA ALA B 57 10.94 -0.98 12.29
C ALA B 57 10.48 -0.12 11.13
N ALA B 58 11.38 0.75 10.66
CA ALA B 58 11.06 1.62 9.54
C ALA B 58 11.29 0.90 8.22
N GLY B 59 10.43 1.19 7.24
CA GLY B 59 10.64 0.79 5.87
C GLY B 59 11.04 1.97 5.00
N ILE B 60 11.03 1.73 3.69
CA ILE B 60 11.35 2.79 2.76
C ILE B 60 10.30 3.91 2.84
N ASN B 61 9.06 3.56 3.14
CA ASN B 61 8.02 4.57 3.30
C ASN B 61 8.31 5.48 4.49
N GLU B 62 8.69 4.90 5.62
CA GLU B 62 9.01 5.70 6.79
C GLU B 62 10.27 6.52 6.58
N ALA B 63 11.24 5.99 5.83
CA ALA B 63 12.44 6.75 5.52
C ALA B 63 12.11 7.99 4.69
N ASN B 64 11.20 7.84 3.72
CA ASN B 64 10.78 8.98 2.92
C ASN B 64 10.04 10.00 3.77
N MET B 65 9.28 9.53 4.76
CA MET B 65 8.59 10.46 5.67
C MET B 65 9.59 11.30 6.45
N ALA B 66 10.66 10.67 6.94
CA ALA B 66 11.66 11.41 7.72
C ALA B 66 12.40 12.41 6.85
N LEU B 67 12.75 12.03 5.63
CA LEU B 67 13.50 12.92 4.76
C LEU B 67 12.66 14.12 4.33
N GLU B 68 11.40 13.88 3.95
CA GLU B 68 10.55 14.98 3.52
C GLU B 68 10.18 15.89 4.69
N SER B 69 10.02 15.32 5.88
CA SER B 69 9.77 16.15 7.06
C SER B 69 11.00 16.98 7.40
N ALA B 70 12.19 16.40 7.32
CA ALA B 70 13.41 17.15 7.56
C ALA B 70 13.60 18.25 6.52
N GLN B 71 13.31 17.93 5.25
CA GLN B 71 13.41 18.94 4.20
C GLN B 71 12.44 20.08 4.43
N GLU B 72 11.21 19.77 4.86
CA GLU B 72 10.19 20.80 5.05
C GLU B 72 10.57 21.76 6.17
N ALA B 73 11.14 21.24 7.26
CA ALA B 73 11.46 22.05 8.41
C ALA B 73 12.74 22.85 8.26
N PHE B 74 13.47 22.69 7.15
CA PHE B 74 14.76 23.35 7.04
C PHE B 74 14.62 24.88 6.98
N SER B 75 13.61 25.37 6.26
CA SER B 75 13.48 26.82 6.07
C SER B 75 13.29 27.53 7.39
N SER B 76 12.50 26.96 8.30
CA SER B 76 12.26 27.59 9.59
C SER B 76 13.33 27.26 10.63
N TRP B 77 13.88 26.05 10.59
CA TRP B 77 14.91 25.67 11.56
C TRP B 77 16.23 26.36 11.24
N SER B 78 16.56 26.53 9.96
CA SER B 78 17.80 27.21 9.59
C SER B 78 17.73 28.70 9.91
N THR B 79 16.56 29.31 9.78
CA THR B 79 16.38 30.73 10.09
C THR B 79 16.07 30.98 11.57
N THR B 80 15.94 29.92 12.36
CA THR B 80 15.81 30.09 13.80
C THR B 80 17.12 30.63 14.38
N PRO B 81 17.08 31.63 15.25
CA PRO B 81 18.32 32.17 15.82
C PRO B 81 19.16 31.08 16.48
N ALA B 82 20.48 31.17 16.28
CA ALA B 82 21.38 30.16 16.82
C ALA B 82 21.21 30.02 18.33
N ILE B 83 21.02 31.13 19.03
CA ILE B 83 20.80 31.09 20.48
C ILE B 83 19.51 30.34 20.80
N GLU B 84 18.52 30.41 19.90
CA GLU B 84 17.25 29.73 20.15
C GLU B 84 17.35 28.24 19.91
N ARG B 85 18.03 27.82 18.83
CA ARG B 85 18.31 26.41 18.64
C ARG B 85 19.11 25.84 19.81
N ALA B 86 20.04 26.63 20.34
CA ALA B 86 20.81 26.20 21.51
C ALA B 86 19.89 26.00 22.71
N GLN B 87 18.86 26.83 22.84
CA GLN B 87 17.90 26.64 23.92
C GLN B 87 17.18 25.31 23.79
N TRP B 88 16.81 24.93 22.55
CA TRP B 88 16.19 23.63 22.33
C TRP B 88 17.13 22.50 22.74
N MET B 89 18.43 22.66 22.46
CA MET B 89 19.39 21.64 22.85
C MET B 89 19.50 21.52 24.37
N LEU B 90 19.41 22.65 25.07
CA LEU B 90 19.55 22.61 26.53
C LEU B 90 18.32 22.00 27.19
N LYS B 91 17.14 22.17 26.61
CA LYS B 91 15.95 21.52 27.17
C LYS B 91 16.01 20.02 26.95
N LEU B 92 16.50 19.57 25.79
CA LEU B 92 16.74 18.15 25.58
C LEU B 92 17.80 17.63 26.55
N ARG B 93 18.81 18.45 26.84
CA ARG B 93 19.80 18.07 27.83
C ARG B 93 19.18 17.87 29.20
N ASP B 94 18.24 18.75 29.57
CA ASP B 94 17.54 18.59 30.84
C ASP B 94 16.73 17.31 30.87
N ALA B 95 16.07 16.97 29.76
CA ALA B 95 15.32 15.72 29.69
C ALA B 95 16.24 14.51 29.73
N VAL B 96 17.43 14.61 29.13
CA VAL B 96 18.39 13.52 29.18
C VAL B 96 18.87 13.31 30.61
N ILE B 97 19.21 14.41 31.30
CA ILE B 97 19.67 14.32 32.68
C ILE B 97 18.58 13.73 33.57
N ALA B 98 17.33 14.14 33.36
CA ALA B 98 16.24 13.64 34.18
C ALA B 98 15.94 12.17 33.92
N ASN B 99 16.37 11.63 32.77
CA ASN B 99 16.13 10.23 32.41
C ASN B 99 17.44 9.48 32.28
N GLU B 100 18.39 9.77 33.16
CA GLU B 100 19.69 9.11 33.10
C GLU B 100 19.57 7.61 33.34
N GLN B 101 18.75 7.22 34.32
CA GLN B 101 18.63 5.80 34.65
C GLN B 101 18.05 5.01 33.48
N HIS B 102 17.02 5.53 32.83
CA HIS B 102 16.43 4.82 31.71
C HIS B 102 17.37 4.76 30.51
N LEU B 103 18.02 5.89 30.18
CA LEU B 103 18.92 5.91 29.04
C LEU B 103 20.10 4.97 29.25
N ARG B 104 20.61 4.89 30.48
CA ARG B 104 21.69 3.95 30.76
C ARG B 104 21.18 2.52 30.81
N GLU B 105 19.91 2.32 31.18
CA GLU B 105 19.35 0.97 31.19
C GLU B 105 19.20 0.43 29.78
N CYS B 106 18.82 1.29 28.82
CA CYS B 106 18.70 0.84 27.44
C CYS B 106 20.03 0.35 26.88
N VAL B 107 21.10 1.10 27.11
CA VAL B 107 22.41 0.66 26.66
C VAL B 107 22.82 -0.61 27.40
N HIS B 108 22.45 -0.71 28.68
CA HIS B 108 22.77 -1.91 29.45
C HIS B 108 22.08 -3.13 28.87
N LEU B 109 20.85 -2.98 28.38
CA LEU B 109 20.06 -4.10 27.90
C LEU B 109 20.30 -4.44 26.44
N GLU B 110 20.57 -3.44 25.60
CA GLU B 110 20.68 -3.69 24.16
C GLU B 110 22.02 -4.31 23.79
N MET B 111 23.07 -4.06 24.56
CA MET B 111 24.39 -4.60 24.22
C MET B 111 25.15 -5.14 25.43
N ALA B 112 24.51 -5.24 26.59
CA ALA B 112 25.13 -5.82 27.79
C ALA B 112 26.39 -5.05 28.20
N LYS B 113 26.36 -3.73 28.00
CA LYS B 113 27.49 -2.90 28.43
C LYS B 113 27.50 -2.78 29.95
N PRO B 114 28.68 -2.87 30.58
CA PRO B 114 28.76 -2.73 32.04
C PRO B 114 28.15 -1.41 32.50
N TRP B 115 27.60 -1.43 33.71
CA TRP B 115 26.82 -0.29 34.18
C TRP B 115 27.66 0.98 34.28
N GLN B 116 28.88 0.87 34.80
CA GLN B 116 29.72 2.05 34.92
C GLN B 116 30.17 2.55 33.56
N SER B 117 30.40 1.65 32.60
CA SER B 117 30.77 2.06 31.26
C SER B 117 29.63 2.75 30.52
N THR B 118 28.38 2.50 30.90
CA THR B 118 27.26 3.20 30.28
C THR B 118 27.26 4.68 30.63
N ALA B 119 27.92 5.08 31.70
CA ALA B 119 28.03 6.50 32.02
C ALA B 119 28.76 7.26 30.92
N ASP B 120 29.67 6.60 30.21
CA ASP B 120 30.38 7.25 29.10
C ASP B 120 29.41 7.62 27.98
N ASP B 121 28.47 6.74 27.66
CA ASP B 121 27.49 7.04 26.62
C ASP B 121 26.60 8.19 27.03
N PHE B 122 26.11 8.16 28.27
CA PHE B 122 25.17 9.19 28.73
C PHE B 122 25.86 10.54 28.89
N GLN B 123 27.03 10.55 29.53
CA GLN B 123 27.69 11.82 29.83
C GLN B 123 28.10 12.54 28.55
N MET B 124 28.56 11.80 27.54
CA MET B 124 28.94 12.44 26.29
C MET B 124 27.75 13.09 25.60
N LEU B 125 26.55 12.53 25.78
CA LEU B 125 25.36 13.16 25.22
C LEU B 125 25.07 14.48 25.91
N VAL B 126 25.32 14.55 27.22
CA VAL B 126 25.14 15.83 27.94
C VAL B 126 26.24 16.81 27.56
N ASP B 127 27.49 16.33 27.52
CA ASP B 127 28.61 17.20 27.18
C ASP B 127 28.48 17.74 25.76
N SER B 128 28.00 16.91 24.82
CA SER B 128 27.85 17.35 23.45
C SER B 128 26.82 18.47 23.32
N LEU B 129 25.65 18.28 23.93
CA LEU B 129 24.61 19.29 23.84
C LEU B 129 25.07 20.61 24.46
N ASN B 130 25.85 20.54 25.54
CA ASN B 130 26.36 21.76 26.17
C ASN B 130 27.42 22.42 25.30
N PHE B 131 28.38 21.63 24.81
CA PHE B 131 29.52 22.20 24.10
C PHE B 131 29.10 22.88 22.80
N TYR B 132 28.20 22.25 22.04
CA TYR B 132 27.84 22.82 20.75
C TYR B 132 26.75 23.87 20.83
N ALA B 133 25.99 23.89 21.94
CA ALA B 133 25.07 25.01 22.15
C ALA B 133 25.83 26.31 22.37
N ASP B 134 26.98 26.23 23.06
CA ASP B 134 27.79 27.43 23.29
C ASP B 134 28.67 27.74 22.10
N ALA B 135 29.18 26.71 21.41
CA ALA B 135 30.10 26.94 20.30
C ALA B 135 29.42 27.63 19.13
N ILE B 136 28.13 27.37 18.91
CA ILE B 136 27.48 27.83 17.68
C ILE B 136 27.30 29.35 17.71
N VAL B 137 26.98 29.92 18.88
CA VAL B 137 26.79 31.37 18.96
C VAL B 137 28.09 32.14 19.07
N ASN B 138 29.24 31.45 19.00
CA ASN B 138 30.53 32.11 18.95
C ASN B 138 31.08 32.22 17.54
N ILE B 139 30.31 31.82 16.53
CA ILE B 139 30.71 31.93 15.14
C ILE B 139 30.29 33.30 14.63
N ALA B 140 31.26 34.10 14.21
CA ALA B 140 31.03 35.46 13.76
C ALA B 140 31.41 35.61 12.30
N ASP B 141 30.81 36.61 11.65
CA ASP B 141 31.19 36.95 10.29
C ASP B 141 32.61 37.52 10.28
N GLU B 142 33.23 37.44 9.10
CA GLU B 142 34.59 37.93 8.91
C GLU B 142 34.65 38.76 7.62
N GLU B 143 35.35 39.88 7.68
CA GLU B 143 35.56 40.73 6.51
C GLU B 143 36.89 40.37 5.87
N ILE B 144 36.90 40.25 4.55
CA ILE B 144 38.10 39.90 3.79
C ILE B 144 38.65 41.15 3.14
N LYS B 145 39.97 41.31 3.17
CA LYS B 145 40.61 42.48 2.60
C LYS B 145 40.57 42.45 1.09
N ASP B 146 40.15 43.56 0.49
CA ASP B 146 40.21 43.75 -0.96
C ASP B 146 41.51 44.46 -1.29
N ASN B 147 42.40 43.78 -2.02
CA ASN B 147 43.72 44.33 -2.28
C ASN B 147 43.69 45.53 -3.21
N GLU B 148 42.63 45.69 -3.99
CA GLU B 148 42.52 46.78 -4.95
C GLU B 148 41.71 47.96 -4.41
N GLY B 149 41.02 47.78 -3.29
CA GLY B 149 40.26 48.87 -2.69
C GLY B 149 39.00 49.25 -3.43
N THR B 150 38.44 48.34 -4.24
CA THR B 150 37.27 48.65 -5.04
C THR B 150 35.99 48.03 -4.50
N HIS B 151 36.08 46.99 -3.67
CA HIS B 151 34.91 46.32 -3.13
C HIS B 151 35.15 46.03 -1.65
N SER B 152 34.05 45.72 -0.96
CA SER B 152 34.10 45.18 0.40
C SER B 152 33.54 43.76 0.38
N HIS B 153 34.04 42.93 1.29
CA HIS B 153 33.70 41.51 1.31
C HIS B 153 33.37 41.07 2.73
N VAL B 154 32.23 40.41 2.89
CA VAL B 154 31.82 39.84 4.16
C VAL B 154 31.64 38.33 3.98
N LEU B 155 32.39 37.55 4.75
CA LEU B 155 32.29 36.09 4.73
C LEU B 155 31.46 35.65 5.93
N SER B 156 30.41 34.87 5.67
CA SER B 156 29.52 34.38 6.71
C SER B 156 29.35 32.88 6.56
N ARG B 157 28.63 32.28 7.51
CA ARG B 157 28.40 30.83 7.53
C ARG B 157 26.93 30.58 7.85
N GLU B 158 26.29 29.73 7.06
CA GLU B 158 24.89 29.40 7.18
C GLU B 158 24.70 27.90 7.26
N PRO B 159 23.55 27.45 7.77
CA PRO B 159 23.24 26.00 7.73
C PRO B 159 23.23 25.47 6.30
N VAL B 160 23.73 24.25 6.13
CA VAL B 160 23.95 23.71 4.79
C VAL B 160 22.71 23.00 4.24
N GLY B 161 21.98 22.29 5.08
CA GLY B 161 20.81 21.56 4.59
C GLY B 161 20.46 20.42 5.53
N VAL B 162 19.79 19.40 4.97
CA VAL B 162 19.43 18.21 5.73
C VAL B 162 20.65 17.32 5.87
N ALA B 163 20.84 16.77 7.06
CA ALA B 163 21.95 15.86 7.34
C ALA B 163 21.40 14.50 7.76
N ALA B 164 22.15 13.44 7.43
CA ALA B 164 21.77 12.08 7.74
C ALA B 164 22.96 11.34 8.33
N ALA B 165 22.72 10.61 9.42
CA ALA B 165 23.78 9.96 10.18
C ALA B 165 23.53 8.47 10.28
N PHE B 166 24.59 7.68 10.05
CA PHE B 166 24.60 6.25 10.30
C PHE B 166 25.61 5.97 11.41
N LEU B 167 25.16 5.29 12.47
CA LEU B 167 25.93 5.19 13.70
C LEU B 167 26.30 3.74 14.00
N ALA B 168 27.57 3.52 14.36
CA ALA B 168 28.01 2.23 14.84
C ALA B 168 27.38 1.93 16.20
N TRP B 169 27.40 0.65 16.58
CA TRP B 169 26.74 0.19 17.79
C TRP B 169 27.63 0.22 19.03
N ASN B 170 28.94 0.43 18.88
CA ASN B 170 29.83 0.23 20.02
C ASN B 170 29.60 1.26 21.12
N PHE B 171 29.21 2.49 20.76
CA PHE B 171 28.83 3.52 21.72
C PHE B 171 27.53 4.14 21.22
N PRO B 172 26.38 3.53 21.53
CA PRO B 172 25.13 3.99 20.92
C PRO B 172 24.80 5.46 21.19
N LEU B 173 24.95 5.92 22.43
CA LEU B 173 24.60 7.29 22.77
C LEU B 173 25.74 8.28 22.51
N LEU B 174 26.98 7.84 22.72
CA LEU B 174 28.13 8.70 22.42
C LEU B 174 28.25 8.96 20.92
N ASN B 175 28.03 7.93 20.10
CA ASN B 175 28.06 8.12 18.65
C ASN B 175 26.92 9.03 18.21
N LEU B 176 25.72 8.83 18.77
CA LEU B 176 24.61 9.72 18.46
C LEU B 176 24.93 11.15 18.87
N ALA B 177 25.58 11.33 20.03
CA ALA B 177 25.90 12.67 20.51
C ALA B 177 26.85 13.40 19.57
N TYR B 178 27.77 12.68 18.93
CA TYR B 178 28.74 13.30 18.05
C TYR B 178 28.09 13.94 16.83
N LYS B 179 26.90 13.47 16.45
CA LYS B 179 26.17 14.03 15.31
C LYS B 179 24.98 14.88 15.73
N LEU B 180 24.27 14.48 16.78
CA LEU B 180 23.08 15.21 17.21
C LEU B 180 23.42 16.62 17.67
N GLY B 181 24.50 16.76 18.45
CA GLY B 181 24.93 18.05 18.94
C GLY B 181 25.23 19.05 17.83
N PRO B 182 26.21 18.74 16.97
CA PRO B 182 26.52 19.66 15.87
C PRO B 182 25.35 19.95 14.94
N ALA B 183 24.56 18.92 14.60
CA ALA B 183 23.48 19.13 13.63
C ALA B 183 22.41 20.07 14.17
N MET B 184 22.03 19.90 15.43
CA MET B 184 21.04 20.80 16.02
C MET B 184 21.57 22.22 16.13
N ALA B 185 22.82 22.37 16.58
CA ALA B 185 23.41 23.68 16.73
C ALA B 185 23.48 24.41 15.39
N ALA B 186 23.90 23.71 14.34
CA ALA B 186 24.09 24.31 13.04
C ALA B 186 22.82 24.38 12.20
N GLY B 187 21.65 24.15 12.81
CA GLY B 187 20.40 24.32 12.10
C GLY B 187 20.18 23.36 10.95
N CYS B 188 20.71 22.14 11.03
CA CYS B 188 20.53 21.14 10.00
C CYS B 188 19.57 20.07 10.49
N PRO B 189 18.34 19.99 9.97
CA PRO B 189 17.44 18.90 10.36
C PRO B 189 18.11 17.55 10.11
N LEU B 190 17.97 16.65 11.10
CA LEU B 190 18.77 15.44 11.16
C LEU B 190 17.90 14.20 11.03
N VAL B 191 18.37 13.24 10.25
CA VAL B 191 17.76 11.92 10.12
C VAL B 191 18.79 10.91 10.59
N VAL B 192 18.53 10.27 11.72
CA VAL B 192 19.48 9.40 12.40
C VAL B 192 19.04 7.96 12.25
N LYS B 193 19.94 7.10 11.74
CA LYS B 193 19.72 5.67 11.69
C LYS B 193 20.66 4.99 12.67
N PRO B 194 20.23 4.73 13.91
CA PRO B 194 21.04 3.90 14.80
C PRO B 194 21.14 2.49 14.26
N SER B 195 22.19 1.78 14.68
CA SER B 195 22.35 0.41 14.24
C SER B 195 21.20 -0.45 14.73
N SER B 196 20.80 -1.42 13.92
CA SER B 196 19.73 -2.31 14.31
C SER B 196 20.10 -3.15 15.53
N LYS B 197 21.39 -3.28 15.83
CA LYS B 197 21.82 -4.04 16.99
C LYS B 197 21.58 -3.27 18.29
N THR B 198 21.69 -1.94 18.25
CA THR B 198 21.51 -1.10 19.44
C THR B 198 20.66 0.12 19.10
N PRO B 199 19.35 -0.09 18.90
CA PRO B 199 18.48 1.06 18.57
C PRO B 199 17.67 1.56 19.76
N LEU B 200 17.64 0.81 20.85
CA LEU B 200 16.74 1.14 21.97
C LEU B 200 17.10 2.48 22.60
N SER B 201 18.39 2.76 22.78
CA SER B 201 18.80 4.00 23.43
C SER B 201 18.50 5.22 22.55
N ALA B 202 18.68 5.08 21.23
CA ALA B 202 18.38 6.20 20.34
C ALA B 202 16.88 6.46 20.27
N TYR B 203 16.07 5.41 20.25
CA TYR B 203 14.62 5.58 20.26
C TYR B 203 14.16 6.29 21.52
N ALA B 204 14.85 6.06 22.65
CA ALA B 204 14.47 6.71 23.89
C ALA B 204 14.75 8.22 23.82
N VAL B 205 15.86 8.60 23.21
CA VAL B 205 16.14 10.02 22.98
C VAL B 205 15.05 10.62 22.10
N GLY B 206 14.59 9.87 21.09
CA GLY B 206 13.49 10.34 20.27
C GLY B 206 12.22 10.56 21.06
N GLU B 207 11.98 9.72 22.08
CA GLU B 207 10.83 9.94 22.95
C GLU B 207 11.01 11.21 23.78
N LEU B 208 12.25 11.51 24.19
CA LEU B 208 12.50 12.76 24.90
C LEU B 208 12.31 13.97 24.00
N CYS B 209 12.64 13.84 22.71
CA CYS B 209 12.46 14.94 21.76
C CYS B 209 10.98 15.23 21.56
N GLU B 210 10.15 14.19 21.50
CA GLU B 210 8.71 14.40 21.43
C GLU B 210 8.16 14.94 22.74
N GLN B 211 8.80 14.58 23.86
CA GLN B 211 8.29 15.00 25.17
C GLN B 211 8.41 16.49 25.36
N ILE B 212 9.52 17.09 24.90
CA ILE B 212 9.74 18.52 25.06
C ILE B 212 9.13 19.35 23.93
N GLY B 213 8.48 18.72 22.97
CA GLY B 213 7.85 19.44 21.89
C GLY B 213 8.80 19.99 20.85
N LEU B 214 9.91 19.31 20.60
CA LEU B 214 10.85 19.75 19.57
C LEU B 214 10.13 19.89 18.23
N PRO B 215 10.42 20.96 17.48
CA PRO B 215 9.68 21.18 16.22
C PRO B 215 9.79 20.00 15.28
N ALA B 216 8.70 19.75 14.54
CA ALA B 216 8.61 18.59 13.68
C ALA B 216 9.69 18.60 12.61
N GLY B 217 10.36 17.46 12.43
CA GLY B 217 11.37 17.30 11.41
C GLY B 217 12.76 17.73 11.80
N VAL B 218 12.93 18.38 12.96
CA VAL B 218 14.25 18.81 13.38
C VAL B 218 15.15 17.62 13.67
N VAL B 219 14.61 16.62 14.36
CA VAL B 219 15.30 15.36 14.62
C VAL B 219 14.36 14.23 14.24
N ASN B 220 14.89 13.23 13.52
CA ASN B 220 14.14 12.02 13.20
C ASN B 220 15.03 10.82 13.46
N ILE B 221 14.46 9.80 14.12
CA ILE B 221 15.21 8.61 14.52
C ILE B 221 14.46 7.38 14.02
N LEU B 222 15.15 6.54 13.26
CA LEU B 222 14.50 5.40 12.65
C LEU B 222 15.53 4.30 12.38
N SER B 223 15.08 3.06 12.45
CA SER B 223 15.93 1.89 12.27
C SER B 223 15.32 0.97 11.21
N GLY B 224 16.17 0.34 10.41
CA GLY B 224 15.68 -0.52 9.36
C GLY B 224 16.82 -1.23 8.64
N MET B 225 16.45 -1.94 7.57
CA MET B 225 17.43 -2.70 6.81
C MET B 225 18.39 -1.79 6.05
N ASP B 226 19.65 -2.23 5.93
CA ASP B 226 20.65 -1.43 5.23
C ASP B 226 20.35 -1.35 3.73
N SER B 227 19.90 -2.46 3.13
CA SER B 227 19.71 -2.48 1.69
C SER B 227 18.47 -1.70 1.26
N THR B 228 17.56 -1.40 2.18
CA THR B 228 16.35 -0.65 1.85
C THR B 228 16.36 0.72 2.52
N VAL B 229 16.19 0.78 3.83
CA VAL B 229 16.14 2.06 4.53
C VAL B 229 17.47 2.80 4.40
N GLY B 230 18.58 2.08 4.62
CA GLY B 230 19.88 2.73 4.58
C GLY B 230 20.22 3.27 3.21
N ASP B 231 20.04 2.45 2.17
CA ASP B 231 20.34 2.90 0.81
C ASP B 231 19.38 3.97 0.34
N ALA B 232 18.13 3.94 0.81
CA ALA B 232 17.18 4.98 0.43
C ALA B 232 17.59 6.34 0.96
N ILE B 233 18.11 6.37 2.19
CA ILE B 233 18.56 7.64 2.78
C ILE B 233 19.77 8.18 2.02
N SER B 234 20.73 7.32 1.71
CA SER B 234 21.92 7.76 0.99
C SER B 234 21.59 8.18 -0.44
N ALA B 235 20.74 7.41 -1.13
CA ALA B 235 20.42 7.71 -2.52
C ALA B 235 19.44 8.85 -2.67
N SER B 236 18.80 9.28 -1.59
CA SER B 236 17.89 10.43 -1.66
C SER B 236 18.66 11.67 -2.11
N THR B 237 17.99 12.54 -2.87
CA THR B 237 18.57 13.82 -3.25
C THR B 237 18.32 14.90 -2.23
N ILE B 238 17.65 14.58 -1.12
CA ILE B 238 17.30 15.56 -0.10
C ILE B 238 18.50 15.87 0.80
N PRO B 239 19.22 14.90 1.37
CA PRO B 239 20.29 15.24 2.31
C PRO B 239 21.43 15.98 1.61
N SER B 240 21.96 16.99 2.29
CA SER B 240 23.16 17.69 1.86
C SER B 240 24.43 17.15 2.50
N VAL B 241 24.30 16.44 3.61
CA VAL B 241 25.44 15.85 4.32
C VAL B 241 25.10 14.41 4.65
N LEU B 242 26.00 13.50 4.30
CA LEU B 242 25.95 12.11 4.74
C LEU B 242 27.13 11.87 5.67
N THR B 243 26.84 11.48 6.91
CA THR B 243 27.88 11.21 7.88
C THR B 243 27.74 9.79 8.42
N LEU B 244 28.88 9.15 8.68
CA LEU B 244 28.90 7.75 9.07
C LEU B 244 29.99 7.51 10.09
N ILE B 245 29.65 6.80 11.16
CA ILE B 245 30.59 6.25 12.11
C ILE B 245 30.53 4.74 11.95
N GLY B 246 31.53 4.17 11.27
CA GLY B 246 31.48 2.75 10.97
C GLY B 246 32.69 2.21 10.23
N SER B 247 32.49 1.17 9.43
CA SER B 247 33.61 0.52 8.76
C SER B 247 33.97 1.24 7.47
N THR B 248 35.20 0.99 7.00
CA THR B 248 35.68 1.60 5.77
C THR B 248 34.92 1.10 4.56
N ASN B 249 34.60 -0.20 4.53
CA ASN B 249 33.86 -0.77 3.41
C ASN B 249 32.48 -0.13 3.28
N VAL B 250 31.76 -0.01 4.40
CA VAL B 250 30.48 0.68 4.37
C VAL B 250 30.65 2.14 3.99
N GLY B 251 31.76 2.76 4.38
CA GLY B 251 32.02 4.13 3.99
C GLY B 251 32.11 4.30 2.50
N LYS B 252 32.78 3.36 1.81
CA LYS B 252 32.87 3.43 0.35
C LYS B 252 31.50 3.23 -0.28
N HIS B 253 30.70 2.32 0.26
CA HIS B 253 29.37 2.06 -0.29
C HIS B 253 28.48 3.30 -0.15
N VAL B 254 28.57 4.00 0.98
CA VAL B 254 27.76 5.20 1.21
C VAL B 254 28.13 6.29 0.22
N ILE B 255 29.43 6.43 -0.06
CA ILE B 255 29.88 7.44 -1.02
C ILE B 255 29.37 7.13 -2.42
N ALA B 256 29.45 5.86 -2.82
CA ALA B 256 28.96 5.48 -4.15
C ALA B 256 27.45 5.60 -4.23
N THR B 257 26.74 5.17 -3.19
CA THR B 257 25.29 5.23 -3.20
C THR B 257 24.79 6.68 -3.18
N GLY B 258 25.45 7.55 -2.44
CA GLY B 258 24.99 8.92 -2.30
C GLY B 258 25.22 9.79 -3.52
N ALA B 259 25.92 9.29 -4.53
CA ALA B 259 26.29 10.04 -5.74
C ALA B 259 25.09 10.37 -6.63
N THR B 260 23.84 10.10 -6.26
CA THR B 260 22.71 10.56 -7.05
C THR B 260 22.59 12.07 -7.07
N SER B 261 23.25 12.75 -6.13
CA SER B 261 23.35 14.20 -6.13
C SER B 261 24.68 14.57 -5.47
N ILE B 262 25.02 15.84 -5.54
CA ILE B 262 26.24 16.33 -4.90
C ILE B 262 25.98 16.45 -3.40
N LYS B 263 26.76 15.73 -2.61
CA LYS B 263 26.63 15.73 -1.16
C LYS B 263 28.00 15.88 -0.51
N ARG B 264 28.00 16.34 0.74
CA ARG B 264 29.19 16.37 1.56
C ARG B 264 29.27 15.09 2.39
N TYR B 265 30.46 14.51 2.48
CA TYR B 265 30.67 13.24 3.17
C TYR B 265 31.53 13.48 4.40
N SER B 266 31.02 13.09 5.56
CA SER B 266 31.74 13.18 6.84
C SER B 266 31.93 11.76 7.36
N MET B 267 33.15 11.24 7.23
CA MET B 267 33.42 9.83 7.45
C MET B 267 34.38 9.64 8.62
N GLU B 268 34.00 8.79 9.56
CA GLU B 268 34.85 8.37 10.67
C GLU B 268 34.87 6.84 10.63
N LEU B 269 35.92 6.28 10.04
CA LEU B 269 35.92 4.88 9.64
C LEU B 269 36.92 4.07 10.48
N GLY B 270 37.27 2.88 9.98
CA GLY B 270 38.01 1.93 10.78
C GLY B 270 39.46 2.31 10.97
N GLY B 271 40.08 1.69 11.98
CA GLY B 271 41.47 1.95 12.31
C GLY B 271 42.21 0.65 12.56
N ASN B 272 43.55 0.78 12.62
CA ASN B 272 44.48 -0.30 12.89
C ASN B 272 45.65 0.32 13.66
N ALA B 273 45.40 0.64 14.92
CA ALA B 273 46.29 1.50 15.69
C ALA B 273 47.53 0.72 16.15
N PRO B 274 48.74 1.20 15.85
CA PRO B 274 49.94 0.60 16.41
C PRO B 274 50.33 1.25 17.73
N ALA B 275 50.81 0.41 18.66
CA ALA B 275 51.28 0.86 19.95
C ALA B 275 52.74 0.42 20.11
N ILE B 276 53.64 1.39 20.22
CA ILE B 276 55.07 1.14 20.23
C ILE B 276 55.59 1.37 21.65
N VAL B 277 56.00 0.30 22.31
CA VAL B 277 56.57 0.37 23.65
C VAL B 277 58.08 0.28 23.49
N CYS B 278 58.76 1.42 23.62
CA CYS B 278 60.20 1.48 23.41
C CYS B 278 60.94 0.92 24.62
N SER B 279 62.25 0.73 24.44
CA SER B 279 63.09 0.13 25.49
C SER B 279 63.20 1.02 26.73
N ASP B 280 63.01 2.33 26.59
CA ASP B 280 63.13 3.26 27.71
C ASP B 280 61.78 3.74 28.21
N ALA B 281 60.73 2.96 28.01
CA ALA B 281 59.37 3.37 28.36
C ALA B 281 59.07 3.03 29.82
N ASN B 282 58.15 3.81 30.39
CA ASN B 282 57.55 3.49 31.69
C ASN B 282 56.65 2.28 31.49
N LEU B 283 57.18 1.09 31.78
CA LEU B 283 56.46 -0.14 31.44
C LEU B 283 55.17 -0.30 32.23
N ASP B 284 55.12 0.24 33.45
CA ASP B 284 53.90 0.13 34.24
C ASP B 284 52.80 1.04 33.68
N ASN B 285 53.16 2.26 33.27
CA ASN B 285 52.18 3.17 32.69
C ASN B 285 51.70 2.65 31.34
N ALA B 286 52.61 2.08 30.54
CA ALA B 286 52.22 1.57 29.23
C ALA B 286 51.28 0.38 29.36
N ALA B 287 51.49 -0.47 30.37
CA ALA B 287 50.60 -1.62 30.55
C ALA B 287 49.23 -1.18 31.07
N ASP B 288 49.20 -0.16 31.92
CA ASP B 288 47.91 0.34 32.41
C ASP B 288 47.09 0.95 31.30
N VAL B 289 47.73 1.76 30.44
CA VAL B 289 47.01 2.44 29.37
C VAL B 289 46.50 1.43 28.33
N ILE B 290 47.36 0.50 27.92
CA ILE B 290 47.00 -0.41 26.83
C ILE B 290 45.92 -1.37 27.28
N CYS B 291 46.07 -1.96 28.48
CA CYS B 291 45.06 -2.89 28.99
C CYS B 291 43.76 -2.18 29.35
N GLY B 292 43.83 -0.93 29.77
CA GLY B 292 42.62 -0.23 30.16
C GLY B 292 41.68 0.01 28.98
N VAL B 293 42.24 0.33 27.81
CA VAL B 293 41.43 0.58 26.63
C VAL B 293 41.23 -0.66 25.76
N LYS B 294 42.11 -1.67 25.88
CA LYS B 294 41.91 -2.89 25.12
C LYS B 294 40.82 -3.77 25.68
N PHE B 295 40.49 -3.63 26.97
CA PHE B 295 39.45 -4.44 27.58
C PHE B 295 38.18 -3.67 27.90
N ALA B 296 38.25 -2.34 27.99
CA ALA B 296 37.03 -1.54 28.06
C ALA B 296 36.22 -1.75 26.79
N ASN B 297 34.90 -1.88 26.96
CA ASN B 297 33.98 -2.17 25.85
C ASN B 297 34.38 -3.43 25.09
N ALA B 298 35.04 -4.36 25.79
CA ALA B 298 35.53 -5.61 25.19
C ALA B 298 36.42 -5.33 23.98
N GLY B 299 37.19 -4.25 24.04
CA GLY B 299 38.03 -3.85 22.94
C GLY B 299 37.31 -3.30 21.74
N GLN B 300 35.98 -3.19 21.77
CA GLN B 300 35.21 -2.67 20.66
C GLN B 300 35.26 -1.14 20.67
N ILE B 301 36.48 -0.63 20.48
CA ILE B 301 36.79 0.79 20.50
C ILE B 301 37.65 1.10 19.29
N CYS B 302 37.35 2.22 18.62
CA CYS B 302 38.00 2.52 17.35
C CYS B 302 39.45 2.95 17.54
N VAL B 303 39.78 3.59 18.67
CA VAL B 303 41.11 4.10 18.89
C VAL B 303 41.96 3.18 19.75
N THR B 304 41.47 2.00 20.09
CA THR B 304 42.25 1.06 20.87
C THR B 304 43.42 0.53 20.05
N PRO B 305 44.53 0.18 20.70
CA PRO B 305 45.66 -0.41 19.95
C PRO B 305 45.27 -1.73 19.32
N ASN B 306 45.72 -1.93 18.07
CA ASN B 306 45.52 -3.18 17.36
C ASN B 306 46.79 -4.01 17.23
N ARG B 307 47.94 -3.36 17.07
CA ARG B 307 49.24 -4.04 16.99
C ARG B 307 50.15 -3.41 18.03
N VAL B 308 50.53 -4.19 19.04
CA VAL B 308 51.32 -3.69 20.16
C VAL B 308 52.77 -4.10 19.93
N PHE B 309 53.59 -3.14 19.53
CA PHE B 309 55.01 -3.38 19.29
C PHE B 309 55.81 -3.15 20.57
N VAL B 310 56.58 -4.16 20.96
CA VAL B 310 57.37 -4.11 22.20
C VAL B 310 58.83 -4.41 21.87
N HIS B 311 59.74 -3.64 22.47
CA HIS B 311 61.15 -3.83 22.24
C HIS B 311 61.63 -5.13 22.89
N GLU B 312 62.72 -5.68 22.33
CA GLU B 312 63.24 -6.96 22.81
C GLU B 312 63.69 -6.87 24.26
N SER B 313 64.34 -5.76 24.64
CA SER B 313 64.96 -5.67 25.95
C SER B 313 63.94 -5.69 27.08
N VAL B 314 62.72 -5.22 26.82
CA VAL B 314 61.67 -5.15 27.84
C VAL B 314 60.49 -6.05 27.51
N ALA B 315 60.66 -6.97 26.57
CA ALA B 315 59.53 -7.80 26.12
C ALA B 315 59.01 -8.68 27.24
N ASP B 316 59.90 -9.45 27.88
CA ASP B 316 59.47 -10.41 28.89
C ASP B 316 58.84 -9.70 30.09
N GLU B 317 59.40 -8.57 30.51
CA GLU B 317 58.86 -7.85 31.65
C GLU B 317 57.51 -7.21 31.31
N PHE B 318 57.36 -6.71 30.08
CA PHE B 318 56.10 -6.07 29.70
C PHE B 318 54.98 -7.07 29.56
N ILE B 319 55.27 -8.28 29.09
CA ILE B 319 54.24 -9.30 28.95
C ILE B 319 53.69 -9.71 30.31
N GLU B 320 54.56 -9.76 31.33
CA GLU B 320 54.10 -10.11 32.67
C GLU B 320 53.16 -9.06 33.23
N LYS B 321 53.47 -7.78 33.01
CA LYS B 321 52.58 -6.71 33.48
C LYS B 321 51.24 -6.77 32.79
N VAL B 322 51.22 -7.12 31.50
CA VAL B 322 49.97 -7.22 30.76
C VAL B 322 49.15 -8.41 31.25
N LEU B 323 49.81 -9.55 31.48
CA LEU B 323 49.10 -10.75 31.93
C LEU B 323 48.48 -10.52 33.31
N THR B 324 49.17 -9.78 34.18
CA THR B 324 48.63 -9.50 35.50
C THR B 324 47.36 -8.66 35.43
N ARG B 325 47.35 -7.64 34.57
CA ARG B 325 46.16 -6.81 34.45
C ARG B 325 45.04 -7.55 33.71
N ALA B 326 45.40 -8.36 32.71
CA ALA B 326 44.39 -9.08 31.95
C ALA B 326 43.65 -10.10 32.82
N LYS B 327 44.33 -10.70 33.79
CA LYS B 327 43.70 -11.69 34.66
C LYS B 327 42.84 -11.05 35.75
N ALA B 328 42.97 -9.74 35.98
CA ALA B 328 42.20 -9.04 37.00
C ALA B 328 40.92 -8.42 36.45
N VAL B 329 40.67 -8.52 35.14
CA VAL B 329 39.48 -7.95 34.54
C VAL B 329 38.25 -8.71 35.01
N LYS B 330 37.26 -7.98 35.52
CA LYS B 330 35.99 -8.56 35.95
C LYS B 330 35.06 -8.65 34.74
N VAL B 331 34.71 -9.89 34.36
CA VAL B 331 33.94 -10.16 33.15
C VAL B 331 32.58 -10.70 33.56
N GLY B 332 31.52 -10.10 33.01
CA GLY B 332 30.18 -10.56 33.32
C GLY B 332 29.13 -9.57 32.84
N PHE B 333 27.95 -9.66 33.46
CA PHE B 333 26.81 -8.81 33.10
C PHE B 333 25.91 -8.73 34.34
N ASP B 334 26.15 -7.69 35.15
CA ASP B 334 25.40 -7.52 36.40
C ASP B 334 25.48 -6.06 36.80
N LYS B 335 24.33 -5.39 36.88
CA LYS B 335 24.30 -3.98 37.21
C LYS B 335 24.83 -3.72 38.62
N ASN B 336 24.56 -4.62 39.55
CA ASN B 336 24.92 -4.44 40.95
C ASN B 336 26.34 -4.88 41.28
N GLU B 337 27.08 -5.43 40.32
CA GLU B 337 28.44 -5.88 40.54
C GLU B 337 29.41 -5.00 39.78
N ALA B 338 30.66 -4.97 40.26
CA ALA B 338 31.72 -4.17 39.64
C ALA B 338 32.25 -4.92 38.43
N ILE B 339 31.67 -4.63 37.27
CA ILE B 339 32.00 -5.30 36.02
C ILE B 339 32.82 -4.35 35.16
N ASP B 340 33.95 -4.84 34.66
CA ASP B 340 34.80 -4.05 33.77
C ASP B 340 34.56 -4.36 32.29
N MET B 341 34.20 -5.60 31.95
CA MET B 341 34.10 -6.02 30.57
C MET B 341 32.91 -6.95 30.39
N GLY B 342 32.09 -6.68 29.37
CA GLY B 342 30.99 -7.54 29.03
C GLY B 342 31.29 -8.37 27.80
N PRO B 343 30.25 -8.87 27.14
CA PRO B 343 30.46 -9.67 25.93
C PRO B 343 30.65 -8.80 24.70
N VAL B 344 30.98 -9.47 23.59
CA VAL B 344 31.03 -8.77 22.31
C VAL B 344 29.61 -8.69 21.75
N MET B 345 29.47 -8.08 20.58
CA MET B 345 28.15 -7.66 20.11
C MET B 345 27.26 -8.85 19.78
N ASP B 346 27.72 -9.74 18.90
CA ASP B 346 26.88 -10.84 18.43
C ASP B 346 27.74 -12.04 18.06
N ALA B 347 27.07 -13.08 17.57
CA ALA B 347 27.77 -14.32 17.21
C ALA B 347 28.76 -14.11 16.08
N ASN B 348 28.43 -13.22 15.13
CA ASN B 348 29.36 -12.94 14.04
C ASN B 348 30.62 -12.25 14.53
N SER B 349 30.50 -11.40 15.55
CA SER B 349 31.68 -10.77 16.14
C SER B 349 32.53 -11.78 16.89
N TRP B 350 31.88 -12.69 17.62
CA TRP B 350 32.62 -13.72 18.34
C TRP B 350 33.43 -14.60 17.38
N GLN B 351 32.79 -15.08 16.31
CA GLN B 351 33.47 -15.96 15.36
C GLN B 351 34.61 -15.22 14.65
N ARG B 352 34.37 -13.97 14.24
CA ARG B 352 35.39 -13.21 13.52
C ARG B 352 36.64 -13.02 14.38
N ILE B 353 36.46 -12.74 15.66
CA ILE B 353 37.60 -12.59 16.56
C ILE B 353 38.30 -13.93 16.76
N ASP B 354 37.51 -14.99 17.02
CA ASP B 354 38.09 -16.31 17.26
C ASP B 354 38.89 -16.80 16.06
N GLU B 355 38.39 -16.56 14.85
CA GLU B 355 39.13 -16.98 13.66
C GLU B 355 40.44 -16.24 13.53
N LEU B 356 40.48 -14.97 13.94
CA LEU B 356 41.74 -14.22 13.90
C LEU B 356 42.74 -14.77 14.91
N VAL B 357 42.26 -15.22 16.07
CA VAL B 357 43.15 -15.78 17.07
C VAL B 357 43.66 -17.15 16.64
N LYS B 358 42.76 -18.00 16.12
CA LYS B 358 43.17 -19.34 15.71
C LYS B 358 44.03 -19.31 14.45
N ASP B 359 43.82 -18.33 13.57
CA ASP B 359 44.70 -18.18 12.42
C ASP B 359 46.10 -17.77 12.86
N ALA B 360 46.19 -16.94 13.90
CA ALA B 360 47.50 -16.53 14.41
C ALA B 360 48.23 -17.71 15.05
N GLN B 361 47.51 -18.52 15.84
CA GLN B 361 48.13 -19.68 16.47
C GLN B 361 48.68 -20.64 15.43
N GLN B 362 47.93 -20.91 14.36
CA GLN B 362 48.37 -21.81 13.31
C GLN B 362 49.55 -21.27 12.52
N ASN B 363 49.91 -20.00 12.70
CA ASN B 363 51.01 -19.38 11.98
C ASN B 363 52.16 -18.98 12.89
N GLY B 364 52.16 -19.43 14.14
CA GLY B 364 53.31 -19.25 15.03
C GLY B 364 53.04 -18.45 16.28
N ALA B 365 51.87 -17.82 16.43
CA ALA B 365 51.62 -16.99 17.60
C ALA B 365 51.37 -17.86 18.83
N GLN B 366 51.96 -17.44 19.95
CA GLN B 366 51.78 -18.14 21.22
C GLN B 366 50.64 -17.52 21.99
N LEU B 367 49.64 -18.32 22.34
CA LEU B 367 48.51 -17.86 23.13
C LEU B 367 48.86 -18.02 24.60
N GLN B 368 49.01 -16.90 25.31
CA GLN B 368 49.37 -16.93 26.72
C GLN B 368 48.17 -16.82 27.64
N LEU B 369 47.02 -16.36 27.14
CA LEU B 369 45.85 -16.17 27.99
C LEU B 369 44.62 -16.00 27.10
N GLY B 370 43.49 -16.56 27.54
CA GLY B 370 42.23 -16.33 26.87
C GLY B 370 42.09 -17.18 25.63
N GLY B 371 41.67 -16.55 24.53
CA GLY B 371 41.41 -17.27 23.31
C GLY B 371 40.23 -18.22 23.37
N LYS B 372 39.36 -18.03 24.36
CA LYS B 372 38.25 -18.95 24.60
C LYS B 372 37.08 -18.17 25.17
N LYS B 373 35.92 -18.81 25.18
CA LYS B 373 34.80 -18.26 25.95
C LYS B 373 34.87 -18.78 27.37
N PRO B 374 34.47 -17.97 28.37
CA PRO B 374 34.59 -18.40 29.76
C PRO B 374 33.88 -19.74 30.00
N THR B 375 34.44 -20.51 30.92
CA THR B 375 33.97 -21.87 31.16
C THR B 375 32.56 -21.86 31.75
N GLY B 376 31.62 -22.49 31.06
CA GLY B 376 30.28 -22.69 31.58
C GLY B 376 29.46 -21.44 31.78
N VAL B 377 29.39 -20.58 30.75
CA VAL B 377 28.55 -19.40 30.77
C VAL B 377 27.79 -19.34 29.45
N ASN B 378 26.79 -18.46 29.41
CA ASN B 378 26.01 -18.23 28.21
C ASN B 378 26.23 -16.81 27.71
N GLY B 379 26.11 -16.63 26.41
CA GLY B 379 26.35 -15.34 25.78
C GLY B 379 27.67 -15.33 25.02
N TYR B 380 27.86 -14.23 24.29
CA TYR B 380 29.04 -14.07 23.44
C TYR B 380 30.19 -13.41 24.21
N PHE B 381 30.57 -14.06 25.30
CA PHE B 381 31.70 -13.60 26.10
C PHE B 381 33.01 -14.14 25.51
N TYR B 382 33.99 -13.27 25.36
CA TYR B 382 35.33 -13.65 24.93
C TYR B 382 36.33 -13.16 25.97
N GLU B 383 37.05 -14.10 26.57
CA GLU B 383 37.97 -13.78 27.66
C GLU B 383 39.03 -12.78 27.19
N PRO B 384 39.63 -12.04 28.14
CA PRO B 384 40.81 -11.24 27.80
C PRO B 384 41.91 -12.13 27.23
N THR B 385 42.48 -11.70 26.11
CA THR B 385 43.36 -12.53 25.31
C THR B 385 44.70 -11.82 25.11
N VAL B 386 45.79 -12.57 25.31
CA VAL B 386 47.15 -12.07 25.09
C VAL B 386 47.84 -13.01 24.11
N LEU B 387 48.28 -12.45 22.98
CA LEU B 387 48.98 -13.21 21.95
C LEU B 387 50.36 -12.61 21.76
N THR B 388 51.38 -13.46 21.73
CA THR B 388 52.74 -13.06 21.47
C THR B 388 53.25 -13.74 20.20
N ASN B 389 54.44 -13.33 19.76
CA ASN B 389 55.09 -13.87 18.57
C ASN B 389 54.22 -13.68 17.31
N VAL B 390 53.44 -12.60 17.29
CA VAL B 390 52.68 -12.24 16.10
C VAL B 390 53.60 -11.48 15.15
N ASP B 391 53.45 -11.74 13.86
CA ASP B 391 54.25 -11.09 12.84
C ASP B 391 53.33 -10.42 11.82
N SER B 392 53.95 -9.67 10.90
CA SER B 392 53.22 -8.84 9.95
C SER B 392 52.57 -9.62 8.81
N SER B 393 52.61 -10.95 8.85
CA SER B 393 52.00 -11.77 7.80
C SER B 393 50.65 -12.34 8.21
N MET B 394 50.28 -12.26 9.48
CA MET B 394 49.05 -12.87 9.96
C MET B 394 47.86 -11.96 9.69
N LYS B 395 46.66 -12.57 9.74
CA LYS B 395 45.44 -11.80 9.51
C LYS B 395 45.15 -10.85 10.67
N ILE B 396 45.43 -11.29 11.90
CA ILE B 396 45.20 -10.45 13.08
C ILE B 396 46.09 -9.21 13.09
N TYR B 397 47.15 -9.19 12.28
CA TYR B 397 47.99 -8.01 12.11
C TYR B 397 47.43 -7.06 11.06
N LYS B 398 46.86 -7.61 9.98
CA LYS B 398 46.39 -6.80 8.86
C LYS B 398 44.96 -6.31 9.03
N ASP B 399 44.15 -6.98 9.83
CA ASP B 399 42.75 -6.63 10.00
C ASP B 399 42.50 -6.04 11.38
N GLU B 400 41.46 -5.23 11.48
CA GLU B 400 41.04 -4.66 12.76
C GLU B 400 40.42 -5.73 13.64
N ILE B 401 40.94 -5.87 14.87
CA ILE B 401 40.44 -6.91 15.76
C ILE B 401 39.04 -6.56 16.26
N PHE B 402 38.89 -5.35 16.81
CA PHE B 402 37.65 -4.92 17.46
C PHE B 402 37.18 -5.96 18.48
N GLY B 403 38.11 -6.39 19.32
CA GLY B 403 37.85 -7.37 20.33
C GLY B 403 38.87 -7.30 21.45
N PRO B 404 38.66 -8.08 22.52
CA PRO B 404 39.52 -8.02 23.71
C PRO B 404 40.80 -8.84 23.59
N VAL B 405 41.55 -8.62 22.51
CA VAL B 405 42.78 -9.34 22.24
C VAL B 405 43.93 -8.35 22.20
N ILE B 406 44.98 -8.64 22.98
CA ILE B 406 46.20 -7.85 22.98
C ILE B 406 47.23 -8.61 22.14
N SER B 407 47.50 -8.10 20.93
CA SER B 407 48.40 -8.75 19.99
C SER B 407 49.75 -8.06 20.02
N ILE B 408 50.80 -8.82 20.34
CA ILE B 408 52.11 -8.27 20.65
C ILE B 408 53.11 -8.71 19.60
N ILE B 409 53.89 -7.76 19.08
CA ILE B 409 54.94 -8.01 18.10
C ILE B 409 56.24 -7.46 18.65
N ILE B 410 57.30 -8.27 18.62
CA ILE B 410 58.60 -7.88 19.17
C ILE B 410 59.43 -7.24 18.07
N PHE B 411 60.04 -6.10 18.37
CA PHE B 411 60.89 -5.37 17.43
C PHE B 411 62.20 -5.00 18.12
N SER B 412 63.11 -4.37 17.37
CA SER B 412 64.39 -3.97 17.92
C SER B 412 64.79 -2.57 17.46
N ASP B 413 64.64 -2.27 16.18
CA ASP B 413 65.07 -1.00 15.61
C ASP B 413 63.90 -0.02 15.56
N ASN B 414 64.16 1.22 16.00
CA ASN B 414 63.12 2.23 16.01
C ASN B 414 62.71 2.65 14.60
N GLU B 415 63.68 2.69 13.68
CA GLU B 415 63.36 3.08 12.31
C GLU B 415 62.52 2.01 11.62
N GLN B 416 62.79 0.74 11.91
CA GLN B 416 62.02 -0.34 11.29
C GLN B 416 60.62 -0.43 11.85
N VAL B 417 60.46 -0.22 13.17
CA VAL B 417 59.14 -0.31 13.78
C VAL B 417 58.24 0.85 13.34
N LEU B 418 58.83 1.97 12.90
CA LEU B 418 58.02 3.04 12.35
C LEU B 418 57.49 2.66 10.97
N SER B 419 58.31 2.01 10.15
CA SER B 419 57.85 1.54 8.85
C SER B 419 56.76 0.49 8.99
N ASP B 420 56.85 -0.37 10.00
CA ASP B 420 55.81 -1.37 10.23
C ASP B 420 54.53 -0.73 10.76
N ALA B 421 54.68 0.28 11.63
CA ALA B 421 53.51 0.94 12.19
C ALA B 421 52.69 1.64 11.11
N ASN B 422 53.36 2.30 10.17
CA ASN B 422 52.69 2.97 9.06
C ASN B 422 52.24 2.02 7.97
N ASP B 423 52.58 0.73 8.06
CA ASP B 423 52.30 -0.24 7.00
C ASP B 423 50.85 -0.72 7.09
N THR B 424 49.93 0.21 6.84
CA THR B 424 48.51 -0.09 6.88
C THR B 424 47.75 1.03 6.17
N ASP B 425 46.56 0.69 5.69
CA ASP B 425 45.69 1.68 5.07
C ASP B 425 44.97 2.55 6.08
N ALA B 426 44.91 2.13 7.34
CA ALA B 426 44.25 2.91 8.36
C ALA B 426 45.09 4.12 8.75
N GLY B 427 44.43 5.10 9.37
CA GLY B 427 45.11 6.30 9.80
C GLY B 427 44.40 7.00 10.94
N LEU B 428 43.91 6.21 11.90
CA LEU B 428 43.20 6.78 13.05
C LEU B 428 44.17 7.14 14.17
N SER B 429 44.15 6.37 15.25
CA SER B 429 45.01 6.68 16.38
C SER B 429 46.32 5.89 16.30
N SER B 430 47.28 6.30 17.14
CA SER B 430 48.55 5.59 17.30
C SER B 430 49.10 5.96 18.66
N PHE B 431 49.98 5.11 19.18
CA PHE B 431 50.51 5.26 20.53
C PHE B 431 52.01 5.08 20.53
N ILE B 432 52.69 5.90 21.33
CA ILE B 432 54.14 5.81 21.50
C ILE B 432 54.45 5.98 22.98
N PHE B 433 55.21 5.04 23.53
CA PHE B 433 55.59 5.05 24.95
C PHE B 433 57.12 5.11 25.01
N SER B 434 57.63 6.26 25.43
CA SER B 434 59.07 6.46 25.52
C SER B 434 59.35 7.60 26.50
N SER B 435 60.53 7.56 27.11
CA SER B 435 61.00 8.61 27.99
C SER B 435 62.06 9.49 27.33
N ASN B 436 62.34 9.26 26.05
CA ASN B 436 63.34 10.03 25.32
C ASN B 436 62.66 11.10 24.47
N GLU B 437 63.11 12.34 24.62
CA GLU B 437 62.47 13.44 23.90
C GLU B 437 62.71 13.37 22.40
N ASP B 438 63.84 12.79 21.98
CA ASP B 438 64.10 12.64 20.55
C ASP B 438 63.29 11.49 19.95
N THR B 439 63.13 10.39 20.70
CA THR B 439 62.25 9.32 20.26
C THR B 439 60.82 9.82 20.09
N ILE B 440 60.33 10.60 21.06
CA ILE B 440 58.97 11.13 20.98
C ILE B 440 58.83 12.05 19.77
N SER B 441 59.81 12.93 19.56
CA SER B 441 59.76 13.83 18.41
C SER B 441 59.76 13.07 17.10
N TYR B 442 60.56 12.00 17.03
CA TYR B 442 60.69 11.24 15.78
C TYR B 442 59.39 10.58 15.40
N PHE B 443 58.72 9.93 16.36
CA PHE B 443 57.50 9.21 16.05
C PHE B 443 56.31 10.14 15.84
N ALA B 444 56.20 11.20 16.65
CA ALA B 444 55.07 12.11 16.53
C ALA B 444 55.08 12.82 15.17
N LYS B 445 56.24 12.97 14.56
CA LYS B 445 56.34 13.63 13.26
C LYS B 445 56.13 12.65 12.10
N HIS B 446 56.55 11.39 12.24
CA HIS B 446 56.57 10.46 11.13
C HIS B 446 55.45 9.43 11.16
N LEU B 447 54.73 9.31 12.27
CA LEU B 447 53.58 8.41 12.32
C LEU B 447 52.47 8.97 11.43
N ARG B 448 52.08 8.21 10.42
CA ARG B 448 51.05 8.66 9.48
C ARG B 448 49.67 8.26 10.00
N PHE B 449 49.29 8.92 11.09
CA PHE B 449 47.99 8.72 11.71
C PHE B 449 47.44 10.08 12.13
N GLY B 450 46.12 10.13 12.28
CA GLY B 450 45.48 11.39 12.65
C GLY B 450 45.75 11.80 14.09
N GLU B 451 45.90 10.83 14.98
CA GLU B 451 46.15 11.08 16.39
C GLU B 451 47.38 10.32 16.83
N VAL B 452 48.26 10.98 17.59
CA VAL B 452 49.44 10.36 18.16
C VAL B 452 49.37 10.57 19.67
N GLN B 453 49.14 9.48 20.40
CA GLN B 453 49.04 9.52 21.85
C GLN B 453 50.41 9.19 22.45
N VAL B 454 50.97 10.13 23.20
CA VAL B 454 52.30 9.99 23.79
C VAL B 454 52.13 9.65 25.27
N ASN B 455 52.53 8.43 25.64
CA ASN B 455 52.59 7.99 27.04
C ASN B 455 51.23 8.02 27.72
N GLY B 456 50.15 7.86 26.96
CA GLY B 456 48.83 7.85 27.56
C GLY B 456 47.74 7.83 26.50
N ILE B 457 46.55 8.27 26.90
CA ILE B 457 45.41 8.36 26.01
C ILE B 457 44.46 9.41 26.56
N LYS B 458 43.96 10.27 25.67
CA LYS B 458 43.07 11.34 26.09
C LYS B 458 42.12 11.71 24.96
N TYR B 459 40.83 11.70 25.26
CA TYR B 459 39.78 12.16 24.35
C TYR B 459 38.75 12.92 25.15
N SER B 460 38.14 13.92 24.52
CA SER B 460 37.14 14.74 25.20
C SER B 460 36.32 15.47 24.15
N ILE B 461 35.20 16.05 24.60
CA ILE B 461 34.27 16.70 23.69
C ILE B 461 34.92 17.89 22.98
N ASN B 462 35.94 18.49 23.60
CA ASN B 462 36.61 19.65 23.02
C ASN B 462 37.84 19.28 22.20
N LEU B 463 38.25 18.00 22.19
CA LEU B 463 39.45 17.59 21.47
C LEU B 463 39.08 16.95 20.15
N PRO B 464 39.66 17.39 19.04
CA PRO B 464 39.29 16.85 17.73
C PRO B 464 39.62 15.37 17.61
N HIS B 465 38.66 14.60 17.10
CA HIS B 465 38.81 13.17 16.87
C HIS B 465 38.62 12.90 15.39
N PHE B 466 39.66 12.40 14.73
CA PHE B 466 39.64 12.27 13.28
C PHE B 466 40.66 11.24 12.84
N GLY B 467 40.59 10.88 11.56
CA GLY B 467 41.57 10.00 10.96
C GLY B 467 41.96 10.50 9.58
N ILE B 468 42.95 9.84 9.00
CA ILE B 468 43.42 10.11 7.66
C ILE B 468 43.49 8.80 6.89
N LYS B 469 43.92 8.89 5.63
CA LYS B 469 44.07 7.73 4.73
C LYS B 469 42.70 7.08 4.60
N GLN B 470 42.57 5.78 4.82
CA GLN B 470 41.29 5.09 4.66
C GLN B 470 40.46 5.09 5.94
N SER B 471 40.90 5.80 6.98
CA SER B 471 40.13 5.92 8.20
C SER B 471 39.07 7.00 8.15
N GLY B 472 38.96 7.72 7.03
CA GLY B 472 37.89 8.67 6.87
C GLY B 472 38.31 10.12 6.73
N VAL B 473 37.43 10.93 6.15
CA VAL B 473 37.62 12.36 6.01
C VAL B 473 36.50 13.05 6.78
N GLY B 474 36.83 13.64 7.91
CA GLY B 474 35.85 14.28 8.76
C GLY B 474 36.30 14.29 10.20
N VAL B 475 35.84 15.30 10.94
CA VAL B 475 36.24 15.51 12.32
C VAL B 475 35.01 15.37 13.20
N ASP B 476 35.14 14.58 14.27
CA ASP B 476 34.18 14.56 15.36
C ASP B 476 34.79 15.24 16.58
N CYS B 477 33.92 15.76 17.45
CA CYS B 477 34.31 16.53 18.62
C CYS B 477 35.00 17.84 18.25
N SER B 478 35.21 18.71 19.24
CA SER B 478 35.84 20.02 19.06
C SER B 478 35.01 20.94 18.19
N LEU B 479 35.53 22.15 17.95
CA LEU B 479 34.83 23.11 17.10
C LEU B 479 34.83 22.70 15.64
N LEU B 480 35.79 21.88 15.22
CA LEU B 480 35.91 21.51 13.81
C LEU B 480 34.73 20.69 13.32
N ALA B 481 34.00 20.03 14.22
CA ALA B 481 32.86 19.22 13.81
C ALA B 481 31.74 20.05 13.20
N LEU B 482 31.70 21.36 13.50
CA LEU B 482 30.65 22.20 12.94
C LEU B 482 30.87 22.52 11.47
N ASP B 483 32.09 22.35 10.97
CA ASP B 483 32.39 22.77 9.61
C ASP B 483 31.55 22.03 8.57
N ASP B 484 31.39 20.71 8.75
CA ASP B 484 30.67 19.91 7.77
C ASP B 484 29.17 20.19 7.75
N TYR B 485 28.65 20.91 8.74
CA TYR B 485 27.24 21.28 8.78
C TYR B 485 26.98 22.74 8.41
N LEU B 486 28.03 23.48 8.07
CA LEU B 486 27.90 24.89 7.74
C LEU B 486 28.44 25.17 6.34
N ALA B 487 27.79 26.08 5.64
CA ALA B 487 28.20 26.50 4.30
C ALA B 487 28.59 27.96 4.33
N TYR B 488 29.60 28.32 3.54
CA TYR B 488 30.08 29.68 3.49
C TYR B 488 29.20 30.54 2.57
N LYS B 489 29.35 31.85 2.71
CA LYS B 489 28.74 32.80 1.80
C LYS B 489 29.58 34.07 1.80
N ARG B 490 29.95 34.53 0.62
CA ARG B 490 30.66 35.79 0.46
C ARG B 490 29.74 36.81 -0.18
N VAL B 491 29.55 37.94 0.51
CA VAL B 491 28.82 39.08 -0.03
C VAL B 491 29.83 40.16 -0.36
N SER B 492 29.91 40.52 -1.65
CA SER B 492 30.85 41.51 -2.13
C SER B 492 30.08 42.66 -2.76
N ARG B 493 30.41 43.89 -2.37
CA ARG B 493 29.69 45.08 -2.81
C ARG B 493 30.67 46.11 -3.38
N ALA B 494 30.30 46.69 -4.51
CA ALA B 494 31.09 47.77 -5.09
C ALA B 494 30.99 49.02 -4.24
N LEU B 495 32.13 49.66 -3.99
CA LEU B 495 32.14 50.85 -3.14
C LEU B 495 31.82 52.12 -3.91
N LYS B 496 32.15 52.17 -5.20
CA LYS B 496 31.98 53.42 -5.95
C LYS B 496 30.52 53.70 -6.27
N VAL B 497 29.82 52.74 -6.86
CA VAL B 497 28.43 52.94 -7.27
C VAL B 497 27.49 52.96 -6.06
N SER C 23 -7.38 25.88 8.27
CA SER C 23 -8.58 26.00 9.09
C SER C 23 -9.77 25.35 8.40
N LEU C 24 -10.02 25.77 7.15
CA LEU C 24 -11.09 25.18 6.36
C LEU C 24 -10.67 23.89 5.68
N SER C 25 -9.43 23.45 5.88
CA SER C 25 -8.96 22.13 5.44
C SER C 25 -8.83 21.27 6.69
N LYS C 26 -9.73 20.29 6.82
CA LYS C 26 -9.86 19.51 8.05
C LYS C 26 -9.50 18.06 7.79
N GLN C 27 -8.76 17.47 8.74
CA GLN C 27 -8.30 16.10 8.62
C GLN C 27 -9.31 15.14 9.24
N LEU C 28 -9.07 13.84 9.02
CA LEU C 28 -9.90 12.82 9.64
C LEU C 28 -9.66 12.79 11.15
N TYR C 29 -10.69 12.39 11.88
CA TYR C 29 -10.60 12.18 13.33
C TYR C 29 -10.85 10.70 13.58
N ILE C 30 -9.77 9.95 13.80
CA ILE C 30 -9.82 8.51 14.00
C ILE C 30 -8.83 8.15 15.10
N GLY C 31 -9.31 7.37 16.08
CA GLY C 31 -8.45 6.91 17.15
C GLY C 31 -7.85 8.00 18.00
N GLY C 32 -8.56 9.10 18.20
CA GLY C 32 -8.07 10.18 19.03
C GLY C 32 -7.03 11.07 18.39
N LYS C 33 -6.75 10.90 17.11
CA LYS C 33 -5.76 11.70 16.40
C LYS C 33 -6.40 12.35 15.18
N LEU C 34 -5.77 13.43 14.72
CA LEU C 34 -6.14 14.09 13.48
C LEU C 34 -5.13 13.65 12.41
N ILE C 35 -5.58 12.83 11.47
CA ILE C 35 -4.71 12.21 10.49
C ILE C 35 -5.19 12.53 9.08
N THR C 36 -4.26 12.46 8.14
CA THR C 36 -4.54 12.64 6.73
C THR C 36 -4.62 11.28 6.04
N SER C 37 -4.87 11.31 4.73
CA SER C 37 -4.95 10.10 3.93
C SER C 37 -4.30 10.39 2.58
N ASP C 38 -4.65 9.61 1.56
CA ASP C 38 -4.11 9.78 0.23
C ASP C 38 -5.04 10.56 -0.69
N ALA C 39 -6.16 11.07 -0.18
CA ALA C 39 -7.15 11.73 -1.02
C ALA C 39 -7.77 12.90 -0.27
N THR C 40 -8.33 13.83 -1.04
CA THR C 40 -8.96 15.03 -0.51
C THR C 40 -10.24 15.30 -1.30
N THR C 41 -11.28 15.77 -0.61
CA THR C 41 -12.55 16.13 -1.23
C THR C 41 -12.78 17.62 -1.03
N GLU C 42 -12.98 18.34 -2.13
CA GLU C 42 -13.28 19.76 -2.08
C GLU C 42 -14.79 19.97 -1.92
N ILE C 43 -15.17 20.90 -1.07
CA ILE C 43 -16.56 21.20 -0.78
C ILE C 43 -17.01 22.38 -1.63
N ILE C 44 -18.11 22.21 -2.34
CA ILE C 44 -18.63 23.21 -3.27
C ILE C 44 -19.89 23.82 -2.67
N ASN C 45 -19.89 25.13 -2.51
CA ASN C 45 -21.07 25.83 -2.02
C ASN C 45 -22.15 25.81 -3.09
N PRO C 46 -23.38 25.39 -2.76
CA PRO C 46 -24.42 25.28 -3.80
C PRO C 46 -24.99 26.61 -4.25
N ALA C 47 -24.55 27.73 -3.69
CA ALA C 47 -25.02 29.05 -4.10
C ALA C 47 -24.01 29.80 -4.94
N THR C 48 -22.72 29.68 -4.63
CA THR C 48 -21.66 30.34 -5.37
C THR C 48 -20.90 29.40 -6.30
N LEU C 49 -21.07 28.09 -6.14
CA LEU C 49 -20.41 27.08 -6.99
C LEU C 49 -18.90 27.18 -6.92
N GLU C 50 -18.37 27.71 -5.82
CA GLU C 50 -16.94 27.83 -5.60
C GLU C 50 -16.51 26.93 -4.44
N ILE C 51 -15.21 26.62 -4.42
CA ILE C 51 -14.66 25.80 -3.36
C ILE C 51 -14.57 26.63 -2.09
N VAL C 52 -15.14 26.10 -1.00
CA VAL C 52 -15.11 26.79 0.29
C VAL C 52 -14.40 25.99 1.37
N GLY C 53 -14.03 24.73 1.11
CA GLY C 53 -13.37 23.94 2.14
C GLY C 53 -12.79 22.66 1.55
N GLU C 54 -12.01 21.98 2.39
CA GLU C 54 -11.34 20.75 2.03
C GLU C 54 -11.40 19.78 3.21
N ILE C 55 -11.49 18.49 2.91
CA ILE C 55 -11.45 17.45 3.92
C ILE C 55 -10.58 16.31 3.45
N SER C 56 -9.91 15.65 4.39
CA SER C 56 -9.25 14.39 4.09
C SER C 56 -10.30 13.32 3.84
N ALA C 57 -10.19 12.64 2.70
CA ALA C 57 -11.16 11.61 2.33
C ALA C 57 -10.71 10.26 2.85
N ALA C 58 -11.62 9.55 3.50
CA ALA C 58 -11.30 8.23 4.04
C ALA C 58 -11.44 7.16 2.97
N GLY C 59 -10.54 6.18 3.01
CA GLY C 59 -10.68 4.96 2.25
C GLY C 59 -11.11 3.81 3.14
N ILE C 60 -11.13 2.61 2.55
CA ILE C 60 -11.49 1.42 3.31
C ILE C 60 -10.49 1.17 4.43
N ASN C 61 -9.22 1.49 4.21
CA ASN C 61 -8.22 1.35 5.26
C ASN C 61 -8.52 2.28 6.43
N GLU C 62 -8.93 3.52 6.14
CA GLU C 62 -9.26 4.46 7.20
C GLU C 62 -10.51 4.03 7.96
N ALA C 63 -11.50 3.51 7.23
CA ALA C 63 -12.71 3.01 7.88
C ALA C 63 -12.38 1.83 8.79
N ASN C 64 -11.47 0.95 8.36
CA ASN C 64 -11.06 -0.16 9.21
C ASN C 64 -10.34 0.34 10.46
N MET C 65 -9.55 1.41 10.33
CA MET C 65 -8.87 1.98 11.48
C MET C 65 -9.87 2.49 12.52
N ALA C 66 -10.97 3.09 12.06
CA ALA C 66 -11.95 3.62 12.99
C ALA C 66 -12.75 2.50 13.66
N LEU C 67 -13.15 1.49 12.89
CA LEU C 67 -13.88 0.37 13.46
C LEU C 67 -13.06 -0.39 14.48
N GLU C 68 -11.77 -0.58 14.20
CA GLU C 68 -10.91 -1.30 15.14
C GLU C 68 -10.59 -0.47 16.37
N SER C 69 -10.44 0.85 16.20
CA SER C 69 -10.15 1.71 17.35
C SER C 69 -11.38 1.89 18.22
N ALA C 70 -12.57 1.98 17.59
CA ALA C 70 -13.80 2.03 18.37
C ALA C 70 -14.02 0.72 19.12
N GLN C 71 -13.70 -0.42 18.48
CA GLN C 71 -13.84 -1.71 19.13
C GLN C 71 -12.88 -1.83 20.31
N GLU C 72 -11.69 -1.26 20.19
CA GLU C 72 -10.71 -1.36 21.27
C GLU C 72 -11.13 -0.53 22.48
N ALA C 73 -11.71 0.65 22.25
CA ALA C 73 -12.12 1.52 23.34
C ALA C 73 -13.36 1.03 24.09
N PHE C 74 -14.05 0.02 23.56
CA PHE C 74 -15.34 -0.37 24.14
C PHE C 74 -15.20 -0.82 25.59
N SER C 75 -14.16 -1.61 25.89
CA SER C 75 -14.04 -2.17 27.24
C SER C 75 -13.84 -1.07 28.28
N SER C 76 -13.06 -0.04 27.96
CA SER C 76 -12.82 1.02 28.92
C SER C 76 -13.91 2.08 28.91
N TRP C 77 -14.55 2.30 27.76
CA TRP C 77 -15.61 3.31 27.67
C TRP C 77 -16.93 2.79 28.24
N SER C 78 -17.25 1.52 27.98
CA SER C 78 -18.48 0.94 28.51
C SER C 78 -18.45 0.83 30.03
N THR C 79 -17.28 0.58 30.60
CA THR C 79 -17.14 0.46 32.05
C THR C 79 -16.81 1.78 32.72
N THR C 80 -16.72 2.87 31.97
CA THR C 80 -16.58 4.19 32.56
C THR C 80 -17.91 4.58 33.19
N PRO C 81 -17.91 5.09 34.43
CA PRO C 81 -19.19 5.42 35.09
C PRO C 81 -19.98 6.44 34.28
N ALA C 82 -21.30 6.21 34.21
CA ALA C 82 -22.17 7.03 33.38
C ALA C 82 -22.02 8.51 33.71
N ILE C 83 -21.87 8.85 34.99
CA ILE C 83 -21.67 10.23 35.38
C ILE C 83 -20.37 10.76 34.80
N GLU C 84 -19.35 9.91 34.67
CA GLU C 84 -18.07 10.36 34.13
C GLU C 84 -18.16 10.56 32.61
N ARG C 85 -18.85 9.65 31.92
CA ARG C 85 -19.09 9.87 30.49
C ARG C 85 -19.88 11.15 30.27
N ALA C 86 -20.84 11.45 31.14
CA ALA C 86 -21.59 12.68 31.04
C ALA C 86 -20.68 13.90 31.16
N GLN C 87 -19.65 13.81 32.01
CA GLN C 87 -18.72 14.94 32.14
C GLN C 87 -17.96 15.17 30.85
N TRP C 88 -17.58 14.10 30.14
CA TRP C 88 -16.97 14.26 28.82
C TRP C 88 -17.93 14.93 27.86
N MET C 89 -19.22 14.62 27.95
CA MET C 89 -20.20 15.26 27.07
C MET C 89 -20.33 16.74 27.37
N LEU C 90 -20.31 17.12 28.65
CA LEU C 90 -20.42 18.54 29.00
C LEU C 90 -19.14 19.30 28.65
N LYS C 91 -17.99 18.64 28.75
CA LYS C 91 -16.75 19.28 28.29
C LYS C 91 -16.79 19.52 26.80
N LEU C 92 -17.31 18.56 26.02
CA LEU C 92 -17.50 18.77 24.59
C LEU C 92 -18.53 19.85 24.33
N ARG C 93 -19.60 19.89 25.14
CA ARG C 93 -20.60 20.95 24.99
C ARG C 93 -19.98 22.33 25.17
N ASP C 94 -19.10 22.47 26.17
CA ASP C 94 -18.42 23.75 26.37
C ASP C 94 -17.61 24.13 25.14
N ALA C 95 -16.90 23.17 24.54
CA ALA C 95 -16.12 23.43 23.34
C ALA C 95 -17.02 23.81 22.17
N VAL C 96 -18.20 23.19 22.08
CA VAL C 96 -19.16 23.55 21.03
C VAL C 96 -19.64 24.98 21.23
N ILE C 97 -19.99 25.33 22.48
CA ILE C 97 -20.47 26.67 22.77
C ILE C 97 -19.38 27.70 22.51
N ALA C 98 -18.12 27.35 22.80
CA ALA C 98 -17.02 28.29 22.61
C ALA C 98 -16.67 28.50 21.15
N ASN C 99 -17.10 27.59 20.26
CA ASN C 99 -16.81 27.67 18.83
C ASN C 99 -18.09 27.76 18.02
N GLU C 100 -19.09 28.49 18.54
CA GLU C 100 -20.37 28.59 17.85
C GLU C 100 -20.21 29.23 16.47
N GLN C 101 -19.44 30.32 16.39
CA GLN C 101 -19.31 31.04 15.12
C GLN C 101 -18.72 30.14 14.03
N HIS C 102 -17.67 29.38 14.37
CA HIS C 102 -17.05 28.52 13.36
C HIS C 102 -17.96 27.36 12.98
N LEU C 103 -18.61 26.74 13.97
CA LEU C 103 -19.51 25.63 13.66
C LEU C 103 -20.67 26.08 12.79
N ARG C 104 -21.24 27.25 13.08
CA ARG C 104 -22.28 27.80 12.22
C ARG C 104 -21.71 28.24 10.87
N GLU C 105 -20.45 28.69 10.86
CA GLU C 105 -19.81 29.02 9.59
C GLU C 105 -19.68 27.80 8.70
N CYS C 106 -19.40 26.64 9.29
CA CYS C 106 -19.21 25.42 8.50
C CYS C 106 -20.51 25.04 7.79
N VAL C 107 -21.65 25.12 8.48
CA VAL C 107 -22.92 24.80 7.84
C VAL C 107 -23.28 25.86 6.81
N HIS C 108 -22.97 27.12 7.10
CA HIS C 108 -23.22 28.20 6.15
C HIS C 108 -22.47 27.95 4.85
N LEU C 109 -21.21 27.52 4.93
CA LEU C 109 -20.39 27.39 3.73
C LEU C 109 -20.70 26.12 2.96
N GLU C 110 -20.96 25.00 3.67
CA GLU C 110 -21.03 23.72 2.99
C GLU C 110 -22.35 23.52 2.23
N MET C 111 -23.44 24.14 2.69
CA MET C 111 -24.73 23.96 2.03
C MET C 111 -25.49 25.27 1.83
N ALA C 112 -24.84 26.41 2.02
CA ALA C 112 -25.44 27.73 1.82
C ALA C 112 -26.71 27.92 2.66
N LYS C 113 -26.75 27.29 3.84
CA LYS C 113 -27.89 27.46 4.73
C LYS C 113 -27.90 28.88 5.29
N PRO C 114 -29.07 29.53 5.34
CA PRO C 114 -29.13 30.89 5.89
C PRO C 114 -28.59 30.94 7.31
N TRP C 115 -28.07 32.11 7.68
CA TRP C 115 -27.32 32.23 8.93
C TRP C 115 -28.18 31.96 10.14
N GLN C 116 -29.43 32.45 10.14
CA GLN C 116 -30.30 32.19 11.28
C GLN C 116 -30.78 30.74 11.31
N SER C 117 -30.86 30.10 10.15
CA SER C 117 -31.23 28.69 10.11
C SER C 117 -30.13 27.80 10.69
N THR C 118 -28.88 28.23 10.60
CA THR C 118 -27.78 27.44 11.16
C THR C 118 -27.82 27.41 12.69
N ALA C 119 -28.54 28.33 13.32
CA ALA C 119 -28.69 28.29 14.77
C ALA C 119 -29.40 27.02 15.22
N ASP C 120 -30.31 26.51 14.40
CA ASP C 120 -31.00 25.26 14.75
C ASP C 120 -30.03 24.09 14.79
N ASP C 121 -29.12 24.01 13.82
CA ASP C 121 -28.12 22.95 13.81
C ASP C 121 -27.22 23.05 15.04
N PHE C 122 -26.76 24.26 15.35
CA PHE C 122 -25.81 24.43 16.45
C PHE C 122 -26.48 24.20 17.81
N GLN C 123 -27.71 24.71 17.98
CA GLN C 123 -28.36 24.63 19.29
C GLN C 123 -28.79 23.20 19.61
N MET C 124 -29.16 22.43 18.60
CA MET C 124 -29.56 21.04 18.85
C MET C 124 -28.39 20.20 19.34
N LEU C 125 -27.17 20.54 18.93
CA LEU C 125 -25.99 19.83 19.41
C LEU C 125 -25.77 20.09 20.90
N VAL C 126 -26.02 21.33 21.35
CA VAL C 126 -25.86 21.65 22.76
C VAL C 126 -26.98 21.04 23.59
N ASP C 127 -28.22 21.09 23.06
CA ASP C 127 -29.36 20.54 23.79
C ASP C 127 -29.23 19.04 23.95
N SER C 128 -28.80 18.33 22.90
CA SER C 128 -28.69 16.88 22.96
C SER C 128 -27.58 16.44 23.90
N LEU C 129 -26.46 17.17 23.92
CA LEU C 129 -25.40 16.85 24.87
C LEU C 129 -25.84 17.11 26.31
N ASN C 130 -26.67 18.13 26.52
CA ASN C 130 -27.20 18.38 27.86
C ASN C 130 -28.28 17.37 28.22
N PHE C 131 -29.17 17.06 27.27
CA PHE C 131 -30.31 16.20 27.57
C PHE C 131 -29.87 14.78 27.93
N TYR C 132 -28.94 14.21 27.15
CA TYR C 132 -28.58 12.82 27.34
C TYR C 132 -27.54 12.63 28.45
N ALA C 133 -26.74 13.65 28.75
CA ALA C 133 -25.89 13.58 29.93
C ALA C 133 -26.73 13.43 31.20
N ASP C 134 -27.83 14.18 31.29
CA ASP C 134 -28.73 14.05 32.44
C ASP C 134 -29.51 12.75 32.37
N ALA C 135 -29.94 12.35 31.17
CA ALA C 135 -30.85 11.22 31.05
C ALA C 135 -30.18 9.90 31.42
N ILE C 136 -28.88 9.75 31.15
CA ILE C 136 -28.25 8.44 31.32
C ILE C 136 -28.11 8.08 32.80
N VAL C 137 -27.88 9.07 33.66
CA VAL C 137 -27.67 8.78 35.09
C VAL C 137 -29.01 8.70 35.81
N ASN C 138 -30.11 8.73 35.07
CA ASN C 138 -31.42 8.53 35.66
C ASN C 138 -31.96 7.12 35.45
N ILE C 139 -31.23 6.29 34.71
CA ILE C 139 -31.64 4.90 34.49
C ILE C 139 -31.19 4.07 35.69
N ALA C 140 -32.14 3.43 36.37
CA ALA C 140 -31.86 2.65 37.55
C ALA C 140 -32.22 1.19 37.31
N ASP C 141 -31.60 0.31 38.10
CA ASP C 141 -31.95 -1.10 38.07
C ASP C 141 -33.38 -1.30 38.53
N GLU C 142 -34.02 -2.36 38.01
CA GLU C 142 -35.39 -2.70 38.37
C GLU C 142 -35.46 -4.15 38.80
N GLU C 143 -36.14 -4.40 39.91
CA GLU C 143 -36.40 -5.76 40.37
C GLU C 143 -37.69 -6.27 39.71
N ILE C 144 -37.72 -7.57 39.44
CA ILE C 144 -38.87 -8.22 38.81
C ILE C 144 -39.45 -9.22 39.78
N LYS C 145 -40.77 -9.20 39.93
CA LYS C 145 -41.45 -10.08 40.86
C LYS C 145 -41.36 -11.53 40.41
N ASP C 146 -41.02 -12.43 41.32
CA ASP C 146 -41.05 -13.86 41.09
C ASP C 146 -42.36 -14.40 41.68
N ASN C 147 -43.23 -14.91 40.79
CA ASN C 147 -44.55 -15.35 41.23
C ASN C 147 -44.47 -16.58 42.13
N GLU C 148 -43.45 -17.40 41.96
CA GLU C 148 -43.32 -18.63 42.74
C GLU C 148 -42.58 -18.43 44.05
N GLY C 149 -41.79 -17.36 44.18
CA GLY C 149 -41.07 -17.09 45.40
C GLY C 149 -39.79 -17.86 45.59
N THR C 150 -39.24 -18.42 44.52
CA THR C 150 -38.02 -19.22 44.61
C THR C 150 -36.76 -18.46 44.23
N HIS C 151 -36.88 -17.32 43.56
CA HIS C 151 -35.73 -16.59 43.05
C HIS C 151 -35.95 -15.09 43.18
N SER C 152 -34.86 -14.35 43.11
CA SER C 152 -34.88 -12.90 42.93
C SER C 152 -34.34 -12.57 41.54
N HIS C 153 -34.84 -11.47 40.97
CA HIS C 153 -34.48 -11.07 39.61
C HIS C 153 -34.20 -9.58 39.57
N VAL C 154 -33.03 -9.22 39.06
CA VAL C 154 -32.64 -7.82 38.89
C VAL C 154 -32.42 -7.57 37.40
N LEU C 155 -33.17 -6.61 36.86
CA LEU C 155 -33.05 -6.22 35.47
C LEU C 155 -32.24 -4.93 35.39
N SER C 156 -31.17 -4.95 34.59
CA SER C 156 -30.31 -3.80 34.41
C SER C 156 -30.11 -3.54 32.92
N ARG C 157 -29.40 -2.46 32.61
CA ARG C 157 -29.10 -2.07 31.23
C ARG C 157 -27.64 -1.69 31.11
N GLU C 158 -27.01 -2.10 30.01
CA GLU C 158 -25.59 -1.94 29.80
C GLU C 158 -25.35 -1.44 28.38
N PRO C 159 -24.17 -0.87 28.11
CA PRO C 159 -23.84 -0.50 26.73
C PRO C 159 -23.82 -1.70 25.81
N VAL C 160 -24.33 -1.52 24.59
CA VAL C 160 -24.50 -2.67 23.70
C VAL C 160 -23.22 -2.99 22.94
N GLY C 161 -22.52 -1.99 22.42
CA GLY C 161 -21.33 -2.23 21.63
C GLY C 161 -20.96 -1.00 20.81
N VAL C 162 -20.27 -1.25 19.70
CA VAL C 162 -19.87 -0.18 18.79
C VAL C 162 -21.07 0.23 17.94
N ALA C 163 -21.23 1.54 17.74
CA ALA C 163 -22.32 2.09 16.95
C ALA C 163 -21.77 2.83 15.74
N ALA C 164 -22.47 2.72 14.62
CA ALA C 164 -22.10 3.40 13.38
C ALA C 164 -23.30 4.16 12.83
N ALA C 165 -23.06 5.39 12.39
CA ALA C 165 -24.13 6.30 11.99
C ALA C 165 -23.85 6.88 10.61
N PHE C 166 -24.86 6.84 9.74
CA PHE C 166 -24.84 7.51 8.44
C PHE C 166 -25.88 8.63 8.47
N LEU C 167 -25.43 9.86 8.20
CA LEU C 167 -26.22 11.06 8.45
C LEU C 167 -26.57 11.78 7.15
N ALA C 168 -27.84 12.15 7.01
CA ALA C 168 -28.27 12.98 5.89
C ALA C 168 -27.70 14.39 6.00
N TRP C 169 -27.69 15.10 4.88
CA TRP C 169 -27.04 16.40 4.78
C TRP C 169 -27.94 17.57 5.13
N ASN C 170 -29.26 17.39 5.21
CA ASN C 170 -30.15 18.54 5.33
C ASN C 170 -29.98 19.27 6.66
N PHE C 171 -29.58 18.56 7.72
CA PHE C 171 -29.25 19.17 9.00
C PHE C 171 -27.97 18.52 9.50
N PRO C 172 -26.80 19.05 9.09
CA PRO C 172 -25.54 18.34 9.39
C PRO C 172 -25.26 18.19 10.87
N LEU C 173 -25.42 19.27 11.65
CA LEU C 173 -25.12 19.21 13.07
C LEU C 173 -26.29 18.71 13.91
N LEU C 174 -27.53 18.99 13.49
CA LEU C 174 -28.68 18.45 14.20
C LEU C 174 -28.75 16.93 14.09
N ASN C 175 -28.48 16.40 12.89
CA ASN C 175 -28.51 14.95 12.70
C ASN C 175 -27.37 14.27 13.45
N LEU C 176 -26.19 14.87 13.44
CA LEU C 176 -25.08 14.36 14.25
C LEU C 176 -25.44 14.35 15.73
N ALA C 177 -26.12 15.40 16.20
CA ALA C 177 -26.51 15.49 17.60
C ALA C 177 -27.45 14.36 17.99
N TYR C 178 -28.31 13.92 17.07
CA TYR C 178 -29.28 12.88 17.38
C TYR C 178 -28.63 11.54 17.64
N LYS C 179 -27.38 11.35 17.22
CA LYS C 179 -26.64 10.12 17.45
C LYS C 179 -25.47 10.29 18.40
N LEU C 180 -24.75 11.41 18.31
CA LEU C 180 -23.58 11.63 19.17
C LEU C 180 -23.98 11.74 20.64
N GLY C 181 -25.11 12.37 20.92
CA GLY C 181 -25.61 12.49 22.27
C GLY C 181 -25.87 11.14 22.93
N PRO C 182 -26.80 10.36 22.36
CA PRO C 182 -27.10 9.05 22.97
C PRO C 182 -25.93 8.07 22.96
N ALA C 183 -25.10 8.08 21.91
CA ALA C 183 -24.00 7.13 21.83
C ALA C 183 -22.99 7.36 22.95
N MET C 184 -22.60 8.63 23.15
CA MET C 184 -21.64 8.93 24.21
C MET C 184 -22.20 8.62 25.58
N ALA C 185 -23.46 8.99 25.83
CA ALA C 185 -24.07 8.74 27.13
C ALA C 185 -24.14 7.25 27.42
N ALA C 186 -24.50 6.44 26.43
CA ALA C 186 -24.70 5.01 26.60
C ALA C 186 -23.41 4.21 26.49
N GLY C 187 -22.25 4.86 26.51
CA GLY C 187 -21.00 4.14 26.52
C GLY C 187 -20.72 3.34 25.26
N CYS C 188 -21.23 3.79 24.12
CA CYS C 188 -21.08 3.07 22.86
C CYS C 188 -20.13 3.83 21.95
N PRO C 189 -18.91 3.34 21.72
CA PRO C 189 -18.00 4.04 20.81
C PRO C 189 -18.66 4.22 19.45
N LEU C 190 -18.50 5.41 18.87
CA LEU C 190 -19.27 5.85 17.72
C LEU C 190 -18.37 6.06 16.51
N VAL C 191 -18.78 5.52 15.38
CA VAL C 191 -18.15 5.78 14.09
C VAL C 191 -19.17 6.53 13.24
N VAL C 192 -18.87 7.79 12.92
CA VAL C 192 -19.80 8.68 12.24
C VAL C 192 -19.34 8.88 10.81
N LYS C 193 -20.27 8.72 9.86
CA LYS C 193 -20.04 9.02 8.45
C LYS C 193 -20.97 10.13 8.04
N PRO C 194 -20.53 11.39 8.09
CA PRO C 194 -21.35 12.48 7.57
C PRO C 194 -21.47 12.39 6.07
N SER C 195 -22.45 13.10 5.53
CA SER C 195 -22.63 13.14 4.08
C SER C 195 -21.42 13.79 3.43
N SER C 196 -21.01 13.25 2.29
CA SER C 196 -19.94 13.88 1.53
C SER C 196 -20.34 15.28 1.05
N LYS C 197 -21.63 15.57 1.02
CA LYS C 197 -22.08 16.90 0.62
C LYS C 197 -21.80 17.93 1.70
N THR C 198 -21.95 17.55 2.97
CA THR C 198 -21.81 18.47 4.10
C THR C 198 -20.96 17.83 5.20
N PRO C 199 -19.66 17.65 4.96
CA PRO C 199 -18.81 17.00 5.97
C PRO C 199 -18.03 17.99 6.82
N LEU C 200 -18.02 19.27 6.44
CA LEU C 200 -17.15 20.24 7.09
C LEU C 200 -17.52 20.47 8.54
N SER C 201 -18.81 20.54 8.85
CA SER C 201 -19.24 20.80 10.22
C SER C 201 -19.00 19.60 11.13
N ALA C 202 -19.12 18.38 10.61
CA ALA C 202 -18.84 17.19 11.42
C ALA C 202 -17.35 17.06 11.69
N TYR C 203 -16.52 17.32 10.67
CA TYR C 203 -15.07 17.30 10.88
C TYR C 203 -14.64 18.33 11.93
N ALA C 204 -15.33 19.47 11.99
CA ALA C 204 -14.98 20.48 12.99
C ALA C 204 -15.28 20.00 14.40
N VAL C 205 -16.36 19.23 14.57
CA VAL C 205 -16.63 18.61 15.87
C VAL C 205 -15.54 17.59 16.19
N GLY C 206 -15.06 16.87 15.18
CA GLY C 206 -13.95 15.95 15.40
C GLY C 206 -12.73 16.68 15.95
N GLU C 207 -12.44 17.87 15.43
CA GLU C 207 -11.33 18.65 15.95
C GLU C 207 -11.56 19.07 17.40
N LEU C 208 -12.82 19.34 17.75
CA LEU C 208 -13.15 19.69 19.13
C LEU C 208 -12.98 18.49 20.06
N CYS C 209 -13.31 17.29 19.58
CA CYS C 209 -13.09 16.09 20.39
C CYS C 209 -11.61 15.86 20.63
N GLU C 210 -10.78 16.12 19.61
CA GLU C 210 -9.33 16.00 19.80
C GLU C 210 -8.79 17.12 20.70
N GLN C 211 -9.39 18.31 20.62
CA GLN C 211 -8.89 19.45 21.39
C GLN C 211 -9.09 19.24 22.89
N ILE C 212 -10.21 18.63 23.29
CA ILE C 212 -10.46 18.37 24.70
C ILE C 212 -9.86 17.05 25.18
N GLY C 213 -9.21 16.31 24.30
CA GLY C 213 -8.57 15.07 24.69
C GLY C 213 -9.51 13.91 24.94
N LEU C 214 -10.56 13.79 24.13
CA LEU C 214 -11.49 12.68 24.28
C LEU C 214 -10.76 11.36 24.14
N PRO C 215 -11.12 10.34 24.93
CA PRO C 215 -10.43 9.05 24.85
C PRO C 215 -10.48 8.49 23.43
N ALA C 216 -9.36 7.93 23.00
CA ALA C 216 -9.20 7.47 21.62
C ALA C 216 -10.23 6.40 21.29
N GLY C 217 -10.86 6.54 20.13
CA GLY C 217 -11.84 5.59 19.65
C GLY C 217 -13.26 5.84 20.09
N VAL C 218 -13.47 6.67 21.11
CA VAL C 218 -14.82 6.93 21.62
C VAL C 218 -15.68 7.57 20.54
N VAL C 219 -15.14 8.57 19.84
CA VAL C 219 -15.80 9.18 18.70
C VAL C 219 -14.83 9.15 17.52
N ASN C 220 -15.36 8.80 16.35
CA ASN C 220 -14.58 8.79 15.11
C ASN C 220 -15.44 9.37 13.99
N ILE C 221 -14.88 10.32 13.24
CA ILE C 221 -15.61 11.00 12.18
C ILE C 221 -14.81 10.89 10.89
N LEU C 222 -15.47 10.43 9.82
CA LEU C 222 -14.79 10.22 8.55
C LEU C 222 -15.82 10.21 7.41
N SER C 223 -15.37 10.65 6.24
CA SER C 223 -16.23 10.75 5.07
C SER C 223 -15.56 10.05 3.89
N GLY C 224 -16.37 9.46 3.03
CA GLY C 224 -15.83 8.74 1.88
C GLY C 224 -16.95 8.20 1.00
N MET C 225 -16.54 7.44 -0.01
CA MET C 225 -17.48 6.91 -0.98
C MET C 225 -18.40 5.87 -0.35
N ASP C 226 -19.64 5.82 -0.85
CA ASP C 226 -20.64 4.93 -0.27
C ASP C 226 -20.35 3.47 -0.56
N SER C 227 -19.97 3.15 -1.80
CA SER C 227 -19.77 1.76 -2.19
C SER C 227 -18.52 1.15 -1.56
N THR C 228 -17.59 1.98 -1.10
CA THR C 228 -16.36 1.50 -0.49
C THR C 228 -16.39 1.71 1.03
N VAL C 229 -16.33 2.95 1.49
CA VAL C 229 -16.28 3.23 2.93
C VAL C 229 -17.61 2.89 3.58
N GLY C 230 -18.71 3.34 2.98
CA GLY C 230 -20.02 3.11 3.58
C GLY C 230 -20.35 1.63 3.71
N ASP C 231 -20.15 0.86 2.64
CA ASP C 231 -20.46 -0.56 2.66
C ASP C 231 -19.48 -1.33 3.53
N ALA C 232 -18.24 -0.84 3.69
CA ALA C 232 -17.30 -1.50 4.58
C ALA C 232 -17.71 -1.34 6.04
N ILE C 233 -18.31 -0.20 6.38
CA ILE C 233 -18.78 0.00 7.75
C ILE C 233 -19.98 -0.89 8.05
N SER C 234 -20.92 -0.96 7.10
CA SER C 234 -22.10 -1.81 7.31
C SER C 234 -21.74 -3.29 7.33
N ALA C 235 -20.88 -3.73 6.41
CA ALA C 235 -20.57 -5.15 6.30
C ALA C 235 -19.61 -5.63 7.38
N SER C 236 -18.92 -4.73 8.06
CA SER C 236 -18.03 -5.11 9.16
C SER C 236 -18.82 -5.83 10.24
N THR C 237 -18.19 -6.81 10.88
CA THR C 237 -18.80 -7.54 11.99
C THR C 237 -18.57 -6.85 13.33
N ILE C 238 -17.99 -5.65 13.33
CA ILE C 238 -17.67 -4.94 14.56
C ILE C 238 -18.87 -4.19 15.11
N PRO C 239 -19.58 -3.37 14.33
CA PRO C 239 -20.68 -2.59 14.92
C PRO C 239 -21.81 -3.47 15.42
N SER C 240 -22.32 -3.15 16.61
CA SER C 240 -23.54 -3.76 17.13
C SER C 240 -24.79 -3.00 16.74
N VAL C 241 -24.68 -1.71 16.44
CA VAL C 241 -25.80 -0.88 16.02
C VAL C 241 -25.42 -0.17 14.72
N LEU C 242 -26.30 -0.23 13.74
CA LEU C 242 -26.22 0.57 12.52
C LEU C 242 -27.40 1.51 12.50
N THR C 243 -27.14 2.81 12.44
CA THR C 243 -28.22 3.79 12.45
C THR C 243 -28.08 4.72 11.25
N LEU C 244 -29.22 5.07 10.65
CA LEU C 244 -29.24 5.84 9.42
C LEU C 244 -30.33 6.88 9.46
N ILE C 245 -29.96 8.12 9.11
CA ILE C 245 -30.90 9.19 8.82
C ILE C 245 -30.80 9.46 7.32
N GLY C 246 -31.79 9.01 6.56
CA GLY C 246 -31.69 9.14 5.12
C GLY C 246 -32.87 8.51 4.39
N SER C 247 -32.59 8.05 3.17
CA SER C 247 -33.63 7.56 2.28
C SER C 247 -34.08 6.15 2.67
N THR C 248 -35.29 5.80 2.24
CA THR C 248 -35.81 4.46 2.48
C THR C 248 -35.01 3.40 1.73
N ASN C 249 -34.66 3.68 0.47
CA ASN C 249 -33.93 2.70 -0.33
C ASN C 249 -32.54 2.44 0.24
N VAL C 250 -31.83 3.50 0.61
CA VAL C 250 -30.54 3.33 1.29
C VAL C 250 -30.73 2.55 2.59
N GLY C 251 -31.86 2.78 3.27
CA GLY C 251 -32.13 2.04 4.48
C GLY C 251 -32.22 0.54 4.25
N LYS C 252 -32.92 0.14 3.18
CA LYS C 252 -32.97 -1.28 2.83
C LYS C 252 -31.58 -1.81 2.49
N HIS C 253 -30.79 -1.02 1.75
CA HIS C 253 -29.45 -1.45 1.37
C HIS C 253 -28.58 -1.68 2.60
N VAL C 254 -28.68 -0.80 3.60
CA VAL C 254 -27.87 -0.94 4.81
C VAL C 254 -28.25 -2.20 5.57
N ILE C 255 -29.55 -2.49 5.64
CA ILE C 255 -30.02 -3.69 6.33
C ILE C 255 -29.43 -4.94 5.70
N ALA C 256 -29.55 -5.06 4.37
CA ALA C 256 -29.02 -6.23 3.68
C ALA C 256 -27.51 -6.29 3.80
N THR C 257 -26.83 -5.17 3.57
CA THR C 257 -25.37 -5.14 3.62
C THR C 257 -24.86 -5.50 5.01
N GLY C 258 -25.53 -5.03 6.05
CA GLY C 258 -25.09 -5.29 7.40
C GLY C 258 -25.36 -6.68 7.92
N ALA C 259 -25.95 -7.56 7.12
CA ALA C 259 -26.34 -8.89 7.57
C ALA C 259 -25.17 -9.88 7.66
N THR C 260 -23.93 -9.40 7.57
CA THR C 260 -22.78 -10.28 7.81
C THR C 260 -22.67 -10.67 9.28
N SER C 261 -23.38 -9.98 10.17
CA SER C 261 -23.50 -10.36 11.56
C SER C 261 -24.88 -9.91 12.05
N ILE C 262 -25.16 -10.17 13.31
CA ILE C 262 -26.42 -9.75 13.92
C ILE C 262 -26.24 -8.33 14.43
N LYS C 263 -27.11 -7.42 13.96
CA LYS C 263 -27.00 -6.01 14.30
C LYS C 263 -28.37 -5.43 14.59
N ARG C 264 -28.40 -4.40 15.43
CA ARG C 264 -29.59 -3.59 15.61
C ARG C 264 -29.63 -2.51 14.53
N TYR C 265 -30.81 -2.27 13.97
CA TYR C 265 -31.00 -1.24 12.97
C TYR C 265 -31.90 -0.15 13.53
N SER C 266 -31.37 1.07 13.59
CA SER C 266 -32.09 2.24 14.12
C SER C 266 -32.18 3.27 13.01
N MET C 267 -33.28 3.27 12.26
CA MET C 267 -33.36 4.01 11.02
C MET C 267 -34.54 4.98 11.03
N GLU C 268 -34.27 6.21 10.59
CA GLU C 268 -35.27 7.26 10.42
C GLU C 268 -35.25 7.63 8.94
N LEU C 269 -36.25 7.17 8.20
CA LEU C 269 -36.17 7.16 6.74
C LEU C 269 -37.12 8.18 6.11
N GLY C 270 -37.49 7.94 4.86
CA GLY C 270 -38.24 8.95 4.10
C GLY C 270 -39.68 9.08 4.54
N GLY C 271 -40.25 10.24 4.21
CA GLY C 271 -41.63 10.54 4.54
C GLY C 271 -42.40 11.02 3.32
N ASN C 272 -43.71 11.16 3.51
CA ASN C 272 -44.65 11.68 2.51
C ASN C 272 -45.86 12.20 3.29
N ALA C 273 -45.66 13.34 3.95
CA ALA C 273 -46.59 13.82 4.96
C ALA C 273 -47.83 14.44 4.31
N PRO C 274 -49.03 14.00 4.70
CA PRO C 274 -50.24 14.71 4.29
C PRO C 274 -50.63 15.80 5.28
N ALA C 275 -51.09 16.92 4.75
CA ALA C 275 -51.61 18.04 5.54
C ALA C 275 -53.05 18.29 5.14
N ILE C 276 -53.97 18.14 6.07
CA ILE C 276 -55.41 18.18 5.80
C ILE C 276 -55.98 19.45 6.42
N VAL C 277 -56.32 20.41 5.57
CA VAL C 277 -56.90 21.69 5.99
C VAL C 277 -58.41 21.57 5.87
N CYS C 278 -59.09 21.35 6.99
CA CYS C 278 -60.52 21.07 6.97
C CYS C 278 -61.31 22.34 6.70
N SER C 279 -62.64 22.18 6.57
CA SER C 279 -63.50 23.32 6.24
C SER C 279 -63.62 24.30 7.39
N ASP C 280 -63.41 23.85 8.63
CA ASP C 280 -63.57 24.70 9.81
C ASP C 280 -62.23 25.13 10.41
N ALA C 281 -61.16 25.05 9.63
CA ALA C 281 -59.83 25.32 10.16
C ALA C 281 -59.54 26.82 10.23
N ASN C 282 -58.69 27.19 11.18
CA ASN C 282 -58.09 28.52 11.19
C ASN C 282 -57.17 28.63 9.98
N LEU C 283 -57.66 29.25 8.91
CA LEU C 283 -56.91 29.28 7.67
C LEU C 283 -55.62 30.08 7.78
N ASP C 284 -55.61 31.11 8.62
CA ASP C 284 -54.40 31.92 8.77
C ASP C 284 -53.33 31.15 9.53
N ASN C 285 -53.72 30.38 10.55
CA ASN C 285 -52.76 29.55 11.26
C ASN C 285 -52.24 28.43 10.37
N ALA C 286 -53.13 27.76 9.64
CA ALA C 286 -52.71 26.67 8.76
C ALA C 286 -51.74 27.17 7.69
N ALA C 287 -51.99 28.36 7.14
CA ALA C 287 -51.09 28.91 6.14
C ALA C 287 -49.72 29.23 6.74
N ASP C 288 -49.71 29.82 7.94
CA ASP C 288 -48.45 30.17 8.59
C ASP C 288 -47.62 28.93 8.90
N VAL C 289 -48.26 27.89 9.42
CA VAL C 289 -47.53 26.67 9.79
C VAL C 289 -46.99 25.98 8.54
N ILE C 290 -47.85 25.76 7.56
CA ILE C 290 -47.47 24.98 6.37
C ILE C 290 -46.37 25.70 5.61
N CYS C 291 -46.53 27.01 5.37
CA CYS C 291 -45.53 27.76 4.62
C CYS C 291 -44.23 27.91 5.40
N GLY C 292 -44.32 27.97 6.74
CA GLY C 292 -43.11 28.13 7.53
C GLY C 292 -42.17 26.94 7.41
N VAL C 293 -42.74 25.73 7.35
CA VAL C 293 -41.90 24.53 7.27
C VAL C 293 -41.66 24.08 5.83
N LYS C 294 -42.50 24.48 4.88
CA LYS C 294 -42.27 24.12 3.49
C LYS C 294 -41.18 24.95 2.82
N PHE C 295 -40.86 26.12 3.37
CA PHE C 295 -39.82 26.96 2.79
C PHE C 295 -38.57 27.06 3.65
N ALA C 296 -38.67 26.77 4.94
CA ALA C 296 -37.47 26.64 5.76
C ALA C 296 -36.62 25.48 5.25
N ASN C 297 -35.30 25.71 5.17
CA ASN C 297 -34.36 24.74 4.63
C ASN C 297 -34.72 24.33 3.21
N ALA C 298 -35.35 25.25 2.45
CA ALA C 298 -35.80 24.98 1.08
C ALA C 298 -36.71 23.76 1.02
N GLY C 299 -37.46 23.51 2.09
CA GLY C 299 -38.31 22.34 2.14
C GLY C 299 -37.60 21.02 2.30
N GLN C 300 -36.28 21.04 2.51
CA GLN C 300 -35.51 19.81 2.70
C GLN C 300 -35.60 19.36 4.15
N ILE C 301 -36.83 19.06 4.57
CA ILE C 301 -37.17 18.68 5.93
C ILE C 301 -38.03 17.42 5.85
N CYS C 302 -37.71 16.43 6.68
CA CYS C 302 -38.40 15.15 6.61
C CYS C 302 -39.84 15.22 7.10
N VAL C 303 -40.16 16.18 7.97
CA VAL C 303 -41.50 16.27 8.55
C VAL C 303 -42.37 17.31 7.87
N THR C 304 -41.85 18.01 6.87
CA THR C 304 -42.64 19.00 6.16
C THR C 304 -43.77 18.31 5.38
N PRO C 305 -44.88 19.01 5.14
CA PRO C 305 -45.96 18.42 4.35
C PRO C 305 -45.51 18.17 2.91
N ASN C 306 -46.01 17.07 2.35
CA ASN C 306 -45.76 16.72 0.96
C ASN C 306 -47.00 16.76 0.09
N ARG C 307 -48.18 16.54 0.68
CA ARG C 307 -49.46 16.62 -0.02
C ARG C 307 -50.41 17.42 0.85
N VAL C 308 -50.74 18.64 0.43
CA VAL C 308 -51.59 19.55 1.19
C VAL C 308 -53.01 19.39 0.68
N PHE C 309 -53.84 18.67 1.44
CA PHE C 309 -55.24 18.51 1.10
C PHE C 309 -56.05 19.68 1.65
N VAL C 310 -56.83 20.31 0.78
CA VAL C 310 -57.61 21.49 1.14
C VAL C 310 -59.07 21.24 0.80
N HIS C 311 -59.97 21.60 1.73
CA HIS C 311 -61.39 21.39 1.51
C HIS C 311 -61.90 22.30 0.39
N GLU C 312 -62.96 21.84 -0.27
CA GLU C 312 -63.52 22.57 -1.41
C GLU C 312 -64.00 23.97 -1.00
N SER C 313 -64.60 24.09 0.19
CA SER C 313 -65.27 25.32 0.56
C SER C 313 -64.29 26.45 0.86
N VAL C 314 -63.06 26.12 1.26
CA VAL C 314 -62.07 27.13 1.63
C VAL C 314 -60.84 27.08 0.75
N ALA C 315 -60.92 26.37 -0.39
CA ALA C 315 -59.74 26.19 -1.23
C ALA C 315 -59.25 27.52 -1.80
N ASP C 316 -60.16 28.29 -2.40
CA ASP C 316 -59.75 29.53 -3.06
C ASP C 316 -59.21 30.55 -2.07
N GLU C 317 -59.74 30.57 -0.84
CA GLU C 317 -59.24 31.49 0.16
C GLU C 317 -57.91 31.03 0.76
N PHE C 318 -57.74 29.72 0.92
CA PHE C 318 -56.49 29.20 1.47
C PHE C 318 -55.34 29.39 0.49
N ILE C 319 -55.60 29.21 -0.81
CA ILE C 319 -54.54 29.39 -1.81
C ILE C 319 -54.04 30.84 -1.80
N GLU C 320 -54.94 31.80 -1.64
CA GLU C 320 -54.53 33.20 -1.60
C GLU C 320 -53.64 33.49 -0.40
N LYS C 321 -53.95 32.87 0.74
CA LYS C 321 -53.10 33.06 1.93
C LYS C 321 -51.73 32.44 1.72
N VAL C 322 -51.65 31.31 1.00
CA VAL C 322 -50.38 30.66 0.77
C VAL C 322 -49.52 31.48 -0.20
N LEU C 323 -50.15 32.04 -1.23
CA LEU C 323 -49.40 32.80 -2.23
C LEU C 323 -48.78 34.06 -1.62
N THR C 324 -49.51 34.71 -0.71
CA THR C 324 -48.99 35.92 -0.07
C THR C 324 -47.74 35.62 0.75
N ARG C 325 -47.74 34.51 1.49
CA ARG C 325 -46.58 34.15 2.28
C ARG C 325 -45.42 33.68 1.42
N ALA C 326 -45.73 32.93 0.35
CA ALA C 326 -44.68 32.41 -0.51
C ALA C 326 -43.96 33.53 -1.25
N LYS C 327 -44.67 34.61 -1.61
CA LYS C 327 -44.01 35.72 -2.28
C LYS C 327 -43.12 36.52 -1.35
N ALA C 328 -43.40 36.49 -0.04
CA ALA C 328 -42.64 37.25 0.93
C ALA C 328 -41.38 36.53 1.40
N VAL C 329 -41.11 35.33 0.89
CA VAL C 329 -39.90 34.59 1.30
C VAL C 329 -38.67 35.28 0.71
N LYS C 330 -37.72 35.60 1.58
CA LYS C 330 -36.46 36.20 1.16
C LYS C 330 -35.48 35.07 0.81
N VAL C 331 -35.14 34.96 -0.47
CA VAL C 331 -34.29 33.89 -0.97
C VAL C 331 -32.94 34.48 -1.35
N GLY C 332 -31.86 33.82 -0.93
CA GLY C 332 -30.52 34.29 -1.25
C GLY C 332 -29.47 33.57 -0.43
N PHE C 333 -28.30 34.20 -0.36
CA PHE C 333 -27.17 33.65 0.40
C PHE C 333 -26.31 34.82 0.88
N ASP C 334 -26.52 35.23 2.13
CA ASP C 334 -25.78 36.35 2.71
C ASP C 334 -26.04 36.41 4.22
N LYS C 335 -25.01 36.16 5.02
CA LYS C 335 -25.20 36.14 6.47
C LYS C 335 -25.53 37.51 7.05
N ASN C 336 -25.25 38.58 6.31
CA ASN C 336 -25.55 39.93 6.79
C ASN C 336 -26.99 40.35 6.51
N GLU C 337 -27.76 39.54 5.79
CA GLU C 337 -29.14 39.85 5.45
C GLU C 337 -30.07 38.78 6.03
N ALA C 338 -31.30 39.19 6.30
CA ALA C 338 -32.32 38.30 6.86
C ALA C 338 -32.84 37.41 5.74
N ILE C 339 -32.17 36.28 5.53
CA ILE C 339 -32.50 35.35 4.46
C ILE C 339 -33.33 34.22 5.04
N ASP C 340 -34.51 33.99 4.46
CA ASP C 340 -35.37 32.90 4.93
C ASP C 340 -35.01 31.58 4.28
N MET C 341 -34.66 31.59 3.00
CA MET C 341 -34.48 30.36 2.24
C MET C 341 -33.23 30.46 1.37
N GLY C 342 -32.45 29.37 1.35
CA GLY C 342 -31.30 29.28 0.49
C GLY C 342 -31.57 28.39 -0.71
N PRO C 343 -30.50 27.93 -1.36
CA PRO C 343 -30.66 26.99 -2.47
C PRO C 343 -30.86 25.57 -1.97
N VAL C 344 -31.11 24.67 -2.92
CA VAL C 344 -31.16 23.25 -2.59
C VAL C 344 -29.75 22.69 -2.71
N MET C 345 -29.59 21.40 -2.38
CA MET C 345 -28.27 20.87 -2.08
C MET C 345 -27.35 20.86 -3.30
N ASP C 346 -27.83 20.38 -4.45
CA ASP C 346 -26.97 20.21 -5.60
C ASP C 346 -27.81 20.18 -6.87
N ALA C 347 -27.13 20.00 -8.01
CA ALA C 347 -27.81 20.00 -9.30
C ALA C 347 -28.74 18.80 -9.43
N ASN C 348 -28.37 17.66 -8.85
CA ASN C 348 -29.24 16.49 -8.91
C ASN C 348 -30.57 16.75 -8.22
N SER C 349 -30.53 17.44 -7.07
CA SER C 349 -31.77 17.76 -6.36
C SER C 349 -32.61 18.76 -7.14
N TRP C 350 -31.97 19.80 -7.68
CA TRP C 350 -32.69 20.80 -8.47
C TRP C 350 -33.43 20.15 -9.63
N GLN C 351 -32.73 19.31 -10.40
CA GLN C 351 -33.34 18.67 -11.56
C GLN C 351 -34.46 17.72 -11.14
N ARG C 352 -34.28 17.01 -10.02
CA ARG C 352 -35.31 16.08 -9.56
C ARG C 352 -36.59 16.82 -9.18
N ILE C 353 -36.45 17.95 -8.46
CA ILE C 353 -37.63 18.73 -8.07
C ILE C 353 -38.31 19.32 -9.29
N ASP C 354 -37.53 19.92 -10.19
CA ASP C 354 -38.11 20.51 -11.40
C ASP C 354 -38.80 19.48 -12.26
N GLU C 355 -38.28 18.25 -12.31
CA GLU C 355 -38.95 17.20 -13.07
C GLU C 355 -40.27 16.79 -12.42
N LEU C 356 -40.39 16.92 -11.10
CA LEU C 356 -41.66 16.67 -10.44
C LEU C 356 -42.66 17.78 -10.72
N VAL C 357 -42.18 19.03 -10.84
CA VAL C 357 -43.07 20.14 -11.14
C VAL C 357 -43.50 20.08 -12.61
N LYS C 358 -42.55 19.85 -13.51
CA LYS C 358 -42.87 19.80 -14.93
C LYS C 358 -43.81 18.65 -15.25
N ASP C 359 -43.62 17.49 -14.60
CA ASP C 359 -44.50 16.36 -14.83
C ASP C 359 -45.90 16.63 -14.29
N ALA C 360 -46.02 17.38 -13.19
CA ALA C 360 -47.33 17.71 -12.66
C ALA C 360 -48.10 18.60 -13.63
N GLN C 361 -47.43 19.61 -14.19
CA GLN C 361 -48.09 20.52 -15.12
C GLN C 361 -48.58 19.77 -16.36
N GLN C 362 -47.74 18.91 -16.92
CA GLN C 362 -48.14 18.15 -18.11
C GLN C 362 -49.28 17.18 -17.82
N ASN C 363 -49.69 17.03 -16.56
CA ASN C 363 -50.82 16.17 -16.20
C ASN C 363 -52.01 16.96 -15.67
N GLY C 364 -51.99 18.29 -15.78
CA GLY C 364 -53.14 19.11 -15.46
C GLY C 364 -52.95 20.03 -14.27
N ALA C 365 -51.90 19.87 -13.48
CA ALA C 365 -51.70 20.72 -12.32
C ALA C 365 -51.39 22.15 -12.75
N GLN C 366 -52.01 23.12 -12.08
CA GLN C 366 -51.81 24.52 -12.38
C GLN C 366 -50.68 25.08 -11.53
N LEU C 367 -49.67 25.64 -12.20
CA LEU C 367 -48.55 26.27 -11.50
C LEU C 367 -48.92 27.72 -11.21
N GLN C 368 -49.10 28.03 -9.94
CA GLN C 368 -49.50 29.37 -9.54
C GLN C 368 -48.31 30.28 -9.27
N LEU C 369 -47.16 29.72 -8.92
CA LEU C 369 -46.02 30.53 -8.52
C LEU C 369 -44.76 29.68 -8.55
N GLY C 370 -43.64 30.28 -8.94
CA GLY C 370 -42.36 29.60 -8.90
C GLY C 370 -42.13 28.61 -10.01
N GLY C 371 -41.52 27.47 -9.68
CA GLY C 371 -41.21 26.47 -10.68
C GLY C 371 -40.03 26.81 -11.55
N LYS C 372 -39.08 27.59 -11.05
CA LYS C 372 -37.96 28.06 -11.85
C LYS C 372 -36.90 28.65 -10.93
N LYS C 373 -35.69 28.77 -11.47
CA LYS C 373 -34.64 29.50 -10.77
C LYS C 373 -34.96 31.00 -10.81
N PRO C 374 -34.63 31.73 -9.74
CA PRO C 374 -34.84 33.19 -9.77
C PRO C 374 -34.18 33.84 -10.97
N THR C 375 -34.73 34.98 -11.37
CA THR C 375 -34.33 35.68 -12.59
C THR C 375 -32.83 35.97 -12.62
N GLY C 376 -32.09 35.20 -13.43
CA GLY C 376 -30.67 35.42 -13.64
C GLY C 376 -29.85 35.46 -12.37
N VAL C 377 -29.58 34.28 -11.79
CA VAL C 377 -28.79 34.18 -10.57
C VAL C 377 -27.98 32.90 -10.61
N ASN C 378 -26.90 32.87 -9.84
CA ASN C 378 -26.04 31.70 -9.75
C ASN C 378 -26.51 30.78 -8.63
N GLY C 379 -26.16 29.50 -8.76
CA GLY C 379 -26.48 28.51 -7.75
C GLY C 379 -27.75 27.75 -8.03
N TYR C 380 -27.99 26.73 -7.22
CA TYR C 380 -29.15 25.85 -7.37
C TYR C 380 -30.33 26.36 -6.55
N PHE C 381 -30.70 27.61 -6.82
CA PHE C 381 -31.86 28.21 -6.18
C PHE C 381 -33.12 27.81 -6.92
N TYR C 382 -34.13 27.36 -6.17
CA TYR C 382 -35.45 27.05 -6.71
C TYR C 382 -36.47 27.92 -5.99
N GLU C 383 -37.18 28.75 -6.75
CA GLU C 383 -38.11 29.70 -6.16
C GLU C 383 -39.19 28.98 -5.35
N PRO C 384 -39.77 29.65 -4.36
CA PRO C 384 -40.95 29.09 -3.68
C PRO C 384 -42.05 28.81 -4.69
N THR C 385 -42.54 27.57 -4.68
CA THR C 385 -43.43 27.07 -5.72
C THR C 385 -44.75 26.62 -5.10
N VAL C 386 -45.86 27.04 -5.72
CA VAL C 386 -47.20 26.64 -5.31
C VAL C 386 -47.90 25.99 -6.50
N LEU C 387 -48.36 24.76 -6.31
CA LEU C 387 -49.04 24.00 -7.34
C LEU C 387 -50.46 23.67 -6.88
N THR C 388 -51.41 23.72 -7.80
CA THR C 388 -52.80 23.35 -7.54
C THR C 388 -53.23 22.28 -8.55
N ASN C 389 -54.45 21.79 -8.37
CA ASN C 389 -55.05 20.79 -9.24
C ASN C 389 -54.22 19.50 -9.31
N VAL C 390 -53.53 19.18 -8.22
CA VAL C 390 -52.75 17.95 -8.16
C VAL C 390 -53.65 16.81 -7.75
N ASP C 391 -53.44 15.63 -8.35
CA ASP C 391 -54.21 14.44 -8.05
C ASP C 391 -53.28 13.30 -7.66
N SER C 392 -53.88 12.19 -7.25
CA SER C 392 -53.13 11.07 -6.69
C SER C 392 -52.43 10.21 -7.74
N SER C 393 -52.49 10.59 -9.01
CA SER C 393 -51.81 9.84 -10.06
C SER C 393 -50.47 10.43 -10.46
N MET C 394 -50.18 11.67 -10.07
CA MET C 394 -48.94 12.33 -10.46
C MET C 394 -47.77 11.85 -9.62
N LYS C 395 -46.57 12.02 -10.17
CA LYS C 395 -45.35 11.60 -9.47
C LYS C 395 -45.10 12.46 -8.24
N ILE C 396 -45.43 13.76 -8.32
CA ILE C 396 -45.24 14.65 -7.18
C ILE C 396 -46.12 14.26 -6.01
N TYR C 397 -47.18 13.49 -6.26
CA TYR C 397 -48.03 12.98 -5.19
C TYR C 397 -47.46 11.69 -4.61
N LYS C 398 -46.92 10.81 -5.45
CA LYS C 398 -46.42 9.52 -4.99
C LYS C 398 -45.04 9.61 -4.36
N ASP C 399 -44.25 10.60 -4.76
CA ASP C 399 -42.86 10.70 -4.32
C ASP C 399 -42.68 11.86 -3.34
N GLU C 400 -41.60 11.78 -2.57
CA GLU C 400 -41.23 12.84 -1.65
C GLU C 400 -40.58 13.98 -2.41
N ILE C 401 -41.14 15.18 -2.27
CA ILE C 401 -40.61 16.33 -3.00
C ILE C 401 -39.24 16.73 -2.45
N PHE C 402 -39.16 16.93 -1.13
CA PHE C 402 -37.94 17.42 -0.48
C PHE C 402 -37.46 18.72 -1.14
N GLY C 403 -38.41 19.61 -1.39
CA GLY C 403 -38.12 20.86 -2.05
C GLY C 403 -39.14 21.92 -1.68
N PRO C 404 -38.89 23.16 -2.10
CA PRO C 404 -39.75 24.30 -1.75
C PRO C 404 -41.02 24.39 -2.58
N VAL C 405 -41.75 23.28 -2.65
CA VAL C 405 -42.95 23.18 -3.49
C VAL C 405 -44.14 22.83 -2.60
N ILE C 406 -45.17 23.66 -2.64
CA ILE C 406 -46.42 23.41 -1.94
C ILE C 406 -47.41 22.83 -2.94
N SER C 407 -47.69 21.54 -2.82
CA SER C 407 -48.58 20.82 -3.73
C SER C 407 -49.94 20.67 -3.08
N ILE C 408 -50.97 21.21 -3.74
CA ILE C 408 -52.30 21.33 -3.15
C ILE C 408 -53.26 20.41 -3.88
N ILE C 409 -53.98 19.60 -3.11
CA ILE C 409 -55.05 18.73 -3.61
C ILE C 409 -56.34 19.15 -2.95
N ILE C 410 -57.42 19.20 -3.72
CA ILE C 410 -58.72 19.66 -3.23
C ILE C 410 -59.61 18.45 -2.98
N PHE C 411 -60.20 18.41 -1.79
CA PHE C 411 -61.08 17.30 -1.38
C PHE C 411 -62.41 17.87 -0.87
N SER C 412 -63.33 16.97 -0.54
CA SER C 412 -64.63 17.37 -0.02
C SER C 412 -65.16 16.48 1.11
N ASP C 413 -64.73 15.24 1.22
CA ASP C 413 -65.19 14.34 2.28
C ASP C 413 -64.03 14.00 3.19
N ASN C 414 -64.26 14.07 4.50
CA ASN C 414 -63.21 13.76 5.47
C ASN C 414 -62.87 12.27 5.48
N GLU C 415 -63.86 11.40 5.22
CA GLU C 415 -63.59 9.98 5.20
C GLU C 415 -62.73 9.60 3.99
N GLN C 416 -62.96 10.24 2.84
CA GLN C 416 -62.18 9.92 1.65
C GLN C 416 -60.78 10.51 1.74
N VAL C 417 -60.64 11.72 2.29
CA VAL C 417 -59.32 12.33 2.40
C VAL C 417 -58.46 11.61 3.43
N LEU C 418 -59.08 10.91 4.38
CA LEU C 418 -58.30 10.10 5.31
C LEU C 418 -57.68 8.90 4.61
N SER C 419 -58.45 8.22 3.75
CA SER C 419 -57.92 7.09 3.00
C SER C 419 -56.86 7.51 2.00
N ASP C 420 -56.98 8.73 1.45
CA ASP C 420 -55.95 9.24 0.56
C ASP C 420 -54.69 9.64 1.32
N ALA C 421 -54.86 10.21 2.51
CA ALA C 421 -53.71 10.59 3.32
C ALA C 421 -52.88 9.38 3.71
N ASN C 422 -53.56 8.27 4.04
CA ASN C 422 -52.86 7.04 4.39
C ASN C 422 -52.37 6.28 3.17
N ASP C 423 -52.78 6.66 1.97
CA ASP C 423 -52.40 5.96 0.75
C ASP C 423 -50.94 6.20 0.41
N THR C 424 -50.02 5.67 1.23
CA THR C 424 -48.59 5.82 1.00
C THR C 424 -47.86 4.81 1.86
N ASP C 425 -46.66 4.44 1.42
CA ASP C 425 -45.79 3.58 2.21
C ASP C 425 -45.10 4.31 3.35
N ALA C 426 -45.15 5.64 3.36
CA ALA C 426 -44.50 6.42 4.39
C ALA C 426 -45.37 6.48 5.64
N GLY C 427 -44.72 6.73 6.78
CA GLY C 427 -45.41 6.79 8.05
C GLY C 427 -44.73 7.71 9.04
N LEU C 428 -44.21 8.83 8.56
CA LEU C 428 -43.53 9.79 9.43
C LEU C 428 -44.53 10.77 10.04
N SER C 429 -44.47 12.02 9.61
CA SER C 429 -45.33 13.05 10.18
C SER C 429 -46.63 13.17 9.39
N SER C 430 -47.60 13.86 9.99
CA SER C 430 -48.86 14.18 9.36
C SER C 430 -49.44 15.40 10.06
N PHE C 431 -50.35 16.08 9.37
CA PHE C 431 -50.90 17.33 9.88
C PHE C 431 -52.40 17.37 9.68
N ILE C 432 -53.11 17.94 10.67
CA ILE C 432 -54.55 18.11 10.60
C ILE C 432 -54.89 19.49 11.16
N PHE C 433 -55.63 20.27 10.38
CA PHE C 433 -56.06 21.61 10.78
C PHE C 433 -57.57 21.64 10.80
N SER C 434 -58.14 21.81 11.99
CA SER C 434 -59.58 21.83 12.18
C SER C 434 -59.89 22.40 13.55
N SER C 435 -61.10 22.96 13.68
CA SER C 435 -61.60 23.46 14.95
C SER C 435 -62.63 22.54 15.58
N ASN C 436 -62.98 21.44 14.91
CA ASN C 436 -63.95 20.49 15.43
C ASN C 436 -63.24 19.42 16.26
N GLU C 437 -63.74 19.20 17.48
CA GLU C 437 -63.11 18.23 18.37
C GLU C 437 -63.28 16.81 17.87
N ASP C 438 -64.45 16.49 17.31
CA ASP C 438 -64.67 15.15 16.79
C ASP C 438 -63.86 14.90 15.52
N THR C 439 -63.66 15.94 14.71
CA THR C 439 -62.79 15.81 13.54
C THR C 439 -61.35 15.56 13.95
N ILE C 440 -60.89 16.26 15.00
CA ILE C 440 -59.52 16.07 15.48
C ILE C 440 -59.33 14.65 15.98
N SER C 441 -60.29 14.13 16.75
CA SER C 441 -60.16 12.79 17.30
C SER C 441 -60.20 11.74 16.18
N TYR C 442 -61.02 11.98 15.15
CA TYR C 442 -61.13 11.03 14.05
C TYR C 442 -59.79 10.87 13.33
N PHE C 443 -59.14 11.99 12.99
CA PHE C 443 -57.89 11.93 12.24
C PHE C 443 -56.74 11.47 13.12
N ALA C 444 -56.71 11.90 14.39
CA ALA C 444 -55.61 11.55 15.27
C ALA C 444 -55.54 10.05 15.56
N LYS C 445 -56.65 9.33 15.42
CA LYS C 445 -56.66 7.90 15.66
C LYS C 445 -56.43 7.08 14.39
N HIS C 446 -56.91 7.54 13.24
CA HIS C 446 -56.89 6.75 12.02
C HIS C 446 -55.76 7.11 11.07
N LEU C 447 -55.01 8.17 11.34
CA LEU C 447 -53.86 8.51 10.51
C LEU C 447 -52.75 7.50 10.76
N ARG C 448 -52.31 6.82 9.71
CA ARG C 448 -51.27 5.80 9.81
C ARG C 448 -49.90 6.46 9.71
N PHE C 449 -49.55 7.19 10.77
CA PHE C 449 -48.29 7.92 10.83
C PHE C 449 -47.81 7.95 12.27
N GLY C 450 -46.49 8.04 12.44
CA GLY C 450 -45.91 8.10 13.77
C GLY C 450 -46.21 9.38 14.51
N GLU C 451 -46.31 10.50 13.78
CA GLU C 451 -46.57 11.80 14.38
C GLU C 451 -47.79 12.42 13.73
N VAL C 452 -48.68 12.95 14.56
CA VAL C 452 -49.88 13.67 14.11
C VAL C 452 -49.82 15.05 14.75
N GLN C 453 -49.54 16.06 13.94
CA GLN C 453 -49.46 17.44 14.40
C GLN C 453 -50.82 18.11 14.20
N VAL C 454 -51.43 18.56 15.29
CA VAL C 454 -52.78 19.13 15.27
C VAL C 454 -52.65 20.64 15.39
N ASN C 455 -53.03 21.35 14.32
CA ASN C 455 -53.12 22.81 14.30
C ASN C 455 -51.77 23.49 14.52
N GLY C 456 -50.68 22.80 14.20
CA GLY C 456 -49.36 23.41 14.33
C GLY C 456 -48.27 22.40 14.07
N ILE C 457 -47.09 22.69 14.61
CA ILE C 457 -45.94 21.81 14.49
C ILE C 457 -45.02 22.07 15.68
N LYS C 458 -44.50 21.00 16.27
CA LYS C 458 -43.61 21.14 17.42
C LYS C 458 -42.66 19.95 17.50
N TYR C 459 -41.37 20.25 17.59
CA TYR C 459 -40.32 19.25 17.77
C TYR C 459 -39.29 19.80 18.74
N SER C 460 -38.71 18.92 19.56
CA SER C 460 -37.71 19.33 20.53
C SER C 460 -36.95 18.09 20.98
N ILE C 461 -35.82 18.34 21.66
CA ILE C 461 -34.92 17.26 22.06
C ILE C 461 -35.58 16.25 22.99
N ASN C 462 -36.64 16.65 23.71
CA ASN C 462 -37.31 15.75 24.63
C ASN C 462 -38.55 15.11 24.03
N LEU C 463 -38.95 15.50 22.82
CA LEU C 463 -40.13 14.91 22.18
C LEU C 463 -39.72 13.81 21.23
N PRO C 464 -40.32 12.62 21.30
CA PRO C 464 -39.90 11.52 20.44
C PRO C 464 -40.21 11.80 18.98
N HIS C 465 -39.21 11.59 18.12
CA HIS C 465 -39.32 11.77 16.69
C HIS C 465 -39.09 10.41 16.02
N PHE C 466 -40.10 9.91 15.32
CA PHE C 466 -40.06 8.55 14.82
C PHE C 466 -41.11 8.39 13.72
N GLY C 467 -41.00 7.29 12.98
CA GLY C 467 -41.97 6.93 11.97
C GLY C 467 -42.39 5.48 12.11
N ILE C 468 -43.31 5.08 11.22
CA ILE C 468 -43.74 3.70 11.09
C ILE C 468 -43.76 3.34 9.61
N LYS C 469 -44.16 2.11 9.31
CA LYS C 469 -44.29 1.59 7.94
C LYS C 469 -42.90 1.67 7.28
N GLN C 470 -42.78 2.19 6.07
CA GLN C 470 -41.49 2.24 5.39
C GLN C 470 -40.64 3.44 5.79
N SER C 471 -41.07 4.23 6.76
CA SER C 471 -40.26 5.30 7.30
C SER C 471 -39.28 4.81 8.36
N GLY C 472 -39.32 3.53 8.73
CA GLY C 472 -38.48 3.01 9.79
C GLY C 472 -39.07 3.27 11.17
N VAL C 473 -38.83 2.38 12.12
CA VAL C 473 -39.42 2.50 13.45
C VAL C 473 -38.39 2.91 14.50
N GLY C 474 -37.19 3.33 14.08
CA GLY C 474 -36.26 3.89 15.02
C GLY C 474 -36.74 5.22 15.58
N VAL C 475 -36.26 5.57 16.76
CA VAL C 475 -36.71 6.76 17.49
C VAL C 475 -35.51 7.66 17.74
N ASP C 476 -35.62 8.90 17.26
CA ASP C 476 -34.68 9.95 17.61
C ASP C 476 -35.32 10.89 18.62
N CYS C 477 -34.47 11.54 19.42
CA CYS C 477 -34.90 12.44 20.50
C CYS C 477 -35.61 11.70 21.63
N SER C 478 -35.88 12.41 22.73
CA SER C 478 -36.55 11.89 23.91
C SER C 478 -35.72 10.80 24.59
N LEU C 479 -36.25 10.25 25.69
CA LEU C 479 -35.53 9.20 26.40
C LEU C 479 -35.48 7.90 25.60
N LEU C 480 -36.45 7.69 24.72
CA LEU C 480 -36.51 6.45 23.95
C LEU C 480 -35.29 6.25 23.05
N ALA C 481 -34.59 7.34 22.71
CA ALA C 481 -33.44 7.21 21.81
C ALA C 481 -32.33 6.35 22.40
N LEU C 482 -32.25 6.29 23.73
CA LEU C 482 -31.21 5.49 24.38
C LEU C 482 -31.44 3.99 24.21
N ASP C 483 -32.67 3.56 23.90
CA ASP C 483 -33.01 2.15 23.95
C ASP C 483 -32.16 1.33 22.98
N ASP C 484 -31.93 1.85 21.77
CA ASP C 484 -31.17 1.11 20.76
C ASP C 484 -29.67 1.10 21.05
N TYR C 485 -29.21 1.83 22.06
CA TYR C 485 -27.81 1.82 22.46
C TYR C 485 -27.58 1.07 23.75
N LEU C 486 -28.61 0.48 24.34
CA LEU C 486 -28.51 -0.22 25.61
C LEU C 486 -29.07 -1.63 25.48
N ALA C 487 -28.40 -2.58 26.11
CA ALA C 487 -28.83 -3.97 26.15
C ALA C 487 -29.21 -4.36 27.56
N TYR C 488 -30.23 -5.19 27.69
CA TYR C 488 -30.69 -5.63 29.00
C TYR C 488 -29.80 -6.72 29.56
N LYS C 489 -29.94 -6.96 30.86
CA LYS C 489 -29.32 -8.10 31.52
C LYS C 489 -30.17 -8.45 32.73
N ARG C 490 -30.54 -9.73 32.84
CA ARG C 490 -31.28 -10.23 33.98
C ARG C 490 -30.34 -11.11 34.82
N VAL C 491 -30.18 -10.74 36.09
CA VAL C 491 -29.47 -11.57 37.06
C VAL C 491 -30.52 -12.22 37.95
N SER C 492 -30.59 -13.54 37.91
CA SER C 492 -31.54 -14.30 38.69
C SER C 492 -30.78 -15.20 39.67
N ARG C 493 -31.18 -15.16 40.93
CA ARG C 493 -30.48 -15.88 41.99
C ARG C 493 -31.45 -16.74 42.79
N ALA C 494 -31.05 -17.98 43.06
CA ALA C 494 -31.87 -18.86 43.87
C ALA C 494 -31.83 -18.42 45.33
N LEU C 495 -33.00 -18.28 45.93
CA LEU C 495 -33.08 -17.79 47.31
C LEU C 495 -32.70 -18.85 48.33
N LYS C 496 -33.02 -20.12 48.05
CA LYS C 496 -32.75 -21.19 49.02
C LYS C 496 -31.26 -21.44 49.16
N VAL C 497 -30.58 -21.76 48.06
CA VAL C 497 -29.15 -22.02 48.08
C VAL C 497 -28.38 -20.73 48.36
N SER D 23 -57.35 -38.25 13.08
CA SER D 23 -57.11 -37.14 14.00
C SER D 23 -55.66 -36.68 13.95
N LEU D 24 -54.77 -37.54 13.45
CA LEU D 24 -53.35 -37.21 13.30
C LEU D 24 -52.99 -36.80 11.88
N SER D 25 -53.99 -36.58 11.02
CA SER D 25 -53.81 -35.98 9.72
C SER D 25 -54.43 -34.59 9.75
N LYS D 26 -53.60 -33.55 9.59
CA LYS D 26 -54.00 -32.18 9.84
C LYS D 26 -53.76 -31.31 8.61
N GLN D 27 -54.63 -30.32 8.45
CA GLN D 27 -54.62 -29.43 7.29
C GLN D 27 -54.08 -28.05 7.67
N LEU D 28 -53.78 -27.27 6.65
CA LEU D 28 -53.33 -25.89 6.86
C LEU D 28 -54.47 -25.05 7.42
N TYR D 29 -54.11 -24.08 8.24
CA TYR D 29 -55.05 -23.10 8.78
C TYR D 29 -54.70 -21.75 8.17
N ILE D 30 -55.43 -21.36 7.13
CA ILE D 30 -55.16 -20.14 6.38
C ILE D 30 -56.48 -19.40 6.15
N GLY D 31 -56.50 -18.11 6.49
CA GLY D 31 -57.69 -17.31 6.27
C GLY D 31 -58.90 -17.74 7.06
N GLY D 32 -58.69 -18.13 8.32
CA GLY D 32 -59.79 -18.55 9.16
C GLY D 32 -60.41 -19.87 8.80
N LYS D 33 -59.80 -20.64 7.90
CA LYS D 33 -60.33 -21.93 7.48
C LYS D 33 -59.24 -22.98 7.57
N LEU D 34 -59.66 -24.24 7.62
CA LEU D 34 -58.78 -25.39 7.45
C LEU D 34 -58.88 -25.86 6.01
N ILE D 35 -57.75 -25.87 5.30
CA ILE D 35 -57.72 -26.21 3.88
C ILE D 35 -56.62 -27.21 3.61
N THR D 36 -56.83 -28.05 2.58
CA THR D 36 -55.81 -28.95 2.09
C THR D 36 -55.02 -28.28 0.98
N SER D 37 -54.02 -28.98 0.47
CA SER D 37 -53.17 -28.46 -0.60
C SER D 37 -52.90 -29.59 -1.59
N ASP D 38 -51.90 -29.40 -2.45
CA ASP D 38 -51.54 -30.38 -3.46
C ASP D 38 -50.37 -31.26 -3.04
N ALA D 39 -50.04 -31.29 -1.75
CA ALA D 39 -48.93 -32.10 -1.25
C ALA D 39 -49.11 -32.34 0.23
N THR D 40 -48.52 -33.45 0.70
CA THR D 40 -48.55 -33.82 2.11
C THR D 40 -47.14 -34.17 2.57
N THR D 41 -46.90 -33.97 3.87
CA THR D 41 -45.61 -34.27 4.49
C THR D 41 -45.83 -35.27 5.62
N GLU D 42 -45.13 -36.40 5.54
CA GLU D 42 -45.17 -37.39 6.60
C GLU D 42 -44.20 -37.03 7.72
N ILE D 43 -44.62 -37.25 8.95
CA ILE D 43 -43.84 -36.91 10.14
C ILE D 43 -43.28 -38.20 10.72
N ILE D 44 -41.96 -38.27 10.86
CA ILE D 44 -41.27 -39.47 11.33
C ILE D 44 -40.88 -39.27 12.79
N ASN D 45 -41.32 -40.17 13.65
CA ASN D 45 -40.93 -40.12 15.05
C ASN D 45 -39.45 -40.46 15.18
N PRO D 46 -38.65 -39.63 15.86
CA PRO D 46 -37.20 -39.87 15.91
C PRO D 46 -36.80 -41.05 16.76
N ALA D 47 -37.72 -41.66 17.51
CA ALA D 47 -37.40 -42.83 18.33
C ALA D 47 -37.75 -44.13 17.61
N THR D 48 -39.01 -44.29 17.20
CA THR D 48 -39.43 -45.51 16.52
C THR D 48 -39.11 -45.49 15.03
N LEU D 49 -38.88 -44.30 14.45
CA LEU D 49 -38.62 -44.15 13.02
C LEU D 49 -39.77 -44.68 12.18
N GLU D 50 -41.00 -44.53 12.69
CA GLU D 50 -42.20 -44.93 11.97
C GLU D 50 -43.09 -43.71 11.73
N ILE D 51 -44.00 -43.86 10.77
CA ILE D 51 -44.94 -42.79 10.45
C ILE D 51 -45.92 -42.61 11.60
N VAL D 52 -46.02 -41.39 12.11
CA VAL D 52 -46.97 -41.08 13.17
C VAL D 52 -48.05 -40.09 12.75
N GLY D 53 -47.84 -39.32 11.69
CA GLY D 53 -48.86 -38.39 11.25
C GLY D 53 -48.50 -37.83 9.89
N GLU D 54 -49.36 -36.92 9.42
CA GLU D 54 -49.16 -36.26 8.13
C GLU D 54 -49.84 -34.90 8.17
N ILE D 55 -49.22 -33.93 7.49
CA ILE D 55 -49.75 -32.58 7.41
C ILE D 55 -49.84 -32.17 5.95
N SER D 56 -50.81 -31.32 5.65
CA SER D 56 -50.85 -30.67 4.34
C SER D 56 -49.66 -29.72 4.22
N ALA D 57 -48.89 -29.88 3.15
CA ALA D 57 -47.71 -29.07 2.94
C ALA D 57 -48.07 -27.82 2.16
N ALA D 58 -47.43 -26.71 2.51
CA ALA D 58 -47.69 -25.43 1.88
C ALA D 58 -46.68 -25.16 0.77
N GLY D 59 -47.15 -24.56 -0.32
CA GLY D 59 -46.31 -24.08 -1.38
C GLY D 59 -46.22 -22.57 -1.40
N ILE D 60 -45.68 -22.05 -2.49
CA ILE D 60 -45.60 -20.61 -2.68
C ILE D 60 -47.00 -20.00 -2.65
N ASN D 61 -47.97 -20.66 -3.28
CA ASN D 61 -49.34 -20.14 -3.32
C ASN D 61 -49.97 -20.10 -1.94
N GLU D 62 -49.74 -21.13 -1.13
CA GLU D 62 -50.27 -21.12 0.24
C GLU D 62 -49.62 -20.05 1.09
N ALA D 63 -48.33 -19.78 0.87
CA ALA D 63 -47.68 -18.69 1.59
C ALA D 63 -48.29 -17.35 1.23
N ASN D 64 -48.53 -17.11 -0.06
CA ASN D 64 -49.18 -15.86 -0.46
C ASN D 64 -50.57 -15.74 0.14
N MET D 65 -51.35 -16.83 0.11
CA MET D 65 -52.69 -16.82 0.69
C MET D 65 -52.67 -16.36 2.15
N ALA D 66 -51.73 -16.88 2.94
CA ALA D 66 -51.67 -16.53 4.35
C ALA D 66 -51.29 -15.06 4.54
N LEU D 67 -50.30 -14.58 3.78
CA LEU D 67 -49.88 -13.19 3.88
C LEU D 67 -51.00 -12.25 3.41
N GLU D 68 -51.69 -12.60 2.32
CA GLU D 68 -52.77 -11.75 1.84
C GLU D 68 -53.93 -11.73 2.83
N SER D 69 -54.24 -12.87 3.46
CA SER D 69 -55.32 -12.90 4.44
C SER D 69 -54.94 -12.13 5.69
N ALA D 70 -53.69 -12.27 6.15
CA ALA D 70 -53.24 -11.51 7.32
C ALA D 70 -53.27 -10.01 7.03
N GLN D 71 -52.88 -9.61 5.83
CA GLN D 71 -52.93 -8.20 5.46
C GLN D 71 -54.37 -7.70 5.44
N GLU D 72 -55.28 -8.50 4.90
CA GLU D 72 -56.68 -8.09 4.84
C GLU D 72 -57.28 -7.96 6.23
N ALA D 73 -56.88 -8.81 7.17
CA ALA D 73 -57.42 -8.78 8.52
C ALA D 73 -56.88 -7.65 9.37
N PHE D 74 -55.82 -6.96 8.93
CA PHE D 74 -55.16 -5.99 9.81
C PHE D 74 -56.08 -4.81 10.14
N SER D 75 -56.88 -4.37 9.17
CA SER D 75 -57.71 -3.18 9.40
C SER D 75 -58.70 -3.41 10.53
N SER D 76 -59.36 -4.57 10.55
CA SER D 76 -60.37 -4.83 11.56
C SER D 76 -59.75 -5.34 12.86
N TRP D 77 -58.69 -6.16 12.77
CA TRP D 77 -58.12 -6.74 13.98
C TRP D 77 -57.37 -5.70 14.80
N SER D 78 -56.70 -4.75 14.13
CA SER D 78 -55.96 -3.72 14.86
C SER D 78 -56.89 -2.72 15.53
N THR D 79 -58.09 -2.53 15.00
CA THR D 79 -59.06 -1.63 15.59
C THR D 79 -60.08 -2.35 16.46
N THR D 80 -59.95 -3.67 16.61
CA THR D 80 -60.75 -4.40 17.58
C THR D 80 -60.31 -3.99 18.99
N PRO D 81 -61.24 -3.72 19.90
CA PRO D 81 -60.85 -3.27 21.24
C PRO D 81 -59.93 -4.29 21.92
N ALA D 82 -58.99 -3.76 22.71
CA ALA D 82 -58.01 -4.62 23.37
C ALA D 82 -58.69 -5.63 24.29
N ILE D 83 -59.80 -5.24 24.92
CA ILE D 83 -60.52 -6.17 25.79
C ILE D 83 -61.15 -7.29 24.99
N GLU D 84 -61.73 -6.97 23.83
CA GLU D 84 -62.34 -7.99 22.99
C GLU D 84 -61.28 -8.91 22.40
N ARG D 85 -60.13 -8.36 22.00
CA ARG D 85 -59.02 -9.20 21.55
C ARG D 85 -58.58 -10.14 22.68
N ALA D 86 -58.58 -9.65 23.92
CA ALA D 86 -58.25 -10.50 25.06
C ALA D 86 -59.27 -11.60 25.25
N GLN D 87 -60.55 -11.33 24.96
CA GLN D 87 -61.57 -12.38 25.05
C GLN D 87 -61.28 -13.50 24.07
N TRP D 88 -60.86 -13.17 22.85
CA TRP D 88 -60.50 -14.20 21.88
C TRP D 88 -59.33 -15.05 22.38
N MET D 89 -58.32 -14.39 22.97
CA MET D 89 -57.18 -15.12 23.50
C MET D 89 -57.60 -16.09 24.60
N LEU D 90 -58.47 -15.64 25.51
CA LEU D 90 -58.92 -16.51 26.58
C LEU D 90 -59.84 -17.61 26.06
N LYS D 91 -60.63 -17.32 25.03
CA LYS D 91 -61.44 -18.36 24.41
C LYS D 91 -60.57 -19.44 23.78
N LEU D 92 -59.49 -19.04 23.11
CA LEU D 92 -58.53 -20.01 22.62
C LEU D 92 -57.82 -20.73 23.76
N ARG D 93 -57.59 -20.02 24.87
CA ARG D 93 -56.98 -20.67 26.03
C ARG D 93 -57.87 -21.78 26.57
N ASP D 94 -59.18 -21.54 26.63
CA ASP D 94 -60.10 -22.56 27.10
C ASP D 94 -60.09 -23.79 26.18
N ALA D 95 -60.00 -23.55 24.87
CA ALA D 95 -59.91 -24.68 23.94
C ALA D 95 -58.62 -25.46 24.12
N VAL D 96 -57.52 -24.77 24.39
CA VAL D 96 -56.25 -25.46 24.61
C VAL D 96 -56.32 -26.32 25.87
N ILE D 97 -56.94 -25.80 26.93
CA ILE D 97 -57.05 -26.57 28.17
C ILE D 97 -57.89 -27.82 27.96
N ALA D 98 -58.99 -27.70 27.22
CA ALA D 98 -59.89 -28.83 27.01
C ALA D 98 -59.26 -29.92 26.14
N ASN D 99 -58.28 -29.58 25.31
CA ASN D 99 -57.64 -30.53 24.41
C ASN D 99 -56.19 -30.78 24.82
N GLU D 100 -55.92 -30.82 26.13
CA GLU D 100 -54.55 -30.94 26.60
C GLU D 100 -53.92 -32.27 26.19
N GLN D 101 -54.66 -33.37 26.33
CA GLN D 101 -54.09 -34.69 26.07
C GLN D 101 -53.67 -34.83 24.61
N HIS D 102 -54.52 -34.38 23.68
CA HIS D 102 -54.16 -34.47 22.27
C HIS D 102 -53.00 -33.55 21.92
N LEU D 103 -52.96 -32.35 22.51
CA LEU D 103 -51.87 -31.42 22.21
C LEU D 103 -50.53 -31.96 22.69
N ARG D 104 -50.49 -32.51 23.91
CA ARG D 104 -49.27 -33.14 24.39
C ARG D 104 -48.96 -34.41 23.59
N GLU D 105 -49.99 -35.13 23.16
CA GLU D 105 -49.79 -36.28 22.28
C GLU D 105 -49.07 -35.87 21.01
N CYS D 106 -49.43 -34.70 20.45
CA CYS D 106 -48.79 -34.24 19.22
C CYS D 106 -47.31 -33.99 19.45
N VAL D 107 -46.95 -33.40 20.58
CA VAL D 107 -45.54 -33.17 20.88
C VAL D 107 -44.83 -34.49 21.12
N HIS D 108 -45.47 -35.39 21.86
CA HIS D 108 -44.89 -36.71 22.14
C HIS D 108 -44.59 -37.46 20.86
N LEU D 109 -45.49 -37.38 19.87
CA LEU D 109 -45.33 -38.20 18.67
C LEU D 109 -44.36 -37.57 17.67
N GLU D 110 -44.38 -36.25 17.53
CA GLU D 110 -43.60 -35.62 16.47
C GLU D 110 -42.10 -35.61 16.76
N MET D 111 -41.70 -35.52 18.03
CA MET D 111 -40.28 -35.47 18.36
C MET D 111 -39.88 -36.45 19.47
N ALA D 112 -40.75 -37.40 19.82
CA ALA D 112 -40.45 -38.41 20.83
C ALA D 112 -40.08 -37.79 22.17
N LYS D 113 -40.67 -36.65 22.49
CA LYS D 113 -40.42 -36.01 23.77
C LYS D 113 -41.06 -36.83 24.89
N PRO D 114 -40.37 -37.06 26.00
CA PRO D 114 -40.98 -37.79 27.12
C PRO D 114 -42.29 -37.14 27.54
N TRP D 115 -43.23 -37.98 27.99
CA TRP D 115 -44.57 -37.51 28.31
C TRP D 115 -44.53 -36.43 29.39
N GLN D 116 -43.67 -36.59 30.39
CA GLN D 116 -43.60 -35.62 31.48
C GLN D 116 -43.09 -34.27 31.00
N SER D 117 -42.17 -34.27 30.02
CA SER D 117 -41.59 -33.02 29.54
C SER D 117 -42.52 -32.26 28.58
N THR D 118 -43.53 -32.91 28.03
CA THR D 118 -44.48 -32.21 27.18
C THR D 118 -45.36 -31.23 27.96
N ALA D 119 -45.37 -31.33 29.30
CA ALA D 119 -46.16 -30.40 30.10
C ALA D 119 -45.64 -28.98 29.97
N ASP D 120 -44.33 -28.80 29.79
CA ASP D 120 -43.77 -27.47 29.62
C ASP D 120 -44.24 -26.83 28.32
N ASP D 121 -44.33 -27.62 27.24
CA ASP D 121 -44.85 -27.12 25.99
C ASP D 121 -46.30 -26.69 26.13
N PHE D 122 -47.13 -27.56 26.71
CA PHE D 122 -48.56 -27.27 26.82
C PHE D 122 -48.81 -26.09 27.77
N GLN D 123 -48.16 -26.09 28.93
CA GLN D 123 -48.48 -25.11 29.96
C GLN D 123 -48.09 -23.71 29.54
N MET D 124 -46.93 -23.56 28.87
CA MET D 124 -46.48 -22.24 28.46
C MET D 124 -47.46 -21.60 27.48
N LEU D 125 -48.16 -22.41 26.68
CA LEU D 125 -49.19 -21.88 25.79
C LEU D 125 -50.34 -21.29 26.61
N VAL D 126 -50.74 -21.96 27.68
CA VAL D 126 -51.76 -21.42 28.57
C VAL D 126 -51.23 -20.21 29.32
N ASP D 127 -49.98 -20.26 29.76
CA ASP D 127 -49.40 -19.16 30.53
C ASP D 127 -49.26 -17.90 29.68
N SER D 128 -48.82 -18.05 28.42
CA SER D 128 -48.60 -16.88 27.57
C SER D 128 -49.93 -16.24 27.18
N LEU D 129 -50.95 -17.05 26.89
CA LEU D 129 -52.25 -16.49 26.55
C LEU D 129 -52.85 -15.73 27.72
N ASN D 130 -52.65 -16.23 28.94
CA ASN D 130 -53.12 -15.51 30.13
C ASN D 130 -52.32 -14.23 30.34
N PHE D 131 -50.99 -14.28 30.18
CA PHE D 131 -50.14 -13.15 30.51
C PHE D 131 -50.42 -11.96 29.62
N TYR D 132 -50.45 -12.17 28.30
CA TYR D 132 -50.55 -11.03 27.38
C TYR D 132 -51.98 -10.55 27.20
N ALA D 133 -52.98 -11.42 27.41
CA ALA D 133 -54.35 -10.94 27.48
C ALA D 133 -54.53 -9.99 28.65
N ASP D 134 -53.94 -10.33 29.80
CA ASP D 134 -53.99 -9.46 30.97
C ASP D 134 -53.17 -8.20 30.74
N ALA D 135 -52.01 -8.33 30.11
CA ALA D 135 -51.11 -7.19 29.97
C ALA D 135 -51.65 -6.15 28.98
N ILE D 136 -52.32 -6.58 27.92
CA ILE D 136 -52.70 -5.66 26.87
C ILE D 136 -53.81 -4.72 27.33
N VAL D 137 -54.66 -5.15 28.27
CA VAL D 137 -55.71 -4.28 28.76
C VAL D 137 -55.22 -3.26 29.78
N ASN D 138 -53.97 -3.40 30.24
CA ASN D 138 -53.37 -2.43 31.14
C ASN D 138 -52.54 -1.38 30.42
N ILE D 139 -52.41 -1.48 29.09
CA ILE D 139 -51.70 -0.48 28.32
C ILE D 139 -52.52 0.82 28.31
N ALA D 140 -51.85 1.94 28.59
CA ALA D 140 -52.53 3.22 28.65
C ALA D 140 -51.65 4.29 28.00
N ASP D 141 -52.29 5.40 27.63
CA ASP D 141 -51.58 6.53 27.04
C ASP D 141 -50.65 7.18 28.07
N GLU D 142 -49.79 8.07 27.58
CA GLU D 142 -48.86 8.78 28.43
C GLU D 142 -48.65 10.19 27.88
N GLU D 143 -48.78 11.19 28.74
CA GLU D 143 -48.55 12.57 28.35
C GLU D 143 -47.08 12.91 28.44
N ILE D 144 -46.60 13.68 27.48
CA ILE D 144 -45.23 14.17 27.47
C ILE D 144 -45.25 15.66 27.79
N LYS D 145 -44.32 16.09 28.63
CA LYS D 145 -44.24 17.48 29.04
C LYS D 145 -43.64 18.33 27.93
N ASP D 146 -44.31 19.42 27.58
CA ASP D 146 -43.76 20.42 26.67
C ASP D 146 -43.09 21.50 27.51
N ASN D 147 -41.77 21.62 27.38
CA ASN D 147 -41.02 22.55 28.21
C ASN D 147 -41.32 24.00 27.87
N GLU D 148 -41.85 24.27 26.68
CA GLU D 148 -42.20 25.62 26.27
C GLU D 148 -43.65 25.98 26.57
N GLY D 149 -44.48 25.01 26.92
CA GLY D 149 -45.87 25.27 27.23
C GLY D 149 -46.71 25.71 26.06
N THR D 150 -46.29 25.42 24.83
CA THR D 150 -47.03 25.83 23.65
C THR D 150 -47.87 24.69 23.05
N HIS D 151 -47.59 23.44 23.39
CA HIS D 151 -48.31 22.31 22.81
C HIS D 151 -48.57 21.27 23.89
N SER D 152 -49.59 20.45 23.64
CA SER D 152 -49.84 19.26 24.44
C SER D 152 -49.42 18.04 23.64
N HIS D 153 -49.02 16.98 24.35
CA HIS D 153 -48.45 15.81 23.71
C HIS D 153 -49.01 14.54 24.35
N VAL D 154 -49.56 13.66 23.52
CA VAL D 154 -50.08 12.37 23.95
C VAL D 154 -49.30 11.28 23.22
N LEU D 155 -48.72 10.35 23.98
CA LEU D 155 -47.97 9.23 23.43
C LEU D 155 -48.77 7.96 23.64
N SER D 156 -49.14 7.31 22.55
CA SER D 156 -49.92 6.07 22.58
C SER D 156 -49.19 4.98 21.81
N ARG D 157 -49.72 3.76 21.91
CA ARG D 157 -49.18 2.62 21.20
C ARG D 157 -50.27 1.98 20.35
N GLU D 158 -49.90 1.58 19.14
CA GLU D 158 -50.82 0.98 18.19
C GLU D 158 -50.19 -0.26 17.57
N PRO D 159 -51.00 -1.19 17.09
CA PRO D 159 -50.46 -2.34 16.35
C PRO D 159 -49.58 -1.89 15.20
N VAL D 160 -48.50 -2.63 14.95
CA VAL D 160 -47.54 -2.24 13.92
C VAL D 160 -47.94 -2.80 12.55
N GLY D 161 -48.45 -4.02 12.49
CA GLY D 161 -48.81 -4.60 11.21
C GLY D 161 -48.83 -6.12 11.29
N VAL D 162 -48.55 -6.75 10.15
CA VAL D 162 -48.54 -8.20 10.06
C VAL D 162 -47.21 -8.73 10.60
N ALA D 163 -47.28 -9.82 11.36
CA ALA D 163 -46.10 -10.47 11.91
C ALA D 163 -45.93 -11.86 11.33
N ALA D 164 -44.69 -12.26 11.11
CA ALA D 164 -44.36 -13.59 10.60
C ALA D 164 -43.32 -14.23 11.52
N ALA D 165 -43.57 -15.49 11.89
CA ALA D 165 -42.74 -16.18 12.87
C ALA D 165 -42.24 -17.51 12.32
N PHE D 166 -40.95 -17.78 12.53
CA PHE D 166 -40.33 -19.06 12.20
C PHE D 166 -39.85 -19.69 13.51
N LEU D 167 -40.28 -20.91 13.78
CA LEU D 167 -40.09 -21.52 15.09
C LEU D 167 -39.18 -22.74 15.01
N ALA D 168 -38.27 -22.85 15.98
CA ALA D 168 -37.46 -24.03 16.13
C ALA D 168 -38.32 -25.22 16.56
N TRP D 169 -37.71 -26.41 16.56
CA TRP D 169 -38.42 -27.65 16.86
C TRP D 169 -38.25 -28.11 18.30
N ASN D 170 -37.32 -27.53 19.06
CA ASN D 170 -37.01 -28.08 20.38
C ASN D 170 -38.19 -27.95 21.34
N PHE D 171 -38.94 -26.86 21.24
CA PHE D 171 -40.15 -26.65 22.03
C PHE D 171 -41.25 -26.19 21.07
N PRO D 172 -41.92 -27.11 20.39
CA PRO D 172 -42.88 -26.70 19.34
C PRO D 172 -44.01 -25.81 19.85
N LEU D 173 -44.60 -26.13 21.00
CA LEU D 173 -45.70 -25.32 21.52
C LEU D 173 -45.22 -24.14 22.36
N LEU D 174 -44.12 -24.30 23.10
CA LEU D 174 -43.59 -23.19 23.87
C LEU D 174 -43.09 -22.08 22.97
N ASN D 175 -42.38 -22.43 21.89
CA ASN D 175 -41.91 -21.41 20.95
C ASN D 175 -43.08 -20.70 20.28
N LEU D 176 -44.12 -21.46 19.92
CA LEU D 176 -45.33 -20.83 19.38
C LEU D 176 -45.97 -19.90 20.39
N ALA D 177 -46.00 -20.31 21.67
CA ALA D 177 -46.57 -19.48 22.72
C ALA D 177 -45.86 -18.14 22.82
N TYR D 178 -44.54 -18.13 22.66
CA TYR D 178 -43.77 -16.90 22.80
C TYR D 178 -44.15 -15.86 21.75
N LYS D 179 -44.66 -16.31 20.59
CA LYS D 179 -45.06 -15.42 19.52
C LYS D 179 -46.57 -15.24 19.44
N LEU D 180 -47.34 -16.30 19.72
CA LEU D 180 -48.80 -16.24 19.56
C LEU D 180 -49.43 -15.29 20.57
N GLY D 181 -49.00 -15.37 21.83
CA GLY D 181 -49.50 -14.51 22.88
C GLY D 181 -49.37 -13.03 22.56
N PRO D 182 -48.14 -12.56 22.35
CA PRO D 182 -47.97 -11.12 22.08
C PRO D 182 -48.65 -10.64 20.81
N ALA D 183 -48.55 -11.40 19.72
CA ALA D 183 -49.08 -10.95 18.44
C ALA D 183 -50.59 -10.76 18.49
N MET D 184 -51.31 -11.71 19.10
CA MET D 184 -52.76 -11.59 19.21
C MET D 184 -53.15 -10.39 20.07
N ALA D 185 -52.50 -10.23 21.23
CA ALA D 185 -52.85 -9.14 22.14
C ALA D 185 -52.55 -7.78 21.51
N ALA D 186 -51.41 -7.64 20.84
CA ALA D 186 -51.05 -6.40 20.20
C ALA D 186 -51.82 -6.14 18.91
N GLY D 187 -52.78 -6.99 18.55
CA GLY D 187 -53.58 -6.76 17.36
C GLY D 187 -52.82 -6.88 16.06
N CYS D 188 -51.93 -7.86 15.95
CA CYS D 188 -51.07 -8.04 14.78
C CYS D 188 -51.36 -9.39 14.15
N PRO D 189 -52.00 -9.46 12.98
CA PRO D 189 -52.24 -10.76 12.34
C PRO D 189 -50.95 -11.53 12.17
N LEU D 190 -50.98 -12.81 12.52
CA LEU D 190 -49.77 -13.61 12.66
C LEU D 190 -49.72 -14.70 11.59
N VAL D 191 -48.55 -14.86 10.97
CA VAL D 191 -48.27 -15.93 10.02
C VAL D 191 -47.14 -16.76 10.61
N VAL D 192 -47.47 -17.98 11.04
CA VAL D 192 -46.53 -18.84 11.76
C VAL D 192 -46.11 -20.00 10.87
N LYS D 193 -44.80 -20.20 10.74
CA LYS D 193 -44.26 -21.38 10.07
C LYS D 193 -43.57 -22.25 11.09
N PRO D 194 -44.21 -23.30 11.60
CA PRO D 194 -43.52 -24.23 12.49
C PRO D 194 -42.49 -25.04 11.71
N SER D 195 -41.57 -25.64 12.46
CA SER D 195 -40.59 -26.51 11.84
C SER D 195 -41.27 -27.69 11.15
N SER D 196 -40.80 -28.02 9.94
CA SER D 196 -41.33 -29.18 9.25
C SER D 196 -41.04 -30.47 10.00
N LYS D 197 -40.08 -30.46 10.91
CA LYS D 197 -39.79 -31.63 11.72
C LYS D 197 -40.80 -31.81 12.85
N THR D 198 -41.43 -30.73 13.31
CA THR D 198 -42.41 -30.79 14.40
C THR D 198 -43.57 -29.84 14.09
N PRO D 199 -44.38 -30.17 13.08
CA PRO D 199 -45.48 -29.26 12.72
C PRO D 199 -46.84 -29.70 13.25
N LEU D 200 -46.92 -30.93 13.78
CA LEU D 200 -48.21 -31.50 14.16
C LEU D 200 -48.86 -30.70 15.29
N SER D 201 -48.09 -30.35 16.32
CA SER D 201 -48.67 -29.67 17.47
C SER D 201 -49.18 -28.29 17.10
N ALA D 202 -48.46 -27.56 16.25
CA ALA D 202 -48.91 -26.23 15.84
C ALA D 202 -50.14 -26.32 14.94
N TYR D 203 -50.18 -27.31 14.05
CA TYR D 203 -51.37 -27.52 13.22
C TYR D 203 -52.60 -27.78 14.07
N ALA D 204 -52.43 -28.46 15.21
CA ALA D 204 -53.55 -28.70 16.11
C ALA D 204 -54.06 -27.41 16.73
N VAL D 205 -53.16 -26.47 17.04
CA VAL D 205 -53.57 -25.16 17.55
C VAL D 205 -54.39 -24.42 16.48
N GLY D 206 -54.01 -24.57 15.21
CA GLY D 206 -54.80 -24.00 14.15
C GLY D 206 -56.19 -24.60 14.07
N GLU D 207 -56.31 -25.90 14.34
CA GLU D 207 -57.62 -26.52 14.41
C GLU D 207 -58.46 -25.93 15.54
N LEU D 208 -57.82 -25.63 16.68
CA LEU D 208 -58.53 -25.03 17.79
C LEU D 208 -58.99 -23.61 17.47
N CYS D 209 -58.21 -22.88 16.69
CA CYS D 209 -58.61 -21.54 16.29
C CYS D 209 -59.82 -21.57 15.36
N GLU D 210 -59.86 -22.54 14.45
CA GLU D 210 -61.02 -22.68 13.58
C GLU D 210 -62.25 -23.12 14.36
N GLN D 211 -62.06 -23.98 15.37
CA GLN D 211 -63.19 -24.50 16.14
C GLN D 211 -63.88 -23.38 16.92
N ILE D 212 -63.10 -22.44 17.47
CA ILE D 212 -63.68 -21.33 18.21
C ILE D 212 -64.18 -20.21 17.32
N GLY D 213 -63.91 -20.27 16.02
CA GLY D 213 -64.37 -19.24 15.11
C GLY D 213 -63.52 -17.98 15.11
N LEU D 214 -62.21 -18.12 15.17
CA LEU D 214 -61.33 -16.95 15.21
C LEU D 214 -61.46 -16.16 13.92
N PRO D 215 -61.51 -14.83 13.99
CA PRO D 215 -61.66 -14.01 12.77
C PRO D 215 -60.62 -14.36 11.72
N ALA D 216 -61.04 -14.34 10.46
CA ALA D 216 -60.21 -14.84 9.37
C ALA D 216 -58.92 -14.03 9.25
N GLY D 217 -57.80 -14.75 9.17
CA GLY D 217 -56.51 -14.13 8.94
C GLY D 217 -55.76 -13.72 10.19
N VAL D 218 -56.41 -13.74 11.36
CA VAL D 218 -55.75 -13.29 12.59
C VAL D 218 -54.57 -14.21 12.92
N VAL D 219 -54.75 -15.51 12.74
CA VAL D 219 -53.68 -16.49 12.91
C VAL D 219 -53.64 -17.37 11.67
N ASN D 220 -52.44 -17.58 11.14
CA ASN D 220 -52.23 -18.46 9.98
C ASN D 220 -51.05 -19.38 10.29
N ILE D 221 -51.27 -20.69 10.18
CA ILE D 221 -50.28 -21.70 10.51
C ILE D 221 -50.06 -22.58 9.29
N LEU D 222 -48.80 -22.70 8.87
CA LEU D 222 -48.47 -23.40 7.64
C LEU D 222 -47.01 -23.83 7.68
N SER D 223 -46.73 -25.00 7.11
CA SER D 223 -45.38 -25.55 7.06
C SER D 223 -45.00 -25.83 5.61
N GLY D 224 -43.73 -25.60 5.28
CA GLY D 224 -43.26 -25.81 3.92
C GLY D 224 -41.76 -25.65 3.84
N MET D 225 -41.23 -25.88 2.64
CA MET D 225 -39.79 -25.83 2.43
C MET D 225 -39.25 -24.42 2.67
N ASP D 226 -38.00 -24.36 3.12
CA ASP D 226 -37.40 -23.08 3.51
C ASP D 226 -37.07 -22.21 2.30
N SER D 227 -36.50 -22.81 1.26
CA SER D 227 -36.14 -22.04 0.07
C SER D 227 -37.35 -21.52 -0.68
N THR D 228 -38.52 -22.10 -0.46
CA THR D 228 -39.72 -21.66 -1.15
C THR D 228 -40.63 -20.89 -0.19
N VAL D 229 -41.31 -21.61 0.71
CA VAL D 229 -42.28 -20.98 1.59
C VAL D 229 -41.58 -20.01 2.55
N GLY D 230 -40.46 -20.44 3.13
CA GLY D 230 -39.74 -19.59 4.07
C GLY D 230 -39.27 -18.29 3.46
N ASP D 231 -38.51 -18.37 2.36
CA ASP D 231 -37.97 -17.15 1.76
C ASP D 231 -39.08 -16.27 1.17
N ALA D 232 -40.17 -16.88 0.69
CA ALA D 232 -41.27 -16.09 0.17
C ALA D 232 -41.89 -15.24 1.27
N ILE D 233 -42.08 -15.81 2.46
CA ILE D 233 -42.61 -15.06 3.59
C ILE D 233 -41.67 -13.91 3.96
N SER D 234 -40.37 -14.19 3.99
CA SER D 234 -39.40 -13.16 4.37
C SER D 234 -39.33 -12.06 3.32
N ALA D 235 -39.33 -12.44 2.03
CA ALA D 235 -39.17 -11.47 0.95
C ALA D 235 -40.44 -10.68 0.67
N SER D 236 -41.59 -11.15 1.15
CA SER D 236 -42.84 -10.40 0.98
C SER D 236 -42.71 -9.03 1.61
N THR D 237 -43.34 -8.03 0.98
CA THR D 237 -43.40 -6.69 1.54
C THR D 237 -44.55 -6.49 2.51
N ILE D 238 -45.34 -7.54 2.74
CA ILE D 238 -46.50 -7.47 3.63
C ILE D 238 -46.10 -7.45 5.10
N PRO D 239 -45.23 -8.36 5.58
CA PRO D 239 -44.94 -8.37 7.03
C PRO D 239 -44.21 -7.14 7.50
N SER D 240 -44.63 -6.62 8.66
CA SER D 240 -43.93 -5.53 9.32
C SER D 240 -42.91 -6.03 10.32
N VAL D 241 -43.15 -7.18 10.95
CA VAL D 241 -42.25 -7.78 11.92
C VAL D 241 -41.87 -9.18 11.43
N LEU D 242 -40.58 -9.46 11.45
CA LEU D 242 -40.05 -10.80 11.19
C LEU D 242 -39.35 -11.28 12.44
N THR D 243 -39.74 -12.45 12.94
CA THR D 243 -39.17 -12.99 14.16
C THR D 243 -38.82 -14.46 13.96
N LEU D 244 -37.72 -14.87 14.60
CA LEU D 244 -37.20 -16.22 14.44
C LEU D 244 -36.62 -16.71 15.75
N ILE D 245 -36.95 -17.95 16.10
CA ILE D 245 -36.29 -18.70 17.16
C ILE D 245 -35.53 -19.83 16.48
N GLY D 246 -34.21 -19.71 16.40
CA GLY D 246 -33.41 -20.70 15.71
C GLY D 246 -31.92 -20.44 15.68
N SER D 247 -31.25 -20.81 14.60
CA SER D 247 -29.81 -20.69 14.49
C SER D 247 -29.41 -19.24 14.17
N THR D 248 -28.13 -18.95 14.37
CA THR D 248 -27.61 -17.63 14.01
C THR D 248 -27.47 -17.48 12.51
N ASN D 249 -27.03 -18.53 11.82
CA ASN D 249 -26.86 -18.46 10.36
C ASN D 249 -28.19 -18.24 9.66
N VAL D 250 -29.24 -18.94 10.08
CA VAL D 250 -30.56 -18.68 9.54
C VAL D 250 -31.02 -17.28 9.88
N GLY D 251 -30.60 -16.76 11.03
CA GLY D 251 -30.97 -15.40 11.41
C GLY D 251 -30.42 -14.36 10.45
N LYS D 252 -29.13 -14.49 10.11
CA LYS D 252 -28.53 -13.58 9.13
C LYS D 252 -29.22 -13.71 7.78
N HIS D 253 -29.59 -14.94 7.40
CA HIS D 253 -30.26 -15.16 6.13
C HIS D 253 -31.63 -14.47 6.09
N VAL D 254 -32.39 -14.58 7.19
CA VAL D 254 -33.70 -13.96 7.25
C VAL D 254 -33.59 -12.44 7.21
N ILE D 255 -32.58 -11.89 7.87
CA ILE D 255 -32.40 -10.43 7.88
C ILE D 255 -32.13 -9.93 6.46
N ALA D 256 -31.23 -10.62 5.75
CA ALA D 256 -30.89 -10.20 4.39
C ALA D 256 -32.06 -10.40 3.44
N THR D 257 -32.68 -11.59 3.48
CA THR D 257 -33.80 -11.89 2.59
C THR D 257 -34.95 -10.92 2.82
N GLY D 258 -35.17 -10.51 4.06
CA GLY D 258 -36.30 -9.64 4.37
C GLY D 258 -36.12 -8.19 4.03
N ALA D 259 -34.92 -7.80 3.58
CA ALA D 259 -34.61 -6.40 3.25
C ALA D 259 -35.33 -5.90 1.99
N THR D 260 -36.28 -6.65 1.41
CA THR D 260 -37.10 -6.12 0.33
C THR D 260 -37.94 -4.94 0.78
N SER D 261 -38.17 -4.82 2.09
CA SER D 261 -38.88 -3.70 2.67
C SER D 261 -38.32 -3.48 4.07
N ILE D 262 -38.66 -2.34 4.66
CA ILE D 262 -38.23 -2.06 6.04
C ILE D 262 -39.06 -2.91 6.98
N LYS D 263 -38.41 -3.83 7.68
CA LYS D 263 -39.07 -4.70 8.63
C LYS D 263 -38.36 -4.64 9.98
N ARG D 264 -39.13 -4.83 11.05
CA ARG D 264 -38.58 -4.97 12.38
C ARG D 264 -38.19 -6.43 12.61
N TYR D 265 -37.01 -6.64 13.19
CA TYR D 265 -36.48 -7.98 13.43
C TYR D 265 -36.40 -8.25 14.92
N SER D 266 -36.92 -9.42 15.32
CA SER D 266 -36.80 -9.90 16.70
C SER D 266 -36.22 -11.30 16.64
N MET D 267 -34.95 -11.43 17.01
CA MET D 267 -34.19 -12.65 16.80
C MET D 267 -33.78 -13.25 18.13
N GLU D 268 -34.06 -14.54 18.30
CA GLU D 268 -33.64 -15.32 19.47
C GLU D 268 -32.84 -16.50 18.93
N LEU D 269 -31.52 -16.37 18.91
CA LEU D 269 -30.65 -17.28 18.17
C LEU D 269 -29.88 -18.19 19.12
N GLY D 270 -28.75 -18.72 18.64
CA GLY D 270 -28.00 -19.70 19.38
C GLY D 270 -27.19 -19.13 20.53
N GLY D 271 -26.74 -20.03 21.39
CA GLY D 271 -25.97 -19.65 22.56
C GLY D 271 -24.77 -20.57 22.76
N ASN D 272 -23.95 -20.21 23.74
CA ASN D 272 -22.77 -20.95 24.16
C ASN D 272 -22.55 -20.63 25.64
N ALA D 273 -23.41 -21.20 26.47
CA ALA D 273 -23.51 -20.81 27.87
C ALA D 273 -22.37 -21.40 28.68
N PRO D 274 -21.56 -20.58 29.36
CA PRO D 274 -20.61 -21.12 30.32
C PRO D 274 -21.25 -21.32 31.69
N ALA D 275 -20.83 -22.39 32.36
CA ALA D 275 -21.24 -22.67 33.73
C ALA D 275 -19.99 -22.72 34.59
N ILE D 276 -19.94 -21.87 35.62
CA ILE D 276 -18.74 -21.66 36.42
C ILE D 276 -19.01 -22.22 37.82
N VAL D 277 -18.35 -23.34 38.13
CA VAL D 277 -18.44 -23.97 39.44
C VAL D 277 -17.17 -23.60 40.20
N CYS D 278 -17.29 -22.65 41.12
CA CYS D 278 -16.15 -22.17 41.90
C CYS D 278 -15.89 -23.09 43.10
N SER D 279 -14.75 -22.83 43.76
CA SER D 279 -14.29 -23.72 44.83
C SER D 279 -15.27 -23.75 46.00
N ASP D 280 -15.88 -22.61 46.32
CA ASP D 280 -16.77 -22.51 47.46
C ASP D 280 -18.23 -22.78 47.10
N ALA D 281 -18.48 -23.48 45.99
CA ALA D 281 -19.85 -23.71 45.56
C ALA D 281 -20.45 -24.92 46.27
N ASN D 282 -21.79 -24.94 46.31
CA ASN D 282 -22.55 -26.10 46.77
C ASN D 282 -22.55 -27.11 45.63
N LEU D 283 -21.70 -28.13 45.73
CA LEU D 283 -21.51 -29.05 44.61
C LEU D 283 -22.78 -29.85 44.31
N ASP D 284 -23.58 -30.15 45.33
CA ASP D 284 -24.80 -30.90 45.10
C ASP D 284 -25.83 -30.07 44.34
N ASN D 285 -26.00 -28.81 44.74
CA ASN D 285 -26.91 -27.92 44.01
C ASN D 285 -26.41 -27.69 42.59
N ALA D 286 -25.11 -27.44 42.42
CA ALA D 286 -24.56 -27.19 41.10
C ALA D 286 -24.74 -28.39 40.18
N ALA D 287 -24.56 -29.59 40.72
CA ALA D 287 -24.73 -30.79 39.91
C ALA D 287 -26.20 -31.00 39.54
N ASP D 288 -27.12 -30.74 40.48
CA ASP D 288 -28.53 -30.92 40.19
C ASP D 288 -29.02 -29.95 39.13
N VAL D 289 -28.51 -28.71 39.16
CA VAL D 289 -28.94 -27.71 38.18
C VAL D 289 -28.39 -28.04 36.80
N ILE D 290 -27.08 -28.32 36.72
CA ILE D 290 -26.44 -28.50 35.43
C ILE D 290 -26.92 -29.78 34.76
N CYS D 291 -26.87 -30.91 35.48
CA CYS D 291 -27.32 -32.17 34.89
C CYS D 291 -28.82 -32.17 34.60
N GLY D 292 -29.62 -31.45 35.40
CA GLY D 292 -31.05 -31.41 35.13
C GLY D 292 -31.38 -30.75 33.80
N VAL D 293 -30.75 -29.61 33.52
CA VAL D 293 -31.02 -28.89 32.28
C VAL D 293 -30.17 -29.39 31.12
N LYS D 294 -29.10 -30.13 31.40
CA LYS D 294 -28.29 -30.70 30.33
C LYS D 294 -28.87 -31.99 29.76
N PHE D 295 -29.78 -32.64 30.49
CA PHE D 295 -30.40 -33.86 30.01
C PHE D 295 -31.88 -33.71 29.72
N ALA D 296 -32.53 -32.66 30.22
CA ALA D 296 -33.90 -32.36 29.81
C ALA D 296 -33.93 -32.06 28.31
N ASN D 297 -34.93 -32.60 27.63
CA ASN D 297 -35.10 -32.45 26.18
C ASN D 297 -33.85 -32.92 25.42
N ALA D 298 -33.16 -33.92 25.96
CA ALA D 298 -31.92 -34.46 25.38
C ALA D 298 -30.88 -33.36 25.19
N GLY D 299 -30.83 -32.39 26.10
CA GLY D 299 -29.88 -31.29 26.00
C GLY D 299 -30.20 -30.25 24.95
N GLN D 300 -31.31 -30.38 24.22
CA GLN D 300 -31.65 -29.46 23.14
C GLN D 300 -32.40 -28.26 23.73
N ILE D 301 -31.65 -27.47 24.50
CA ILE D 301 -32.17 -26.29 25.18
C ILE D 301 -31.18 -25.14 24.94
N CYS D 302 -31.72 -23.97 24.58
CA CYS D 302 -30.86 -22.84 24.21
C CYS D 302 -30.12 -22.24 25.41
N VAL D 303 -30.64 -22.41 26.63
CA VAL D 303 -30.01 -21.83 27.81
C VAL D 303 -29.22 -22.85 28.62
N THR D 304 -29.13 -24.09 28.17
CA THR D 304 -28.39 -25.10 28.90
C THR D 304 -26.89 -24.80 28.83
N PRO D 305 -26.13 -25.16 29.86
CA PRO D 305 -24.68 -24.93 29.82
C PRO D 305 -24.03 -25.69 28.66
N ASN D 306 -23.18 -24.99 27.93
CA ASN D 306 -22.38 -25.59 26.87
C ASN D 306 -20.96 -25.90 27.32
N ARG D 307 -20.39 -25.07 28.17
CA ARG D 307 -19.04 -25.28 28.72
C ARG D 307 -19.14 -25.19 30.23
N VAL D 308 -18.75 -26.26 30.92
CA VAL D 308 -18.88 -26.37 32.36
C VAL D 308 -17.48 -26.16 32.96
N PHE D 309 -17.25 -24.98 33.52
CA PHE D 309 -15.98 -24.64 34.15
C PHE D 309 -16.03 -25.03 35.64
N VAL D 310 -15.06 -25.83 36.06
CA VAL D 310 -15.02 -26.35 37.43
C VAL D 310 -13.63 -26.10 38.00
N HIS D 311 -13.59 -25.51 39.20
CA HIS D 311 -12.31 -25.22 39.83
C HIS D 311 -11.58 -26.51 40.19
N GLU D 312 -10.24 -26.44 40.15
CA GLU D 312 -9.43 -27.64 40.33
C GLU D 312 -9.59 -28.24 41.72
N SER D 313 -9.89 -27.41 42.73
CA SER D 313 -9.98 -27.90 44.10
C SER D 313 -11.24 -28.71 44.37
N VAL D 314 -12.23 -28.67 43.47
CA VAL D 314 -13.47 -29.42 43.65
C VAL D 314 -13.74 -30.24 42.41
N ALA D 315 -12.75 -30.32 41.51
CA ALA D 315 -12.96 -30.99 40.23
C ALA D 315 -13.29 -32.46 40.41
N ASP D 316 -12.44 -33.19 41.12
CA ASP D 316 -12.65 -34.63 41.29
C ASP D 316 -13.98 -34.92 41.98
N GLU D 317 -14.37 -34.08 42.94
CA GLU D 317 -15.62 -34.30 43.66
C GLU D 317 -16.83 -33.98 42.78
N PHE D 318 -16.78 -32.86 42.06
CA PHE D 318 -17.93 -32.44 41.26
C PHE D 318 -18.19 -33.43 40.12
N ILE D 319 -17.12 -33.90 39.47
CA ILE D 319 -17.28 -34.85 38.36
C ILE D 319 -17.91 -36.15 38.86
N GLU D 320 -17.60 -36.56 40.08
CA GLU D 320 -18.25 -37.72 40.66
C GLU D 320 -19.75 -37.49 40.80
N LYS D 321 -20.15 -36.30 41.25
CA LYS D 321 -21.57 -35.99 41.36
C LYS D 321 -22.25 -36.00 40.00
N VAL D 322 -21.55 -35.53 38.95
CA VAL D 322 -22.12 -35.49 37.62
C VAL D 322 -22.40 -36.89 37.11
N LEU D 323 -21.43 -37.81 37.30
CA LEU D 323 -21.61 -39.18 36.84
C LEU D 323 -22.77 -39.86 37.56
N THR D 324 -22.89 -39.63 38.87
CA THR D 324 -23.97 -40.24 39.63
C THR D 324 -25.34 -39.87 39.07
N ARG D 325 -25.54 -38.59 38.73
CA ARG D 325 -26.81 -38.15 38.17
C ARG D 325 -26.96 -38.55 36.71
N ALA D 326 -25.86 -38.56 35.95
CA ALA D 326 -25.94 -38.89 34.53
C ALA D 326 -26.35 -40.34 34.32
N LYS D 327 -25.75 -41.27 35.10
CA LYS D 327 -26.07 -42.68 34.94
C LYS D 327 -27.44 -43.06 35.47
N ALA D 328 -28.11 -42.15 36.18
CA ALA D 328 -29.46 -42.39 36.68
C ALA D 328 -30.54 -41.91 35.72
N VAL D 329 -30.16 -41.35 34.58
CA VAL D 329 -31.13 -40.81 33.63
C VAL D 329 -31.80 -41.96 32.90
N LYS D 330 -33.13 -41.91 32.82
CA LYS D 330 -33.92 -42.94 32.16
C LYS D 330 -34.18 -42.50 30.72
N VAL D 331 -33.60 -43.23 29.76
CA VAL D 331 -33.69 -42.90 28.35
C VAL D 331 -34.63 -43.89 27.67
N GLY D 332 -35.59 -43.38 26.92
CA GLY D 332 -36.52 -44.24 26.21
C GLY D 332 -37.58 -43.45 25.50
N PHE D 333 -38.69 -44.13 25.19
CA PHE D 333 -39.83 -43.49 24.54
C PHE D 333 -41.07 -44.33 24.86
N ASP D 334 -41.83 -43.87 25.86
CA ASP D 334 -43.04 -44.57 26.30
C ASP D 334 -43.84 -43.66 27.23
N LYS D 335 -45.04 -43.27 26.80
CA LYS D 335 -45.86 -42.37 27.60
C LYS D 335 -46.26 -42.98 28.94
N ASN D 336 -46.21 -44.30 29.08
CA ASN D 336 -46.59 -44.98 30.30
C ASN D 336 -45.39 -45.34 31.17
N GLU D 337 -44.22 -44.77 30.89
CA GLU D 337 -43.03 -44.98 31.70
C GLU D 337 -42.45 -43.62 32.09
N ALA D 338 -41.70 -43.62 33.19
CA ALA D 338 -41.10 -42.39 33.71
C ALA D 338 -39.78 -42.12 32.97
N ILE D 339 -39.92 -41.73 31.70
CA ILE D 339 -38.78 -41.43 30.86
C ILE D 339 -38.29 -40.02 31.15
N ASP D 340 -36.98 -39.88 31.40
CA ASP D 340 -36.39 -38.58 31.63
C ASP D 340 -35.87 -37.94 30.34
N MET D 341 -35.40 -38.74 29.39
CA MET D 341 -34.73 -38.23 28.21
C MET D 341 -35.13 -39.04 26.98
N GLY D 342 -35.42 -38.34 25.89
CA GLY D 342 -35.71 -38.97 24.63
C GLY D 342 -34.52 -38.89 23.69
N PRO D 343 -34.76 -39.12 22.40
CA PRO D 343 -33.69 -39.03 21.41
C PRO D 343 -33.56 -37.61 20.88
N VAL D 344 -32.53 -37.40 20.06
CA VAL D 344 -32.34 -36.10 19.41
C VAL D 344 -33.23 -36.04 18.17
N MET D 345 -33.26 -34.88 17.51
CA MET D 345 -34.32 -34.60 16.54
C MET D 345 -34.22 -35.50 15.31
N ASP D 346 -33.04 -35.59 14.70
CA ASP D 346 -32.91 -36.34 13.45
C ASP D 346 -31.49 -36.89 13.34
N ALA D 347 -31.22 -37.52 12.21
CA ALA D 347 -29.92 -38.17 11.99
C ALA D 347 -28.80 -37.15 11.93
N ASN D 348 -29.05 -35.99 11.30
CA ASN D 348 -27.98 -35.01 11.12
C ASN D 348 -27.55 -34.40 12.46
N SER D 349 -28.50 -34.17 13.37
CA SER D 349 -28.13 -33.73 14.72
C SER D 349 -27.30 -34.78 15.43
N TRP D 350 -27.66 -36.06 15.28
CA TRP D 350 -26.88 -37.15 15.86
C TRP D 350 -25.45 -37.12 15.35
N GLN D 351 -25.28 -37.11 14.02
CA GLN D 351 -23.93 -37.09 13.44
C GLN D 351 -23.16 -35.85 13.87
N ARG D 352 -23.85 -34.70 13.97
CA ARG D 352 -23.17 -33.48 14.40
C ARG D 352 -22.71 -33.57 15.85
N ILE D 353 -23.55 -34.12 16.73
CA ILE D 353 -23.16 -34.30 18.12
C ILE D 353 -22.03 -35.33 18.23
N ASP D 354 -22.18 -36.46 17.55
CA ASP D 354 -21.16 -37.51 17.63
C ASP D 354 -19.83 -37.06 17.08
N GLU D 355 -19.83 -36.19 16.07
CA GLU D 355 -18.57 -35.67 15.54
C GLU D 355 -17.89 -34.76 16.54
N LEU D 356 -18.67 -33.94 17.26
CA LEU D 356 -18.09 -33.09 18.29
C LEU D 356 -17.47 -33.92 19.41
N VAL D 357 -18.14 -35.02 19.79
CA VAL D 357 -17.63 -35.87 20.86
C VAL D 357 -16.36 -36.58 20.42
N LYS D 358 -16.37 -37.18 19.23
CA LYS D 358 -15.21 -37.94 18.76
C LYS D 358 -14.02 -37.03 18.49
N ASP D 359 -14.28 -35.81 17.98
CA ASP D 359 -13.19 -34.87 17.73
C ASP D 359 -12.50 -34.45 19.03
N ALA D 360 -13.29 -34.27 20.09
CA ALA D 360 -12.71 -33.89 21.38
C ALA D 360 -11.77 -34.97 21.90
N GLN D 361 -12.19 -36.24 21.82
CA GLN D 361 -11.34 -37.34 22.27
C GLN D 361 -10.08 -37.43 21.42
N GLN D 362 -10.20 -37.16 20.11
CA GLN D 362 -9.03 -37.14 19.24
C GLN D 362 -8.03 -36.06 19.63
N ASN D 363 -8.48 -35.03 20.34
CA ASN D 363 -7.62 -33.93 20.76
C ASN D 363 -7.26 -33.97 22.23
N GLY D 364 -7.71 -34.98 22.97
CA GLY D 364 -7.26 -35.15 24.34
C GLY D 364 -8.35 -35.31 25.38
N ALA D 365 -9.62 -35.22 24.97
CA ALA D 365 -10.71 -35.30 25.93
C ALA D 365 -10.88 -36.73 26.44
N GLN D 366 -11.38 -36.84 27.67
CA GLN D 366 -11.55 -38.13 28.35
C GLN D 366 -13.04 -38.47 28.40
N LEU D 367 -13.41 -39.54 27.71
CA LEU D 367 -14.81 -39.99 27.68
C LEU D 367 -15.11 -40.75 28.96
N GLN D 368 -15.89 -40.13 29.85
CA GLN D 368 -16.27 -40.76 31.11
C GLN D 368 -17.52 -41.61 31.01
N LEU D 369 -18.45 -41.25 30.13
CA LEU D 369 -19.71 -41.98 30.01
C LEU D 369 -20.36 -41.65 28.68
N GLY D 370 -21.06 -42.64 28.12
CA GLY D 370 -21.83 -42.45 26.91
C GLY D 370 -20.99 -42.30 25.65
N GLY D 371 -21.36 -41.35 24.80
CA GLY D 371 -20.66 -41.14 23.55
C GLY D 371 -21.03 -42.11 22.46
N LYS D 372 -22.25 -42.66 22.50
CA LYS D 372 -22.70 -43.63 21.51
C LYS D 372 -24.20 -43.81 21.67
N LYS D 373 -24.79 -44.53 20.71
CA LYS D 373 -26.20 -44.88 20.77
C LYS D 373 -26.40 -46.05 21.73
N PRO D 374 -27.47 -46.04 22.53
CA PRO D 374 -27.76 -47.20 23.39
C PRO D 374 -27.99 -48.46 22.55
N THR D 375 -27.62 -49.60 23.13
CA THR D 375 -27.79 -50.87 22.43
C THR D 375 -29.25 -51.29 22.42
N GLY D 376 -29.71 -51.80 21.27
CA GLY D 376 -31.04 -52.34 21.16
C GLY D 376 -32.12 -51.35 20.77
N VAL D 377 -31.77 -50.20 20.21
CA VAL D 377 -32.76 -49.22 19.80
C VAL D 377 -32.44 -48.76 18.38
N ASN D 378 -33.49 -48.35 17.65
CA ASN D 378 -33.36 -47.96 16.26
C ASN D 378 -33.16 -46.46 16.08
N GLY D 379 -33.83 -45.64 16.88
CA GLY D 379 -33.88 -44.22 16.67
C GLY D 379 -32.55 -43.53 16.95
N TYR D 380 -32.61 -42.20 16.89
CA TYR D 380 -31.42 -41.36 17.08
C TYR D 380 -31.22 -41.04 18.57
N PHE D 381 -31.12 -42.09 19.37
CA PHE D 381 -30.83 -41.93 20.78
C PHE D 381 -29.33 -41.76 20.98
N TYR D 382 -28.94 -40.77 21.79
CA TYR D 382 -27.55 -40.55 22.16
C TYR D 382 -27.45 -40.62 23.68
N GLU D 383 -26.62 -41.52 24.18
CA GLU D 383 -26.50 -41.74 25.61
C GLU D 383 -26.05 -40.46 26.31
N PRO D 384 -26.49 -40.23 27.56
CA PRO D 384 -25.95 -39.12 28.35
C PRO D 384 -24.44 -39.18 28.41
N THR D 385 -23.78 -38.11 28.00
CA THR D 385 -22.34 -38.13 27.79
C THR D 385 -21.65 -37.14 28.74
N VAL D 386 -20.52 -37.58 29.29
CA VAL D 386 -19.69 -36.76 30.16
C VAL D 386 -18.27 -36.79 29.60
N LEU D 387 -17.78 -35.62 29.20
CA LEU D 387 -16.42 -35.47 28.70
C LEU D 387 -15.64 -34.58 29.65
N THR D 388 -14.37 -34.94 29.88
CA THR D 388 -13.48 -34.17 30.73
C THR D 388 -12.20 -33.86 29.97
N ASN D 389 -11.34 -33.05 30.58
CA ASN D 389 -10.10 -32.59 29.97
C ASN D 389 -10.37 -31.91 28.63
N VAL D 390 -11.29 -30.96 28.64
CA VAL D 390 -11.64 -30.16 27.48
C VAL D 390 -10.93 -28.82 27.58
N ASP D 391 -10.45 -28.30 26.45
CA ASP D 391 -9.78 -27.01 26.41
C ASP D 391 -10.40 -26.16 25.30
N SER D 392 -9.95 -24.90 25.24
CA SER D 392 -10.57 -23.88 24.39
C SER D 392 -10.20 -24.00 22.92
N SER D 393 -9.55 -25.09 22.50
CA SER D 393 -9.18 -25.28 21.10
C SER D 393 -10.00 -26.36 20.42
N MET D 394 -10.92 -27.00 21.12
CA MET D 394 -11.72 -28.08 20.56
C MET D 394 -13.01 -27.55 19.97
N LYS D 395 -13.51 -28.25 18.95
CA LYS D 395 -14.75 -27.85 18.30
C LYS D 395 -15.93 -27.91 19.26
N ILE D 396 -15.92 -28.85 20.21
CA ILE D 396 -16.99 -28.94 21.19
C ILE D 396 -17.02 -27.72 22.11
N TYR D 397 -15.91 -27.00 22.23
CA TYR D 397 -15.82 -25.79 23.05
C TYR D 397 -16.29 -24.56 22.27
N LYS D 398 -15.90 -24.44 21.00
CA LYS D 398 -16.24 -23.26 20.21
C LYS D 398 -17.68 -23.29 19.70
N ASP D 399 -18.24 -24.47 19.48
CA ASP D 399 -19.56 -24.63 18.88
C ASP D 399 -20.59 -25.04 19.92
N GLU D 400 -21.85 -24.82 19.59
CA GLU D 400 -22.97 -25.17 20.45
C GLU D 400 -23.27 -26.65 20.30
N ILE D 401 -23.19 -27.40 21.40
CA ILE D 401 -23.45 -28.83 21.35
C ILE D 401 -24.91 -29.10 20.99
N PHE D 402 -25.83 -28.50 21.75
CA PHE D 402 -27.27 -28.75 21.60
C PHE D 402 -27.57 -30.24 21.67
N GLY D 403 -26.93 -30.92 22.62
CA GLY D 403 -27.12 -32.33 22.82
C GLY D 403 -26.87 -32.75 24.26
N PRO D 404 -27.09 -34.03 24.58
CA PRO D 404 -26.96 -34.53 25.96
C PRO D 404 -25.52 -34.82 26.38
N VAL D 405 -24.66 -33.82 26.19
CA VAL D 405 -23.22 -33.96 26.45
C VAL D 405 -22.82 -32.91 27.47
N ILE D 406 -22.20 -33.35 28.56
CA ILE D 406 -21.65 -32.45 29.57
C ILE D 406 -20.16 -32.33 29.33
N SER D 407 -19.72 -31.12 29.01
CA SER D 407 -18.34 -30.82 28.65
C SER D 407 -17.70 -30.02 29.78
N ILE D 408 -16.68 -30.59 30.41
CA ILE D 408 -16.11 -30.04 31.64
C ILE D 408 -14.72 -29.52 31.36
N ILE D 409 -14.44 -28.31 31.82
CA ILE D 409 -13.13 -27.69 31.74
C ILE D 409 -12.71 -27.29 33.15
N ILE D 410 -11.44 -27.53 33.48
CA ILE D 410 -10.90 -27.23 34.80
C ILE D 410 -10.12 -25.92 34.73
N PHE D 411 -10.32 -25.06 35.72
CA PHE D 411 -9.67 -23.76 35.77
C PHE D 411 -9.07 -23.54 37.15
N SER D 412 -8.29 -22.46 37.26
CA SER D 412 -7.56 -22.14 38.49
C SER D 412 -7.92 -20.78 39.05
N ASP D 413 -7.95 -19.73 38.22
CA ASP D 413 -8.16 -18.36 38.66
C ASP D 413 -9.51 -17.85 38.17
N ASN D 414 -10.18 -17.07 39.02
CA ASN D 414 -11.50 -16.55 38.68
C ASN D 414 -11.42 -15.50 37.57
N GLU D 415 -10.36 -14.69 37.57
CA GLU D 415 -10.22 -13.67 36.53
C GLU D 415 -9.91 -14.29 35.18
N GLN D 416 -9.26 -15.45 35.15
CA GLN D 416 -8.94 -16.10 33.89
C GLN D 416 -10.13 -16.86 33.33
N VAL D 417 -10.90 -17.52 34.20
CA VAL D 417 -12.09 -18.23 33.74
C VAL D 417 -13.18 -17.28 33.28
N LEU D 418 -13.15 -16.02 33.75
CA LEU D 418 -14.09 -15.03 33.24
C LEU D 418 -13.78 -14.70 31.78
N SER D 419 -12.50 -14.50 31.45
CA SER D 419 -12.13 -14.22 30.07
C SER D 419 -12.47 -15.38 29.15
N ASP D 420 -12.28 -16.61 29.63
CA ASP D 420 -12.63 -17.78 28.82
C ASP D 420 -14.13 -17.91 28.66
N ALA D 421 -14.89 -17.56 29.70
CA ALA D 421 -16.34 -17.61 29.61
C ALA D 421 -16.86 -16.60 28.59
N ASN D 422 -16.29 -15.40 28.57
CA ASN D 422 -16.65 -14.36 27.61
C ASN D 422 -16.01 -14.57 26.24
N ASP D 423 -15.24 -15.64 26.06
CA ASP D 423 -14.53 -15.88 24.79
C ASP D 423 -15.46 -16.61 23.81
N THR D 424 -16.50 -15.89 23.40
CA THR D 424 -17.48 -16.44 22.48
C THR D 424 -18.26 -15.31 21.83
N ASP D 425 -18.83 -15.61 20.67
CA ASP D 425 -19.73 -14.68 20.00
C ASP D 425 -21.15 -14.73 20.56
N ALA D 426 -21.48 -15.78 21.31
CA ALA D 426 -22.82 -15.92 21.88
C ALA D 426 -22.99 -15.01 23.09
N GLY D 427 -24.25 -14.76 23.43
CA GLY D 427 -24.56 -13.91 24.57
C GLY D 427 -25.93 -14.19 25.15
N LEU D 428 -26.25 -15.47 25.35
CA LEU D 428 -27.54 -15.86 25.90
C LEU D 428 -27.45 -15.99 27.43
N SER D 429 -27.46 -17.22 27.92
CA SER D 429 -27.45 -17.46 29.35
C SER D 429 -26.03 -17.71 29.86
N SER D 430 -25.88 -17.63 31.17
CA SER D 430 -24.61 -17.90 31.85
C SER D 430 -24.92 -18.31 33.28
N PHE D 431 -24.05 -19.13 33.86
CA PHE D 431 -24.28 -19.69 35.19
C PHE D 431 -23.08 -19.47 36.08
N ILE D 432 -23.34 -19.14 37.35
CA ILE D 432 -22.29 -18.98 38.34
C ILE D 432 -22.75 -19.65 39.64
N PHE D 433 -21.92 -20.55 40.15
CA PHE D 433 -22.20 -21.27 41.39
C PHE D 433 -21.10 -20.94 42.39
N SER D 434 -21.44 -20.20 43.44
CA SER D 434 -20.45 -19.78 44.43
C SER D 434 -21.16 -19.31 45.70
N SER D 435 -20.46 -19.44 46.82
CA SER D 435 -20.95 -18.96 48.10
C SER D 435 -20.45 -17.55 48.43
N ASN D 436 -19.35 -17.13 47.80
CA ASN D 436 -18.79 -15.81 48.03
C ASN D 436 -19.69 -14.75 47.40
N GLU D 437 -20.17 -13.80 48.21
CA GLU D 437 -21.02 -12.75 47.69
C GLU D 437 -20.27 -11.85 46.71
N ASP D 438 -18.98 -11.63 46.96
CA ASP D 438 -18.19 -10.79 46.05
C ASP D 438 -17.87 -11.52 44.75
N THR D 439 -17.69 -12.84 44.82
CA THR D 439 -17.56 -13.63 43.59
C THR D 439 -18.84 -13.53 42.77
N ILE D 440 -19.99 -13.53 43.44
CA ILE D 440 -21.26 -13.39 42.74
C ILE D 440 -21.37 -12.01 42.10
N SER D 441 -20.98 -10.97 42.83
CA SER D 441 -21.02 -9.61 42.28
C SER D 441 -20.04 -9.46 41.12
N TYR D 442 -18.88 -10.08 41.22
CA TYR D 442 -17.86 -9.93 40.16
C TYR D 442 -18.32 -10.57 38.86
N PHE D 443 -18.87 -11.78 38.93
CA PHE D 443 -19.27 -12.48 37.73
C PHE D 443 -20.55 -11.91 37.15
N ALA D 444 -21.48 -11.48 38.01
CA ALA D 444 -22.74 -10.93 37.52
C ALA D 444 -22.51 -9.66 36.69
N LYS D 445 -21.59 -8.81 37.14
CA LYS D 445 -21.36 -7.54 36.45
C LYS D 445 -20.54 -7.70 35.19
N HIS D 446 -19.58 -8.63 35.17
CA HIS D 446 -18.60 -8.70 34.09
C HIS D 446 -18.93 -9.76 33.04
N LEU D 447 -19.84 -10.69 33.31
CA LEU D 447 -20.23 -11.66 32.30
C LEU D 447 -20.98 -10.98 31.17
N ARG D 448 -20.55 -11.22 29.94
CA ARG D 448 -21.13 -10.57 28.77
C ARG D 448 -22.25 -11.44 28.19
N PHE D 449 -23.32 -11.54 28.98
CA PHE D 449 -24.45 -12.38 28.60
C PHE D 449 -25.74 -11.70 29.03
N GLY D 450 -26.82 -12.01 28.32
CA GLY D 450 -28.12 -11.42 28.64
C GLY D 450 -28.70 -11.94 29.93
N GLU D 451 -28.40 -13.19 30.29
CA GLU D 451 -28.95 -13.82 31.49
C GLU D 451 -27.80 -14.36 32.32
N VAL D 452 -27.81 -14.04 33.61
CA VAL D 452 -26.83 -14.56 34.56
C VAL D 452 -27.60 -15.29 35.64
N GLN D 453 -27.47 -16.62 35.68
CA GLN D 453 -28.15 -17.45 36.66
C GLN D 453 -27.20 -17.76 37.80
N VAL D 454 -27.54 -17.30 39.01
CA VAL D 454 -26.70 -17.49 40.19
C VAL D 454 -27.29 -18.63 41.02
N ASN D 455 -26.53 -19.72 41.14
CA ASN D 455 -26.88 -20.84 42.03
C ASN D 455 -28.21 -21.50 41.68
N GLY D 456 -28.58 -21.50 40.40
CA GLY D 456 -29.81 -22.14 39.99
C GLY D 456 -30.15 -21.78 38.55
N ILE D 457 -31.44 -21.89 38.23
CA ILE D 457 -31.95 -21.55 36.91
C ILE D 457 -33.44 -21.28 37.02
N LYS D 458 -33.90 -20.18 36.45
CA LYS D 458 -35.30 -19.79 36.58
C LYS D 458 -35.76 -19.04 35.35
N TYR D 459 -36.77 -19.58 34.67
CA TYR D 459 -37.42 -18.95 33.55
C TYR D 459 -38.93 -19.07 33.72
N SER D 460 -39.65 -18.05 33.26
CA SER D 460 -41.10 -18.01 33.41
C SER D 460 -41.65 -16.99 32.43
N ILE D 461 -42.98 -17.00 32.27
CA ILE D 461 -43.62 -16.19 31.24
C ILE D 461 -43.43 -14.70 31.52
N ASN D 462 -43.30 -14.32 32.79
CA ASN D 462 -43.14 -12.92 33.15
C ASN D 462 -41.67 -12.49 33.20
N LEU D 463 -40.73 -13.42 33.12
CA LEU D 463 -39.31 -13.09 33.18
C LEU D 463 -38.75 -12.93 31.77
N PRO D 464 -38.07 -11.82 31.48
CA PRO D 464 -37.60 -11.60 30.11
C PRO D 464 -36.49 -12.57 29.72
N HIS D 465 -36.60 -13.10 28.50
CA HIS D 465 -35.65 -14.06 27.95
C HIS D 465 -35.10 -13.48 26.66
N PHE D 466 -33.80 -13.23 26.63
CA PHE D 466 -33.19 -12.51 25.52
C PHE D 466 -31.71 -12.86 25.44
N GLY D 467 -31.10 -12.53 24.30
CA GLY D 467 -29.68 -12.66 24.15
C GLY D 467 -29.07 -11.35 23.67
N ILE D 468 -27.75 -11.25 23.84
CA ILE D 468 -26.99 -10.12 23.34
C ILE D 468 -25.92 -10.65 22.39
N LYS D 469 -25.15 -9.76 21.79
CA LYS D 469 -24.08 -10.11 20.84
C LYS D 469 -24.73 -10.89 19.70
N GLN D 470 -24.19 -12.03 19.28
CA GLN D 470 -24.70 -12.77 18.14
C GLN D 470 -25.83 -13.72 18.51
N SER D 471 -26.35 -13.66 19.74
CA SER D 471 -27.47 -14.47 20.15
C SER D 471 -28.82 -13.83 19.84
N GLY D 472 -28.84 -12.68 19.19
CA GLY D 472 -30.05 -12.07 18.72
C GLY D 472 -30.34 -10.75 19.41
N VAL D 473 -31.42 -10.11 18.96
CA VAL D 473 -31.94 -8.89 19.56
C VAL D 473 -33.45 -8.99 19.64
N GLY D 474 -34.01 -8.35 20.66
CA GLY D 474 -35.41 -8.53 21.00
C GLY D 474 -35.56 -9.46 22.20
N VAL D 475 -36.76 -9.43 22.78
CA VAL D 475 -37.04 -10.13 24.03
C VAL D 475 -38.30 -10.97 23.86
N ASP D 476 -38.23 -12.22 24.29
CA ASP D 476 -39.39 -13.07 24.48
C ASP D 476 -39.76 -13.09 25.95
N CYS D 477 -41.04 -13.35 26.22
CA CYS D 477 -41.60 -13.36 27.57
C CYS D 477 -41.58 -11.95 28.17
N SER D 478 -42.25 -11.79 29.32
CA SER D 478 -42.34 -10.50 30.02
C SER D 478 -43.07 -9.45 29.19
N LEU D 479 -43.21 -8.25 29.75
CA LEU D 479 -43.87 -7.16 29.03
C LEU D 479 -43.03 -6.64 27.86
N LEU D 480 -41.72 -6.87 27.88
CA LEU D 480 -40.85 -6.36 26.82
C LEU D 480 -41.18 -6.98 25.47
N ALA D 481 -41.69 -8.22 25.47
CA ALA D 481 -42.01 -8.89 24.21
C ALA D 481 -43.03 -8.12 23.37
N LEU D 482 -43.84 -7.27 24.01
CA LEU D 482 -44.85 -6.52 23.28
C LEU D 482 -44.25 -5.36 22.49
N ASP D 483 -43.02 -4.95 22.80
CA ASP D 483 -42.43 -3.79 22.14
C ASP D 483 -42.28 -4.02 20.64
N ASP D 484 -41.96 -5.25 20.23
CA ASP D 484 -41.76 -5.52 18.81
C ASP D 484 -43.06 -5.47 18.03
N TYR D 485 -44.21 -5.61 18.68
CA TYR D 485 -45.50 -5.65 18.01
C TYR D 485 -46.32 -4.37 18.19
N LEU D 486 -45.81 -3.41 18.97
CA LEU D 486 -46.50 -2.15 19.20
C LEU D 486 -45.62 -1.00 18.75
N ALA D 487 -46.19 -0.10 17.96
CA ALA D 487 -45.51 1.11 17.51
C ALA D 487 -46.08 2.31 18.27
N TYR D 488 -45.24 3.34 18.42
CA TYR D 488 -45.67 4.53 19.12
C TYR D 488 -46.39 5.49 18.17
N LYS D 489 -47.15 6.41 18.78
CA LYS D 489 -47.77 7.51 18.05
C LYS D 489 -47.80 8.71 18.96
N ARG D 490 -47.31 9.85 18.47
CA ARG D 490 -47.32 11.11 19.20
C ARG D 490 -48.32 12.05 18.55
N VAL D 491 -49.37 12.39 19.29
CA VAL D 491 -50.35 13.40 18.87
C VAL D 491 -50.01 14.69 19.61
N SER D 492 -49.60 15.71 18.84
CA SER D 492 -49.23 17.00 19.40
C SER D 492 -50.19 18.06 18.87
N ARG D 493 -50.69 18.89 19.78
CA ARG D 493 -51.68 19.91 19.43
C ARG D 493 -51.24 21.26 19.96
N ALA D 494 -51.29 22.27 19.08
CA ALA D 494 -51.01 23.63 19.50
C ALA D 494 -52.10 24.13 20.44
N LEU D 495 -51.68 24.68 21.58
CA LEU D 495 -52.65 25.08 22.60
C LEU D 495 -53.38 26.37 22.22
N LYS D 496 -52.67 27.34 21.67
CA LYS D 496 -53.26 28.65 21.39
C LYS D 496 -54.19 28.64 20.17
N VAL D 497 -54.40 27.50 19.52
CA VAL D 497 -55.29 27.44 18.35
C VAL D 497 -56.48 26.55 18.63
N SER E 23 -7.70 -49.09 1.24
CA SER E 23 -8.11 -47.71 1.00
C SER E 23 -7.13 -46.99 0.07
N LEU E 24 -6.31 -47.77 -0.63
CA LEU E 24 -5.36 -47.24 -1.59
C LEU E 24 -5.75 -47.55 -3.04
N SER E 25 -7.00 -47.95 -3.26
CA SER E 25 -7.58 -48.07 -4.59
C SER E 25 -8.60 -46.94 -4.71
N LYS E 26 -8.16 -45.79 -5.19
CA LYS E 26 -8.94 -44.56 -5.14
C LYS E 26 -9.59 -44.26 -6.49
N GLN E 27 -10.72 -43.58 -6.43
CA GLN E 27 -11.51 -43.25 -7.61
C GLN E 27 -11.41 -41.77 -7.93
N LEU E 28 -11.87 -41.41 -9.12
CA LEU E 28 -11.84 -40.03 -9.56
C LEU E 28 -12.82 -39.19 -8.74
N TYR E 29 -12.44 -37.94 -8.47
CA TYR E 29 -13.29 -36.98 -7.76
C TYR E 29 -13.71 -35.93 -8.78
N ILE E 30 -14.87 -36.14 -9.40
CA ILE E 30 -15.37 -35.28 -10.47
C ILE E 30 -16.82 -34.94 -10.17
N GLY E 31 -17.16 -33.66 -10.22
CA GLY E 31 -18.53 -33.24 -9.98
C GLY E 31 -19.04 -33.57 -8.60
N GLY E 32 -18.18 -33.55 -7.59
CA GLY E 32 -18.59 -33.85 -6.23
C GLY E 32 -18.86 -35.31 -5.96
N LYS E 33 -18.57 -36.20 -6.90
CA LYS E 33 -18.82 -37.63 -6.76
C LYS E 33 -17.53 -38.41 -6.98
N LEU E 34 -17.42 -39.55 -6.31
CA LEU E 34 -16.32 -40.48 -6.50
C LEU E 34 -16.76 -41.54 -7.50
N ILE E 35 -16.24 -41.44 -8.73
CA ILE E 35 -16.66 -42.31 -9.82
C ILE E 35 -15.46 -43.11 -10.30
N THR E 36 -15.73 -44.29 -10.84
CA THR E 36 -14.69 -45.15 -11.38
C THR E 36 -14.52 -44.88 -12.87
N SER E 37 -13.67 -45.68 -13.52
CA SER E 37 -13.13 -45.35 -14.83
C SER E 37 -13.52 -46.41 -15.86
N ASP E 38 -12.89 -46.31 -17.03
CA ASP E 38 -12.85 -47.39 -18.00
C ASP E 38 -11.51 -48.10 -18.02
N ALA E 39 -10.49 -47.53 -17.39
CA ALA E 39 -9.17 -48.12 -17.30
C ALA E 39 -8.67 -47.98 -15.87
N THR E 40 -7.42 -48.39 -15.64
CA THR E 40 -6.84 -48.36 -14.31
C THR E 40 -5.32 -48.31 -14.44
N THR E 41 -4.69 -47.46 -13.64
CA THR E 41 -3.25 -47.36 -13.57
C THR E 41 -2.79 -47.69 -12.14
N GLU E 42 -1.75 -48.52 -12.04
CA GLU E 42 -1.21 -48.91 -10.74
C GLU E 42 0.03 -48.10 -10.43
N ILE E 43 0.24 -47.85 -9.14
CA ILE E 43 1.36 -47.06 -8.65
C ILE E 43 2.41 -48.02 -8.10
N ILE E 44 3.64 -47.90 -8.61
CA ILE E 44 4.74 -48.77 -8.22
C ILE E 44 5.79 -47.94 -7.49
N ASN E 45 6.14 -48.37 -6.29
CA ASN E 45 7.08 -47.62 -5.45
C ASN E 45 8.49 -47.71 -6.03
N PRO E 46 9.16 -46.58 -6.28
CA PRO E 46 10.49 -46.63 -6.92
C PRO E 46 11.58 -47.26 -6.06
N ALA E 47 11.33 -47.54 -4.77
CA ALA E 47 12.35 -48.16 -3.95
C ALA E 47 12.19 -49.68 -3.91
N THR E 48 10.99 -50.18 -3.62
CA THR E 48 10.75 -51.61 -3.58
C THR E 48 10.29 -52.17 -4.92
N LEU E 49 9.82 -51.31 -5.83
CA LEU E 49 9.33 -51.72 -7.14
C LEU E 49 8.17 -52.71 -7.04
N GLU E 50 7.35 -52.55 -6.01
CA GLU E 50 6.12 -53.32 -5.84
C GLU E 50 4.92 -52.40 -6.00
N ILE E 51 3.78 -53.01 -6.33
CA ILE E 51 2.55 -52.25 -6.45
C ILE E 51 2.09 -51.80 -5.07
N VAL E 52 1.87 -50.49 -4.93
CA VAL E 52 1.41 -49.92 -3.66
C VAL E 52 0.00 -49.37 -3.74
N GLY E 53 -0.61 -49.34 -4.92
CA GLY E 53 -1.96 -48.82 -5.03
C GLY E 53 -2.37 -48.72 -6.48
N GLU E 54 -3.64 -48.38 -6.68
CA GLU E 54 -4.21 -48.20 -8.00
C GLU E 54 -5.18 -47.02 -7.96
N ILE E 55 -5.35 -46.37 -9.11
CA ILE E 55 -6.29 -45.28 -9.25
C ILE E 55 -7.09 -45.47 -10.52
N SER E 56 -8.32 -44.97 -10.50
CA SER E 56 -9.14 -44.95 -11.70
C SER E 56 -8.58 -43.91 -12.67
N ALA E 57 -8.10 -44.36 -13.82
CA ALA E 57 -7.48 -43.47 -14.79
C ALA E 57 -8.55 -42.79 -15.63
N ALA E 58 -8.42 -41.48 -15.80
CA ALA E 58 -9.39 -40.71 -16.57
C ALA E 58 -9.10 -40.82 -18.07
N GLY E 59 -10.17 -40.66 -18.85
CA GLY E 59 -10.04 -40.56 -20.30
C GLY E 59 -10.52 -39.21 -20.78
N ILE E 60 -10.68 -39.04 -22.09
CA ILE E 60 -11.17 -37.77 -22.62
C ILE E 60 -12.58 -37.49 -22.11
N ASN E 61 -13.39 -38.54 -21.98
CA ASN E 61 -14.75 -38.36 -21.48
C ASN E 61 -14.75 -37.84 -20.05
N GLU E 62 -13.89 -38.39 -19.19
CA GLU E 62 -13.83 -37.93 -17.81
C GLU E 62 -13.24 -36.52 -17.72
N ALA E 63 -12.34 -36.17 -18.63
CA ALA E 63 -11.78 -34.82 -18.63
C ALA E 63 -12.87 -33.79 -18.95
N ASN E 64 -13.69 -34.06 -19.98
CA ASN E 64 -14.79 -33.16 -20.30
C ASN E 64 -15.82 -33.12 -19.20
N MET E 65 -15.99 -34.21 -18.46
CA MET E 65 -16.92 -34.22 -17.33
C MET E 65 -16.45 -33.26 -16.25
N ALA E 66 -15.15 -33.22 -15.97
CA ALA E 66 -14.63 -32.33 -14.95
C ALA E 66 -14.68 -30.88 -15.41
N LEU E 67 -14.40 -30.62 -16.68
CA LEU E 67 -14.44 -29.25 -17.18
C LEU E 67 -15.86 -28.70 -17.16
N GLU E 68 -16.84 -29.51 -17.57
CA GLU E 68 -18.22 -29.05 -17.61
C GLU E 68 -18.76 -28.81 -16.21
N SER E 69 -18.46 -29.70 -15.27
CA SER E 69 -18.93 -29.52 -13.90
C SER E 69 -18.26 -28.32 -13.23
N ALA E 70 -16.98 -28.09 -13.55
CA ALA E 70 -16.30 -26.89 -13.05
C ALA E 70 -16.93 -25.62 -13.64
N GLN E 71 -17.31 -25.67 -14.91
CA GLN E 71 -17.92 -24.50 -15.54
C GLN E 71 -19.30 -24.19 -14.93
N GLU E 72 -20.12 -25.23 -14.75
CA GLU E 72 -21.45 -25.04 -14.19
C GLU E 72 -21.38 -24.49 -12.77
N ALA E 73 -20.35 -24.85 -12.02
CA ALA E 73 -20.20 -24.38 -10.64
C ALA E 73 -19.68 -22.96 -10.55
N PHE E 74 -19.21 -22.37 -11.66
CA PHE E 74 -18.60 -21.04 -11.57
C PHE E 74 -19.60 -20.00 -11.11
N SER E 75 -20.81 -20.00 -11.67
CA SER E 75 -21.78 -18.96 -11.35
C SER E 75 -22.12 -18.94 -9.86
N SER E 76 -22.18 -20.10 -9.23
CA SER E 76 -22.52 -20.17 -7.81
C SER E 76 -21.30 -20.05 -6.90
N TRP E 77 -20.19 -20.68 -7.28
CA TRP E 77 -18.99 -20.64 -6.45
C TRP E 77 -18.36 -19.25 -6.46
N SER E 78 -18.38 -18.57 -7.61
CA SER E 78 -17.77 -17.23 -7.68
C SER E 78 -18.61 -16.20 -6.94
N THR E 79 -19.92 -16.40 -6.85
CA THR E 79 -20.79 -15.50 -6.12
C THR E 79 -20.94 -15.88 -4.65
N THR E 80 -20.33 -17.00 -4.24
CA THR E 80 -20.30 -17.34 -2.83
C THR E 80 -19.40 -16.36 -2.08
N PRO E 81 -19.85 -15.79 -0.97
CA PRO E 81 -19.04 -14.80 -0.26
C PRO E 81 -17.67 -15.34 0.10
N ALA E 82 -16.69 -14.43 0.15
CA ALA E 82 -15.30 -14.82 0.39
C ALA E 82 -15.16 -15.51 1.74
N ILE E 83 -15.82 -15.00 2.77
CA ILE E 83 -15.73 -15.62 4.10
C ILE E 83 -16.34 -17.01 4.07
N GLU E 84 -17.39 -17.22 3.28
CA GLU E 84 -17.99 -18.54 3.17
C GLU E 84 -17.05 -19.50 2.43
N ARG E 85 -16.38 -19.02 1.39
CA ARG E 85 -15.37 -19.84 0.72
C ARG E 85 -14.21 -20.15 1.67
N ALA E 86 -13.81 -19.16 2.48
CA ALA E 86 -12.73 -19.38 3.43
C ALA E 86 -13.10 -20.43 4.46
N GLN E 87 -14.37 -20.50 4.84
CA GLN E 87 -14.81 -21.53 5.78
C GLN E 87 -14.78 -22.92 5.15
N TRP E 88 -15.08 -23.01 3.85
CA TRP E 88 -14.92 -24.28 3.16
C TRP E 88 -13.46 -24.72 3.12
N MET E 89 -12.55 -23.75 2.98
CA MET E 89 -11.12 -24.07 3.00
C MET E 89 -10.68 -24.55 4.38
N LEU E 90 -11.16 -23.90 5.43
CA LEU E 90 -10.79 -24.32 6.78
C LEU E 90 -11.41 -25.67 7.14
N LYS E 91 -12.58 -25.99 6.56
CA LYS E 91 -13.15 -27.30 6.76
C LYS E 91 -12.29 -28.38 6.11
N LEU E 92 -11.82 -28.14 4.90
CA LEU E 92 -10.90 -29.08 4.26
C LEU E 92 -9.58 -29.16 5.03
N ARG E 93 -9.13 -28.03 5.58
CA ARG E 93 -7.91 -28.04 6.39
C ARG E 93 -8.07 -28.93 7.61
N ASP E 94 -9.23 -28.87 8.26
CA ASP E 94 -9.48 -29.74 9.42
C ASP E 94 -9.47 -31.21 9.01
N ALA E 95 -10.02 -31.53 7.84
CA ALA E 95 -10.00 -32.90 7.36
C ALA E 95 -8.58 -33.32 6.96
N VAL E 96 -7.76 -32.37 6.52
CA VAL E 96 -6.37 -32.69 6.17
C VAL E 96 -5.56 -32.97 7.42
N ILE E 97 -5.76 -32.16 8.47
CA ILE E 97 -5.03 -32.38 9.72
C ILE E 97 -5.47 -33.70 10.37
N ALA E 98 -6.75 -34.03 10.26
CA ALA E 98 -7.25 -35.27 10.84
C ALA E 98 -6.68 -36.49 10.11
N ASN E 99 -6.41 -36.37 8.81
CA ASN E 99 -5.92 -37.47 8.00
C ASN E 99 -4.44 -37.31 7.65
N GLU E 100 -3.66 -36.79 8.60
CA GLU E 100 -2.25 -36.52 8.33
C GLU E 100 -1.49 -37.80 8.00
N GLN E 101 -1.71 -38.86 8.78
CA GLN E 101 -0.93 -40.09 8.61
C GLN E 101 -1.19 -40.73 7.26
N HIS E 102 -2.44 -40.73 6.81
CA HIS E 102 -2.76 -41.34 5.52
C HIS E 102 -2.18 -40.51 4.37
N LEU E 103 -2.25 -39.19 4.47
CA LEU E 103 -1.73 -38.33 3.40
C LEU E 103 -0.21 -38.46 3.26
N ARG E 104 0.51 -38.44 4.39
CA ARG E 104 1.96 -38.60 4.33
C ARG E 104 2.34 -40.00 3.86
N GLU E 105 1.56 -41.02 4.26
CA GLU E 105 1.84 -42.38 3.81
C GLU E 105 1.60 -42.52 2.31
N CYS E 106 0.66 -41.76 1.76
CA CYS E 106 0.42 -41.78 0.32
C CYS E 106 1.64 -41.27 -0.44
N VAL E 107 2.20 -40.14 0.00
CA VAL E 107 3.42 -39.62 -0.62
C VAL E 107 4.58 -40.58 -0.37
N HIS E 108 4.62 -41.18 0.82
CA HIS E 108 5.70 -42.12 1.15
C HIS E 108 5.68 -43.33 0.23
N LEU E 109 4.49 -43.83 -0.10
CA LEU E 109 4.40 -45.05 -0.88
C LEU E 109 4.49 -44.79 -2.38
N GLU E 110 3.98 -43.66 -2.86
CA GLU E 110 3.94 -43.45 -4.30
C GLU E 110 5.30 -43.07 -4.88
N MET E 111 6.17 -42.42 -4.10
CA MET E 111 7.47 -42.00 -4.61
C MET E 111 8.62 -42.31 -3.67
N ALA E 112 8.39 -43.12 -2.63
CA ALA E 112 9.45 -43.53 -1.70
C ALA E 112 10.13 -42.32 -1.05
N LYS E 113 9.34 -41.30 -0.75
CA LYS E 113 9.88 -40.12 -0.07
C LYS E 113 10.13 -40.45 1.41
N PRO E 114 11.27 -40.03 1.95
CA PRO E 114 11.55 -40.29 3.38
C PRO E 114 10.43 -39.77 4.26
N TRP E 115 10.19 -40.49 5.36
CA TRP E 115 9.01 -40.22 6.17
C TRP E 115 9.00 -38.79 6.72
N GLN E 116 10.17 -38.28 7.11
CA GLN E 116 10.19 -36.93 7.67
C GLN E 116 10.02 -35.87 6.59
N SER E 117 10.55 -36.10 5.39
CA SER E 117 10.37 -35.16 4.30
C SER E 117 8.94 -35.10 3.81
N THR E 118 8.12 -36.11 4.10
CA THR E 118 6.70 -36.04 3.77
C THR E 118 5.97 -34.99 4.60
N ALA E 119 6.58 -34.54 5.70
CA ALA E 119 5.97 -33.46 6.47
C ALA E 119 5.94 -32.16 5.69
N ASP E 120 6.93 -31.93 4.82
CA ASP E 120 6.93 -30.72 4.00
C ASP E 120 5.74 -30.69 3.05
N ASP E 121 5.43 -31.83 2.43
CA ASP E 121 4.25 -31.90 1.57
C ASP E 121 2.97 -31.63 2.36
N PHE E 122 2.80 -32.35 3.47
CA PHE E 122 1.56 -32.25 4.24
C PHE E 122 1.39 -30.85 4.85
N GLN E 123 2.45 -30.32 5.46
CA GLN E 123 2.32 -29.05 6.18
C GLN E 123 2.04 -27.90 5.22
N MET E 124 2.64 -27.93 4.02
CA MET E 124 2.36 -26.87 3.05
C MET E 124 0.90 -26.85 2.65
N LEU E 125 0.24 -28.01 2.62
CA LEU E 125 -1.18 -28.05 2.32
C LEU E 125 -1.99 -27.36 3.41
N VAL E 126 -1.62 -27.57 4.66
CA VAL E 126 -2.28 -26.86 5.76
C VAL E 126 -1.90 -25.38 5.72
N ASP E 127 -0.62 -25.08 5.49
CA ASP E 127 -0.18 -23.68 5.45
C ASP E 127 -0.88 -22.92 4.33
N SER E 128 -1.02 -23.53 3.15
CA SER E 128 -1.63 -22.84 2.03
C SER E 128 -3.11 -22.56 2.30
N LEU E 129 -3.83 -23.58 2.80
CA LEU E 129 -5.25 -23.38 3.09
C LEU E 129 -5.46 -22.30 4.14
N ASN E 130 -4.55 -22.20 5.11
CA ASN E 130 -4.66 -21.15 6.12
C ASN E 130 -4.33 -19.78 5.54
N PHE E 131 -3.28 -19.71 4.72
CA PHE E 131 -2.81 -18.42 4.22
C PHE E 131 -3.83 -17.74 3.31
N TYR E 132 -4.42 -18.50 2.39
CA TYR E 132 -5.31 -17.92 1.41
C TYR E 132 -6.76 -17.81 1.89
N ALA E 133 -7.14 -18.56 2.91
CA ALA E 133 -8.41 -18.26 3.59
C ALA E 133 -8.36 -16.89 4.26
N ASP E 134 -7.22 -16.57 4.89
CA ASP E 134 -7.06 -15.29 5.56
C ASP E 134 -6.81 -14.15 4.57
N ALA E 135 -6.13 -14.42 3.47
CA ALA E 135 -5.80 -13.36 2.52
C ALA E 135 -7.03 -12.88 1.78
N ILE E 136 -7.95 -13.80 1.44
CA ILE E 136 -9.08 -13.41 0.60
C ILE E 136 -10.07 -12.54 1.37
N VAL E 137 -10.19 -12.73 2.68
CA VAL E 137 -11.11 -11.91 3.46
C VAL E 137 -10.55 -10.53 3.76
N ASN E 138 -9.29 -10.28 3.44
CA ASN E 138 -8.67 -8.97 3.63
C ASN E 138 -8.59 -8.16 2.34
N ILE E 139 -8.99 -8.74 1.21
CA ILE E 139 -8.96 -8.01 -0.06
C ILE E 139 -10.02 -6.93 -0.04
N ALA E 140 -9.63 -5.71 -0.38
CA ALA E 140 -10.53 -4.57 -0.39
C ALA E 140 -10.45 -3.85 -1.72
N ASP E 141 -11.58 -3.29 -2.15
CA ASP E 141 -11.58 -2.44 -3.32
C ASP E 141 -10.74 -1.19 -3.07
N GLU E 142 -10.29 -0.57 -4.16
CA GLU E 142 -9.52 0.66 -4.07
C GLU E 142 -10.08 1.68 -5.05
N GLU E 143 -9.96 2.94 -4.68
CA GLU E 143 -10.44 4.05 -5.49
C GLU E 143 -9.29 4.67 -6.26
N ILE E 144 -9.56 5.03 -7.51
CA ILE E 144 -8.60 5.73 -8.36
C ILE E 144 -9.02 7.19 -8.45
N LYS E 145 -8.05 8.09 -8.35
CA LYS E 145 -8.33 9.50 -8.41
C LYS E 145 -8.61 9.94 -9.85
N ASP E 146 -9.65 10.72 -10.03
CA ASP E 146 -9.94 11.35 -11.32
C ASP E 146 -9.29 12.72 -11.33
N ASN E 147 -8.29 12.89 -12.21
CA ASN E 147 -7.55 14.15 -12.27
C ASN E 147 -8.43 15.32 -12.72
N GLU E 148 -9.54 15.04 -13.39
CA GLU E 148 -10.41 16.09 -13.92
C GLU E 148 -11.61 16.38 -13.03
N GLY E 149 -11.85 15.55 -12.00
CA GLY E 149 -12.97 15.79 -11.11
C GLY E 149 -14.33 15.62 -11.75
N THR E 150 -14.44 14.75 -12.75
CA THR E 150 -15.69 14.51 -13.45
C THR E 150 -16.32 13.16 -13.16
N HIS E 151 -15.54 12.18 -12.71
CA HIS E 151 -16.03 10.84 -12.47
C HIS E 151 -15.43 10.29 -11.18
N SER E 152 -16.07 9.25 -10.67
CA SER E 152 -15.51 8.44 -9.59
C SER E 152 -15.12 7.09 -10.17
N HIS E 153 -14.11 6.46 -9.57
CA HIS E 153 -13.58 5.18 -10.06
C HIS E 153 -13.32 4.24 -8.90
N VAL E 154 -13.82 3.02 -9.02
CA VAL E 154 -13.62 1.98 -8.00
C VAL E 154 -13.04 0.75 -8.70
N LEU E 155 -11.88 0.29 -8.23
CA LEU E 155 -11.22 -0.88 -8.79
C LEU E 155 -11.45 -2.05 -7.84
N SER E 156 -12.13 -3.09 -8.34
CA SER E 156 -12.41 -4.29 -7.58
C SER E 156 -11.77 -5.50 -8.25
N ARG E 157 -11.82 -6.64 -7.57
CA ARG E 157 -11.27 -7.89 -8.08
C ARG E 157 -12.31 -8.98 -7.96
N GLU E 158 -12.48 -9.76 -9.02
CA GLU E 158 -13.50 -10.79 -9.12
C GLU E 158 -12.89 -12.08 -9.62
N PRO E 159 -13.52 -13.23 -9.34
CA PRO E 159 -13.02 -14.50 -9.86
C PRO E 159 -12.98 -14.50 -11.39
N VAL E 160 -11.97 -15.18 -11.93
CA VAL E 160 -11.75 -15.15 -13.38
C VAL E 160 -12.60 -16.22 -14.08
N GLY E 161 -12.47 -17.47 -13.66
CA GLY E 161 -13.21 -18.54 -14.31
C GLY E 161 -12.74 -19.90 -13.82
N VAL E 162 -12.79 -20.87 -14.71
CA VAL E 162 -12.28 -22.21 -14.41
C VAL E 162 -10.76 -22.18 -14.49
N ALA E 163 -10.11 -22.90 -13.58
CA ALA E 163 -8.66 -23.04 -13.58
C ALA E 163 -8.28 -24.50 -13.69
N ALA E 164 -7.21 -24.77 -14.45
CA ALA E 164 -6.68 -26.11 -14.63
C ALA E 164 -5.21 -26.12 -14.29
N ALA E 165 -4.78 -27.16 -13.56
CA ALA E 165 -3.42 -27.24 -13.04
C ALA E 165 -2.81 -28.59 -13.39
N PHE E 166 -1.58 -28.57 -13.91
CA PHE E 166 -0.77 -29.77 -14.10
C PHE E 166 0.41 -29.69 -13.15
N LEU E 167 0.58 -30.72 -12.33
CA LEU E 167 1.54 -30.71 -11.22
C LEU E 167 2.67 -31.68 -11.47
N ALA E 168 3.90 -31.23 -11.22
CA ALA E 168 5.04 -32.13 -11.21
C ALA E 168 4.94 -33.11 -10.04
N TRP E 169 5.76 -34.17 -10.12
CA TRP E 169 5.68 -35.26 -9.16
C TRP E 169 6.60 -35.10 -7.96
N ASN E 170 7.50 -34.10 -7.97
CA ASN E 170 8.55 -34.06 -6.95
C ASN E 170 8.01 -33.71 -5.58
N PHE E 171 6.94 -32.90 -5.51
CA PHE E 171 6.27 -32.57 -4.26
C PHE E 171 4.77 -32.69 -4.48
N PRO E 172 4.22 -33.90 -4.41
CA PRO E 172 2.82 -34.10 -4.84
C PRO E 172 1.83 -33.22 -4.10
N LEU E 173 1.93 -33.16 -2.77
CA LEU E 173 0.97 -32.39 -1.99
C LEU E 173 1.36 -30.91 -1.87
N LEU E 174 2.66 -30.61 -1.90
CA LEU E 174 3.08 -29.21 -1.89
C LEU E 174 2.70 -28.51 -3.19
N ASN E 175 2.98 -29.15 -4.33
CA ASN E 175 2.61 -28.56 -5.62
C ASN E 175 1.10 -28.41 -5.75
N LEU E 176 0.35 -29.37 -5.21
CA LEU E 176 -1.11 -29.24 -5.20
C LEU E 176 -1.54 -28.07 -4.32
N ALA E 177 -0.87 -27.89 -3.16
CA ALA E 177 -1.22 -26.80 -2.26
C ALA E 177 -1.03 -25.44 -2.92
N TYR E 178 -0.01 -25.32 -3.78
CA TYR E 178 0.28 -24.03 -4.40
C TYR E 178 -0.87 -23.55 -5.27
N LYS E 179 -1.67 -24.47 -5.80
CA LYS E 179 -2.79 -24.12 -6.67
C LYS E 179 -4.14 -24.24 -5.98
N LEU E 180 -4.31 -25.24 -5.11
CA LEU E 180 -5.61 -25.46 -4.48
C LEU E 180 -6.00 -24.29 -3.59
N GLY E 181 -5.07 -23.80 -2.78
CA GLY E 181 -5.32 -22.70 -1.87
C GLY E 181 -5.81 -21.45 -2.58
N PRO E 182 -5.01 -20.91 -3.50
CA PRO E 182 -5.46 -19.71 -4.23
C PRO E 182 -6.76 -19.90 -5.00
N ALA E 183 -6.91 -21.02 -5.71
CA ALA E 183 -8.08 -21.20 -6.56
C ALA E 183 -9.36 -21.25 -5.74
N MET E 184 -9.36 -21.97 -4.62
CA MET E 184 -10.53 -22.02 -3.75
C MET E 184 -10.85 -20.63 -3.20
N ALA E 185 -9.83 -19.93 -2.70
CA ALA E 185 -10.06 -18.62 -2.10
C ALA E 185 -10.59 -17.61 -3.13
N ALA E 186 -10.06 -17.66 -4.35
CA ALA E 186 -10.44 -16.70 -5.38
C ALA E 186 -11.72 -17.07 -6.11
N GLY E 187 -12.42 -18.13 -5.70
CA GLY E 187 -13.69 -18.46 -6.32
C GLY E 187 -13.61 -19.07 -7.70
N CYS E 188 -12.52 -19.78 -8.00
CA CYS E 188 -12.29 -20.32 -9.33
C CYS E 188 -12.37 -21.83 -9.27
N PRO E 189 -13.42 -22.46 -9.80
CA PRO E 189 -13.45 -23.93 -9.83
C PRO E 189 -12.20 -24.48 -10.49
N LEU E 190 -11.66 -25.55 -9.90
CA LEU E 190 -10.32 -26.02 -10.22
C LEU E 190 -10.36 -27.46 -10.73
N VAL E 191 -9.66 -27.70 -11.84
CA VAL E 191 -9.48 -29.05 -12.39
C VAL E 191 -8.00 -29.38 -12.24
N VAL E 192 -7.68 -30.28 -11.31
CA VAL E 192 -6.30 -30.66 -11.01
C VAL E 192 -5.96 -31.94 -11.73
N LYS E 193 -4.83 -31.95 -12.42
CA LYS E 193 -4.27 -33.17 -13.02
C LYS E 193 -2.94 -33.46 -12.35
N PRO E 194 -2.90 -34.36 -11.38
CA PRO E 194 -1.62 -34.76 -10.80
C PRO E 194 -0.85 -35.65 -11.76
N SER E 195 0.46 -35.73 -11.52
CA SER E 195 1.30 -36.60 -12.33
C SER E 195 0.84 -38.05 -12.18
N SER E 196 0.87 -38.78 -13.30
CA SER E 196 0.55 -40.20 -13.27
C SER E 196 1.52 -40.99 -12.42
N LYS E 197 2.66 -40.39 -12.03
CA LYS E 197 3.63 -41.09 -11.20
C LYS E 197 3.33 -40.96 -9.72
N THR E 198 2.69 -39.86 -9.30
CA THR E 198 2.37 -39.62 -7.89
C THR E 198 0.96 -39.06 -7.77
N PRO E 199 -0.07 -39.87 -8.07
CA PRO E 199 -1.44 -39.35 -8.00
C PRO E 199 -2.19 -39.75 -6.74
N LEU E 200 -1.61 -40.66 -5.94
CA LEU E 200 -2.36 -41.22 -4.81
C LEU E 200 -2.66 -40.16 -3.75
N SER E 201 -1.68 -39.31 -3.44
CA SER E 201 -1.88 -38.32 -2.38
C SER E 201 -2.92 -37.28 -2.78
N ALA E 202 -2.96 -36.92 -4.07
CA ALA E 202 -3.97 -35.96 -4.52
C ALA E 202 -5.36 -36.59 -4.54
N TYR E 203 -5.46 -37.83 -5.03
CA TYR E 203 -6.74 -38.53 -4.99
C TYR E 203 -7.28 -38.64 -3.56
N ALA E 204 -6.39 -38.78 -2.58
CA ALA E 204 -6.82 -38.80 -1.19
C ALA E 204 -7.41 -37.47 -0.76
N VAL E 205 -6.86 -36.36 -1.25
CA VAL E 205 -7.42 -35.05 -0.94
C VAL E 205 -8.82 -34.91 -1.53
N GLY E 206 -9.03 -35.43 -2.75
CA GLY E 206 -10.36 -35.42 -3.32
C GLY E 206 -11.37 -36.21 -2.50
N GLU E 207 -10.92 -37.33 -1.92
CA GLU E 207 -11.79 -38.08 -1.01
C GLU E 207 -12.19 -37.24 0.19
N LEU E 208 -11.29 -36.37 0.66
CA LEU E 208 -11.61 -35.51 1.79
C LEU E 208 -12.64 -34.45 1.42
N CYS E 209 -12.57 -33.92 0.19
CA CYS E 209 -13.57 -32.97 -0.26
C CYS E 209 -14.94 -33.63 -0.40
N GLU E 210 -14.97 -34.88 -0.85
CA GLU E 210 -16.23 -35.62 -0.92
C GLU E 210 -16.77 -35.92 0.47
N GLN E 211 -15.88 -36.09 1.46
CA GLN E 211 -16.33 -36.37 2.82
C GLN E 211 -17.00 -35.15 3.43
N ILE E 212 -16.35 -33.99 3.36
CA ILE E 212 -16.89 -32.78 3.97
C ILE E 212 -18.08 -32.21 3.20
N GLY E 213 -18.38 -32.74 2.03
CA GLY E 213 -19.51 -32.24 1.26
C GLY E 213 -19.22 -30.95 0.51
N LEU E 214 -18.03 -30.80 -0.05
CA LEU E 214 -17.71 -29.59 -0.80
C LEU E 214 -18.61 -29.50 -2.03
N PRO E 215 -19.09 -28.30 -2.36
CA PRO E 215 -20.00 -28.16 -3.52
C PRO E 215 -19.38 -28.74 -4.79
N ALA E 216 -20.25 -29.32 -5.62
CA ALA E 216 -19.80 -30.05 -6.79
C ALA E 216 -19.18 -29.11 -7.82
N GLY E 217 -18.09 -29.56 -8.45
CA GLY E 217 -17.40 -28.79 -9.45
C GLY E 217 -16.36 -27.83 -8.91
N VAL E 218 -16.34 -27.57 -7.60
CA VAL E 218 -15.37 -26.65 -7.03
C VAL E 218 -13.95 -27.21 -7.19
N VAL E 219 -13.78 -28.49 -6.87
CA VAL E 219 -12.50 -29.17 -7.00
C VAL E 219 -12.72 -30.47 -7.76
N ASN E 220 -11.88 -30.73 -8.75
CA ASN E 220 -11.93 -31.94 -9.54
C ASN E 220 -10.53 -32.49 -9.69
N ILE E 221 -10.35 -33.77 -9.34
CA ILE E 221 -9.05 -34.41 -9.34
C ILE E 221 -9.11 -35.62 -10.26
N LEU E 222 -8.24 -35.63 -11.28
CA LEU E 222 -8.18 -36.75 -12.21
C LEU E 222 -6.77 -36.86 -12.78
N SER E 223 -6.34 -38.11 -13.04
CA SER E 223 -5.09 -38.38 -13.70
C SER E 223 -5.35 -39.14 -15.00
N GLY E 224 -4.47 -38.95 -15.97
CA GLY E 224 -4.64 -39.60 -17.24
C GLY E 224 -3.43 -39.40 -18.14
N MET E 225 -3.57 -39.88 -19.37
CA MET E 225 -2.50 -39.76 -20.34
C MET E 225 -2.37 -38.32 -20.84
N ASP E 226 -1.13 -37.92 -21.11
CA ASP E 226 -0.86 -36.53 -21.49
C ASP E 226 -1.44 -36.20 -22.85
N SER E 227 -1.19 -37.05 -23.85
CA SER E 227 -1.60 -36.75 -25.21
C SER E 227 -3.12 -36.75 -25.39
N THR E 228 -3.86 -37.31 -24.44
CA THR E 228 -5.31 -37.32 -24.49
C THR E 228 -5.91 -36.44 -23.40
N VAL E 229 -5.74 -36.81 -22.12
CA VAL E 229 -6.38 -36.08 -21.03
C VAL E 229 -5.81 -34.67 -20.92
N GLY E 230 -4.49 -34.56 -20.85
CA GLY E 230 -3.87 -33.27 -20.64
C GLY E 230 -4.10 -32.31 -21.80
N ASP E 231 -3.92 -32.80 -23.03
CA ASP E 231 -4.14 -31.97 -24.20
C ASP E 231 -5.59 -31.54 -24.30
N ALA E 232 -6.52 -32.41 -23.91
CA ALA E 232 -7.94 -32.06 -23.98
C ALA E 232 -8.28 -30.93 -23.02
N ILE E 233 -7.65 -30.91 -21.84
CA ILE E 233 -7.94 -29.85 -20.88
C ILE E 233 -7.41 -28.50 -21.36
N SER E 234 -6.19 -28.51 -21.94
CA SER E 234 -5.62 -27.28 -22.47
C SER E 234 -6.36 -26.81 -23.71
N ALA E 235 -6.63 -27.72 -24.64
CA ALA E 235 -7.30 -27.37 -25.89
C ALA E 235 -8.75 -26.94 -25.66
N SER E 236 -9.34 -27.32 -24.53
CA SER E 236 -10.71 -26.91 -24.24
C SER E 236 -10.79 -25.39 -24.05
N THR E 237 -11.90 -24.82 -24.49
CA THR E 237 -12.13 -23.39 -24.35
C THR E 237 -12.82 -23.04 -23.03
N ILE E 238 -13.02 -24.02 -22.16
CA ILE E 238 -13.63 -23.80 -20.85
C ILE E 238 -12.65 -23.10 -19.89
N PRO E 239 -11.41 -23.58 -19.71
CA PRO E 239 -10.54 -22.95 -18.70
C PRO E 239 -10.18 -21.52 -19.07
N SER E 240 -10.17 -20.66 -18.05
CA SER E 240 -9.68 -19.30 -18.21
C SER E 240 -8.22 -19.15 -17.80
N VAL E 241 -7.71 -20.06 -16.96
CA VAL E 241 -6.33 -20.04 -16.49
C VAL E 241 -5.75 -21.44 -16.63
N LEU E 242 -4.58 -21.54 -17.24
CA LEU E 242 -3.81 -22.77 -17.31
C LEU E 242 -2.52 -22.57 -16.52
N THR E 243 -2.27 -23.45 -15.55
CA THR E 243 -1.06 -23.33 -14.75
C THR E 243 -0.32 -24.65 -14.75
N LEU E 244 1.01 -24.56 -14.78
CA LEU E 244 1.85 -25.74 -14.86
C LEU E 244 3.04 -25.59 -13.92
N ILE E 245 3.32 -26.66 -13.19
CA ILE E 245 4.56 -26.83 -12.45
C ILE E 245 5.28 -27.99 -13.12
N GLY E 246 6.29 -27.70 -13.93
CA GLY E 246 6.96 -28.74 -14.69
C GLY E 246 8.14 -28.25 -15.50
N SER E 247 8.44 -28.92 -16.60
CA SER E 247 9.60 -28.60 -17.42
C SER E 247 9.28 -27.49 -18.41
N THR E 248 10.33 -26.88 -18.94
CA THR E 248 10.17 -25.78 -19.90
C THR E 248 9.55 -26.28 -21.21
N ASN E 249 9.93 -27.49 -21.63
CA ASN E 249 9.44 -28.00 -22.92
C ASN E 249 7.95 -28.30 -22.87
N VAL E 250 7.46 -28.81 -21.73
CA VAL E 250 6.03 -29.03 -21.59
C VAL E 250 5.30 -27.69 -21.50
N GLY E 251 5.92 -26.68 -20.90
CA GLY E 251 5.30 -25.37 -20.83
C GLY E 251 5.06 -24.77 -22.20
N LYS E 252 6.01 -24.93 -23.12
CA LYS E 252 5.82 -24.47 -24.49
C LYS E 252 4.68 -25.20 -25.17
N HIS E 253 4.57 -26.52 -24.93
CA HIS E 253 3.48 -27.29 -25.51
C HIS E 253 2.12 -26.84 -24.98
N VAL E 254 2.03 -26.60 -23.66
CA VAL E 254 0.75 -26.20 -23.07
C VAL E 254 0.32 -24.84 -23.60
N ILE E 255 1.26 -23.90 -23.74
CA ILE E 255 0.93 -22.58 -24.26
C ILE E 255 0.37 -22.69 -25.67
N ALA E 256 1.03 -23.48 -26.53
CA ALA E 256 0.56 -23.64 -27.90
C ALA E 256 -0.77 -24.39 -27.94
N THR E 257 -0.90 -25.45 -27.13
CA THR E 257 -2.12 -26.26 -27.15
C THR E 257 -3.32 -25.46 -26.69
N GLY E 258 -3.15 -24.61 -25.67
CA GLY E 258 -4.22 -23.81 -25.14
C GLY E 258 -4.61 -22.59 -25.95
N ALA E 259 -3.98 -22.38 -27.11
CA ALA E 259 -4.30 -21.24 -27.97
C ALA E 259 -5.64 -21.37 -28.70
N THR E 260 -6.44 -22.39 -28.39
CA THR E 260 -7.81 -22.47 -28.92
C THR E 260 -8.68 -21.35 -28.38
N SER E 261 -8.33 -20.80 -27.22
CA SER E 261 -9.03 -19.66 -26.63
C SER E 261 -7.99 -18.76 -25.98
N ILE E 262 -8.41 -17.53 -25.65
CA ILE E 262 -7.55 -16.64 -24.90
C ILE E 262 -7.54 -17.10 -23.44
N LYS E 263 -6.35 -17.41 -22.92
CA LYS E 263 -6.20 -17.91 -21.56
C LYS E 263 -5.05 -17.19 -20.87
N ARG E 264 -5.11 -17.19 -19.54
CA ARG E 264 -3.97 -16.78 -18.72
C ARG E 264 -3.06 -17.97 -18.50
N TYR E 265 -1.75 -17.72 -18.51
CA TYR E 265 -0.75 -18.75 -18.30
C TYR E 265 0.07 -18.42 -17.06
N SER E 266 0.16 -19.38 -16.13
CA SER E 266 1.01 -19.25 -14.95
C SER E 266 1.95 -20.45 -14.94
N MET E 267 3.22 -20.20 -15.23
CA MET E 267 4.18 -21.27 -15.47
C MET E 267 5.34 -21.17 -14.48
N GLU E 268 5.62 -22.27 -13.79
CA GLU E 268 6.79 -22.42 -12.94
C GLU E 268 7.59 -23.58 -13.50
N LEU E 269 8.67 -23.26 -14.22
CA LEU E 269 9.33 -24.24 -15.08
C LEU E 269 10.73 -24.57 -14.57
N GLY E 270 11.59 -25.03 -15.48
CA GLY E 270 12.87 -25.57 -15.09
C GLY E 270 13.85 -24.51 -14.63
N GLY E 271 14.90 -24.97 -13.94
CA GLY E 271 15.94 -24.09 -13.45
C GLY E 271 17.31 -24.68 -13.68
N ASN E 272 18.33 -23.84 -13.46
CA ASN E 272 19.74 -24.17 -13.57
C ASN E 272 20.47 -23.21 -12.62
N ALA E 273 20.29 -23.45 -11.33
CA ALA E 273 20.70 -22.48 -10.32
C ALA E 273 22.21 -22.49 -10.14
N PRO E 274 22.88 -21.34 -10.23
CA PRO E 274 24.28 -21.26 -9.85
C PRO E 274 24.45 -20.98 -8.37
N ALA E 275 25.52 -21.53 -7.81
CA ALA E 275 25.88 -21.32 -6.41
C ALA E 275 27.33 -20.86 -6.36
N ILE E 276 27.55 -19.67 -5.80
CA ILE E 276 28.86 -19.02 -5.82
C ILE E 276 29.40 -19.02 -4.40
N VAL E 277 30.46 -19.80 -4.18
CA VAL E 277 31.17 -19.84 -2.91
C VAL E 277 32.45 -19.02 -3.10
N CYS E 278 32.50 -17.85 -2.45
CA CYS E 278 33.57 -16.89 -2.68
C CYS E 278 34.72 -17.12 -1.72
N SER E 279 35.73 -16.24 -1.80
CA SER E 279 36.94 -16.39 -0.99
C SER E 279 36.64 -16.25 0.50
N ASP E 280 35.79 -15.29 0.86
CA ASP E 280 35.54 -14.96 2.25
C ASP E 280 34.30 -15.65 2.82
N ALA E 281 33.78 -16.65 2.13
CA ALA E 281 32.55 -17.31 2.57
C ALA E 281 32.80 -18.21 3.76
N ASN E 282 31.77 -18.35 4.60
CA ASN E 282 31.75 -19.37 5.65
C ASN E 282 31.60 -20.72 4.98
N LEU E 283 32.70 -21.46 4.88
CA LEU E 283 32.68 -22.72 4.15
C LEU E 283 31.81 -23.77 4.85
N ASP E 284 31.74 -23.74 6.18
CA ASP E 284 30.89 -24.68 6.89
C ASP E 284 29.41 -24.40 6.63
N ASN E 285 29.03 -23.12 6.59
CA ASN E 285 27.65 -22.77 6.31
C ASN E 285 27.28 -23.07 4.85
N ALA E 286 28.19 -22.76 3.92
CA ALA E 286 27.91 -23.02 2.52
C ALA E 286 27.75 -24.51 2.25
N ALA E 287 28.59 -25.33 2.87
CA ALA E 287 28.49 -26.78 2.68
C ALA E 287 27.21 -27.33 3.30
N ASP E 288 26.85 -26.84 4.50
CA ASP E 288 25.63 -27.31 5.15
C ASP E 288 24.41 -26.99 4.31
N VAL E 289 24.33 -25.76 3.79
CA VAL E 289 23.18 -25.36 2.99
C VAL E 289 23.13 -26.12 1.67
N ILE E 290 24.26 -26.18 0.97
CA ILE E 290 24.27 -26.76 -0.37
C ILE E 290 23.98 -28.25 -0.31
N CYS E 291 24.66 -28.98 0.56
CA CYS E 291 24.40 -30.42 0.69
C CYS E 291 23.01 -30.69 1.22
N GLY E 292 22.50 -29.83 2.10
CA GLY E 292 21.17 -30.04 2.64
C GLY E 292 20.09 -30.08 1.57
N VAL E 293 20.15 -29.15 0.61
CA VAL E 293 19.15 -29.11 -0.44
C VAL E 293 19.54 -29.93 -1.66
N LYS E 294 20.82 -30.27 -1.83
CA LYS E 294 21.23 -31.13 -2.93
C LYS E 294 20.84 -32.59 -2.71
N PHE E 295 20.68 -33.01 -1.46
CA PHE E 295 20.36 -34.39 -1.14
C PHE E 295 18.95 -34.58 -0.59
N ALA E 296 18.31 -33.52 -0.13
CA ALA E 296 16.89 -33.61 0.20
C ALA E 296 16.08 -33.89 -1.07
N ASN E 297 15.14 -34.82 -0.96
CA ASN E 297 14.34 -35.26 -2.10
C ASN E 297 15.22 -35.78 -3.24
N ALA E 298 16.42 -36.26 -2.89
CA ALA E 298 17.40 -36.77 -3.86
C ALA E 298 17.72 -35.73 -4.93
N GLY E 299 17.79 -34.46 -4.52
CA GLY E 299 18.10 -33.39 -5.44
C GLY E 299 17.01 -33.04 -6.42
N GLN E 300 15.83 -33.65 -6.29
CA GLN E 300 14.71 -33.40 -7.20
C GLN E 300 13.92 -32.17 -6.73
N ILE E 301 14.61 -31.02 -6.75
CA ILE E 301 14.08 -29.77 -6.23
C ILE E 301 14.40 -28.66 -7.21
N CYS E 302 13.40 -27.84 -7.54
CA CYS E 302 13.57 -26.84 -8.60
C CYS E 302 14.62 -25.81 -8.26
N VAL E 303 14.74 -25.43 -6.98
CA VAL E 303 15.58 -24.31 -6.58
C VAL E 303 16.97 -24.75 -6.10
N THR E 304 17.26 -26.04 -6.16
CA THR E 304 18.54 -26.52 -5.65
C THR E 304 19.67 -26.11 -6.59
N PRO E 305 20.89 -25.93 -6.07
CA PRO E 305 22.02 -25.58 -6.93
C PRO E 305 22.27 -26.64 -7.99
N ASN E 306 22.51 -26.18 -9.21
CA ASN E 306 22.92 -27.06 -10.30
C ASN E 306 24.39 -26.91 -10.67
N ARG E 307 24.94 -25.70 -10.52
CA ARG E 307 26.36 -25.44 -10.77
C ARG E 307 26.95 -24.79 -9.52
N VAL E 308 27.86 -25.49 -8.85
CA VAL E 308 28.49 -25.00 -7.63
C VAL E 308 29.81 -24.38 -8.03
N PHE E 309 29.85 -23.05 -8.08
CA PHE E 309 31.09 -22.31 -8.34
C PHE E 309 31.85 -22.11 -7.04
N VAL E 310 33.11 -22.51 -7.03
CA VAL E 310 33.95 -22.42 -5.84
C VAL E 310 35.26 -21.75 -6.21
N HIS E 311 35.72 -20.83 -5.36
CA HIS E 311 36.94 -20.10 -5.63
C HIS E 311 38.16 -21.00 -5.43
N GLU E 312 39.29 -20.58 -6.01
CA GLU E 312 40.52 -21.36 -5.95
C GLU E 312 41.03 -21.49 -4.52
N SER E 313 41.10 -20.37 -3.81
CA SER E 313 41.75 -20.34 -2.50
C SER E 313 41.03 -21.18 -1.46
N VAL E 314 39.77 -21.56 -1.72
CA VAL E 314 38.98 -22.30 -0.73
C VAL E 314 38.43 -23.57 -1.37
N ALA E 315 38.96 -23.93 -2.54
CA ALA E 315 38.42 -25.07 -3.28
C ALA E 315 38.65 -26.38 -2.52
N ASP E 316 39.91 -26.69 -2.20
CA ASP E 316 40.21 -27.96 -1.55
C ASP E 316 39.60 -28.05 -0.16
N GLU E 317 39.48 -26.91 0.54
CA GLU E 317 38.89 -26.93 1.87
C GLU E 317 37.37 -27.10 1.81
N PHE E 318 36.72 -26.56 0.78
CA PHE E 318 35.28 -26.69 0.65
C PHE E 318 34.87 -28.08 0.16
N ILE E 319 35.70 -28.72 -0.65
CA ILE E 319 35.38 -30.06 -1.12
C ILE E 319 35.41 -31.06 0.03
N GLU E 320 36.43 -30.96 0.89
CA GLU E 320 36.52 -31.87 2.03
C GLU E 320 35.32 -31.76 2.95
N LYS E 321 34.74 -30.56 3.07
CA LYS E 321 33.56 -30.40 3.91
C LYS E 321 32.31 -30.98 3.25
N VAL E 322 32.20 -30.89 1.93
CA VAL E 322 31.03 -31.41 1.23
C VAL E 322 31.07 -32.94 1.20
N LEU E 323 32.25 -33.51 1.02
CA LEU E 323 32.38 -34.97 1.03
C LEU E 323 31.98 -35.55 2.38
N THR E 324 32.37 -34.88 3.47
CA THR E 324 32.03 -35.37 4.80
C THR E 324 30.52 -35.37 5.03
N ARG E 325 29.83 -34.32 4.57
CA ARG E 325 28.39 -34.27 4.71
C ARG E 325 27.70 -35.28 3.78
N ALA E 326 28.22 -35.41 2.54
CA ALA E 326 27.63 -36.36 1.61
C ALA E 326 27.77 -37.79 2.12
N LYS E 327 28.91 -38.12 2.71
CA LYS E 327 29.13 -39.46 3.25
C LYS E 327 28.19 -39.78 4.40
N ALA E 328 27.69 -38.77 5.11
CA ALA E 328 26.82 -38.95 6.26
C ALA E 328 25.34 -38.92 5.91
N VAL E 329 25.00 -39.09 4.63
CA VAL E 329 23.61 -39.07 4.19
C VAL E 329 23.06 -40.49 4.28
N LYS E 330 22.00 -40.67 5.08
CA LYS E 330 21.35 -41.96 5.22
C LYS E 330 20.42 -42.18 4.04
N VAL E 331 20.72 -43.16 3.20
CA VAL E 331 19.96 -43.45 1.99
C VAL E 331 19.22 -44.76 2.18
N GLY E 332 17.94 -44.77 1.79
CA GLY E 332 17.15 -45.98 1.91
C GLY E 332 15.66 -45.66 1.81
N PHE E 333 14.86 -46.59 2.30
CA PHE E 333 13.40 -46.46 2.28
C PHE E 333 12.86 -47.24 3.46
N ASP E 334 12.51 -46.53 4.54
CA ASP E 334 11.97 -47.14 5.75
C ASP E 334 11.35 -46.07 6.62
N LYS E 335 10.03 -46.16 6.83
CA LYS E 335 9.34 -45.18 7.67
C LYS E 335 9.84 -45.23 9.11
N ASN E 336 10.19 -46.41 9.61
CA ASN E 336 10.65 -46.55 10.98
C ASN E 336 12.05 -45.99 11.20
N GLU E 337 12.85 -45.88 10.14
CA GLU E 337 14.20 -45.37 10.24
C GLU E 337 14.26 -43.88 9.89
N ALA E 338 15.32 -43.23 10.37
CA ALA E 338 15.52 -41.80 10.10
C ALA E 338 16.25 -41.65 8.77
N ILE E 339 15.53 -41.96 7.70
CA ILE E 339 16.08 -41.91 6.35
C ILE E 339 16.17 -40.46 5.90
N ASP E 340 17.32 -40.08 5.35
CA ASP E 340 17.53 -38.73 4.83
C ASP E 340 17.15 -38.60 3.36
N MET E 341 17.55 -39.58 2.54
CA MET E 341 17.39 -39.49 1.09
C MET E 341 16.85 -40.80 0.54
N GLY E 342 15.91 -40.68 -0.40
CA GLY E 342 15.36 -41.83 -1.07
C GLY E 342 15.87 -41.97 -2.49
N PRO E 343 15.19 -42.78 -3.29
CA PRO E 343 15.60 -42.96 -4.69
C PRO E 343 15.01 -41.86 -5.57
N VAL E 344 15.41 -41.87 -6.84
CA VAL E 344 14.84 -40.96 -7.82
C VAL E 344 13.50 -41.54 -8.29
N MET E 345 12.82 -40.82 -9.19
CA MET E 345 11.43 -41.14 -9.48
C MET E 345 11.29 -42.46 -10.22
N ASP E 346 12.05 -42.66 -11.31
CA ASP E 346 11.87 -43.85 -12.13
C ASP E 346 13.14 -44.11 -12.93
N ALA E 347 13.06 -45.02 -13.89
CA ALA E 347 14.24 -45.44 -14.66
C ALA E 347 14.70 -44.33 -15.59
N ASN E 348 13.76 -43.60 -16.19
CA ASN E 348 14.14 -42.50 -17.08
C ASN E 348 14.94 -41.43 -16.33
N SER E 349 14.50 -41.09 -15.12
CA SER E 349 15.24 -40.13 -14.31
C SER E 349 16.63 -40.67 -13.97
N TRP E 350 16.69 -41.92 -13.51
CA TRP E 350 17.98 -42.52 -13.14
C TRP E 350 18.95 -42.50 -14.31
N GLN E 351 18.49 -42.93 -15.49
CA GLN E 351 19.37 -43.01 -16.65
C GLN E 351 19.79 -41.61 -17.11
N ARG E 352 18.87 -40.65 -17.09
CA ARG E 352 19.21 -39.29 -17.50
C ARG E 352 20.29 -38.71 -16.60
N ILE E 353 20.17 -38.90 -15.28
CA ILE E 353 21.19 -38.42 -14.35
C ILE E 353 22.51 -39.14 -14.57
N ASP E 354 22.44 -40.46 -14.75
CA ASP E 354 23.66 -41.26 -14.91
C ASP E 354 24.41 -40.89 -16.18
N GLU E 355 23.68 -40.61 -17.27
CA GLU E 355 24.33 -40.22 -18.52
C GLU E 355 24.96 -38.83 -18.43
N LEU E 356 24.48 -37.98 -17.52
CA LEU E 356 25.11 -36.68 -17.33
C LEU E 356 26.41 -36.81 -16.54
N VAL E 357 26.41 -37.64 -15.49
CA VAL E 357 27.63 -37.87 -14.72
C VAL E 357 28.69 -38.55 -15.58
N LYS E 358 28.27 -39.54 -16.38
CA LYS E 358 29.22 -40.28 -17.21
C LYS E 358 29.72 -39.44 -18.38
N ASP E 359 28.89 -38.54 -18.90
CA ASP E 359 29.35 -37.63 -19.96
C ASP E 359 30.40 -36.66 -19.42
N ALA E 360 30.27 -36.25 -18.17
CA ALA E 360 31.23 -35.31 -17.60
C ALA E 360 32.59 -35.96 -17.40
N GLN E 361 32.61 -37.23 -16.98
CA GLN E 361 33.88 -37.90 -16.74
C GLN E 361 34.69 -38.07 -18.01
N GLN E 362 34.01 -38.30 -19.14
CA GLN E 362 34.71 -38.44 -20.41
C GLN E 362 35.29 -37.11 -20.89
N ASN E 363 34.82 -35.99 -20.35
CA ASN E 363 35.31 -34.67 -20.73
C ASN E 363 36.25 -34.07 -19.69
N GLY E 364 36.65 -34.84 -18.69
CA GLY E 364 37.68 -34.42 -17.75
C GLY E 364 37.20 -34.23 -16.32
N ALA E 365 35.90 -34.35 -16.05
CA ALA E 365 35.41 -34.20 -14.69
C ALA E 365 35.91 -35.34 -13.81
N GLN E 366 36.14 -35.04 -12.54
CA GLN E 366 36.71 -35.98 -11.57
C GLN E 366 35.61 -36.44 -10.63
N LEU E 367 35.38 -37.75 -10.58
CA LEU E 367 34.38 -38.33 -9.70
C LEU E 367 34.99 -38.52 -8.31
N GLN E 368 34.50 -37.77 -7.34
CA GLN E 368 35.01 -37.85 -5.97
C GLN E 368 34.19 -38.77 -5.08
N LEU E 369 32.90 -38.95 -5.37
CA LEU E 369 32.03 -39.77 -4.54
C LEU E 369 30.78 -40.12 -5.32
N GLY E 370 30.24 -41.30 -5.06
CA GLY E 370 28.97 -41.68 -5.65
C GLY E 370 29.11 -41.99 -7.13
N GLY E 371 28.20 -41.44 -7.93
CA GLY E 371 28.18 -41.71 -9.35
C GLY E 371 27.70 -43.10 -9.73
N LYS E 372 26.95 -43.75 -8.86
CA LYS E 372 26.52 -45.13 -9.08
C LYS E 372 25.39 -45.44 -8.12
N LYS E 373 24.71 -46.56 -8.39
CA LYS E 373 23.75 -47.08 -7.43
C LYS E 373 24.45 -47.95 -6.41
N PRO E 374 23.96 -47.99 -5.16
CA PRO E 374 24.58 -48.84 -4.15
C PRO E 374 24.58 -50.31 -4.56
N THR E 375 25.48 -51.07 -3.96
CA THR E 375 25.75 -52.44 -4.40
C THR E 375 24.56 -53.34 -4.10
N GLY E 376 24.06 -54.00 -5.15
CA GLY E 376 23.03 -55.01 -5.00
C GLY E 376 21.72 -54.52 -4.42
N VAL E 377 21.44 -53.24 -4.52
CA VAL E 377 20.25 -52.65 -3.91
C VAL E 377 19.11 -52.65 -4.92
N ASN E 378 17.92 -53.04 -4.47
CA ASN E 378 16.72 -52.91 -5.27
C ASN E 378 16.23 -51.47 -5.23
N GLY E 379 15.84 -50.95 -6.39
CA GLY E 379 15.27 -49.62 -6.47
C GLY E 379 16.19 -48.65 -7.20
N TYR E 380 15.57 -47.56 -7.66
CA TYR E 380 16.29 -46.57 -8.45
C TYR E 380 17.05 -45.59 -7.56
N PHE E 381 17.89 -46.13 -6.68
CA PHE E 381 18.69 -45.29 -5.81
C PHE E 381 19.94 -44.82 -6.54
N TYR E 382 20.30 -43.56 -6.30
CA TYR E 382 21.53 -42.98 -6.82
C TYR E 382 22.29 -42.37 -5.64
N GLU E 383 23.56 -42.76 -5.50
CA GLU E 383 24.31 -42.34 -4.33
C GLU E 383 24.59 -40.84 -4.35
N PRO E 384 24.75 -40.22 -3.18
CA PRO E 384 25.22 -38.83 -3.13
C PRO E 384 26.51 -38.65 -3.91
N THR E 385 26.46 -37.88 -4.99
CA THR E 385 27.56 -37.77 -5.93
C THR E 385 28.22 -36.40 -5.83
N VAL E 386 29.55 -36.39 -5.91
CA VAL E 386 30.34 -35.17 -5.86
C VAL E 386 31.26 -35.17 -7.08
N LEU E 387 31.06 -34.22 -7.98
CA LEU E 387 31.85 -34.09 -9.19
C LEU E 387 32.65 -32.80 -9.14
N THR E 388 33.92 -32.87 -9.53
CA THR E 388 34.80 -31.71 -9.63
C THR E 388 35.33 -31.62 -11.05
N ASN E 389 36.07 -30.53 -11.31
CA ASN E 389 36.67 -30.27 -12.62
C ASN E 389 35.61 -30.22 -13.72
N VAL E 390 34.48 -29.58 -13.42
CA VAL E 390 33.41 -29.38 -14.38
C VAL E 390 33.62 -28.03 -15.06
N ASP E 391 33.34 -27.96 -16.36
CA ASP E 391 33.48 -26.73 -17.12
C ASP E 391 32.22 -26.48 -17.94
N SER E 392 32.18 -25.33 -18.62
CA SER E 392 30.97 -24.84 -19.26
C SER E 392 30.57 -25.61 -20.51
N SER E 393 31.44 -26.48 -21.03
CA SER E 393 31.12 -27.21 -22.25
C SER E 393 30.43 -28.55 -21.98
N MET E 394 30.37 -28.99 -20.73
CA MET E 394 29.79 -30.29 -20.41
C MET E 394 28.27 -30.21 -20.37
N LYS E 395 27.63 -31.35 -20.65
CA LYS E 395 26.18 -31.41 -20.63
C LYS E 395 25.62 -31.23 -19.22
N ILE E 396 26.35 -31.69 -18.20
CA ILE E 396 25.92 -31.52 -16.81
C ILE E 396 25.94 -30.06 -16.37
N TYR E 397 26.61 -29.20 -17.13
CA TYR E 397 26.62 -27.76 -16.87
C TYR E 397 25.45 -27.05 -17.54
N LYS E 398 25.11 -27.45 -18.77
CA LYS E 398 24.07 -26.78 -19.54
C LYS E 398 22.67 -27.28 -19.18
N ASP E 399 22.54 -28.50 -18.67
CA ASP E 399 21.25 -29.11 -18.42
C ASP E 399 20.96 -29.15 -16.93
N GLU E 400 19.67 -29.31 -16.61
CA GLU E 400 19.23 -29.43 -15.22
C GLU E 400 19.42 -30.87 -14.76
N ILE E 401 20.22 -31.05 -13.71
CA ILE E 401 20.50 -32.39 -13.22
C ILE E 401 19.25 -33.01 -12.61
N PHE E 402 18.63 -32.30 -11.66
CA PHE E 402 17.46 -32.81 -10.93
C PHE E 402 17.76 -34.14 -10.26
N GLY E 403 18.97 -34.27 -9.72
CA GLY E 403 19.38 -35.45 -9.00
C GLY E 403 20.35 -35.12 -7.88
N PRO E 404 20.83 -36.15 -7.17
CA PRO E 404 21.73 -35.92 -6.03
C PRO E 404 23.19 -35.80 -6.44
N VAL E 405 23.48 -34.83 -7.31
CA VAL E 405 24.81 -34.65 -7.89
C VAL E 405 25.26 -33.23 -7.59
N ILE E 406 26.30 -33.08 -6.78
CA ILE E 406 26.92 -31.79 -6.52
C ILE E 406 28.02 -31.58 -7.56
N SER E 407 27.76 -30.68 -8.51
CA SER E 407 28.67 -30.42 -9.62
C SER E 407 29.47 -29.14 -9.31
N ILE E 408 30.79 -29.27 -9.24
CA ILE E 408 31.66 -28.21 -8.75
C ILE E 408 32.49 -27.67 -9.89
N ILE E 409 32.50 -26.33 -10.02
CA ILE E 409 33.32 -25.62 -10.99
C ILE E 409 34.22 -24.65 -10.23
N ILE E 410 35.49 -24.59 -10.62
CA ILE E 410 36.46 -23.71 -9.97
C ILE E 410 36.55 -22.40 -10.76
N PHE E 411 36.49 -21.28 -10.04
CA PHE E 411 36.64 -19.95 -10.63
C PHE E 411 37.68 -19.18 -9.84
N SER E 412 38.03 -17.99 -10.34
CA SER E 412 39.05 -17.18 -9.70
C SER E 412 38.64 -15.71 -9.59
N ASP E 413 37.95 -15.19 -10.60
CA ASP E 413 37.55 -13.80 -10.65
C ASP E 413 36.05 -13.67 -10.46
N ASN E 414 35.64 -12.63 -9.73
CA ASN E 414 34.22 -12.43 -9.46
C ASN E 414 33.47 -11.96 -10.70
N GLU E 415 34.10 -11.11 -11.52
CA GLU E 415 33.43 -10.62 -12.72
C GLU E 415 33.23 -11.71 -13.75
N GLN E 416 34.10 -12.74 -13.76
CA GLN E 416 33.96 -13.83 -14.70
C GLN E 416 32.93 -14.86 -14.23
N VAL E 417 32.90 -15.14 -12.92
CA VAL E 417 31.94 -16.10 -12.40
C VAL E 417 30.52 -15.58 -12.50
N LEU E 418 30.33 -14.26 -12.53
CA LEU E 418 29.00 -13.71 -12.71
C LEU E 418 28.50 -13.92 -14.13
N SER E 419 29.37 -13.70 -15.12
CA SER E 419 29.00 -13.98 -16.50
C SER E 419 28.71 -15.46 -16.70
N ASP E 420 29.49 -16.32 -16.07
CA ASP E 420 29.23 -17.77 -16.17
C ASP E 420 27.93 -18.13 -15.49
N ALA E 421 27.63 -17.52 -14.34
CA ALA E 421 26.39 -17.80 -13.63
C ALA E 421 25.18 -17.43 -14.47
N ASN E 422 25.25 -16.29 -15.18
CA ASN E 422 24.17 -15.85 -16.05
C ASN E 422 24.18 -16.53 -17.40
N ASP E 423 25.13 -17.42 -17.67
CA ASP E 423 25.24 -18.10 -18.95
C ASP E 423 24.28 -19.30 -19.00
N THR E 424 22.99 -19.00 -18.94
CA THR E 424 21.96 -20.02 -19.01
C THR E 424 20.63 -19.37 -19.36
N ASP E 425 19.76 -20.16 -20.00
CA ASP E 425 18.40 -19.70 -20.29
C ASP E 425 17.49 -19.73 -19.06
N ALA E 426 17.92 -20.39 -17.98
CA ALA E 426 17.11 -20.47 -16.79
C ALA E 426 17.15 -19.16 -16.01
N GLY E 427 16.18 -18.99 -15.12
CA GLY E 427 16.09 -17.78 -14.31
C GLY E 427 15.31 -17.99 -13.02
N LEU E 428 15.55 -19.13 -12.36
CA LEU E 428 14.83 -19.46 -11.14
C LEU E 428 15.58 -18.96 -9.92
N SER E 429 16.25 -19.86 -9.20
CA SER E 429 16.97 -19.52 -8.00
C SER E 429 18.46 -19.35 -8.28
N SER E 430 19.17 -18.82 -7.29
CA SER E 430 20.61 -18.60 -7.36
C SER E 430 21.12 -18.37 -5.94
N PHE E 431 22.40 -18.65 -5.75
CA PHE E 431 23.01 -18.62 -4.42
C PHE E 431 24.33 -17.88 -4.46
N ILE E 432 24.56 -17.06 -3.43
CA ILE E 432 25.84 -16.36 -3.26
C ILE E 432 26.25 -16.50 -1.80
N PHE E 433 27.42 -17.09 -1.56
CA PHE E 433 27.96 -17.26 -0.23
C PHE E 433 29.19 -16.37 -0.09
N SER E 434 29.11 -15.39 0.81
CA SER E 434 30.18 -14.41 0.99
C SER E 434 29.94 -13.67 2.30
N SER E 435 31.04 -13.18 2.88
CA SER E 435 30.98 -12.32 4.05
C SER E 435 31.33 -10.88 3.72
N ASN E 436 31.47 -10.55 2.43
CA ASN E 436 31.80 -9.21 1.98
C ASN E 436 30.55 -8.53 1.44
N GLU E 437 30.24 -7.35 1.97
CA GLU E 437 29.01 -6.67 1.56
C GLU E 437 29.10 -6.17 0.12
N ASP E 438 30.28 -5.72 -0.31
CA ASP E 438 30.44 -5.28 -1.69
C ASP E 438 30.27 -6.44 -2.65
N THR E 439 30.64 -7.66 -2.23
CA THR E 439 30.46 -8.82 -3.09
C THR E 439 29.00 -9.26 -3.12
N ILE E 440 28.32 -9.23 -1.97
CA ILE E 440 26.92 -9.62 -1.91
C ILE E 440 26.07 -8.67 -2.75
N SER E 441 26.28 -7.37 -2.58
CA SER E 441 25.54 -6.38 -3.35
C SER E 441 25.79 -6.54 -4.84
N TYR E 442 27.02 -6.85 -5.22
CA TYR E 442 27.37 -6.99 -6.64
C TYR E 442 26.61 -8.15 -7.29
N PHE E 443 26.57 -9.30 -6.60
CA PHE E 443 25.90 -10.45 -7.18
C PHE E 443 24.39 -10.34 -7.08
N ALA E 444 23.88 -9.85 -5.95
CA ALA E 444 22.43 -9.76 -5.77
C ALA E 444 21.78 -8.88 -6.83
N LYS E 445 22.51 -7.90 -7.36
CA LYS E 445 21.95 -7.01 -8.37
C LYS E 445 22.07 -7.57 -9.78
N HIS E 446 23.23 -8.12 -10.14
CA HIS E 446 23.51 -8.50 -11.52
C HIS E 446 23.11 -9.93 -11.85
N LEU E 447 22.79 -10.76 -10.86
CA LEU E 447 22.32 -12.11 -11.14
C LEU E 447 20.94 -12.04 -11.79
N ARG E 448 20.80 -12.64 -12.96
CA ARG E 448 19.54 -12.62 -13.70
C ARG E 448 18.70 -13.84 -13.32
N PHE E 449 18.23 -13.82 -12.08
CA PHE E 449 17.39 -14.89 -11.53
C PHE E 449 16.33 -14.28 -10.63
N GLY E 450 15.16 -14.92 -10.61
CA GLY E 450 14.06 -14.40 -9.80
C GLY E 450 14.32 -14.44 -8.31
N GLU E 451 15.24 -15.30 -7.87
CA GLU E 451 15.52 -15.46 -6.45
C GLU E 451 17.02 -15.49 -6.24
N VAL E 452 17.51 -14.68 -5.30
CA VAL E 452 18.92 -14.66 -4.93
C VAL E 452 18.99 -14.99 -3.45
N GLN E 453 19.49 -16.19 -3.14
CA GLN E 453 19.66 -16.62 -1.76
C GLN E 453 21.08 -16.28 -1.29
N VAL E 454 21.17 -15.57 -0.17
CA VAL E 454 22.44 -15.10 0.36
C VAL E 454 22.73 -15.84 1.66
N ASN E 455 23.79 -16.65 1.65
CA ASN E 455 24.30 -17.33 2.84
C ASN E 455 23.27 -18.28 3.45
N GLY E 456 22.35 -18.78 2.63
CA GLY E 456 21.36 -19.72 3.14
C GLY E 456 20.31 -20.03 2.09
N ILE E 457 19.17 -20.51 2.57
CA ILE E 457 18.03 -20.80 1.70
C ILE E 457 16.77 -20.67 2.55
N LYS E 458 15.72 -20.11 1.95
CA LYS E 458 14.48 -19.90 2.69
C LYS E 458 13.31 -19.82 1.72
N TYR E 459 12.29 -20.63 1.99
CA TYR E 459 11.04 -20.61 1.24
C TYR E 459 9.90 -20.81 2.22
N SER E 460 8.74 -20.22 1.91
CA SER E 460 7.60 -20.28 2.80
C SER E 460 6.35 -19.89 2.03
N ILE E 461 5.20 -20.16 2.64
CA ILE E 461 3.91 -19.90 2.00
C ILE E 461 3.69 -18.42 1.74
N ASN E 462 4.35 -17.54 2.50
CA ASN E 462 4.16 -16.10 2.37
C ASN E 462 5.24 -15.42 1.53
N LEU E 463 6.30 -16.15 1.15
CA LEU E 463 7.37 -15.58 0.35
C LEU E 463 7.20 -15.99 -1.11
N PRO E 464 7.23 -15.04 -2.05
CA PRO E 464 6.93 -15.38 -3.45
C PRO E 464 8.00 -16.26 -4.07
N HIS E 465 7.55 -17.30 -4.77
CA HIS E 465 8.42 -18.22 -5.49
C HIS E 465 8.12 -18.12 -6.97
N PHE E 466 9.15 -17.85 -7.77
CA PHE E 466 8.95 -17.52 -9.18
C PHE E 466 10.28 -17.56 -9.90
N GLY E 467 10.21 -17.58 -11.23
CA GLY E 467 11.39 -17.50 -12.05
C GLY E 467 11.16 -16.55 -13.20
N ILE E 468 12.28 -16.07 -13.77
CA ILE E 468 12.23 -15.20 -14.93
C ILE E 468 12.80 -15.93 -16.14
N LYS E 469 12.84 -15.24 -17.28
CA LYS E 469 13.39 -15.78 -18.54
C LYS E 469 12.64 -17.06 -18.88
N GLN E 470 13.34 -18.16 -19.21
CA GLN E 470 12.67 -19.38 -19.64
C GLN E 470 12.20 -20.24 -18.48
N SER E 471 12.44 -19.83 -17.24
CA SER E 471 11.99 -20.59 -16.07
C SER E 471 10.52 -20.36 -15.74
N GLY E 472 9.82 -19.53 -16.50
CA GLY E 472 8.38 -19.44 -16.39
C GLY E 472 7.90 -18.03 -16.24
N VAL E 473 6.58 -17.90 -16.06
CA VAL E 473 5.90 -16.63 -15.86
C VAL E 473 4.77 -16.87 -14.86
N GLY E 474 4.79 -16.16 -13.74
CA GLY E 474 3.80 -16.39 -12.71
C GLY E 474 4.44 -16.68 -11.37
N VAL E 475 3.68 -16.52 -10.29
CA VAL E 475 4.20 -16.58 -8.94
C VAL E 475 3.40 -17.60 -8.13
N ASP E 476 4.10 -18.48 -7.43
CA ASP E 476 3.51 -19.34 -6.42
C ASP E 476 3.88 -18.81 -5.03
N CYS E 477 2.98 -19.03 -4.07
CA CYS E 477 3.07 -18.51 -2.71
C CYS E 477 2.91 -17.00 -2.67
N SER E 478 2.86 -16.43 -1.45
CA SER E 478 2.65 -15.00 -1.22
C SER E 478 1.28 -14.55 -1.73
N LEU E 479 0.94 -13.28 -1.50
CA LEU E 479 -0.32 -12.74 -1.99
C LEU E 479 -0.35 -12.64 -3.51
N LEU E 480 0.81 -12.55 -4.15
CA LEU E 480 0.86 -12.38 -5.60
C LEU E 480 0.30 -13.58 -6.34
N ALA E 481 0.28 -14.76 -5.72
CA ALA E 481 -0.27 -15.95 -6.37
C ALA E 481 -1.76 -15.81 -6.68
N LEU E 482 -2.45 -14.89 -6.00
CA LEU E 482 -3.86 -14.64 -6.28
C LEU E 482 -4.08 -13.81 -7.53
N ASP E 483 -3.03 -13.19 -8.08
CA ASP E 483 -3.20 -12.33 -9.24
C ASP E 483 -3.60 -13.13 -10.48
N ASP E 484 -3.22 -14.40 -10.55
CA ASP E 484 -3.59 -15.23 -11.70
C ASP E 484 -5.05 -15.66 -11.65
N TYR E 485 -5.69 -15.64 -10.48
CA TYR E 485 -7.05 -16.13 -10.33
C TYR E 485 -8.07 -15.03 -10.16
N LEU E 486 -7.65 -13.76 -10.08
CA LEU E 486 -8.55 -12.64 -9.88
C LEU E 486 -8.45 -11.68 -11.05
N ALA E 487 -9.59 -11.27 -11.57
CA ALA E 487 -9.66 -10.30 -12.66
C ALA E 487 -10.11 -8.96 -12.11
N TYR E 488 -9.51 -7.88 -12.63
CA TYR E 488 -9.87 -6.55 -12.22
C TYR E 488 -11.20 -6.13 -12.83
N LYS E 489 -11.84 -5.14 -12.20
CA LYS E 489 -13.02 -4.49 -12.76
C LYS E 489 -13.03 -3.04 -12.30
N ARG E 490 -13.13 -2.12 -13.25
CA ARG E 490 -13.25 -0.70 -12.96
C ARG E 490 -14.69 -0.26 -13.19
N VAL E 491 -15.30 0.33 -12.16
CA VAL E 491 -16.63 0.90 -12.26
C VAL E 491 -16.46 2.42 -12.18
N SER E 492 -16.73 3.10 -13.29
CA SER E 492 -16.60 4.55 -13.37
C SER E 492 -17.98 5.18 -13.51
N ARG E 493 -18.29 6.12 -12.63
CA ARG E 493 -19.59 6.76 -12.59
C ARG E 493 -19.46 8.26 -12.82
N ALA E 494 -20.27 8.79 -13.73
CA ALA E 494 -20.30 10.22 -13.94
C ALA E 494 -20.89 10.93 -12.73
N LEU E 495 -20.24 12.00 -12.29
CA LEU E 495 -20.70 12.74 -11.11
C LEU E 495 -21.63 13.88 -11.45
N LYS E 496 -21.46 14.50 -12.62
CA LYS E 496 -22.29 15.65 -12.99
C LYS E 496 -23.74 15.24 -13.20
N VAL E 497 -23.97 14.20 -14.00
CA VAL E 497 -25.32 13.73 -14.26
C VAL E 497 -25.45 12.25 -13.92
N SER F 23 57.22 24.70 -31.86
CA SER F 23 56.98 24.80 -30.42
C SER F 23 55.54 24.42 -30.08
N LEU F 24 54.73 24.19 -31.10
CA LEU F 24 53.33 23.83 -30.93
C LEU F 24 53.10 22.33 -30.96
N SER F 25 54.16 21.52 -30.94
CA SER F 25 54.07 20.09 -30.76
C SER F 25 54.64 19.77 -29.38
N LYS F 26 53.77 19.36 -28.46
CA LYS F 26 54.13 19.25 -27.06
C LYS F 26 53.91 17.82 -26.56
N GLN F 27 54.83 17.36 -25.72
CA GLN F 27 54.80 16.01 -25.18
C GLN F 27 54.20 16.01 -23.77
N LEU F 28 53.97 14.80 -23.26
CA LEU F 28 53.47 14.63 -21.90
C LEU F 28 54.57 14.96 -20.89
N TYR F 29 54.14 15.40 -19.70
CA TYR F 29 55.06 15.67 -18.60
C TYR F 29 54.71 14.70 -17.47
N ILE F 30 55.46 13.61 -17.39
CA ILE F 30 55.22 12.54 -16.41
C ILE F 30 56.55 12.18 -15.77
N GLY F 31 56.60 12.21 -14.44
CA GLY F 31 57.80 11.79 -13.73
C GLY F 31 58.98 12.71 -13.89
N GLY F 32 58.76 14.01 -14.02
CA GLY F 32 59.85 14.95 -14.21
C GLY F 32 60.46 14.97 -15.58
N LYS F 33 59.87 14.26 -16.55
CA LYS F 33 60.42 14.18 -17.90
C LYS F 33 59.34 14.50 -18.92
N LEU F 34 59.77 15.01 -20.07
CA LEU F 34 58.91 15.15 -21.24
C LEU F 34 59.04 13.88 -22.07
N ILE F 35 57.93 13.21 -22.32
CA ILE F 35 57.92 11.94 -23.04
C ILE F 35 56.83 11.94 -24.09
N THR F 36 57.08 11.24 -25.20
CA THR F 36 56.07 11.03 -26.22
C THR F 36 55.29 9.76 -25.90
N SER F 37 54.38 9.38 -26.79
CA SER F 37 53.54 8.21 -26.59
C SER F 37 53.23 7.59 -27.96
N ASP F 38 52.21 6.75 -28.00
CA ASP F 38 51.82 6.05 -29.22
C ASP F 38 50.66 6.71 -29.94
N ALA F 39 50.27 7.92 -29.54
CA ALA F 39 49.17 8.62 -30.18
C ALA F 39 49.39 10.12 -30.09
N THR F 40 48.82 10.85 -31.04
CA THR F 40 48.90 12.30 -31.11
C THR F 40 47.52 12.87 -31.37
N THR F 41 47.08 13.80 -30.53
CA THR F 41 45.79 14.45 -30.69
C THR F 41 46.00 15.84 -31.30
N GLU F 42 45.37 16.07 -32.44
CA GLU F 42 45.46 17.38 -33.10
C GLU F 42 44.50 18.36 -32.44
N ILE F 43 44.92 19.62 -32.37
CA ILE F 43 44.12 20.69 -31.78
C ILE F 43 43.63 21.59 -32.91
N ILE F 44 42.32 21.81 -32.96
CA ILE F 44 41.68 22.59 -34.02
C ILE F 44 41.13 23.88 -33.42
N ASN F 45 41.54 25.00 -34.00
CA ASN F 45 41.06 26.30 -33.52
C ASN F 45 39.58 26.44 -33.83
N PRO F 46 38.76 26.88 -32.86
CA PRO F 46 37.31 26.96 -33.09
C PRO F 46 36.87 28.11 -33.99
N ALA F 47 37.80 28.95 -34.46
CA ALA F 47 37.48 30.04 -35.37
C ALA F 47 37.90 29.75 -36.80
N THR F 48 39.17 29.38 -37.01
CA THR F 48 39.65 29.03 -38.34
C THR F 48 39.36 27.59 -38.71
N LEU F 49 39.08 26.74 -37.72
CA LEU F 49 38.86 25.31 -37.93
C LEU F 49 40.04 24.67 -38.67
N GLU F 50 41.24 25.09 -38.30
CA GLU F 50 42.48 24.52 -38.81
C GLU F 50 43.28 23.95 -37.65
N ILE F 51 44.28 23.14 -37.99
CA ILE F 51 45.14 22.52 -36.99
C ILE F 51 46.15 23.55 -36.50
N VAL F 52 46.08 23.89 -35.21
CA VAL F 52 47.01 24.84 -34.62
C VAL F 52 48.15 24.15 -33.86
N GLY F 53 47.99 22.89 -33.48
CA GLY F 53 49.03 22.19 -32.76
C GLY F 53 48.64 20.74 -32.53
N GLU F 54 49.52 20.04 -31.82
CA GLU F 54 49.30 18.64 -31.51
C GLU F 54 49.97 18.33 -30.18
N ILE F 55 49.41 17.35 -29.46
CA ILE F 55 49.94 16.91 -28.18
C ILE F 55 50.04 15.40 -28.18
N SER F 56 50.98 14.88 -27.38
CA SER F 56 51.07 13.45 -27.18
C SER F 56 49.90 12.98 -26.33
N ALA F 57 49.09 12.10 -26.89
CA ALA F 57 47.92 11.59 -26.18
C ALA F 57 48.33 10.52 -25.18
N ALA F 58 47.63 10.49 -24.05
CA ALA F 58 47.90 9.54 -22.99
C ALA F 58 46.90 8.40 -23.03
N GLY F 59 47.38 7.19 -22.73
CA GLY F 59 46.53 6.04 -22.55
C GLY F 59 46.46 5.60 -21.10
N ILE F 60 45.91 4.41 -20.90
CA ILE F 60 45.83 3.84 -19.56
C ILE F 60 47.23 3.65 -18.98
N ASN F 61 48.19 3.30 -19.83
CA ASN F 61 49.56 3.09 -19.36
C ASN F 61 50.19 4.40 -18.88
N GLU F 62 49.97 5.50 -19.61
CA GLU F 62 50.53 6.78 -19.19
C GLU F 62 49.86 7.29 -17.93
N ALA F 63 48.57 7.01 -17.74
CA ALA F 63 47.89 7.41 -16.52
C ALA F 63 48.44 6.64 -15.31
N ASN F 64 48.80 5.37 -15.51
CA ASN F 64 49.41 4.59 -14.44
C ASN F 64 50.80 5.13 -14.09
N MET F 65 51.58 5.48 -15.12
CA MET F 65 52.89 6.08 -14.88
C MET F 65 52.77 7.34 -14.03
N ALA F 66 51.80 8.20 -14.36
CA ALA F 66 51.63 9.45 -13.62
C ALA F 66 51.27 9.19 -12.16
N LEU F 67 50.31 8.29 -11.94
CA LEU F 67 49.88 7.99 -10.57
C LEU F 67 50.99 7.34 -9.77
N GLU F 68 51.71 6.39 -10.37
CA GLU F 68 52.82 5.76 -9.68
C GLU F 68 53.96 6.75 -9.44
N SER F 69 54.18 7.66 -10.39
CA SER F 69 55.20 8.69 -10.20
C SER F 69 54.86 9.63 -9.05
N ALA F 70 53.62 10.12 -9.02
CA ALA F 70 53.20 11.01 -7.94
C ALA F 70 53.21 10.30 -6.59
N GLN F 71 52.85 9.02 -6.57
CA GLN F 71 52.84 8.27 -5.31
C GLN F 71 54.25 8.10 -4.76
N GLU F 72 55.21 7.81 -5.63
CA GLU F 72 56.59 7.62 -5.17
C GLU F 72 57.19 8.92 -4.66
N ALA F 73 56.77 10.06 -5.20
CA ALA F 73 57.33 11.34 -4.80
C ALA F 73 56.74 11.87 -3.49
N PHE F 74 55.66 11.27 -2.98
CA PHE F 74 54.96 11.84 -1.83
C PHE F 74 55.86 11.89 -0.60
N SER F 75 56.63 10.82 -0.35
CA SER F 75 57.45 10.78 0.86
C SER F 75 58.46 11.92 0.89
N SER F 76 59.14 12.16 -0.22
CA SER F 76 60.16 13.21 -0.25
C SER F 76 59.55 14.60 -0.46
N TRP F 77 58.46 14.71 -1.22
CA TRP F 77 57.88 16.02 -1.47
C TRP F 77 57.11 16.53 -0.25
N SER F 78 56.44 15.63 0.48
CA SER F 78 55.69 16.06 1.66
C SER F 78 56.62 16.44 2.80
N THR F 79 57.78 15.80 2.91
CA THR F 79 58.76 16.14 3.93
C THR F 79 59.74 17.21 3.47
N THR F 80 59.59 17.72 2.25
CA THR F 80 60.34 18.89 1.84
C THR F 80 59.82 20.10 2.61
N PRO F 81 60.69 20.88 3.25
CA PRO F 81 60.21 22.00 4.07
C PRO F 81 59.37 22.98 3.25
N ALA F 82 58.43 23.63 3.92
CA ALA F 82 57.55 24.57 3.26
C ALA F 82 58.33 25.70 2.60
N ILE F 83 59.45 26.11 3.21
CA ILE F 83 60.31 27.13 2.62
C ILE F 83 60.80 26.67 1.24
N GLU F 84 61.20 25.40 1.12
CA GLU F 84 61.80 24.93 -0.12
C GLU F 84 60.73 24.70 -1.18
N ARG F 85 59.56 24.20 -0.79
CA ARG F 85 58.47 24.07 -1.75
C ARG F 85 58.04 25.43 -2.28
N ALA F 86 58.04 26.44 -1.42
CA ALA F 86 57.71 27.79 -1.87
C ALA F 86 58.73 28.32 -2.86
N GLN F 87 60.01 27.96 -2.67
CA GLN F 87 61.03 28.39 -3.62
C GLN F 87 60.82 27.75 -4.99
N TRP F 88 60.41 26.48 -5.01
CA TRP F 88 60.12 25.82 -6.28
C TRP F 88 58.94 26.49 -6.99
N MET F 89 57.93 26.91 -6.22
CA MET F 89 56.78 27.58 -6.81
C MET F 89 57.18 28.94 -7.39
N LEU F 90 58.02 29.69 -6.67
CA LEU F 90 58.47 30.99 -7.18
C LEU F 90 59.42 30.83 -8.36
N LYS F 91 60.20 29.74 -8.39
CA LYS F 91 61.06 29.49 -9.53
C LYS F 91 60.23 29.18 -10.78
N LEU F 92 59.18 28.37 -10.63
CA LEU F 92 58.26 28.14 -11.73
C LEU F 92 57.54 29.42 -12.13
N ARG F 93 57.23 30.28 -11.15
CA ARG F 93 56.59 31.56 -11.45
C ARG F 93 57.48 32.42 -12.34
N ASP F 94 58.79 32.43 -12.07
CA ASP F 94 59.70 33.19 -12.90
C ASP F 94 59.75 32.64 -14.32
N ALA F 95 59.64 31.31 -14.47
CA ALA F 95 59.61 30.71 -15.80
C ALA F 95 58.32 31.08 -16.52
N VAL F 96 57.21 31.20 -15.79
CA VAL F 96 55.94 31.56 -16.41
C VAL F 96 55.97 33.01 -16.87
N ILE F 97 56.55 33.90 -16.05
CA ILE F 97 56.64 35.31 -16.41
C ILE F 97 57.50 35.49 -17.66
N ALA F 98 58.59 34.72 -17.76
CA ALA F 98 59.50 34.84 -18.89
C ALA F 98 58.95 34.23 -20.18
N ASN F 99 57.92 33.38 -20.08
CA ASN F 99 57.31 32.74 -21.24
C ASN F 99 55.87 33.21 -21.45
N GLU F 100 55.58 34.47 -21.11
CA GLU F 100 54.20 34.96 -21.15
C GLU F 100 53.64 34.94 -22.57
N GLN F 101 54.44 35.32 -23.56
CA GLN F 101 53.95 35.38 -24.93
C GLN F 101 53.56 33.99 -25.43
N HIS F 102 54.42 33.00 -25.20
CA HIS F 102 54.11 31.65 -25.67
C HIS F 102 52.91 31.06 -24.94
N LEU F 103 52.80 31.31 -23.63
CA LEU F 103 51.70 30.74 -22.86
C LEU F 103 50.37 31.36 -23.27
N ARG F 104 50.32 32.68 -23.43
CA ARG F 104 49.10 33.32 -23.88
C ARG F 104 48.78 32.95 -25.33
N GLU F 105 49.80 32.62 -26.13
CA GLU F 105 49.56 32.21 -27.51
C GLU F 105 48.87 30.86 -27.58
N CYS F 106 49.28 29.92 -26.73
CA CYS F 106 48.66 28.60 -26.70
C CYS F 106 47.17 28.69 -26.41
N VAL F 107 46.79 29.50 -25.41
CA VAL F 107 45.38 29.71 -25.12
C VAL F 107 44.68 30.35 -26.31
N HIS F 108 45.31 31.36 -26.91
CA HIS F 108 44.73 32.04 -28.06
C HIS F 108 44.48 31.08 -29.21
N LEU F 109 45.37 30.11 -29.39
CA LEU F 109 45.24 29.19 -30.52
C LEU F 109 44.32 28.01 -30.23
N GLU F 110 44.28 27.53 -28.98
CA GLU F 110 43.52 26.31 -28.69
C GLU F 110 42.02 26.59 -28.59
N MET F 111 41.62 27.81 -28.21
CA MET F 111 40.19 28.10 -28.07
C MET F 111 39.80 29.44 -28.67
N ALA F 112 40.68 30.09 -29.43
CA ALA F 112 40.39 31.36 -30.10
C ALA F 112 39.95 32.44 -29.10
N LYS F 113 40.46 32.38 -27.89
CA LYS F 113 40.19 33.43 -26.91
C LYS F 113 40.86 34.73 -27.37
N PRO F 114 40.15 35.86 -27.29
CA PRO F 114 40.77 37.13 -27.69
C PRO F 114 42.06 37.39 -26.93
N TRP F 115 43.03 37.99 -27.63
CA TRP F 115 44.37 38.16 -27.07
C TRP F 115 44.34 38.92 -25.75
N GLN F 116 43.46 39.92 -25.64
CA GLN F 116 43.35 40.67 -24.41
C GLN F 116 42.81 39.81 -23.28
N SER F 117 41.90 38.89 -23.60
CA SER F 117 41.28 38.05 -22.58
C SER F 117 42.21 36.96 -22.07
N THR F 118 43.24 36.59 -22.83
CA THR F 118 44.19 35.61 -22.36
C THR F 118 45.05 36.12 -21.21
N ALA F 119 45.01 37.43 -20.93
CA ALA F 119 45.77 37.97 -19.80
C ALA F 119 45.22 37.50 -18.47
N ASP F 120 43.93 37.16 -18.41
CA ASP F 120 43.36 36.62 -17.19
C ASP F 120 43.91 35.23 -16.90
N ASP F 121 44.05 34.39 -17.94
CA ASP F 121 44.61 33.06 -17.76
C ASP F 121 46.05 33.13 -17.29
N PHE F 122 46.87 33.96 -17.95
CA PHE F 122 48.28 34.04 -17.60
C PHE F 122 48.48 34.61 -16.21
N GLN F 123 47.80 35.70 -15.88
CA GLN F 123 48.06 36.41 -14.63
C GLN F 123 47.65 35.57 -13.43
N MET F 124 46.53 34.85 -13.52
CA MET F 124 46.08 34.04 -12.41
C MET F 124 47.07 32.93 -12.07
N LEU F 125 47.79 32.42 -13.08
CA LEU F 125 48.85 31.46 -12.81
C LEU F 125 49.96 32.09 -11.96
N VAL F 126 50.35 33.32 -12.29
CA VAL F 126 51.36 34.01 -11.50
C VAL F 126 50.80 34.37 -10.12
N ASP F 127 49.55 34.82 -10.07
CA ASP F 127 48.96 35.24 -8.79
C ASP F 127 48.82 34.07 -7.83
N SER F 128 48.41 32.90 -8.33
CA SER F 128 48.20 31.75 -7.46
C SER F 128 49.52 31.23 -6.92
N LEU F 129 50.56 31.18 -7.76
CA LEU F 129 51.86 30.72 -7.29
C LEU F 129 52.42 31.67 -6.22
N ASN F 130 52.18 32.97 -6.39
CA ASN F 130 52.62 33.94 -5.38
C ASN F 130 51.81 33.79 -4.09
N PHE F 131 50.50 33.64 -4.21
CA PHE F 131 49.62 33.64 -3.05
C PHE F 131 49.87 32.44 -2.15
N TYR F 132 49.97 31.25 -2.74
CA TYR F 132 50.07 30.04 -1.94
C TYR F 132 51.50 29.74 -1.50
N ALA F 133 52.50 30.29 -2.17
CA ALA F 133 53.85 30.21 -1.65
C ALA F 133 54.00 31.04 -0.38
N ASP F 134 53.36 32.22 -0.35
CA ASP F 134 53.39 33.04 0.85
C ASP F 134 52.49 32.48 1.94
N ALA F 135 51.38 31.85 1.56
CA ALA F 135 50.45 31.33 2.56
C ALA F 135 51.02 30.12 3.29
N ILE F 136 51.72 29.24 2.57
CA ILE F 136 52.17 27.98 3.17
C ILE F 136 53.23 28.22 4.24
N VAL F 137 54.00 29.32 4.13
CA VAL F 137 55.03 29.60 5.11
C VAL F 137 54.50 30.31 6.34
N ASN F 138 53.23 30.74 6.34
CA ASN F 138 52.61 31.34 7.50
C ASN F 138 51.84 30.34 8.34
N ILE F 139 51.79 29.07 7.93
CA ILE F 139 51.04 28.06 8.66
C ILE F 139 51.85 27.60 9.86
N ALA F 140 51.24 27.63 11.05
CA ALA F 140 51.90 27.26 12.29
C ALA F 140 51.01 26.33 13.10
N ASP F 141 51.64 25.59 14.01
CA ASP F 141 50.90 24.70 14.89
C ASP F 141 50.04 25.50 15.85
N GLU F 142 49.06 24.81 16.44
CA GLU F 142 48.14 25.41 17.41
C GLU F 142 48.01 24.49 18.61
N GLU F 143 48.08 25.06 19.81
CA GLU F 143 47.92 24.31 21.04
C GLU F 143 46.46 24.32 21.47
N ILE F 144 45.96 23.16 21.89
CA ILE F 144 44.58 23.00 22.31
C ILE F 144 44.55 22.85 23.83
N LYS F 145 43.61 23.55 24.46
CA LYS F 145 43.48 23.53 25.91
C LYS F 145 42.92 22.19 26.39
N ASP F 146 43.58 21.60 27.38
CA ASP F 146 43.04 20.43 28.07
C ASP F 146 42.32 20.91 29.31
N ASN F 147 41.01 20.65 29.37
CA ASN F 147 40.19 21.17 30.48
C ASN F 147 40.49 20.47 31.79
N GLU F 148 41.09 19.27 31.76
CA GLU F 148 41.42 18.54 32.97
C GLU F 148 42.86 18.73 33.41
N GLY F 149 43.69 19.36 32.58
CA GLY F 149 45.07 19.61 32.95
C GLY F 149 45.96 18.40 33.03
N THR F 150 45.54 17.27 32.44
CA THR F 150 46.32 16.04 32.50
C THR F 150 47.16 15.80 31.24
N HIS F 151 46.89 16.51 30.15
CA HIS F 151 47.59 16.26 28.89
C HIS F 151 47.86 17.59 28.19
N SER F 152 48.83 17.57 27.28
CA SER F 152 49.08 18.66 26.36
C SER F 152 48.68 18.24 24.95
N HIS F 153 48.29 19.21 24.13
CA HIS F 153 47.73 18.94 22.81
C HIS F 153 48.28 19.91 21.80
N VAL F 154 48.88 19.39 20.72
CA VAL F 154 49.42 20.19 19.64
C VAL F 154 48.73 19.77 18.34
N LEU F 155 48.02 20.70 17.71
CA LEU F 155 47.35 20.45 16.45
C LEU F 155 48.19 21.03 15.31
N SER F 156 48.53 20.18 14.34
CA SER F 156 49.34 20.57 13.21
C SER F 156 48.62 20.15 11.92
N ARG F 157 49.20 20.53 10.78
CA ARG F 157 48.68 20.17 9.48
C ARG F 157 49.79 19.58 8.63
N GLU F 158 49.44 18.55 7.85
CA GLU F 158 50.40 17.81 7.04
C GLU F 158 49.78 17.52 5.68
N PRO F 159 50.63 17.31 4.65
CA PRO F 159 50.11 16.93 3.34
C PRO F 159 49.29 15.65 3.40
N VAL F 160 48.20 15.62 2.64
CA VAL F 160 47.29 14.49 2.73
C VAL F 160 47.72 13.34 1.81
N GLY F 161 48.17 13.66 0.60
CA GLY F 161 48.55 12.59 -0.33
C GLY F 161 48.63 13.13 -1.75
N VAL F 162 48.33 12.24 -2.70
CA VAL F 162 48.36 12.59 -4.12
C VAL F 162 47.04 13.24 -4.49
N ALA F 163 47.11 14.34 -5.25
CA ALA F 163 45.93 15.04 -5.74
C ALA F 163 45.79 14.82 -7.25
N ALA F 164 44.54 14.72 -7.71
CA ALA F 164 44.23 14.56 -9.12
C ALA F 164 43.17 15.57 -9.52
N ALA F 165 43.41 16.29 -10.62
CA ALA F 165 42.57 17.41 -11.02
C ALA F 165 42.11 17.24 -12.46
N PHE F 166 40.82 17.49 -12.70
CA PHE F 166 40.22 17.54 -14.04
C PHE F 166 39.73 18.96 -14.29
N LEU F 167 40.22 19.59 -15.36
CA LEU F 167 40.02 21.02 -15.59
C LEU F 167 39.09 21.26 -16.77
N ALA F 168 38.13 22.16 -16.57
CA ALA F 168 37.32 22.65 -17.68
C ALA F 168 38.16 23.44 -18.67
N TRP F 169 37.60 23.67 -19.85
CA TRP F 169 38.32 24.33 -20.94
C TRP F 169 38.12 25.83 -20.98
N ASN F 170 37.17 26.39 -20.23
CA ASN F 170 36.82 27.80 -20.41
C ASN F 170 37.95 28.73 -19.99
N PHE F 171 38.76 28.33 -19.01
CA PHE F 171 39.91 29.12 -18.57
C PHE F 171 41.08 28.16 -18.33
N PRO F 172 41.78 27.76 -19.40
CA PRO F 172 42.76 26.67 -19.26
C PRO F 172 43.86 26.94 -18.24
N LEU F 173 44.48 28.12 -18.27
CA LEU F 173 45.57 28.39 -17.34
C LEU F 173 45.05 28.87 -15.98
N LEU F 174 43.92 29.57 -15.95
CA LEU F 174 43.35 30.00 -14.68
C LEU F 174 42.84 28.81 -13.88
N ASN F 175 42.17 27.86 -14.55
CA ASN F 175 41.68 26.67 -13.86
C ASN F 175 42.84 25.83 -13.33
N LEU F 176 43.91 25.72 -14.12
CA LEU F 176 45.11 25.02 -13.64
C LEU F 176 45.71 25.74 -12.44
N ALA F 177 45.66 27.08 -12.45
CA ALA F 177 46.25 27.86 -11.36
C ALA F 177 45.54 27.59 -10.04
N TYR F 178 44.22 27.41 -10.08
CA TYR F 178 43.47 27.15 -8.86
C TYR F 178 43.86 25.84 -8.21
N LYS F 179 44.38 24.88 -8.98
CA LYS F 179 44.79 23.59 -8.45
C LYS F 179 46.30 23.46 -8.27
N LEU F 180 47.09 24.07 -9.16
CA LEU F 180 48.54 23.91 -9.10
C LEU F 180 49.12 24.63 -7.88
N GLY F 181 48.60 25.81 -7.56
CA GLY F 181 49.08 26.58 -6.44
C GLY F 181 48.98 25.86 -5.11
N PRO F 182 47.76 25.52 -4.69
CA PRO F 182 47.60 24.86 -3.39
C PRO F 182 48.25 23.49 -3.31
N ALA F 183 48.29 22.73 -4.42
CA ALA F 183 48.83 21.37 -4.35
C ALA F 183 50.34 21.40 -4.14
N MET F 184 51.06 22.25 -4.87
CA MET F 184 52.50 22.38 -4.66
C MET F 184 52.80 22.92 -3.27
N ALA F 185 52.07 23.96 -2.84
CA ALA F 185 52.32 24.55 -1.53
C ALA F 185 52.11 23.53 -0.42
N ALA F 186 51.03 22.75 -0.51
CA ALA F 186 50.70 21.77 0.52
C ALA F 186 51.45 20.46 0.37
N GLY F 187 52.47 20.39 -0.49
CA GLY F 187 53.27 19.18 -0.61
C GLY F 187 52.51 17.97 -1.13
N CYS F 188 51.56 18.17 -2.04
CA CYS F 188 50.76 17.09 -2.59
C CYS F 188 51.07 16.90 -4.05
N PRO F 189 51.77 15.83 -4.45
CA PRO F 189 52.08 15.64 -5.88
C PRO F 189 50.81 15.63 -6.71
N LEU F 190 50.80 16.41 -7.78
CA LEU F 190 49.59 16.69 -8.54
C LEU F 190 49.55 15.90 -9.83
N VAL F 191 48.38 15.34 -10.13
CA VAL F 191 48.11 14.68 -11.40
C VAL F 191 46.97 15.46 -12.05
N VAL F 192 47.31 16.32 -13.03
CA VAL F 192 46.33 17.22 -13.64
C VAL F 192 45.99 16.72 -15.03
N LYS F 193 44.70 16.58 -15.30
CA LYS F 193 44.19 16.20 -16.61
C LYS F 193 43.50 17.40 -17.25
N PRO F 194 44.17 18.14 -18.14
CA PRO F 194 43.50 19.22 -18.85
C PRO F 194 42.43 18.67 -19.77
N SER F 195 41.53 19.56 -20.20
CA SER F 195 40.53 19.18 -21.18
C SER F 195 41.20 18.89 -22.52
N SER F 196 40.70 17.85 -23.21
CA SER F 196 41.23 17.52 -24.52
C SER F 196 40.98 18.63 -25.53
N LYS F 197 40.03 19.54 -25.24
CA LYS F 197 39.77 20.66 -26.13
C LYS F 197 40.80 21.77 -25.97
N THR F 198 41.40 21.89 -24.78
CA THR F 198 42.38 22.96 -24.50
C THR F 198 43.55 22.38 -23.71
N PRO F 199 44.36 21.51 -24.33
CA PRO F 199 45.48 20.90 -23.60
C PRO F 199 46.82 21.58 -23.88
N LEU F 200 46.84 22.53 -24.82
CA LEU F 200 48.12 23.08 -25.28
C LEU F 200 48.79 23.93 -24.19
N SER F 201 48.02 24.84 -23.57
CA SER F 201 48.62 25.76 -22.61
C SER F 201 49.12 25.03 -21.37
N ALA F 202 48.36 24.03 -20.89
CA ALA F 202 48.80 23.28 -19.72
C ALA F 202 50.03 22.44 -20.04
N TYR F 203 50.09 21.86 -21.24
CA TYR F 203 51.27 21.12 -21.65
C TYR F 203 52.51 22.00 -21.68
N ALA F 204 52.33 23.30 -21.99
CA ALA F 204 53.46 24.22 -21.97
C ALA F 204 53.95 24.50 -20.55
N VAL F 205 53.03 24.52 -19.58
CA VAL F 205 53.44 24.66 -18.18
C VAL F 205 54.26 23.45 -17.75
N GLY F 206 53.90 22.27 -18.25
CA GLY F 206 54.71 21.09 -17.98
C GLY F 206 56.12 21.21 -18.54
N GLU F 207 56.26 21.84 -19.69
CA GLU F 207 57.58 22.09 -20.25
C GLU F 207 58.37 23.05 -19.35
N LEU F 208 57.70 24.00 -18.72
CA LEU F 208 58.38 24.95 -17.84
C LEU F 208 58.86 24.26 -16.57
N CYS F 209 58.10 23.29 -16.07
CA CYS F 209 58.54 22.53 -14.90
C CYS F 209 59.75 21.67 -15.22
N GLU F 210 59.79 21.07 -16.41
CA GLU F 210 60.97 20.31 -16.81
C GLU F 210 62.18 21.23 -16.95
N GLN F 211 61.98 22.44 -17.46
CA GLN F 211 63.09 23.36 -17.65
C GLN F 211 63.73 23.75 -16.32
N ILE F 212 62.91 24.07 -15.32
CA ILE F 212 63.45 24.45 -14.01
C ILE F 212 63.93 23.27 -13.20
N GLY F 213 63.72 22.04 -13.68
CA GLY F 213 64.17 20.87 -12.96
C GLY F 213 63.33 20.50 -11.76
N LEU F 214 62.01 20.57 -11.89
CA LEU F 214 61.14 20.26 -10.78
C LEU F 214 61.31 18.79 -10.37
N PRO F 215 61.34 18.49 -9.07
CA PRO F 215 61.47 17.09 -8.64
C PRO F 215 60.43 16.19 -9.29
N ALA F 216 60.88 14.99 -9.68
CA ALA F 216 60.05 14.09 -10.45
C ALA F 216 58.79 13.72 -9.68
N GLY F 217 57.67 13.62 -10.40
CA GLY F 217 56.40 13.23 -9.83
C GLY F 217 55.67 14.30 -9.06
N VAL F 218 56.29 15.47 -8.84
CA VAL F 218 55.63 16.53 -8.09
C VAL F 218 54.46 17.10 -8.88
N VAL F 219 54.63 17.27 -10.19
CA VAL F 219 53.58 17.72 -11.08
C VAL F 219 53.57 16.80 -12.30
N ASN F 220 52.38 16.33 -12.68
CA ASN F 220 52.21 15.48 -13.86
C ASN F 220 51.06 16.05 -14.68
N ILE F 221 51.33 16.33 -15.95
CA ILE F 221 50.36 16.93 -16.86
C ILE F 221 50.11 15.97 -18.01
N LEU F 222 48.83 15.66 -18.25
CA LEU F 222 48.47 14.49 -19.03
C LEU F 222 47.03 14.62 -19.51
N SER F 223 46.80 14.35 -20.79
CA SER F 223 45.47 14.48 -21.38
C SER F 223 45.15 13.23 -22.19
N GLY F 224 43.89 12.79 -22.09
CA GLY F 224 43.45 11.60 -22.79
C GLY F 224 41.96 11.41 -22.66
N MET F 225 41.48 10.28 -23.19
CA MET F 225 40.05 10.02 -23.23
C MET F 225 39.47 9.88 -21.82
N ASP F 226 38.21 10.30 -21.68
CA ASP F 226 37.58 10.31 -20.36
C ASP F 226 37.28 8.90 -19.86
N SER F 227 36.70 8.06 -20.72
CA SER F 227 36.29 6.71 -20.30
C SER F 227 37.48 5.82 -20.00
N THR F 228 38.66 6.13 -20.52
CA THR F 228 39.86 5.33 -20.29
C THR F 228 40.79 6.05 -19.31
N VAL F 229 41.38 7.18 -19.72
CA VAL F 229 42.35 7.86 -18.87
C VAL F 229 41.66 8.48 -17.66
N GLY F 230 40.56 9.18 -17.88
CA GLY F 230 39.89 9.87 -16.78
C GLY F 230 39.38 8.91 -15.71
N ASP F 231 38.67 7.87 -16.13
CA ASP F 231 38.13 6.91 -15.17
C ASP F 231 39.24 6.13 -14.47
N ALA F 232 40.36 5.89 -15.15
CA ALA F 232 41.48 5.19 -14.52
C ALA F 232 42.06 6.00 -13.37
N ILE F 233 42.12 7.33 -13.53
CA ILE F 233 42.65 8.19 -12.48
C ILE F 233 41.70 8.21 -11.29
N SER F 234 40.40 8.32 -11.55
CA SER F 234 39.43 8.40 -10.46
C SER F 234 39.31 7.06 -9.73
N ALA F 235 39.36 5.95 -10.47
CA ALA F 235 39.16 4.64 -9.87
C ALA F 235 40.42 4.10 -9.19
N SER F 236 41.58 4.68 -9.46
CA SER F 236 42.80 4.27 -8.78
C SER F 236 42.70 4.54 -7.29
N THR F 237 43.34 3.68 -6.50
CA THR F 237 43.38 3.84 -5.05
C THR F 237 44.50 4.75 -4.59
N ILE F 238 45.29 5.28 -5.52
CA ILE F 238 46.44 6.13 -5.17
C ILE F 238 46.01 7.54 -4.78
N PRO F 239 45.16 8.25 -5.54
CA PRO F 239 44.84 9.62 -5.17
C PRO F 239 44.08 9.70 -3.85
N SER F 240 44.47 10.68 -3.03
CA SER F 240 43.73 11.00 -1.81
C SER F 240 42.74 12.12 -2.02
N VAL F 241 42.97 13.00 -2.99
CA VAL F 241 42.08 14.11 -3.31
C VAL F 241 41.72 14.01 -4.79
N LEU F 242 40.41 14.08 -5.07
CA LEU F 242 39.90 14.20 -6.43
C LEU F 242 39.18 15.54 -6.53
N THR F 243 39.56 16.36 -7.51
CA THR F 243 38.96 17.67 -7.66
C THR F 243 38.61 17.92 -9.12
N LEU F 244 37.51 18.64 -9.32
CA LEU F 244 36.97 18.85 -10.67
C LEU F 244 36.42 20.26 -10.79
N ILE F 245 36.78 20.92 -11.88
CA ILE F 245 36.15 22.14 -12.34
C ILE F 245 35.40 21.78 -13.62
N GLY F 246 34.07 21.66 -13.52
CA GLY F 246 33.30 21.19 -14.65
C GLY F 246 31.81 21.14 -14.39
N SER F 247 31.11 20.23 -15.05
CA SER F 247 29.66 20.14 -14.95
C SER F 247 29.24 19.28 -13.76
N THR F 248 27.98 19.46 -13.36
CA THR F 248 27.45 18.71 -12.22
C THR F 248 27.32 17.22 -12.54
N ASN F 249 26.93 16.89 -13.78
CA ASN F 249 26.77 15.48 -14.16
C ASN F 249 28.09 14.75 -14.08
N VAL F 250 29.15 15.35 -14.62
CA VAL F 250 30.48 14.75 -14.50
C VAL F 250 30.90 14.68 -13.03
N GLY F 251 30.48 15.66 -12.23
CA GLY F 251 30.81 15.63 -10.81
C GLY F 251 30.30 14.39 -10.12
N LYS F 252 29.02 14.06 -10.34
CA LYS F 252 28.44 12.85 -9.75
C LYS F 252 29.15 11.61 -10.27
N HIS F 253 29.52 11.60 -11.55
CA HIS F 253 30.23 10.45 -12.11
C HIS F 253 31.58 10.25 -11.45
N VAL F 254 32.33 11.34 -11.26
CA VAL F 254 33.65 11.24 -10.63
C VAL F 254 33.51 10.76 -9.19
N ILE F 255 32.49 11.23 -8.47
CA ILE F 255 32.32 10.83 -7.07
C ILE F 255 32.07 9.34 -6.96
N ALA F 256 31.23 8.79 -7.84
CA ALA F 256 30.90 7.37 -7.77
C ALA F 256 32.07 6.50 -8.23
N THR F 257 32.74 6.90 -9.32
CA THR F 257 33.88 6.13 -9.80
C THR F 257 35.04 6.17 -8.81
N GLY F 258 35.14 7.25 -8.03
CA GLY F 258 36.22 7.38 -7.07
C GLY F 258 36.03 6.61 -5.78
N ALA F 259 34.85 6.01 -5.59
CA ALA F 259 34.52 5.26 -4.38
C ALA F 259 35.27 3.94 -4.25
N THR F 260 36.25 3.63 -5.10
CA THR F 260 37.08 2.45 -4.89
C THR F 260 37.88 2.54 -3.61
N SER F 261 38.15 3.76 -3.14
CA SER F 261 38.78 4.01 -1.86
C SER F 261 38.19 5.27 -1.27
N ILE F 262 38.55 5.55 -0.02
CA ILE F 262 38.10 6.78 0.63
C ILE F 262 38.91 7.94 0.09
N LYS F 263 38.24 8.90 -0.54
CA LYS F 263 38.88 10.05 -1.13
C LYS F 263 38.17 11.33 -0.72
N ARG F 264 38.93 12.43 -0.71
CA ARG F 264 38.36 13.75 -0.51
C ARG F 264 37.96 14.33 -1.86
N TYR F 265 36.80 14.97 -1.91
CA TYR F 265 36.28 15.54 -3.13
C TYR F 265 36.20 17.06 -3.01
N SER F 266 36.71 17.76 -4.01
CA SER F 266 36.60 19.21 -4.10
C SER F 266 35.99 19.55 -5.46
N MET F 267 34.73 19.96 -5.45
CA MET F 267 33.93 20.08 -6.66
C MET F 267 33.51 21.53 -6.88
N GLU F 268 33.82 22.06 -8.05
CA GLU F 268 33.41 23.39 -8.49
C GLU F 268 32.60 23.19 -9.77
N LEU F 269 31.27 23.11 -9.63
CA LEU F 269 30.42 22.62 -10.69
C LEU F 269 29.60 23.75 -11.33
N GLY F 270 28.49 23.39 -11.97
CA GLY F 270 27.75 24.34 -12.77
C GLY F 270 26.94 25.32 -11.92
N GLY F 271 26.53 26.41 -12.58
CA GLY F 271 25.75 27.43 -11.93
C GLY F 271 24.57 27.87 -12.78
N ASN F 272 23.71 28.68 -12.16
CA ASN F 272 22.53 29.27 -12.80
C ASN F 272 22.27 30.59 -12.09
N ALA F 273 23.09 31.58 -12.39
CA ALA F 273 23.13 32.82 -11.61
C ALA F 273 21.93 33.69 -11.94
N PRO F 274 21.19 34.16 -10.94
CA PRO F 274 20.19 35.20 -11.18
C PRO F 274 20.78 36.59 -10.98
N ALA F 275 20.33 37.53 -11.81
CA ALA F 275 20.70 38.94 -11.70
C ALA F 275 19.43 39.75 -11.55
N ILE F 276 19.31 40.44 -10.42
CA ILE F 276 18.09 41.16 -10.06
C ILE F 276 18.35 42.65 -10.22
N VAL F 277 17.67 43.26 -11.19
CA VAL F 277 17.78 44.70 -11.45
C VAL F 277 16.52 45.34 -10.88
N CYS F 278 16.66 45.99 -9.73
CA CYS F 278 15.51 46.49 -9.00
C CYS F 278 15.05 47.85 -9.54
N SER F 279 14.03 48.41 -8.90
CA SER F 279 13.49 49.70 -9.33
C SER F 279 14.51 50.81 -9.18
N ASP F 280 15.30 50.79 -8.11
CA ASP F 280 16.20 51.88 -7.76
C ASP F 280 17.65 51.61 -8.16
N ALA F 281 17.87 50.78 -9.17
CA ALA F 281 19.21 50.40 -9.56
C ALA F 281 19.84 51.46 -10.47
N ASN F 282 21.17 51.52 -10.43
CA ASN F 282 21.94 52.30 -11.39
C ASN F 282 22.00 51.50 -12.67
N LEU F 283 21.10 51.83 -13.61
CA LEU F 283 20.93 51.01 -14.81
C LEU F 283 22.21 50.96 -15.65
N ASP F 284 22.94 52.09 -15.70
CA ASP F 284 24.19 52.11 -16.47
C ASP F 284 25.23 51.19 -15.84
N ASN F 285 25.38 51.26 -14.52
CA ASN F 285 26.30 50.34 -13.85
C ASN F 285 25.84 48.90 -14.01
N ALA F 286 24.54 48.65 -13.86
CA ALA F 286 24.02 47.28 -13.95
C ALA F 286 24.20 46.71 -15.36
N ALA F 287 24.03 47.54 -16.39
CA ALA F 287 24.20 47.05 -17.75
C ALA F 287 25.67 46.87 -18.10
N ASP F 288 26.56 47.65 -17.47
CA ASP F 288 27.98 47.54 -17.78
C ASP F 288 28.56 46.25 -17.22
N VAL F 289 28.17 45.87 -16.00
CA VAL F 289 28.71 44.67 -15.39
C VAL F 289 28.08 43.41 -16.01
N ILE F 290 26.77 43.44 -16.25
CA ILE F 290 26.09 42.26 -16.79
C ILE F 290 26.59 41.98 -18.21
N CYS F 291 26.53 43.00 -19.08
CA CYS F 291 26.97 42.81 -20.46
C CYS F 291 28.46 42.53 -20.55
N GLY F 292 29.26 43.11 -19.65
CA GLY F 292 30.68 42.88 -19.69
C GLY F 292 31.06 41.44 -19.38
N VAL F 293 30.38 40.84 -18.40
CA VAL F 293 30.67 39.46 -18.03
C VAL F 293 29.85 38.45 -18.85
N LYS F 294 28.77 38.89 -19.50
CA LYS F 294 27.99 37.98 -20.32
C LYS F 294 28.57 37.78 -21.71
N PHE F 295 29.43 38.70 -22.17
CA PHE F 295 30.06 38.57 -23.47
C PHE F 295 31.56 38.30 -23.38
N ALA F 296 32.16 38.48 -22.20
CA ALA F 296 33.54 38.03 -22.01
C ALA F 296 33.61 36.52 -22.11
N ASN F 297 34.61 36.04 -22.85
CA ASN F 297 34.80 34.60 -23.08
C ASN F 297 33.57 33.97 -23.75
N ALA F 298 32.84 34.76 -24.54
CA ALA F 298 31.60 34.33 -25.19
C ALA F 298 30.58 33.82 -24.17
N GLY F 299 30.59 34.39 -22.97
CA GLY F 299 29.66 33.97 -21.94
C GLY F 299 29.96 32.63 -21.30
N GLN F 300 31.10 32.02 -21.62
CA GLN F 300 31.46 30.72 -21.04
C GLN F 300 32.16 30.92 -19.70
N ILE F 301 31.40 31.51 -18.78
CA ILE F 301 31.88 31.86 -17.44
C ILE F 301 30.89 31.28 -16.44
N CYS F 302 31.41 30.62 -15.41
CA CYS F 302 30.53 29.93 -14.46
C CYS F 302 29.76 30.91 -13.59
N VAL F 303 30.30 32.10 -13.36
CA VAL F 303 29.67 33.08 -12.48
C VAL F 303 28.85 34.11 -13.23
N THR F 304 28.82 34.04 -14.56
CA THR F 304 28.06 35.01 -15.33
C THR F 304 26.56 34.84 -15.09
N PRO F 305 25.79 35.93 -15.16
CA PRO F 305 24.34 35.80 -14.97
C PRO F 305 23.71 34.91 -16.03
N ASN F 306 22.82 34.03 -15.58
CA ASN F 306 22.04 33.19 -16.48
C ASN F 306 20.61 33.69 -16.66
N ARG F 307 20.02 34.27 -15.62
CA ARG F 307 18.68 34.83 -15.68
C ARG F 307 18.74 36.27 -15.19
N VAL F 308 18.42 37.20 -16.07
CA VAL F 308 18.50 38.64 -15.77
C VAL F 308 17.10 39.13 -15.44
N PHE F 309 16.84 39.37 -14.16
CA PHE F 309 15.54 39.85 -13.69
C PHE F 309 15.55 41.37 -13.66
N VAL F 310 14.62 41.99 -14.38
CA VAL F 310 14.51 43.44 -14.48
C VAL F 310 13.13 43.86 -13.98
N HIS F 311 13.10 44.87 -13.12
CA HIS F 311 11.83 45.35 -12.60
C HIS F 311 10.99 45.97 -13.72
N GLU F 312 9.67 45.97 -13.51
CA GLU F 312 8.75 46.40 -14.56
C GLU F 312 8.89 47.89 -14.87
N SER F 313 9.30 48.69 -13.89
CA SER F 313 9.37 50.14 -14.11
C SER F 313 10.55 50.49 -15.02
N VAL F 314 11.72 49.94 -14.72
CA VAL F 314 12.93 50.25 -15.48
C VAL F 314 13.20 49.22 -16.57
N ALA F 315 12.16 48.51 -17.02
CA ALA F 315 12.35 47.40 -17.96
C ALA F 315 12.83 47.91 -19.31
N ASP F 316 12.06 48.80 -19.95
CA ASP F 316 12.37 49.21 -21.31
C ASP F 316 13.67 50.00 -21.38
N GLU F 317 13.99 50.79 -20.34
CA GLU F 317 15.24 51.54 -20.35
C GLU F 317 16.44 50.62 -20.23
N PHE F 318 16.34 49.58 -19.41
CA PHE F 318 17.46 48.65 -19.24
C PHE F 318 17.70 47.84 -20.51
N ILE F 319 16.63 47.38 -21.16
CA ILE F 319 16.77 46.60 -22.38
C ILE F 319 17.44 47.43 -23.46
N GLU F 320 17.10 48.72 -23.52
CA GLU F 320 17.75 49.60 -24.49
C GLU F 320 19.25 49.71 -24.22
N LYS F 321 19.62 49.90 -22.96
CA LYS F 321 21.03 50.04 -22.61
C LYS F 321 21.79 48.74 -22.82
N VAL F 322 21.16 47.60 -22.56
CA VAL F 322 21.79 46.31 -22.84
C VAL F 322 22.02 46.16 -24.35
N LEU F 323 21.01 46.51 -25.15
CA LEU F 323 21.16 46.42 -26.60
C LEU F 323 22.23 47.37 -27.12
N THR F 324 22.41 48.52 -26.45
CA THR F 324 23.46 49.44 -26.86
C THR F 324 24.83 48.81 -26.71
N ARG F 325 25.09 48.17 -25.55
CA ARG F 325 26.39 47.55 -25.32
C ARG F 325 26.56 46.28 -26.15
N ALA F 326 25.49 45.52 -26.34
CA ALA F 326 25.60 44.23 -27.01
C ALA F 326 25.98 44.38 -28.47
N LYS F 327 25.47 45.41 -29.14
CA LYS F 327 25.81 45.64 -30.54
C LYS F 327 27.15 46.33 -30.73
N ALA F 328 27.74 46.85 -29.65
CA ALA F 328 29.08 47.42 -29.71
C ALA F 328 30.18 46.38 -29.51
N VAL F 329 29.82 45.12 -29.31
CA VAL F 329 30.79 44.07 -29.08
C VAL F 329 31.48 43.70 -30.39
N LYS F 330 32.80 43.69 -30.39
CA LYS F 330 33.59 43.30 -31.54
C LYS F 330 33.87 41.80 -31.46
N VAL F 331 33.37 41.04 -32.44
CA VAL F 331 33.50 39.60 -32.48
C VAL F 331 34.45 39.22 -33.60
N GLY F 332 35.34 38.26 -33.33
CA GLY F 332 36.26 37.81 -34.35
C GLY F 332 37.38 36.99 -33.74
N PHE F 333 38.50 36.93 -34.47
CA PHE F 333 39.66 36.16 -34.03
C PHE F 333 40.89 36.73 -34.74
N ASP F 334 41.61 37.62 -34.05
CA ASP F 334 42.82 38.22 -34.58
C ASP F 334 43.64 38.75 -33.41
N LYS F 335 44.91 38.38 -33.35
CA LYS F 335 45.74 38.73 -32.19
C LYS F 335 46.00 40.23 -32.10
N ASN F 336 45.95 40.94 -33.23
CA ASN F 336 46.33 42.35 -33.27
C ASN F 336 45.14 43.30 -33.27
N GLU F 337 43.92 42.78 -33.22
CA GLU F 337 42.73 43.61 -33.21
C GLU F 337 42.10 43.62 -31.82
N ALA F 338 41.28 44.63 -31.57
CA ALA F 338 40.60 44.80 -30.29
C ALA F 338 39.32 43.95 -30.24
N ILE F 339 39.52 42.64 -30.32
CA ILE F 339 38.42 41.69 -30.28
C ILE F 339 37.92 41.57 -28.85
N ASP F 340 36.60 41.74 -28.68
CA ASP F 340 35.98 41.62 -27.37
C ASP F 340 35.47 40.21 -27.08
N MET F 341 35.22 39.41 -28.12
CA MET F 341 34.57 38.13 -27.94
C MET F 341 34.94 37.21 -29.09
N GLY F 342 35.30 35.97 -28.78
CA GLY F 342 35.58 34.98 -29.78
C GLY F 342 34.42 34.02 -29.96
N PRO F 343 34.70 32.87 -30.57
CA PRO F 343 33.65 31.85 -30.74
C PRO F 343 33.53 30.98 -29.50
N VAL F 344 32.50 30.14 -29.49
CA VAL F 344 32.32 29.19 -28.41
C VAL F 344 33.15 27.95 -28.72
N MET F 345 33.18 26.99 -27.79
CA MET F 345 34.25 25.99 -27.79
C MET F 345 34.20 25.07 -29.00
N ASP F 346 33.07 24.41 -29.23
CA ASP F 346 33.00 23.42 -30.29
C ASP F 346 31.61 23.47 -30.94
N ALA F 347 31.42 22.59 -31.94
CA ALA F 347 30.15 22.56 -32.66
C ALA F 347 29.01 22.06 -31.77
N ASN F 348 29.33 21.24 -30.76
CA ASN F 348 28.28 20.72 -29.89
C ASN F 348 27.69 21.83 -29.02
N SER F 349 28.53 22.71 -28.47
CA SER F 349 28.02 23.79 -27.63
C SER F 349 27.27 24.83 -28.46
N TRP F 350 27.71 25.07 -29.70
CA TRP F 350 26.97 25.96 -30.58
C TRP F 350 25.55 25.46 -30.79
N GLN F 351 25.39 24.15 -31.03
CA GLN F 351 24.06 23.58 -31.24
C GLN F 351 23.24 23.65 -29.98
N ARG F 352 23.85 23.36 -28.82
CA ARG F 352 23.11 23.41 -27.56
C ARG F 352 22.63 24.82 -27.26
N ILE F 353 23.46 25.83 -27.50
CA ILE F 353 23.06 27.22 -27.30
C ILE F 353 21.95 27.60 -28.27
N ASP F 354 22.14 27.26 -29.55
CA ASP F 354 21.15 27.62 -30.57
C ASP F 354 19.81 26.95 -30.30
N GLU F 355 19.82 25.71 -29.82
CA GLU F 355 18.56 25.03 -29.54
C GLU F 355 17.87 25.63 -28.32
N LEU F 356 18.64 26.17 -27.37
CA LEU F 356 18.02 26.84 -26.22
C LEU F 356 17.36 28.15 -26.65
N VAL F 357 17.97 28.86 -27.59
CA VAL F 357 17.44 30.16 -28.01
C VAL F 357 16.17 29.97 -28.83
N LYS F 358 16.18 29.03 -29.79
CA LYS F 358 15.02 28.80 -30.63
C LYS F 358 13.87 28.18 -29.84
N ASP F 359 14.16 27.39 -28.80
CA ASP F 359 13.10 26.86 -27.96
C ASP F 359 12.39 27.96 -27.19
N ALA F 360 13.12 29.01 -26.80
CA ALA F 360 12.49 30.14 -26.13
C ALA F 360 11.60 30.92 -27.08
N GLN F 361 12.08 31.14 -28.32
CA GLN F 361 11.26 31.83 -29.31
C GLN F 361 9.99 31.07 -29.61
N GLN F 362 10.09 29.75 -29.77
CA GLN F 362 8.92 28.92 -30.01
C GLN F 362 7.95 28.91 -28.85
N ASN F 363 8.37 29.38 -27.66
CA ASN F 363 7.52 29.39 -26.48
C ASN F 363 7.12 30.81 -26.07
N GLY F 364 7.46 31.83 -26.86
CA GLY F 364 6.98 33.17 -26.59
C GLY F 364 8.04 34.24 -26.49
N ALA F 365 9.28 33.85 -26.25
CA ALA F 365 10.36 34.83 -26.12
C ALA F 365 10.62 35.50 -27.46
N GLN F 366 10.86 36.82 -27.42
CA GLN F 366 11.11 37.60 -28.62
C GLN F 366 12.60 37.87 -28.77
N LEU F 367 13.15 37.52 -29.92
CA LEU F 367 14.56 37.73 -30.20
C LEU F 367 14.83 39.19 -30.51
N GLN F 368 15.63 39.84 -29.68
CA GLN F 368 15.99 41.24 -29.88
C GLN F 368 17.29 41.44 -30.63
N LEU F 369 18.18 40.45 -30.62
CA LEU F 369 19.51 40.61 -31.21
C LEU F 369 20.16 39.25 -31.36
N GLY F 370 20.96 39.11 -32.41
CA GLY F 370 21.75 37.91 -32.57
C GLY F 370 20.89 36.68 -32.83
N GLY F 371 21.12 35.64 -32.03
CA GLY F 371 20.38 34.40 -32.19
C GLY F 371 20.80 33.59 -33.39
N LYS F 372 21.97 33.87 -33.96
CA LYS F 372 22.45 33.16 -35.13
C LYS F 372 23.96 33.37 -35.24
N LYS F 373 24.54 32.83 -36.30
CA LYS F 373 25.95 32.87 -36.63
C LYS F 373 26.26 34.09 -37.51
N PRO F 374 27.37 34.79 -37.25
CA PRO F 374 27.73 35.91 -38.11
C PRO F 374 28.01 35.45 -39.54
N THR F 375 27.57 36.27 -40.50
CA THR F 375 27.79 35.96 -41.91
C THR F 375 29.24 36.25 -42.29
N GLY F 376 29.83 35.35 -43.06
CA GLY F 376 31.18 35.52 -43.55
C GLY F 376 32.25 34.80 -42.78
N VAL F 377 31.90 34.00 -41.77
CA VAL F 377 32.86 33.23 -41.01
C VAL F 377 32.39 31.79 -40.94
N ASN F 378 33.37 30.87 -40.88
CA ASN F 378 33.07 29.44 -40.81
C ASN F 378 33.17 28.87 -39.41
N GLY F 379 33.78 29.58 -38.48
CA GLY F 379 33.97 29.07 -37.13
C GLY F 379 32.68 28.99 -36.34
N TYR F 380 32.84 28.62 -35.07
CA TYR F 380 31.71 28.44 -34.16
C TYR F 380 31.31 29.74 -33.48
N PHE F 381 31.21 30.81 -34.25
CA PHE F 381 30.82 32.11 -33.71
C PHE F 381 29.31 32.18 -33.53
N TYR F 382 28.89 32.64 -32.35
CA TYR F 382 27.48 32.91 -32.06
C TYR F 382 27.34 34.37 -31.69
N GLU F 383 26.49 35.10 -32.42
CA GLU F 383 26.37 36.53 -32.21
C GLU F 383 25.89 36.84 -30.80
N PRO F 384 26.27 38.00 -30.25
CA PRO F 384 25.67 38.45 -29.00
C PRO F 384 24.15 38.48 -29.12
N THR F 385 23.48 37.81 -28.18
CA THR F 385 22.06 37.55 -28.26
C THR F 385 21.34 38.17 -27.06
N VAL F 386 20.21 38.80 -27.33
CA VAL F 386 19.36 39.37 -26.30
C VAL F 386 17.96 38.81 -26.49
N LEU F 387 17.41 38.19 -25.44
CA LEU F 387 16.08 37.62 -25.47
C LEU F 387 15.24 38.25 -24.37
N THR F 388 14.00 38.60 -24.72
CA THR F 388 13.05 39.18 -23.77
C THR F 388 11.81 38.31 -23.68
N ASN F 389 10.94 38.64 -22.72
CA ASN F 389 9.73 37.88 -22.45
C ASN F 389 10.05 36.42 -22.16
N VAL F 390 10.98 36.20 -21.23
CA VAL F 390 11.37 34.87 -20.78
C VAL F 390 10.59 34.56 -19.51
N ASP F 391 10.23 33.29 -19.34
CA ASP F 391 9.50 32.84 -18.16
C ASP F 391 10.12 31.55 -17.64
N SER F 392 9.69 31.15 -16.45
CA SER F 392 10.30 30.06 -15.70
C SER F 392 9.98 28.68 -16.25
N SER F 393 9.24 28.57 -17.35
CA SER F 393 8.92 27.28 -17.95
C SER F 393 9.80 26.96 -19.16
N MET F 394 10.66 27.88 -19.59
CA MET F 394 11.49 27.64 -20.75
C MET F 394 12.77 26.90 -20.36
N LYS F 395 13.32 26.16 -21.33
CA LYS F 395 14.55 25.42 -21.08
C LYS F 395 15.72 26.37 -20.83
N ILE F 396 15.77 27.50 -21.53
CA ILE F 396 16.85 28.46 -21.35
C ILE F 396 16.83 29.06 -19.95
N TYR F 397 15.68 29.03 -19.27
CA TYR F 397 15.60 29.51 -17.90
C TYR F 397 16.11 28.47 -16.92
N LYS F 398 15.70 27.20 -17.10
CA LYS F 398 16.04 26.15 -16.15
C LYS F 398 17.47 25.66 -16.31
N ASP F 399 18.05 25.79 -17.50
CA ASP F 399 19.36 25.24 -17.79
C ASP F 399 20.40 26.35 -17.95
N GLU F 400 21.66 25.96 -17.81
CA GLU F 400 22.78 26.90 -17.89
C GLU F 400 23.11 27.17 -19.35
N ILE F 401 23.02 28.44 -19.75
CA ILE F 401 23.27 28.81 -21.14
C ILE F 401 24.73 28.58 -21.50
N PHE F 402 25.64 29.06 -20.65
CA PHE F 402 27.09 29.00 -20.91
C PHE F 402 27.42 29.51 -22.30
N GLY F 403 26.80 30.62 -22.68
CA GLY F 403 26.98 31.21 -23.98
C GLY F 403 26.67 32.71 -23.98
N PRO F 404 26.86 33.37 -25.12
CA PRO F 404 26.72 34.83 -25.18
C PRO F 404 25.27 35.27 -25.40
N VAL F 405 24.39 34.85 -24.50
CA VAL F 405 22.95 35.14 -24.61
C VAL F 405 22.49 35.76 -23.29
N ILE F 406 21.85 36.92 -23.38
CA ILE F 406 21.25 37.58 -22.24
C ILE F 406 19.76 37.29 -22.26
N SER F 407 19.28 36.55 -21.26
CA SER F 407 17.87 36.21 -21.14
C SER F 407 17.25 37.10 -20.07
N ILE F 408 16.28 37.91 -20.45
CA ILE F 408 15.70 38.92 -19.58
C ILE F 408 14.30 38.48 -19.16
N ILE F 409 14.07 38.46 -17.84
CA ILE F 409 12.76 38.21 -17.27
C ILE F 409 12.33 39.45 -16.51
N ILE F 410 11.08 39.85 -16.68
CA ILE F 410 10.53 41.03 -16.00
C ILE F 410 9.70 40.56 -14.82
N PHE F 411 9.87 41.23 -13.68
CA PHE F 411 9.15 40.89 -12.45
C PHE F 411 8.45 42.13 -11.91
N SER F 412 7.78 41.95 -10.77
CA SER F 412 6.98 43.00 -10.15
C SER F 412 7.26 43.16 -8.66
N ASP F 413 7.39 42.07 -7.91
CA ASP F 413 7.56 42.11 -6.47
C ASP F 413 8.94 41.58 -6.09
N ASN F 414 9.50 42.16 -5.02
CA ASN F 414 10.81 41.71 -4.56
C ASN F 414 10.73 40.35 -3.89
N GLU F 415 9.67 40.10 -3.13
CA GLU F 415 9.50 38.79 -2.50
C GLU F 415 9.26 37.70 -3.52
N GLN F 416 8.62 38.04 -4.65
CA GLN F 416 8.36 37.05 -5.68
C GLN F 416 9.59 36.75 -6.51
N VAL F 417 10.36 37.78 -6.88
CA VAL F 417 11.57 37.58 -7.66
C VAL F 417 12.65 36.87 -6.83
N LEU F 418 12.52 36.88 -5.50
CA LEU F 418 13.45 36.13 -4.67
C LEU F 418 13.20 34.63 -4.78
N SER F 419 11.94 34.22 -4.72
CA SER F 419 11.61 32.81 -4.85
C SER F 419 12.00 32.28 -6.23
N ASP F 420 11.79 33.08 -7.28
CA ASP F 420 12.17 32.66 -8.62
C ASP F 420 13.68 32.60 -8.79
N ALA F 421 14.42 33.46 -8.07
CA ALA F 421 15.87 33.41 -8.15
C ALA F 421 16.43 32.20 -7.42
N ASN F 422 15.79 31.81 -6.32
CA ASN F 422 16.19 30.61 -5.58
C ASN F 422 15.57 29.33 -6.15
N ASP F 423 14.71 29.44 -7.16
CA ASP F 423 14.04 28.28 -7.75
C ASP F 423 14.98 27.59 -8.73
N THR F 424 16.05 27.01 -8.17
CA THR F 424 17.06 26.34 -8.98
C THR F 424 17.87 25.41 -8.08
N ASP F 425 18.51 24.43 -8.71
CA ASP F 425 19.40 23.53 -7.99
C ASP F 425 20.81 24.10 -7.84
N ALA F 426 21.15 25.14 -8.58
CA ALA F 426 22.47 25.73 -8.50
C ALA F 426 22.60 26.60 -7.25
N GLY F 427 23.85 26.84 -6.86
CA GLY F 427 24.15 27.66 -5.70
C GLY F 427 25.49 28.34 -5.82
N LEU F 428 25.81 28.83 -7.02
CA LEU F 428 27.08 29.48 -7.27
C LEU F 428 26.98 30.97 -6.98
N SER F 429 26.90 31.79 -8.02
CA SER F 429 26.89 33.25 -7.87
C SER F 429 25.48 33.81 -8.02
N SER F 430 25.36 35.09 -7.65
CA SER F 430 24.09 35.81 -7.74
C SER F 430 24.39 37.31 -7.74
N PHE F 431 23.45 38.08 -8.27
CA PHE F 431 23.66 39.51 -8.50
C PHE F 431 22.44 40.30 -8.05
N ILE F 432 22.68 41.40 -7.34
CA ILE F 432 21.62 42.31 -6.93
C ILE F 432 22.07 43.74 -7.21
N PHE F 433 21.21 44.51 -7.87
CA PHE F 433 21.50 45.89 -8.22
C PHE F 433 20.41 46.77 -7.62
N SER F 434 20.77 47.55 -6.60
CA SER F 434 19.82 48.38 -5.89
C SER F 434 20.57 49.46 -5.14
N SER F 435 19.92 50.61 -4.98
CA SER F 435 20.43 51.68 -4.14
C SER F 435 19.76 51.69 -2.77
N ASN F 436 18.79 50.81 -2.54
CA ASN F 436 18.10 50.69 -1.26
C ASN F 436 18.89 49.75 -0.35
N GLU F 437 19.27 50.24 0.83
CA GLU F 437 20.07 49.43 1.75
C GLU F 437 19.27 48.24 2.27
N ASP F 438 18.00 48.44 2.61
CA ASP F 438 17.18 47.34 3.10
C ASP F 438 16.97 46.29 2.01
N THR F 439 16.83 46.72 0.75
CA THR F 439 16.76 45.77 -0.35
C THR F 439 18.04 44.97 -0.47
N ILE F 440 19.19 45.61 -0.29
CA ILE F 440 20.46 44.91 -0.35
C ILE F 440 20.57 43.91 0.80
N SER F 441 20.20 44.33 2.01
CA SER F 441 20.24 43.43 3.15
C SER F 441 19.28 42.26 2.96
N TYR F 442 18.11 42.51 2.38
CA TYR F 442 17.11 41.46 2.21
C TYR F 442 17.59 40.38 1.26
N PHE F 443 18.18 40.78 0.12
CA PHE F 443 18.62 39.80 -0.86
C PHE F 443 19.93 39.13 -0.44
N ALA F 444 20.82 39.87 0.23
CA ALA F 444 22.08 39.27 0.68
C ALA F 444 21.83 38.13 1.64
N LYS F 445 20.85 38.27 2.53
CA LYS F 445 20.60 37.27 3.55
C LYS F 445 19.76 36.10 3.02
N HIS F 446 18.89 36.36 2.04
CA HIS F 446 17.91 35.36 1.63
C HIS F 446 18.25 34.66 0.32
N LEU F 447 19.25 35.14 -0.42
CA LEU F 447 19.65 34.46 -1.64
C LEU F 447 20.39 33.16 -1.29
N ARG F 448 19.95 32.06 -1.88
CA ARG F 448 20.53 30.74 -1.60
C ARG F 448 21.67 30.47 -2.59
N PHE F 449 22.73 31.25 -2.43
CA PHE F 449 23.90 31.14 -3.29
C PHE F 449 25.15 31.42 -2.48
N GLY F 450 26.27 30.84 -2.92
CA GLY F 450 27.52 30.99 -2.19
C GLY F 450 28.15 32.36 -2.35
N GLU F 451 27.83 33.08 -3.41
CA GLU F 451 28.39 34.40 -3.67
C GLU F 451 27.26 35.34 -4.04
N VAL F 452 27.14 36.45 -3.31
CA VAL F 452 26.18 37.50 -3.60
C VAL F 452 26.96 38.74 -4.01
N GLN F 453 26.90 39.08 -5.28
CA GLN F 453 27.57 40.27 -5.81
C GLN F 453 26.58 41.43 -5.79
N VAL F 454 26.95 42.50 -5.10
CA VAL F 454 26.09 43.67 -4.92
C VAL F 454 26.63 44.80 -5.77
N ASN F 455 25.83 45.24 -6.75
CA ASN F 455 26.14 46.41 -7.57
C ASN F 455 27.47 46.29 -8.30
N GLY F 456 27.86 45.08 -8.68
CA GLY F 456 29.10 44.88 -9.40
C GLY F 456 29.50 43.42 -9.36
N ILE F 457 30.80 43.20 -9.61
CA ILE F 457 31.38 41.86 -9.62
C ILE F 457 32.83 41.97 -9.21
N LYS F 458 33.30 41.01 -8.42
CA LYS F 458 34.70 41.05 -7.97
C LYS F 458 35.15 39.64 -7.62
N TYR F 459 36.22 39.20 -8.26
CA TYR F 459 36.89 37.95 -7.92
C TYR F 459 38.40 38.20 -7.94
N SER F 460 39.12 37.43 -7.12
CA SER F 460 40.56 37.60 -6.98
C SER F 460 41.11 36.37 -6.26
N ILE F 461 42.44 36.21 -6.31
CA ILE F 461 43.07 35.01 -5.78
C ILE F 461 42.85 34.87 -4.28
N ASN F 462 42.74 35.98 -3.57
CA ASN F 462 42.52 35.94 -2.13
C ASN F 462 41.06 35.83 -1.74
N LEU F 463 40.14 35.94 -2.69
CA LEU F 463 38.71 35.88 -2.39
C LEU F 463 38.17 34.49 -2.67
N PRO F 464 37.47 33.87 -1.72
CA PRO F 464 37.01 32.48 -1.92
C PRO F 464 35.96 32.38 -3.01
N HIS F 465 36.16 31.44 -3.92
CA HIS F 465 35.23 31.15 -5.01
C HIS F 465 34.68 29.74 -4.79
N PHE F 466 33.37 29.63 -4.61
CA PHE F 466 32.76 28.36 -4.21
C PHE F 466 31.27 28.43 -4.51
N GLY F 467 30.64 27.26 -4.45
CA GLY F 467 29.20 27.16 -4.62
C GLY F 467 28.59 26.24 -3.58
N ILE F 468 27.28 26.39 -3.40
CA ILE F 468 26.52 25.52 -2.51
C ILE F 468 25.55 24.70 -3.33
N LYS F 469 24.74 23.89 -2.65
CA LYS F 469 23.69 23.07 -3.27
C LYS F 469 24.36 22.16 -4.31
N GLN F 470 23.85 22.08 -5.53
CA GLN F 470 24.39 21.18 -6.55
C GLN F 470 25.51 21.82 -7.37
N SER F 471 26.06 22.95 -6.92
CA SER F 471 27.16 23.60 -7.61
C SER F 471 28.52 23.14 -7.12
N GLY F 472 28.58 22.18 -6.22
CA GLY F 472 29.82 21.54 -5.83
C GLY F 472 30.09 21.68 -4.34
N VAL F 473 31.23 21.11 -3.94
CA VAL F 473 31.71 21.16 -2.57
C VAL F 473 33.17 21.61 -2.60
N GLY F 474 33.58 22.39 -1.60
CA GLY F 474 34.94 22.89 -1.53
C GLY F 474 35.05 24.30 -2.06
N VAL F 475 36.27 24.85 -1.92
CA VAL F 475 36.53 26.26 -2.20
C VAL F 475 37.78 26.38 -3.06
N ASP F 476 37.71 27.23 -4.07
CA ASP F 476 38.87 27.64 -4.85
C ASP F 476 39.23 29.07 -4.48
N CYS F 477 40.54 29.37 -4.57
CA CYS F 477 41.09 30.67 -4.20
C CYS F 477 41.00 30.87 -2.68
N SER F 478 41.68 31.90 -2.17
CA SER F 478 41.77 32.22 -0.74
C SER F 478 42.49 31.13 0.03
N LEU F 479 42.61 31.32 1.36
CA LEU F 479 43.30 30.34 2.19
C LEU F 479 42.49 29.07 2.40
N LEU F 480 41.17 29.14 2.23
CA LEU F 480 40.32 27.96 2.42
C LEU F 480 40.64 26.85 1.44
N ALA F 481 41.21 27.17 0.28
CA ALA F 481 41.54 26.15 -0.71
C ALA F 481 42.56 25.15 -0.20
N LEU F 482 43.39 25.54 0.77
CA LEU F 482 44.39 24.63 1.30
C LEU F 482 43.80 23.55 2.17
N ASP F 483 42.56 23.72 2.64
CA ASP F 483 41.95 22.76 3.56
C ASP F 483 41.81 21.39 2.91
N ASP F 484 41.54 21.33 1.61
CA ASP F 484 41.36 20.05 0.93
C ASP F 484 42.67 19.30 0.76
N TYR F 485 43.81 19.97 0.90
CA TYR F 485 45.12 19.36 0.68
C TYR F 485 45.93 19.18 1.95
N LEU F 486 45.47 19.72 3.07
CA LEU F 486 46.17 19.58 4.35
C LEU F 486 45.28 18.84 5.33
N ALA F 487 45.79 17.76 5.91
CA ALA F 487 45.10 17.01 6.94
C ALA F 487 45.62 17.39 8.32
N TYR F 488 44.78 17.23 9.32
CA TYR F 488 45.16 17.58 10.68
C TYR F 488 45.91 16.42 11.35
N LYS F 489 46.58 16.74 12.45
CA LYS F 489 47.18 15.74 13.31
C LYS F 489 47.22 16.29 14.73
N ARG F 490 46.77 15.49 15.68
CA ARG F 490 46.79 15.87 17.09
C ARG F 490 47.79 15.00 17.83
N VAL F 491 48.81 15.62 18.41
CA VAL F 491 49.77 14.94 19.27
C VAL F 491 49.38 15.27 20.71
N SER F 492 48.93 14.25 21.44
CA SER F 492 48.55 14.40 22.84
C SER F 492 49.54 13.66 23.72
N ARG F 493 49.94 14.28 24.82
CA ARG F 493 50.98 13.74 25.69
C ARG F 493 50.56 13.84 27.14
N ALA F 494 50.64 12.73 27.85
CA ALA F 494 50.34 12.72 29.28
C ALA F 494 51.42 13.47 30.05
N LEU F 495 51.02 14.45 30.85
CA LEU F 495 51.98 15.30 31.52
C LEU F 495 52.65 14.58 32.70
N LYS F 496 51.90 13.72 33.40
CA LYS F 496 52.43 13.10 34.62
C LYS F 496 53.44 12.01 34.35
N VAL F 497 53.66 11.62 33.09
CA VAL F 497 54.60 10.56 32.77
C VAL F 497 55.84 11.12 32.06
#